data_3ZDX
#
_entry.id   3ZDX
#
_cell.length_a   259.710
_cell.length_b   144.960
_cell.length_c   104.770
_cell.angle_alpha   90.00
_cell.angle_beta   90.00
_cell.angle_gamma   90.00
#
_symmetry.space_group_name_H-M   'P 21 21 2'
#
loop_
_entity.id
_entity.type
_entity.pdbx_description
1 polymer 'INTEGRIN ALPHA-IIB'
2 polymer 'INTEGRIN BETA-3'
3 polymer '10E5 FAB, HEAVY CHAIN'
4 polymer '10E5 FAB, LIGHT CHAIN'
5 branched alpha-D-mannopyranose-(1-3)-[alpha-D-mannopyranose-(1-6)]beta-D-mannopyranose-(1-4)-2-acetamido-2-deoxy-beta-D-glucopyranose-(1-4)-2-acetamido-2-deoxy-beta-D-glucopyranose
6 branched 2-acetamido-2-deoxy-beta-D-glucopyranose-(1-4)-2-acetamido-2-deoxy-beta-D-glucopyranose
7 branched alpha-D-mannopyranose-(1-3)-beta-D-mannopyranose-(1-4)-2-acetamido-2-deoxy-beta-D-glucopyranose-(1-4)-2-acetamido-2-deoxy-beta-D-glucopyranose
8 non-polymer GLYCEROL
9 non-polymer 'SULFATE ION'
10 non-polymer 'CALCIUM ION'
11 non-polymer 'CHLORIDE ION'
12 non-polymer 'MANGANESE (II) ION'
13 non-polymer 2-acetamido-2-deoxy-beta-D-glucopyranose
14 water water
#
loop_
_entity_poly.entity_id
_entity_poly.type
_entity_poly.pdbx_seq_one_letter_code
_entity_poly.pdbx_strand_id
1 'polypeptide(L)'
;LNLDPVQLTFYAGPNGSQFGFSLDFHKDSHGRVAIVVGAPRTLGPSQEETGGVFLCPWRAEGGQCPSLLFDLRDETRNVG
SQTLQTFKARQGLGASVVSWSDVIVACAPWQHWNVLEKTEEAEKTPVGSCFLAQPESGRRAEYSPCRGNTLSRIYVENDF
SWDKRYCEAGFSSVVTQAGELVLGAPGGYYFLGLLAQAPVADIFSSYRPGILLWHVSSQSLSFDSSNPEYFDGYWGYSVA
VGEFDGDLNTTEYVVGAPTWSWTLGAVEILDSYYQRLHRLRGEQMASYFGHSVAVTDVNGDGRHDLLVGAPLYMESRADR
KLAEVGRVYLFLQPRGPHALGAPSLLLTGTQLYGRFGSAIAPLGDLDRDGYNDIAVAAPYGGPSGRGQVLVFLGQSEGLR
SRPSQVLDSPFPTGSAFGFSLRGAVDIDDNGYPDLIVGAYGANQVAVYRAQPVVKAS
;
A,C
2 'polypeptide(L)'
;GPNICTTRGVSSCQQCLAVSPMCAWCSDEALPLGSPRCDLKENLLKDNCAPESIEFPVSEARVLEDRPLSDKGSGDSSQV
TQVSPQRIALRLRPDDSKNFSIQVRQVEDYPVDIYYLMDLSYSMKDDLWSIQNLGTKLATQMRKLTSNLRIGFGAFVDKP
VSPYMYISPPEALENPCYDMKTTCLPMFGYKHVLTLTDQVTRFNEEVKKQSVSRNRDAPEGGFDAIMQATVCDEKIGWRN
DASHLLVFTTDAKTHIALDGRLAGIVQPNDGQCHVGSDNHYSASTTMDYPSLGLMTEKLSQKNINLIFAVTENVVNLYQN
YSELIPGTTVGVLSMDSSNVLQLIVDAYGKIRSKVELEVRDLPEELSLSFNATCLNNEVIPGLKSCMGLKIGDTVSFSIE
AKVRGCPQEKEKSFTIKPVGFKDSLIVQVTFDCDCACQAQAEPNSHRCNNGNGTFECGVCRCGPGWLGSQCE
;
B,D
3 'polypeptide(L)'
;EVQLQQSGAELVKPGASVKLSCTASGFNIKDTYVHWVKQRPEQGLEWIGRIDPANGYTKYDPKFQGKATITADTSSNTAY
LQLSSLTSEDTAVYYCVRPLYDYYAMDYWGQGTSVTVSSAKTTAPSVYPLAPVCGDTTGSSVTLGCLVKGYFPEPVTLTW
NSGSLSSGVHTFPAVLQSDLYTLSSSVTVTSSTWPSQSITCNVAHPASSTKVDKKIEPRGP
;
E,H
4 'polypeptide(L)'
;DILMTQSPSSMSVSLGDTVSITCHASQGISSNIGWLQQKPGKSFMGLIYYGTNLVDGVPSRFSGSGSGADYSLTISSLDS
EDFADYYCVQYAQLPYTFGGGTKLEIKRADAAPTVSIFPPSSEQLTSGGASVVCFLNNFYPKDINVKWKIDGSERQNGVL
NSWTDQDSKDSTYSMSSTLTLTKDEYERHNSYTCEATHKTSTSPIVKSFNRNEC
;
F,L
#
# COMPACT_ATOMS: atom_id res chain seq x y z
N LEU A 1 -6.83 -11.75 45.97
CA LEU A 1 -7.85 -12.27 46.92
C LEU A 1 -7.33 -12.30 48.35
N ASN A 2 -6.18 -12.94 48.55
CA ASN A 2 -5.70 -13.25 49.89
C ASN A 2 -4.40 -12.56 50.29
N LEU A 3 -4.04 -11.48 49.60
CA LEU A 3 -2.93 -10.64 50.05
C LEU A 3 -3.41 -9.90 51.29
N ASP A 4 -2.53 -9.71 52.27
CA ASP A 4 -2.89 -9.09 53.53
C ASP A 4 -2.62 -7.59 53.50
N PRO A 5 -3.69 -6.77 53.44
CA PRO A 5 -3.55 -5.31 53.37
C PRO A 5 -3.59 -4.63 54.74
N VAL A 6 -3.53 -5.42 55.81
CA VAL A 6 -3.58 -4.88 57.16
C VAL A 6 -2.18 -4.68 57.73
N GLN A 7 -1.37 -5.73 57.67
CA GLN A 7 -0.01 -5.68 58.19
C GLN A 7 1.02 -5.69 57.07
N LEU A 8 1.40 -4.50 56.62
CA LEU A 8 2.38 -4.36 55.55
C LEU A 8 3.79 -4.18 56.09
N THR A 9 4.77 -4.34 55.21
CA THR A 9 6.16 -4.05 55.51
C THR A 9 6.63 -2.94 54.59
N PHE A 10 7.31 -1.93 55.15
CA PHE A 10 7.78 -0.79 54.38
C PHE A 10 9.29 -0.68 54.38
N TYR A 11 9.88 -0.55 53.19
CA TYR A 11 11.29 -0.23 53.07
C TYR A 11 11.40 1.19 52.53
N ALA A 12 12.41 1.93 52.99
CA ALA A 12 12.55 3.34 52.63
C ALA A 12 13.96 3.71 52.22
N GLY A 13 14.06 4.60 51.24
CA GLY A 13 15.34 5.13 50.81
C GLY A 13 15.40 6.63 51.09
N PRO A 14 16.51 7.27 50.70
CA PRO A 14 16.67 8.71 50.95
C PRO A 14 15.62 9.53 50.23
N ASN A 15 15.29 10.70 50.77
CA ASN A 15 14.34 11.61 50.13
CA ASN A 15 14.34 11.60 50.13
C ASN A 15 14.86 12.06 48.77
N GLY A 16 13.97 12.13 47.79
CA GLY A 16 14.33 12.57 46.45
C GLY A 16 15.11 11.56 45.64
N SER A 17 15.34 10.37 46.20
CA SER A 17 16.14 9.35 45.54
C SER A 17 15.32 8.55 44.51
N GLN A 18 13.99 8.64 44.62
CA GLN A 18 13.09 7.85 43.79
C GLN A 18 13.26 6.34 44.02
N PHE A 19 13.72 6.02 45.23
CA PHE A 19 13.77 4.65 45.73
C PHE A 19 12.44 3.94 45.51
N GLY A 20 12.48 2.84 44.75
CA GLY A 20 11.27 2.10 44.43
C GLY A 20 10.85 2.25 42.97
N PHE A 21 11.63 2.99 42.19
CA PHE A 21 11.33 3.18 40.77
C PHE A 21 11.34 1.83 40.05
N SER A 22 12.26 0.96 40.45
CA SER A 22 12.29 -0.40 39.96
C SER A 22 12.66 -1.32 41.12
N LEU A 23 12.25 -2.57 41.03
CA LEU A 23 12.57 -3.54 42.06
C LEU A 23 12.45 -4.97 41.54
N ASP A 24 12.99 -5.91 42.29
CA ASP A 24 12.89 -7.32 41.95
C ASP A 24 13.25 -8.15 43.17
N PHE A 25 12.85 -9.42 43.16
CA PHE A 25 13.27 -10.35 44.21
C PHE A 25 14.66 -10.86 43.87
N HIS A 26 15.45 -11.15 44.90
CA HIS A 26 16.77 -11.70 44.71
C HIS A 26 17.02 -12.86 45.67
N LYS A 27 17.43 -14.01 45.13
CA LYS A 27 17.77 -15.15 45.97
C LYS A 27 19.27 -15.33 45.98
N ASP A 28 19.86 -15.45 47.17
CA ASP A 28 21.29 -15.72 47.27
C ASP A 28 21.54 -17.20 47.06
N SER A 29 22.81 -17.59 47.05
CA SER A 29 23.19 -18.97 46.74
C SER A 29 22.52 -20.00 47.66
N HIS A 30 21.98 -19.54 48.78
CA HIS A 30 21.34 -20.44 49.75
C HIS A 30 19.82 -20.44 49.66
N GLY A 31 19.27 -19.65 48.73
CA GLY A 31 17.83 -19.58 48.55
C GLY A 31 17.13 -18.53 49.39
N ARG A 32 17.91 -17.76 50.15
CA ARG A 32 17.38 -16.67 50.97
C ARG A 32 16.92 -15.52 50.09
N VAL A 33 15.66 -15.13 50.21
CA VAL A 33 15.09 -14.08 49.37
C VAL A 33 15.26 -12.69 49.97
N ALA A 34 15.80 -11.78 49.15
CA ALA A 34 15.89 -10.37 49.51
C ALA A 34 15.21 -9.55 48.41
N ILE A 35 15.20 -8.24 48.57
CA ILE A 35 14.59 -7.35 47.59
C ILE A 35 15.63 -6.36 47.07
N VAL A 36 15.85 -6.38 45.76
CA VAL A 36 16.72 -5.37 45.15
C VAL A 36 15.86 -4.20 44.69
N VAL A 37 16.29 -2.99 45.02
CA VAL A 37 15.52 -1.80 44.75
C VAL A 37 16.39 -0.75 44.05
N GLY A 38 15.88 -0.23 42.94
CA GLY A 38 16.55 0.85 42.25
C GLY A 38 16.07 2.19 42.74
N ALA A 39 16.98 3.16 42.79
CA ALA A 39 16.68 4.52 43.18
C ALA A 39 17.46 5.47 42.28
N PRO A 40 16.92 5.73 41.08
CA PRO A 40 17.68 6.37 40.00
C PRO A 40 18.07 7.84 40.23
N ARG A 41 17.70 8.43 41.35
CA ARG A 41 18.10 9.82 41.62
C ARG A 41 18.89 9.97 42.91
N THR A 42 19.37 8.86 43.44
CA THR A 42 20.23 8.87 44.61
C THR A 42 21.47 9.72 44.32
N LEU A 43 21.90 10.49 45.32
CA LEU A 43 23.05 11.37 45.16
C LEU A 43 24.36 10.59 45.12
N GLY A 44 25.26 11.00 44.23
CA GLY A 44 26.55 10.36 44.09
C GLY A 44 27.63 11.07 44.89
N PRO A 45 28.89 10.95 44.44
CA PRO A 45 30.04 11.51 45.17
C PRO A 45 30.12 13.03 45.10
N SER A 46 29.81 13.59 43.94
CA SER A 46 29.90 15.04 43.74
C SER A 46 28.61 15.74 44.15
N GLN A 47 27.88 15.15 45.07
CA GLN A 47 26.59 15.68 45.50
C GLN A 47 25.68 15.93 44.30
N GLU A 48 25.87 15.15 43.26
CA GLU A 48 25.02 15.22 42.08
C GLU A 48 24.31 13.89 41.88
N GLU A 49 23.09 13.94 41.33
CA GLU A 49 22.29 12.74 41.14
C GLU A 49 22.97 11.79 40.16
N THR A 50 23.12 10.54 40.56
CA THR A 50 23.64 9.50 39.67
C THR A 50 22.83 8.21 39.76
N GLY A 51 21.97 8.11 40.77
CA GLY A 51 21.22 6.88 41.00
C GLY A 51 22.00 5.92 41.85
N GLY A 52 21.33 4.85 42.29
CA GLY A 52 21.94 3.87 43.16
C GLY A 52 21.06 2.65 43.30
N VAL A 53 21.57 1.62 43.96
CA VAL A 53 20.84 0.37 44.13
C VAL A 53 20.92 -0.07 45.58
N PHE A 54 19.84 -0.66 46.07
CA PHE A 54 19.78 -1.11 47.45
C PHE A 54 19.39 -2.58 47.49
N LEU A 55 19.98 -3.32 48.41
CA LEU A 55 19.67 -4.73 48.57
C LEU A 55 19.09 -4.95 49.96
N CYS A 56 17.77 -5.06 50.02
CA CYS A 56 17.05 -5.12 51.30
C CYS A 56 16.83 -6.55 51.78
N PRO A 57 17.44 -6.92 52.91
CA PRO A 57 17.13 -8.22 53.53
C PRO A 57 15.68 -8.27 53.98
N TRP A 58 15.06 -9.44 53.92
CA TRP A 58 13.67 -9.57 54.35
C TRP A 58 13.52 -9.45 55.87
N ARG A 59 12.60 -8.60 56.29
CA ARG A 59 12.30 -8.38 57.70
C ARG A 59 10.87 -7.86 57.81
N ALA A 60 10.04 -8.53 58.59
CA ALA A 60 8.63 -8.14 58.72
C ALA A 60 8.46 -6.66 59.05
N GLU A 61 9.43 -6.08 59.76
CA GLU A 61 9.34 -4.67 60.16
C GLU A 61 9.91 -3.72 59.11
N GLY A 62 10.61 -4.27 58.12
CA GLY A 62 11.18 -3.46 57.06
C GLY A 62 12.25 -2.53 57.57
N GLY A 63 12.28 -1.30 57.05
CA GLY A 63 13.21 -0.29 57.50
C GLY A 63 14.16 0.20 56.40
N GLN A 64 15.40 0.47 56.79
CA GLN A 64 16.42 0.93 55.85
C GLN A 64 17.21 -0.25 55.29
N CYS A 65 17.77 -0.05 54.10
CA CYS A 65 18.53 -1.11 53.42
C CYS A 65 19.96 -0.65 53.17
N PRO A 66 20.90 -1.61 53.12
CA PRO A 66 22.27 -1.31 52.73
C PRO A 66 22.39 -1.08 51.22
N SER A 67 23.36 -0.27 50.82
CA SER A 67 23.60 -0.01 49.40
C SER A 67 24.29 -1.19 48.75
N LEU A 68 24.03 -1.37 47.46
CA LEU A 68 24.83 -2.24 46.64
C LEU A 68 25.73 -1.32 45.82
N LEU A 69 27.01 -1.30 46.15
CA LEU A 69 27.94 -0.29 45.63
C LEU A 69 28.41 -0.56 44.21
N PHE A 70 28.39 0.50 43.40
CA PHE A 70 28.95 0.47 42.06
C PHE A 70 29.83 1.70 41.86
N ASP A 71 30.76 1.61 40.92
CA ASP A 71 31.66 2.73 40.63
C ASP A 71 30.87 3.89 40.01
N LEU A 72 30.90 5.05 40.66
CA LEU A 72 30.13 6.21 40.21
C LEU A 72 31.00 7.30 39.58
N ARG A 73 32.30 7.03 39.42
CA ARG A 73 33.22 8.04 38.90
C ARG A 73 33.22 8.07 37.38
N ASP A 74 33.29 9.28 36.82
CA ASP A 74 33.43 9.42 35.37
C ASP A 74 34.78 8.89 34.96
N GLU A 75 34.86 8.37 33.74
CA GLU A 75 36.07 7.72 33.27
C GLU A 75 36.58 8.33 31.97
N THR A 76 37.89 8.35 31.82
CA THR A 76 38.52 8.83 30.60
C THR A 76 39.60 7.86 30.17
N ARG A 77 39.65 7.56 28.88
CA ARG A 77 40.73 6.73 28.35
C ARG A 77 41.27 7.33 27.07
N ASN A 78 42.55 7.66 27.07
CA ASN A 78 43.22 8.11 25.87
C ASN A 78 43.91 6.91 25.22
N VAL A 79 43.37 6.48 24.08
CA VAL A 79 43.86 5.28 23.42
C VAL A 79 43.55 5.35 21.93
N GLY A 80 44.43 4.78 21.11
CA GLY A 80 44.25 4.78 19.68
C GLY A 80 44.09 6.17 19.09
N SER A 81 44.77 7.13 19.68
CA SER A 81 44.71 8.54 19.27
C SER A 81 43.31 9.14 19.46
N GLN A 82 42.52 8.52 20.33
CA GLN A 82 41.18 9.02 20.65
C GLN A 82 41.03 9.20 22.16
N THR A 83 39.96 9.87 22.56
CA THR A 83 39.65 10.03 23.98
C THR A 83 38.25 9.52 24.27
N LEU A 84 38.16 8.43 25.02
CA LEU A 84 36.88 7.85 25.41
C LEU A 84 36.40 8.47 26.73
N GLN A 85 35.12 8.80 26.81
CA GLN A 85 34.57 9.45 28.00
C GLN A 85 33.22 8.88 28.42
N THR A 86 33.07 8.59 29.71
CA THR A 86 31.78 8.24 30.27
C THR A 86 31.33 9.38 31.18
N PHE A 87 30.02 9.60 31.23
CA PHE A 87 29.45 10.65 32.07
C PHE A 87 28.30 10.09 32.86
N LYS A 88 28.44 10.03 34.18
CA LYS A 88 27.50 9.32 35.03
C LYS A 88 26.52 10.25 35.76
N ALA A 89 26.67 11.55 35.55
CA ALA A 89 25.74 12.51 36.12
C ALA A 89 24.34 12.31 35.55
N ARG A 90 23.38 12.10 36.45
CA ARG A 90 21.98 11.96 36.06
C ARG A 90 21.76 10.76 35.13
N GLN A 91 22.62 9.75 35.26
CA GLN A 91 22.52 8.55 34.43
C GLN A 91 21.33 7.67 34.80
N GLY A 92 20.75 7.88 35.99
CA GLY A 92 19.60 7.12 36.41
C GLY A 92 19.89 5.65 36.73
N LEU A 93 21.03 5.38 37.35
CA LEU A 93 21.36 4.03 37.79
C LEU A 93 20.26 3.52 38.71
N GLY A 94 19.67 2.38 38.36
CA GLY A 94 18.55 1.84 39.12
C GLY A 94 17.21 2.14 38.47
N ALA A 95 17.22 2.71 37.27
CA ALA A 95 15.99 2.94 36.53
C ALA A 95 15.38 1.59 36.11
N SER A 96 16.21 0.56 36.15
CA SER A 96 15.73 -0.81 35.98
CA SER A 96 15.74 -0.81 35.98
C SER A 96 16.68 -1.74 36.74
N VAL A 97 16.11 -2.75 37.37
CA VAL A 97 16.90 -3.78 38.05
C VAL A 97 16.24 -5.11 37.82
N VAL A 98 17.06 -6.14 37.65
CA VAL A 98 16.55 -7.48 37.47
C VAL A 98 17.52 -8.42 38.14
N SER A 99 17.01 -9.53 38.65
CA SER A 99 17.86 -10.52 39.29
C SER A 99 17.76 -11.85 38.57
N TRP A 100 18.88 -12.54 38.46
CA TRP A 100 18.90 -13.89 37.92
C TRP A 100 19.99 -14.68 38.64
N SER A 101 19.64 -15.88 39.11
CA SER A 101 20.57 -16.68 39.90
C SER A 101 21.02 -15.84 41.10
N ASP A 102 22.32 -15.78 41.34
CA ASP A 102 22.83 -14.94 42.42
C ASP A 102 23.50 -13.68 41.85
N VAL A 103 23.02 -13.23 40.71
CA VAL A 103 23.55 -12.03 40.07
C VAL A 103 22.48 -10.94 39.99
N ILE A 104 22.90 -9.70 40.20
CA ILE A 104 22.00 -8.54 40.10
C ILE A 104 22.44 -7.66 38.94
N VAL A 105 21.47 -7.26 38.12
CA VAL A 105 21.74 -6.37 36.99
C VAL A 105 20.98 -5.07 37.20
N ALA A 106 21.71 -3.97 37.35
CA ALA A 106 21.09 -2.66 37.52
C ALA A 106 21.56 -1.74 36.41
N CYS A 107 20.63 -1.06 35.76
CA CYS A 107 20.95 -0.29 34.57
C CYS A 107 20.85 1.22 34.76
N ALA A 108 21.63 1.94 33.96
CA ALA A 108 21.62 3.39 33.93
C ALA A 108 21.37 3.84 32.49
N PRO A 109 20.09 3.94 32.11
CA PRO A 109 19.71 4.20 30.71
C PRO A 109 20.19 5.55 30.18
N TRP A 110 20.49 6.50 31.07
CA TRP A 110 20.84 7.85 30.62
C TRP A 110 22.30 8.20 30.86
N GLN A 111 23.14 7.19 31.06
CA GLN A 111 24.57 7.41 31.12
C GLN A 111 25.03 7.90 29.75
N HIS A 112 25.78 8.99 29.74
CA HIS A 112 26.24 9.58 28.48
C HIS A 112 27.65 9.13 28.14
N TRP A 113 27.97 9.29 26.86
CA TRP A 113 29.21 8.77 26.31
C TRP A 113 29.68 9.72 25.22
N ASN A 114 30.98 9.83 25.04
CA ASN A 114 31.52 10.63 23.96
C ASN A 114 32.93 10.19 23.62
N VAL A 115 33.33 10.43 22.38
CA VAL A 115 34.67 10.10 21.92
C VAL A 115 35.25 11.32 21.22
N LEU A 116 36.44 11.75 21.65
CA LEU A 116 37.08 12.90 21.02
C LEU A 116 38.26 12.45 20.18
N GLU A 117 38.46 13.15 19.06
CA GLU A 117 39.62 12.91 18.21
C GLU A 117 39.98 14.25 17.58
N LYS A 118 41.01 14.90 18.13
CA LYS A 118 41.42 16.22 17.69
C LYS A 118 40.27 17.22 17.90
N THR A 119 39.75 17.79 16.82
CA THR A 119 38.66 18.75 16.93
C THR A 119 37.30 18.12 16.69
N GLU A 120 37.28 16.84 16.33
CA GLU A 120 36.03 16.14 16.07
C GLU A 120 35.56 15.34 17.29
N GLU A 121 34.33 14.86 17.23
CA GLU A 121 33.76 14.09 18.32
C GLU A 121 32.65 13.19 17.81
N ALA A 122 32.29 12.18 18.60
CA ALA A 122 31.17 11.31 18.29
C ALA A 122 29.85 12.01 18.61
N GLU A 123 29.91 12.96 19.54
CA GLU A 123 28.73 13.62 20.15
C GLU A 123 28.42 12.98 21.50
N LYS A 124 28.16 13.82 22.49
CA LYS A 124 27.84 13.37 23.83
C LYS A 124 26.39 12.91 23.90
N THR A 125 26.19 11.60 24.03
CA THR A 125 24.87 11.02 23.88
C THR A 125 24.60 9.93 24.91
N PRO A 126 23.31 9.66 25.19
CA PRO A 126 22.91 8.68 26.20
C PRO A 126 22.86 7.25 25.66
N VAL A 127 24.01 6.59 25.62
CA VAL A 127 24.09 5.20 25.17
C VAL A 127 23.53 4.25 26.22
N GLY A 128 23.47 4.70 27.46
CA GLY A 128 23.04 3.85 28.56
C GLY A 128 24.14 2.88 28.93
N SER A 129 23.93 2.15 30.02
CA SER A 129 24.92 1.17 30.47
C SER A 129 24.31 0.32 31.57
N CYS A 130 24.83 -0.90 31.72
CA CYS A 130 24.36 -1.79 32.77
C CYS A 130 25.49 -2.20 33.70
N PHE A 131 25.17 -2.30 34.99
CA PHE A 131 26.12 -2.73 36.00
C PHE A 131 25.68 -4.07 36.55
N LEU A 132 26.62 -5.02 36.62
CA LEU A 132 26.31 -6.34 37.12
C LEU A 132 27.06 -6.59 38.41
N ALA A 133 26.44 -7.31 39.34
CA ALA A 133 27.07 -7.60 40.61
C ALA A 133 26.73 -9.01 41.07
N GLN A 134 27.70 -9.66 41.70
CA GLN A 134 27.48 -10.90 42.41
C GLN A 134 27.74 -10.57 43.87
N PRO A 135 26.71 -10.13 44.59
CA PRO A 135 26.84 -9.57 45.94
C PRO A 135 27.69 -10.41 46.89
N GLU A 136 27.52 -11.72 46.87
CA GLU A 136 28.21 -12.60 47.80
C GLU A 136 29.72 -12.64 47.60
N SER A 137 30.16 -12.58 46.34
CA SER A 137 31.59 -12.67 46.02
C SER A 137 32.22 -11.30 45.88
N GLY A 138 31.41 -10.29 45.55
CA GLY A 138 31.91 -8.96 45.32
C GLY A 138 32.26 -8.67 43.87
N ARG A 139 32.11 -9.66 43.00
CA ARG A 139 32.42 -9.48 41.59
C ARG A 139 31.57 -8.38 40.99
N ARG A 140 32.18 -7.59 40.11
CA ARG A 140 31.49 -6.51 39.41
C ARG A 140 31.80 -6.58 37.93
N ALA A 141 30.84 -6.22 37.10
CA ALA A 141 31.06 -6.12 35.67
C ALA A 141 30.14 -5.07 35.07
N GLU A 142 30.41 -4.68 33.84
CA GLU A 142 29.56 -3.71 33.15
C GLU A 142 29.27 -4.20 31.75
N TYR A 143 28.21 -3.66 31.16
CA TYR A 143 27.84 -4.00 29.80
C TYR A 143 27.19 -2.79 29.16
N SER A 144 27.80 -2.30 28.08
CA SER A 144 27.33 -1.11 27.41
C SER A 144 27.48 -1.31 25.90
N PRO A 145 26.55 -2.07 25.29
CA PRO A 145 26.66 -2.51 23.90
C PRO A 145 26.53 -1.41 22.85
N CYS A 146 26.14 -0.21 23.25
CA CYS A 146 25.89 0.86 22.28
C CYS A 146 27.03 1.88 22.18
N ARG A 147 28.02 1.79 23.07
CA ARG A 147 29.20 2.63 22.96
C ARG A 147 29.91 2.38 21.63
N GLY A 148 30.32 3.45 20.96
CA GLY A 148 31.06 3.34 19.72
C GLY A 148 32.19 4.34 19.68
N ASN A 149 33.05 4.24 18.67
CA ASN A 149 34.15 5.18 18.51
C ASN A 149 34.13 5.86 17.13
N THR A 150 32.95 5.92 16.53
CA THR A 150 32.78 6.58 15.24
C THR A 150 32.50 8.06 15.44
N LEU A 151 33.12 8.89 14.61
CA LEU A 151 32.96 10.33 14.71
C LEU A 151 31.69 10.81 14.03
N SER A 152 31.22 11.99 14.46
CA SER A 152 29.94 12.53 14.01
C SER A 152 29.84 12.60 12.49
N ARG A 153 30.92 13.02 11.85
CA ARG A 153 30.94 13.23 10.40
C ARG A 153 30.66 11.95 9.63
N ILE A 154 31.09 10.82 10.18
CA ILE A 154 30.91 9.54 9.50
C ILE A 154 29.44 9.14 9.46
N TYR A 155 28.71 9.43 10.54
CA TYR A 155 27.27 9.15 10.57
C TYR A 155 26.55 10.00 9.54
N VAL A 156 26.93 11.27 9.45
CA VAL A 156 26.31 12.19 8.48
C VAL A 156 26.56 11.71 7.05
N GLU A 157 27.78 11.27 6.77
CA GLU A 157 28.14 10.79 5.44
C GLU A 157 27.46 9.47 5.10
N ASN A 158 27.09 8.70 6.13
CA ASN A 158 26.43 7.42 5.92
C ASN A 158 24.93 7.49 6.20
N ASP A 159 24.40 8.70 6.28
CA ASP A 159 22.96 8.90 6.42
C ASP A 159 22.41 8.34 7.73
N PHE A 160 23.23 8.35 8.77
CA PHE A 160 22.79 7.99 10.12
C PHE A 160 22.31 6.55 10.21
N SER A 161 22.96 5.66 9.48
CA SER A 161 22.61 4.25 9.51
C SER A 161 23.28 3.57 10.70
N TRP A 162 22.58 2.64 11.33
CA TRP A 162 23.13 1.89 12.45
C TRP A 162 23.70 2.85 13.50
N ASP A 163 22.88 3.85 13.84
CA ASP A 163 23.27 4.88 14.80
C ASP A 163 22.78 4.48 16.19
N LYS A 164 23.71 4.06 17.04
CA LYS A 164 23.35 3.55 18.36
C LYS A 164 23.69 4.55 19.46
N ARG A 165 23.93 5.79 19.08
CA ARG A 165 24.40 6.81 20.03
C ARG A 165 23.38 7.16 21.13
N TYR A 166 22.09 6.97 20.86
CA TYR A 166 21.05 7.34 21.82
C TYR A 166 20.26 6.13 22.31
N CYS A 167 20.89 4.96 22.29
CA CYS A 167 20.25 3.71 22.66
C CYS A 167 19.47 3.77 23.96
N GLU A 168 20.11 4.27 25.01
CA GLU A 168 19.58 4.17 26.37
C GLU A 168 19.38 2.70 26.74
N ALA A 169 20.42 1.91 26.49
CA ALA A 169 20.42 0.50 26.86
C ALA A 169 20.18 0.35 28.35
N GLY A 170 19.27 -0.56 28.71
CA GLY A 170 18.94 -0.77 30.10
C GLY A 170 17.64 -0.10 30.49
N PHE A 171 17.05 0.65 29.56
CA PHE A 171 15.74 1.27 29.75
C PHE A 171 14.77 0.20 30.27
N SER A 172 14.84 -0.98 29.64
CA SER A 172 14.15 -2.15 30.16
C SER A 172 15.11 -3.32 30.08
N SER A 173 14.86 -4.36 30.86
CA SER A 173 15.77 -5.50 30.91
C SER A 173 15.05 -6.76 31.38
N VAL A 174 15.61 -7.90 31.02
CA VAL A 174 15.08 -9.19 31.43
C VAL A 174 16.19 -10.21 31.22
N VAL A 175 16.13 -11.32 31.95
CA VAL A 175 17.11 -12.38 31.79
C VAL A 175 16.41 -13.70 31.53
N THR A 176 16.87 -14.43 30.52
CA THR A 176 16.31 -15.74 30.19
C THR A 176 16.73 -16.75 31.25
N GLN A 177 16.05 -17.89 31.29
CA GLN A 177 16.38 -18.93 32.26
C GLN A 177 17.81 -19.44 32.08
N ALA A 178 18.26 -19.50 30.83
CA ALA A 178 19.61 -19.95 30.53
C ALA A 178 20.67 -18.90 30.92
N GLY A 179 20.23 -17.70 31.26
CA GLY A 179 21.13 -16.67 31.76
C GLY A 179 21.59 -15.70 30.68
N GLU A 180 20.74 -15.44 29.71
CA GLU A 180 21.03 -14.43 28.70
C GLU A 180 20.35 -13.12 29.07
N LEU A 181 21.15 -12.06 29.22
CA LEU A 181 20.63 -10.74 29.51
C LEU A 181 20.10 -10.09 28.24
N VAL A 182 18.86 -9.61 28.27
CA VAL A 182 18.26 -8.93 27.14
C VAL A 182 17.94 -7.49 27.54
N LEU A 183 18.58 -6.53 26.89
CA LEU A 183 18.37 -5.11 27.17
C LEU A 183 17.49 -4.46 26.12
N GLY A 184 16.48 -3.72 26.57
CA GLY A 184 15.70 -2.87 25.68
C GLY A 184 16.37 -1.53 25.57
N ALA A 185 16.43 -1.00 24.36
CA ALA A 185 17.09 0.28 24.10
C ALA A 185 16.25 1.07 23.12
N PRO A 186 15.19 1.73 23.64
CA PRO A 186 14.16 2.37 22.80
C PRO A 186 14.68 3.50 21.94
N GLY A 187 15.88 4.00 22.21
CA GLY A 187 16.44 5.09 21.42
C GLY A 187 17.39 4.63 20.32
N GLY A 188 17.57 3.31 20.21
CA GLY A 188 18.51 2.75 19.25
C GLY A 188 18.17 3.00 17.79
N TYR A 189 19.19 3.11 16.96
CA TYR A 189 19.02 3.35 15.53
C TYR A 189 18.19 4.59 15.27
N TYR A 190 18.63 5.71 15.85
CA TYR A 190 17.93 6.99 15.71
C TYR A 190 16.46 6.86 16.11
N PHE A 191 16.24 6.29 17.29
CA PHE A 191 14.94 6.30 17.96
C PHE A 191 13.93 5.30 17.39
N LEU A 192 14.42 4.33 16.63
CA LEU A 192 13.58 3.20 16.24
C LEU A 192 13.45 2.25 17.43
N GLY A 193 14.57 2.02 18.10
CA GLY A 193 14.62 1.08 19.20
C GLY A 193 15.31 -0.20 18.80
N LEU A 194 16.12 -0.76 19.70
CA LEU A 194 16.78 -2.03 19.45
C LEU A 194 16.86 -2.87 20.71
N LEU A 195 17.23 -4.14 20.52
CA LEU A 195 17.44 -5.07 21.62
C LEU A 195 18.90 -5.51 21.57
N ALA A 196 19.52 -5.65 22.74
CA ALA A 196 20.86 -6.18 22.84
C ALA A 196 20.86 -7.37 23.78
N GLN A 197 21.44 -8.49 23.35
CA GLN A 197 21.51 -9.68 24.18
C GLN A 197 22.93 -10.20 24.32
N ALA A 198 23.25 -10.69 25.51
CA ALA A 198 24.53 -11.36 25.73
C ALA A 198 24.43 -12.22 26.98
N PRO A 199 25.11 -13.37 26.99
CA PRO A 199 25.11 -14.23 28.18
C PRO A 199 25.79 -13.54 29.36
N VAL A 200 25.20 -13.66 30.55
CA VAL A 200 25.75 -13.03 31.74
C VAL A 200 27.18 -13.51 31.99
N ALA A 201 27.40 -14.81 31.78
CA ALA A 201 28.71 -15.41 31.98
C ALA A 201 29.78 -14.73 31.12
N ASP A 202 29.42 -14.42 29.89
CA ASP A 202 30.36 -13.82 28.94
C ASP A 202 30.58 -12.35 29.23
N ILE A 203 29.56 -11.69 29.75
CA ILE A 203 29.68 -10.29 30.16
C ILE A 203 30.73 -10.15 31.26
N PHE A 204 30.69 -11.07 32.22
CA PHE A 204 31.63 -11.06 33.33
C PHE A 204 33.05 -11.40 32.89
N SER A 205 33.18 -12.44 32.05
CA SER A 205 34.50 -12.93 31.66
C SER A 205 35.23 -12.00 30.69
N SER A 206 34.50 -11.15 29.98
CA SER A 206 35.13 -10.27 29.00
C SER A 206 35.35 -8.85 29.53
N TYR A 207 34.76 -8.52 30.68
CA TYR A 207 34.89 -7.18 31.23
C TYR A 207 36.15 -6.99 32.06
N ARG A 208 36.80 -5.84 31.87
CA ARG A 208 37.89 -5.40 32.74
C ARG A 208 37.73 -3.90 32.93
N PRO A 209 38.02 -3.40 34.12
CA PRO A 209 37.86 -1.95 34.36
C PRO A 209 38.87 -1.13 33.57
N GLY A 210 38.46 0.05 33.14
CA GLY A 210 39.34 0.98 32.44
C GLY A 210 39.33 0.85 30.93
N ILE A 211 38.79 -0.25 30.41
CA ILE A 211 38.81 -0.50 28.97
C ILE A 211 37.80 0.37 28.23
N LEU A 212 36.56 0.39 28.73
CA LEU A 212 35.49 1.26 28.21
C LEU A 212 34.89 0.74 26.88
N LEU A 213 35.74 0.41 25.92
CA LEU A 213 35.28 -0.21 24.68
C LEU A 213 35.90 -1.59 24.54
N TRP A 214 35.07 -2.63 24.68
CA TRP A 214 35.56 -3.99 24.57
C TRP A 214 34.54 -4.87 23.87
N HIS A 215 34.96 -6.06 23.46
CA HIS A 215 34.13 -6.95 22.65
C HIS A 215 33.48 -8.06 23.48
N VAL A 216 32.19 -8.24 23.29
CA VAL A 216 31.47 -9.40 23.81
C VAL A 216 30.98 -10.20 22.61
N SER A 217 31.81 -11.13 22.14
CA SER A 217 31.60 -11.78 20.85
C SER A 217 30.27 -12.55 20.75
N SER A 218 29.81 -13.06 21.89
CA SER A 218 28.59 -13.86 21.92
C SER A 218 27.34 -12.98 21.95
N GLN A 219 27.53 -11.67 21.86
CA GLN A 219 26.39 -10.76 21.93
C GLN A 219 25.67 -10.70 20.59
N SER A 220 24.44 -10.19 20.62
CA SER A 220 23.59 -10.15 19.46
C SER A 220 22.64 -8.96 19.55
N LEU A 221 22.77 -8.01 18.63
CA LEU A 221 21.89 -6.85 18.58
C LEU A 221 20.86 -6.99 17.47
N SER A 222 19.73 -6.30 17.61
CA SER A 222 18.69 -6.33 16.59
C SER A 222 19.04 -5.38 15.44
N PHE A 223 18.09 -5.13 14.54
CA PHE A 223 18.42 -4.52 13.26
C PHE A 223 17.75 -3.17 13.00
N ASP A 224 18.44 -2.35 12.20
CA ASP A 224 17.88 -1.09 11.74
C ASP A 224 16.83 -1.38 10.67
N SER A 225 16.03 -0.38 10.33
CA SER A 225 14.96 -0.56 9.36
C SER A 225 14.73 0.70 8.54
N SER A 226 14.25 0.52 7.32
CA SER A 226 13.94 1.64 6.43
C SER A 226 12.44 1.87 6.41
N ASN A 227 11.70 1.03 7.11
CA ASN A 227 10.24 1.13 7.15
C ASN A 227 9.76 2.20 8.14
N PRO A 228 9.07 3.23 7.64
CA PRO A 228 8.64 4.36 8.47
C PRO A 228 7.72 3.95 9.63
N GLU A 229 7.12 2.77 9.54
CA GLU A 229 6.26 2.29 10.61
C GLU A 229 7.02 2.16 11.93
N TYR A 230 8.34 1.97 11.83
CA TYR A 230 9.17 1.77 13.01
C TYR A 230 9.79 3.06 13.55
N PHE A 231 9.77 4.12 12.74
CA PHE A 231 10.40 5.39 13.14
C PHE A 231 9.79 5.91 14.45
N ASP A 232 10.65 6.23 15.41
CA ASP A 232 10.21 6.78 16.68
C ASP A 232 9.26 5.82 17.39
N GLY A 233 9.46 4.53 17.17
CA GLY A 233 8.61 3.50 17.72
C GLY A 233 8.96 3.10 19.15
N TYR A 234 10.17 3.46 19.59
CA TYR A 234 10.64 3.12 20.93
C TYR A 234 10.50 1.63 21.20
N TRP A 235 10.84 0.86 20.17
CA TRP A 235 10.92 -0.59 20.23
C TRP A 235 11.91 -0.97 21.32
N GLY A 236 11.44 -1.59 22.39
CA GLY A 236 12.29 -1.92 23.52
C GLY A 236 11.98 -1.08 24.75
N TYR A 237 10.91 -0.30 24.70
CA TYR A 237 10.42 0.45 25.85
C TYR A 237 10.15 -0.53 26.98
N SER A 238 9.70 -1.73 26.62
CA SER A 238 9.50 -2.82 27.57
C SER A 238 9.86 -4.15 26.92
N VAL A 239 10.34 -5.09 27.73
CA VAL A 239 10.74 -6.39 27.21
CA VAL A 239 10.74 -6.40 27.21
C VAL A 239 10.36 -7.51 28.19
N ALA A 240 10.21 -8.72 27.65
CA ALA A 240 9.92 -9.90 28.46
C ALA A 240 10.31 -11.14 27.66
N VAL A 241 10.24 -12.31 28.29
CA VAL A 241 10.56 -13.55 27.59
C VAL A 241 9.50 -14.60 27.89
N GLY A 242 9.43 -15.61 27.04
CA GLY A 242 8.46 -16.68 27.21
C GLY A 242 8.59 -17.73 26.13
N GLU A 243 7.70 -18.71 26.17
CA GLU A 243 7.67 -19.79 25.19
C GLU A 243 6.41 -19.67 24.34
N PHE A 244 6.59 -19.32 23.06
CA PHE A 244 5.44 -19.05 22.20
C PHE A 244 5.46 -19.81 20.87
N ASP A 245 6.50 -20.59 20.62
CA ASP A 245 6.62 -21.30 19.34
C ASP A 245 6.60 -22.83 19.49
N GLY A 246 6.29 -23.33 20.68
CA GLY A 246 6.14 -24.75 20.90
C GLY A 246 7.43 -25.53 21.07
N ASP A 247 8.55 -24.92 20.71
CA ASP A 247 9.86 -25.56 20.83
C ASP A 247 10.54 -25.11 22.11
N LEU A 248 10.75 -26.03 23.04
CA LEU A 248 11.25 -25.70 24.36
C LEU A 248 12.74 -25.37 24.38
N ASN A 249 13.45 -25.74 23.33
CA ASN A 249 14.88 -25.45 23.25
C ASN A 249 15.15 -24.00 22.87
N THR A 250 14.14 -23.32 22.33
CA THR A 250 14.27 -21.92 21.94
C THR A 250 13.51 -21.01 22.90
N THR A 251 14.07 -19.83 23.16
CA THR A 251 13.40 -18.83 23.98
C THR A 251 12.96 -17.66 23.11
N GLU A 252 11.71 -17.23 23.29
CA GLU A 252 11.15 -16.15 22.49
C GLU A 252 11.14 -14.84 23.27
N TYR A 253 11.27 -13.73 22.54
CA TYR A 253 11.28 -12.40 23.15
C TYR A 253 9.96 -11.70 22.89
N VAL A 254 9.48 -10.98 23.90
CA VAL A 254 8.32 -10.12 23.74
C VAL A 254 8.79 -8.69 23.90
N VAL A 255 8.54 -7.86 22.89
CA VAL A 255 9.07 -6.50 22.87
C VAL A 255 7.95 -5.49 22.66
N GLY A 256 7.89 -4.49 23.54
CA GLY A 256 6.89 -3.44 23.44
C GLY A 256 7.43 -2.24 22.68
N ALA A 257 6.60 -1.70 21.80
CA ALA A 257 6.93 -0.49 21.04
C ALA A 257 5.74 0.44 21.08
N PRO A 258 5.60 1.21 22.16
CA PRO A 258 4.39 1.98 22.46
C PRO A 258 4.02 3.07 21.43
N THR A 259 4.96 3.51 20.61
CA THR A 259 4.67 4.55 19.63
C THR A 259 4.88 4.07 18.19
N TRP A 260 4.92 2.75 18.03
CA TRP A 260 5.08 2.13 16.72
C TRP A 260 3.99 2.56 15.76
N SER A 261 4.36 2.77 14.51
CA SER A 261 3.43 3.14 13.45
C SER A 261 2.63 4.39 13.80
N TRP A 262 3.32 5.53 13.87
CA TRP A 262 2.67 6.80 14.13
C TRP A 262 1.82 6.78 15.41
N THR A 263 2.40 6.24 16.48
CA THR A 263 1.80 6.18 17.82
C THR A 263 0.57 5.27 17.94
N LEU A 264 0.43 4.34 17.02
CA LEU A 264 -0.58 3.29 17.17
C LEU A 264 -0.15 2.35 18.28
N GLY A 265 1.14 2.06 18.33
CA GLY A 265 1.70 1.16 19.31
C GLY A 265 1.65 -0.28 18.84
N ALA A 266 2.55 -1.09 19.36
CA ALA A 266 2.60 -2.49 19.00
C ALA A 266 3.37 -3.33 20.01
N VAL A 267 3.17 -4.64 19.95
CA VAL A 267 3.96 -5.60 20.71
C VAL A 267 4.33 -6.72 19.75
N GLU A 268 5.60 -7.08 19.73
CA GLU A 268 6.08 -8.11 18.83
C GLU A 268 6.66 -9.29 19.59
N ILE A 269 6.40 -10.49 19.06
CA ILE A 269 7.01 -11.71 19.58
C ILE A 269 8.04 -12.18 18.56
N LEU A 270 9.26 -12.41 19.03
CA LEU A 270 10.38 -12.69 18.13
C LEU A 270 11.11 -13.95 18.58
N ASP A 271 11.84 -14.58 17.66
CA ASP A 271 12.75 -15.64 18.05
C ASP A 271 14.05 -15.00 18.48
N SER A 272 15.00 -15.79 18.97
CA SER A 272 16.23 -15.25 19.56
C SER A 272 17.16 -14.64 18.51
N TYR A 273 16.79 -14.74 17.23
CA TYR A 273 17.55 -14.09 16.17
C TYR A 273 16.85 -12.83 15.69
N TYR A 274 15.84 -12.40 16.44
CA TYR A 274 15.10 -11.17 16.16
C TYR A 274 14.25 -11.25 14.90
N GLN A 275 13.84 -12.46 14.53
CA GLN A 275 12.87 -12.64 13.46
C GLN A 275 11.47 -12.62 14.06
N ARG A 276 10.57 -11.89 13.40
CA ARG A 276 9.24 -11.65 13.95
C ARG A 276 8.29 -12.82 13.76
N LEU A 277 7.72 -13.30 14.87
CA LEU A 277 6.77 -14.39 14.86
C LEU A 277 5.32 -13.87 14.85
N HIS A 278 5.04 -12.90 15.71
CA HIS A 278 3.73 -12.26 15.69
CA HIS A 278 3.71 -12.29 15.80
C HIS A 278 3.84 -10.77 15.97
N ARG A 279 2.81 -10.04 15.60
CA ARG A 279 2.71 -8.63 15.93
C ARG A 279 1.31 -8.29 16.39
N LEU A 280 1.19 -7.77 17.61
CA LEU A 280 -0.08 -7.25 18.10
C LEU A 280 -0.08 -5.74 17.93
N ARG A 281 -1.11 -5.21 17.29
CA ARG A 281 -1.22 -3.78 17.03
C ARG A 281 -2.08 -3.11 18.08
N GLY A 282 -1.74 -1.87 18.42
CA GLY A 282 -2.55 -1.09 19.34
C GLY A 282 -3.94 -0.85 18.78
N GLU A 283 -4.86 -0.51 19.68
CA GLU A 283 -6.26 -0.31 19.33
C GLU A 283 -6.53 1.18 19.07
N GLN A 284 -5.79 2.04 19.77
CA GLN A 284 -6.07 3.46 19.76
C GLN A 284 -4.76 4.24 19.81
N MET A 285 -4.63 5.25 18.95
CA MET A 285 -3.41 6.04 18.88
C MET A 285 -3.13 6.79 20.18
N ALA A 286 -1.87 6.77 20.58
CA ALA A 286 -1.40 7.50 21.76
C ALA A 286 -1.80 6.85 23.09
N SER A 287 -2.37 5.64 23.03
CA SER A 287 -2.76 4.92 24.23
C SER A 287 -1.54 4.31 24.91
N TYR A 288 -0.42 4.28 24.17
CA TYR A 288 0.82 3.70 24.65
C TYR A 288 0.71 2.17 24.85
N PHE A 289 0.00 1.54 23.94
CA PHE A 289 -0.05 0.08 23.84
C PHE A 289 1.36 -0.45 23.70
N GLY A 290 1.81 -1.25 24.66
CA GLY A 290 3.16 -1.76 24.65
C GLY A 290 4.01 -1.15 25.76
N HIS A 291 3.42 -0.24 26.53
CA HIS A 291 4.11 0.41 27.64
C HIS A 291 4.64 -0.65 28.59
N SER A 292 3.85 -1.71 28.79
CA SER A 292 4.23 -2.79 29.67
C SER A 292 3.71 -4.11 29.13
N VAL A 293 4.49 -5.16 29.33
CA VAL A 293 4.12 -6.50 28.87
C VAL A 293 4.41 -7.51 29.95
N ALA A 294 3.61 -8.57 30.01
CA ALA A 294 3.81 -9.62 30.99
C ALA A 294 3.53 -10.96 30.34
N VAL A 295 4.32 -11.96 30.72
CA VAL A 295 4.15 -13.31 30.23
C VAL A 295 3.86 -14.26 31.39
N THR A 296 2.77 -15.00 31.27
CA THR A 296 2.38 -15.95 32.30
C THR A 296 1.20 -16.77 31.78
N ASP A 297 1.20 -18.07 32.08
CA ASP A 297 0.07 -18.92 31.74
C ASP A 297 -1.01 -18.71 32.78
N VAL A 298 -2.13 -18.12 32.37
CA VAL A 298 -3.19 -17.77 33.31
C VAL A 298 -4.34 -18.77 33.35
N ASN A 299 -4.48 -19.58 32.30
CA ASN A 299 -5.61 -20.50 32.21
C ASN A 299 -5.22 -21.97 32.35
N GLY A 300 -4.03 -22.21 32.86
CA GLY A 300 -3.60 -23.54 33.28
C GLY A 300 -3.53 -24.61 32.20
N ASP A 301 -3.20 -24.23 30.96
CA ASP A 301 -3.01 -25.23 29.91
C ASP A 301 -1.52 -25.43 29.59
N GLY A 302 -0.66 -24.82 30.38
CA GLY A 302 0.78 -24.97 30.21
C GLY A 302 1.36 -24.06 29.14
N ARG A 303 0.51 -23.32 28.43
CA ARG A 303 0.97 -22.42 27.38
C ARG A 303 0.96 -20.97 27.85
N HIS A 304 2.10 -20.32 27.73
CA HIS A 304 2.27 -18.93 28.16
C HIS A 304 1.30 -18.00 27.45
N ASP A 305 0.68 -17.11 28.22
CA ASP A 305 -0.24 -16.13 27.68
C ASP A 305 0.37 -14.74 27.81
N LEU A 306 -0.09 -13.82 26.98
CA LEU A 306 0.49 -12.49 26.92
C LEU A 306 -0.47 -11.45 27.44
N LEU A 307 0.04 -10.55 28.28
CA LEU A 307 -0.71 -9.39 28.73
C LEU A 307 -0.02 -8.11 28.27
N VAL A 308 -0.80 -7.17 27.74
CA VAL A 308 -0.27 -5.90 27.27
C VAL A 308 -1.00 -4.76 27.93
N GLY A 309 -0.25 -3.77 28.42
CA GLY A 309 -0.83 -2.60 29.04
C GLY A 309 -0.83 -1.39 28.10
N ALA A 310 -1.93 -0.65 28.10
CA ALA A 310 -2.04 0.61 27.37
C ALA A 310 -2.60 1.67 28.30
N PRO A 311 -1.74 2.22 29.17
CA PRO A 311 -2.14 3.06 30.30
C PRO A 311 -2.90 4.34 29.93
N LEU A 312 -2.78 4.79 28.69
CA LEU A 312 -3.43 6.04 28.28
C LEU A 312 -4.65 5.79 27.38
N TYR A 313 -5.15 4.57 27.35
CA TYR A 313 -6.32 4.26 26.54
C TYR A 313 -7.52 5.10 26.99
N MET A 314 -8.23 5.66 26.02
CA MET A 314 -9.41 6.46 26.30
C MET A 314 -10.69 5.68 26.01
N GLU A 315 -11.47 5.45 27.06
CA GLU A 315 -12.71 4.69 26.98
C GLU A 315 -13.85 5.57 26.47
N SER A 316 -14.72 4.99 25.65
CA SER A 316 -15.86 5.74 25.12
CA SER A 316 -15.86 5.74 25.12
C SER A 316 -16.97 5.83 26.16
N ARG A 317 -17.52 7.03 26.33
CA ARG A 317 -18.59 7.25 27.30
C ARG A 317 -19.74 8.04 26.68
N ALA A 318 -20.78 8.26 27.46
CA ALA A 318 -22.00 8.90 26.97
C ALA A 318 -21.71 10.23 26.28
N ASP A 319 -22.46 10.49 25.21
CA ASP A 319 -22.41 11.78 24.52
C ASP A 319 -21.12 11.95 23.72
N ARG A 320 -20.66 10.87 23.10
CA ARG A 320 -19.49 10.92 22.23
C ARG A 320 -18.27 11.51 22.94
N LYS A 321 -18.12 11.21 24.22
CA LYS A 321 -16.98 11.69 24.99
C LYS A 321 -16.02 10.56 25.34
N LEU A 322 -14.73 10.90 25.41
CA LEU A 322 -13.68 9.94 25.68
C LEU A 322 -13.09 10.19 27.05
N ALA A 323 -12.67 9.13 27.73
CA ALA A 323 -12.11 9.26 29.07
C ALA A 323 -10.87 8.40 29.24
N GLU A 324 -9.73 9.06 29.44
CA GLU A 324 -8.47 8.35 29.63
C GLU A 324 -8.48 7.57 30.95
N VAL A 325 -8.49 6.25 30.84
CA VAL A 325 -8.49 5.40 32.02
C VAL A 325 -7.45 4.27 31.97
N GLY A 326 -6.95 3.95 30.77
CA GLY A 326 -6.00 2.86 30.62
C GLY A 326 -6.70 1.53 30.41
N ARG A 327 -5.99 0.59 29.78
CA ARG A 327 -6.57 -0.70 29.44
C ARG A 327 -5.51 -1.79 29.38
N VAL A 328 -5.91 -3.01 29.71
CA VAL A 328 -5.03 -4.16 29.64
C VAL A 328 -5.65 -5.22 28.72
N TYR A 329 -4.84 -5.79 27.84
CA TYR A 329 -5.30 -6.79 26.88
C TYR A 329 -4.71 -8.15 27.20
N LEU A 330 -5.55 -9.18 27.17
CA LEU A 330 -5.09 -10.54 27.40
C LEU A 330 -5.16 -11.36 26.10
N PHE A 331 -4.04 -11.96 25.72
CA PHE A 331 -3.98 -12.84 24.57
C PHE A 331 -3.62 -14.25 25.01
N LEU A 332 -4.53 -15.20 24.86
CA LEU A 332 -4.26 -16.58 25.20
C LEU A 332 -3.56 -17.27 24.04
N GLN A 333 -2.47 -17.97 24.32
CA GLN A 333 -1.74 -18.69 23.29
C GLN A 333 -2.50 -19.94 22.86
N PRO A 334 -2.81 -20.05 21.56
CA PRO A 334 -3.56 -21.20 21.03
C PRO A 334 -2.72 -22.47 20.97
N ARG A 335 -3.37 -23.61 20.77
CA ARG A 335 -2.67 -24.89 20.67
C ARG A 335 -1.88 -25.00 19.37
N GLY A 336 -0.65 -25.49 19.48
CA GLY A 336 0.18 -25.75 18.31
C GLY A 336 0.47 -24.51 17.48
N PRO A 337 1.04 -24.72 16.28
CA PRO A 337 1.43 -23.62 15.39
C PRO A 337 0.24 -22.82 14.88
N HIS A 338 -0.12 -21.77 15.61
CA HIS A 338 -1.20 -20.88 15.21
C HIS A 338 -0.89 -19.46 15.67
N ALA A 339 -1.55 -18.49 15.04
CA ALA A 339 -1.32 -17.09 15.37
C ALA A 339 -2.20 -16.65 16.54
N LEU A 340 -1.63 -15.83 17.42
CA LEU A 340 -2.41 -15.21 18.48
C LEU A 340 -3.52 -14.41 17.82
N GLY A 341 -4.75 -14.57 18.30
CA GLY A 341 -5.89 -13.94 17.67
C GLY A 341 -6.20 -12.58 18.25
N ALA A 342 -7.47 -12.21 18.20
CA ALA A 342 -7.94 -11.01 18.86
C ALA A 342 -7.76 -11.22 20.36
N PRO A 343 -7.75 -10.12 21.12
CA PRO A 343 -7.66 -10.26 22.58
C PRO A 343 -8.79 -11.13 23.13
N SER A 344 -8.48 -11.95 24.12
CA SER A 344 -9.46 -12.82 24.74
CA SER A 344 -9.47 -12.82 24.75
C SER A 344 -10.25 -12.07 25.82
N LEU A 345 -9.64 -11.02 26.36
CA LEU A 345 -10.27 -10.23 27.41
C LEU A 345 -9.72 -8.81 27.42
N LEU A 346 -10.58 -7.85 27.73
CA LEU A 346 -10.17 -6.47 27.86
C LEU A 346 -10.50 -5.96 29.25
N LEU A 347 -9.47 -5.55 29.99
CA LEU A 347 -9.66 -4.94 31.30
C LEU A 347 -9.45 -3.45 31.18
N THR A 348 -10.43 -2.67 31.63
CA THR A 348 -10.39 -1.22 31.46
C THR A 348 -10.46 -0.49 32.79
N GLY A 349 -9.69 0.59 32.91
CA GLY A 349 -9.65 1.38 34.12
C GLY A 349 -10.95 2.12 34.37
N THR A 350 -11.12 2.61 35.60
CA THR A 350 -12.33 3.33 35.97
CA THR A 350 -12.32 3.32 36.00
C THR A 350 -12.03 4.79 36.33
N GLN A 351 -10.91 5.03 36.98
CA GLN A 351 -10.54 6.38 37.43
C GLN A 351 -9.87 7.19 36.32
N LEU A 352 -10.37 8.41 36.12
CA LEU A 352 -9.82 9.31 35.11
C LEU A 352 -8.35 9.62 35.39
N TYR A 353 -7.49 9.37 34.40
CA TYR A 353 -6.05 9.62 34.49
C TYR A 353 -5.35 8.64 35.42
N GLY A 354 -6.00 7.53 35.75
CA GLY A 354 -5.44 6.57 36.68
C GLY A 354 -4.28 5.78 36.11
N ARG A 355 -4.24 5.67 34.79
CA ARG A 355 -3.18 4.92 34.09
C ARG A 355 -3.18 3.44 34.45
N PHE A 356 -4.38 2.87 34.54
CA PHE A 356 -4.54 1.42 34.66
C PHE A 356 -3.76 0.73 33.55
N GLY A 357 -2.89 -0.20 33.92
CA GLY A 357 -2.10 -0.94 32.96
C GLY A 357 -0.67 -0.41 32.81
N SER A 358 -0.28 0.51 33.69
CA SER A 358 1.06 1.06 33.66
CA SER A 358 1.06 1.06 33.66
C SER A 358 2.09 -0.02 34.02
N ALA A 359 1.65 -1.01 34.80
CA ALA A 359 2.51 -2.11 35.21
C ALA A 359 1.65 -3.34 35.39
N ILE A 360 2.20 -4.50 35.01
CA ILE A 360 1.49 -5.76 35.12
C ILE A 360 2.43 -6.82 35.65
N ALA A 361 2.09 -7.39 36.81
CA ALA A 361 2.94 -8.38 37.45
C ALA A 361 2.27 -9.74 37.55
N PRO A 362 2.91 -10.78 37.00
CA PRO A 362 2.50 -12.16 37.32
C PRO A 362 2.65 -12.43 38.81
N LEU A 363 1.66 -13.05 39.43
CA LEU A 363 1.69 -13.32 40.86
C LEU A 363 1.94 -14.79 41.16
N GLY A 364 2.04 -15.60 40.11
CA GLY A 364 1.97 -17.04 40.27
C GLY A 364 0.56 -17.38 40.72
N ASP A 365 0.40 -18.45 41.48
CA ASP A 365 -0.91 -18.83 41.96
C ASP A 365 -1.14 -18.31 43.39
N LEU A 366 -1.75 -17.14 43.48
CA LEU A 366 -1.94 -16.45 44.75
C LEU A 366 -2.84 -17.23 45.72
N ASP A 367 -4.00 -17.65 45.23
CA ASP A 367 -4.99 -18.33 46.08
C ASP A 367 -4.88 -19.86 46.02
N ARG A 368 -3.90 -20.37 45.29
CA ARG A 368 -3.58 -21.80 45.29
C ARG A 368 -4.72 -22.66 44.74
N ASP A 369 -5.36 -22.21 43.66
CA ASP A 369 -6.48 -22.92 43.08
C ASP A 369 -6.10 -23.64 41.79
N GLY A 370 -4.83 -23.56 41.41
CA GLY A 370 -4.35 -24.21 40.20
C GLY A 370 -4.23 -23.29 38.99
N TYR A 371 -4.59 -22.02 39.16
CA TYR A 371 -4.47 -21.06 38.07
C TYR A 371 -3.64 -19.85 38.49
N ASN A 372 -2.71 -19.45 37.62
CA ASN A 372 -1.87 -18.29 37.89
C ASN A 372 -2.66 -16.99 37.80
N ASP A 373 -2.21 -15.99 38.54
CA ASP A 373 -2.96 -14.75 38.72
C ASP A 373 -2.08 -13.54 38.40
N ILE A 374 -2.69 -12.37 38.28
CA ILE A 374 -1.92 -11.17 37.97
C ILE A 374 -2.33 -9.97 38.81
N ALA A 375 -1.44 -8.98 38.86
CA ALA A 375 -1.72 -7.71 39.49
C ALA A 375 -1.52 -6.62 38.45
N VAL A 376 -2.48 -5.70 38.36
CA VAL A 376 -2.37 -4.56 37.47
C VAL A 376 -2.33 -3.27 38.29
N ALA A 377 -1.37 -2.41 37.98
CA ALA A 377 -1.23 -1.15 38.70
C ALA A 377 -1.96 -0.01 38.00
N ALA A 378 -2.56 0.86 38.80
CA ALA A 378 -3.06 2.15 38.34
C ALA A 378 -2.49 3.21 39.27
N PRO A 379 -1.27 3.67 38.98
CA PRO A 379 -0.47 4.55 39.84
C PRO A 379 -1.16 5.84 40.28
N TYR A 380 -2.23 6.25 39.58
CA TYR A 380 -2.97 7.44 39.95
C TYR A 380 -4.46 7.13 40.04
N GLY A 381 -4.76 5.85 40.24
CA GLY A 381 -6.13 5.40 40.32
C GLY A 381 -6.66 5.46 41.74
N GLY A 382 -7.80 4.81 41.96
CA GLY A 382 -8.49 4.90 43.24
C GLY A 382 -9.35 6.13 43.27
N PRO A 383 -10.37 6.15 44.16
CA PRO A 383 -11.29 7.29 44.25
C PRO A 383 -10.58 8.58 44.67
N SER A 384 -9.43 8.45 45.31
CA SER A 384 -8.68 9.63 45.79
C SER A 384 -7.52 9.99 44.88
N GLY A 385 -7.29 9.18 43.85
CA GLY A 385 -6.21 9.44 42.90
C GLY A 385 -4.82 9.12 43.42
N ARG A 386 -4.75 8.41 44.54
CA ARG A 386 -3.47 8.15 45.19
C ARG A 386 -2.75 6.91 44.68
N GLY A 387 -3.46 6.06 43.94
CA GLY A 387 -2.87 4.87 43.38
C GLY A 387 -3.55 3.59 43.84
N GLN A 388 -3.67 2.64 42.93
CA GLN A 388 -4.34 1.37 43.22
C GLN A 388 -3.66 0.21 42.51
N VAL A 389 -3.65 -0.95 43.15
CA VAL A 389 -3.22 -2.18 42.51
C VAL A 389 -4.38 -3.16 42.56
N LEU A 390 -4.74 -3.73 41.41
CA LEU A 390 -5.87 -4.63 41.33
C LEU A 390 -5.40 -6.04 41.03
N VAL A 391 -5.99 -7.01 41.73
CA VAL A 391 -5.64 -8.42 41.51
C VAL A 391 -6.72 -9.13 40.70
N PHE A 392 -6.30 -9.84 39.66
CA PHE A 392 -7.21 -10.62 38.84
C PHE A 392 -6.81 -12.09 38.86
N LEU A 393 -7.77 -12.96 39.12
CA LEU A 393 -7.49 -14.39 39.26
C LEU A 393 -7.63 -15.13 37.94
N GLY A 394 -6.75 -16.09 37.70
CA GLY A 394 -6.82 -16.91 36.51
C GLY A 394 -7.97 -17.91 36.59
N GLN A 395 -8.35 -18.41 35.42
CA GLN A 395 -9.41 -19.42 35.33
CA GLN A 395 -9.41 -19.42 35.33
C GLN A 395 -9.27 -20.15 34.00
N SER A 396 -9.99 -21.26 33.85
CA SER A 396 -9.87 -22.10 32.66
C SER A 396 -10.07 -21.31 31.36
N GLU A 397 -10.88 -20.26 31.41
CA GLU A 397 -11.19 -19.48 30.20
C GLU A 397 -10.33 -18.21 30.07
N GLY A 398 -9.44 -17.97 31.03
CA GLY A 398 -8.55 -16.82 30.97
C GLY A 398 -8.35 -16.14 32.32
N LEU A 399 -8.89 -14.93 32.46
CA LEU A 399 -8.89 -14.23 33.73
C LEU A 399 -10.31 -13.84 34.11
N ARG A 400 -10.56 -13.66 35.40
CA ARG A 400 -11.82 -13.09 35.86
C ARG A 400 -11.84 -11.64 35.42
N SER A 401 -13.01 -11.14 35.02
CA SER A 401 -13.10 -9.79 34.50
C SER A 401 -13.23 -8.76 35.61
N ARG A 402 -13.49 -9.23 36.84
CA ARG A 402 -13.57 -8.34 37.99
C ARG A 402 -12.48 -8.70 38.99
N PRO A 403 -11.85 -7.66 39.56
CA PRO A 403 -10.74 -7.89 40.49
C PRO A 403 -11.20 -8.63 41.74
N SER A 404 -10.38 -9.56 42.22
CA SER A 404 -10.72 -10.29 43.44
C SER A 404 -10.36 -9.45 44.65
N GLN A 405 -9.47 -8.48 44.45
CA GLN A 405 -8.97 -7.67 45.56
C GLN A 405 -8.38 -6.37 45.05
N VAL A 406 -8.46 -5.32 45.86
CA VAL A 406 -7.94 -4.02 45.48
C VAL A 406 -7.06 -3.47 46.60
N LEU A 407 -5.83 -3.11 46.24
CA LEU A 407 -4.89 -2.56 47.21
C LEU A 407 -4.76 -1.06 47.02
N ASP A 408 -5.30 -0.30 47.96
CA ASP A 408 -5.18 1.16 47.90
C ASP A 408 -3.84 1.59 48.48
N SER A 409 -3.25 2.60 47.86
CA SER A 409 -1.95 3.10 48.30
C SER A 409 -2.00 3.56 49.75
N PRO A 410 -1.03 3.11 50.57
CA PRO A 410 -0.87 3.60 51.94
C PRO A 410 -0.07 4.91 52.01
N PHE A 411 0.43 5.37 50.87
CA PHE A 411 1.26 6.57 50.84
C PHE A 411 0.44 7.79 50.43
N PRO A 412 1.01 9.00 50.60
CA PRO A 412 0.31 10.24 50.26
C PRO A 412 0.22 10.46 48.74
N THR A 413 -0.52 11.49 48.35
CA THR A 413 -0.70 11.81 46.93
C THR A 413 0.65 12.00 46.24
N GLY A 414 0.74 11.52 45.00
CA GLY A 414 1.93 11.71 44.19
C GLY A 414 3.00 10.65 44.34
N SER A 415 2.71 9.60 45.10
CA SER A 415 3.71 8.56 45.37
C SER A 415 3.98 7.67 44.17
N ALA A 416 3.04 7.63 43.22
CA ALA A 416 3.14 6.75 42.07
C ALA A 416 3.12 5.28 42.49
N PHE A 417 2.38 4.99 43.56
CA PHE A 417 2.18 3.63 44.06
C PHE A 417 1.73 2.69 42.95
N GLY A 418 2.56 1.70 42.63
CA GLY A 418 2.20 0.72 41.62
C GLY A 418 2.99 0.86 40.33
N PHE A 419 3.75 1.95 40.21
CA PHE A 419 4.54 2.20 39.02
C PHE A 419 5.48 1.04 38.75
N SER A 420 5.95 0.39 39.82
CA SER A 420 6.73 -0.85 39.69
C SER A 420 6.12 -1.93 40.57
N LEU A 421 6.16 -3.17 40.07
CA LEU A 421 5.49 -4.30 40.71
C LEU A 421 6.29 -5.57 40.50
N ARG A 422 6.20 -6.50 41.44
CA ARG A 422 6.78 -7.81 41.26
C ARG A 422 6.14 -8.80 42.23
N GLY A 423 5.78 -9.97 41.71
CA GLY A 423 5.16 -11.01 42.51
C GLY A 423 5.77 -12.36 42.20
N ALA A 424 5.02 -13.42 42.52
CA ALA A 424 5.41 -14.79 42.17
C ALA A 424 6.59 -15.33 42.98
N VAL A 425 6.95 -14.66 44.07
CA VAL A 425 7.99 -15.16 44.96
C VAL A 425 7.52 -15.13 46.41
N ASP A 426 7.76 -16.23 47.12
CA ASP A 426 7.38 -16.37 48.52
C ASP A 426 8.55 -15.89 49.39
N ILE A 427 8.43 -14.67 49.90
CA ILE A 427 9.55 -14.02 50.59
C ILE A 427 9.66 -14.41 52.06
N ASP A 428 8.54 -14.77 52.69
CA ASP A 428 8.54 -15.15 54.10
C ASP A 428 8.44 -16.67 54.25
N ASP A 429 8.39 -17.37 53.14
CA ASP A 429 8.38 -18.83 53.13
C ASP A 429 7.19 -19.43 53.87
N ASN A 430 6.00 -18.86 53.66
CA ASN A 430 4.79 -19.40 54.27
C ASN A 430 3.97 -20.24 53.29
N GLY A 431 4.52 -20.46 52.11
CA GLY A 431 3.86 -21.29 51.11
C GLY A 431 2.98 -20.52 50.12
N TYR A 432 2.91 -19.21 50.28
CA TYR A 432 2.10 -18.36 49.40
C TYR A 432 2.96 -17.26 48.77
N PRO A 433 2.84 -17.07 47.45
CA PRO A 433 3.62 -16.05 46.72
C PRO A 433 3.19 -14.64 47.08
N ASP A 434 4.16 -13.73 47.21
CA ASP A 434 3.90 -12.40 47.76
C ASP A 434 4.10 -11.29 46.72
N LEU A 435 3.74 -10.07 47.09
CA LEU A 435 3.77 -8.93 46.15
C LEU A 435 4.53 -7.73 46.71
N ILE A 436 5.48 -7.23 45.94
CA ILE A 436 6.19 -6.00 46.32
C ILE A 436 5.78 -4.86 45.40
N VAL A 437 5.48 -3.71 45.98
CA VAL A 437 4.98 -2.57 45.22
C VAL A 437 5.85 -1.35 45.48
N GLY A 438 6.35 -0.75 44.40
CA GLY A 438 7.18 0.42 44.51
C GLY A 438 6.37 1.69 44.47
N ALA A 439 6.79 2.68 45.24
CA ALA A 439 6.18 4.00 45.21
C ALA A 439 7.30 5.03 45.19
N TYR A 440 7.91 5.22 44.02
CA TYR A 440 9.14 6.01 43.92
C TYR A 440 8.90 7.46 44.36
N GLY A 441 7.69 7.96 44.17
CA GLY A 441 7.35 9.31 44.56
C GLY A 441 7.45 9.54 46.06
N ALA A 442 7.30 8.47 46.84
CA ALA A 442 7.42 8.53 48.30
C ALA A 442 8.72 7.88 48.76
N ASN A 443 9.54 7.45 47.82
CA ASN A 443 10.82 6.80 48.12
C ASN A 443 10.66 5.57 49.01
N GLN A 444 9.60 4.79 48.78
CA GLN A 444 9.35 3.60 49.58
C GLN A 444 8.87 2.41 48.77
N VAL A 445 8.96 1.25 49.38
CA VAL A 445 8.45 0.02 48.82
C VAL A 445 7.58 -0.67 49.86
N ALA A 446 6.44 -1.18 49.44
CA ALA A 446 5.54 -1.88 50.35
C ALA A 446 5.52 -3.37 50.00
N VAL A 447 5.62 -4.22 51.02
CA VAL A 447 5.55 -5.66 50.81
C VAL A 447 4.20 -6.19 51.31
N TYR A 448 3.46 -6.81 50.40
CA TYR A 448 2.18 -7.44 50.74
C TYR A 448 2.37 -8.94 50.81
N ARG A 449 2.18 -9.51 51.99
CA ARG A 449 2.30 -10.95 52.19
C ARG A 449 0.98 -11.64 51.95
N ALA A 450 1.00 -12.69 51.14
CA ALA A 450 -0.19 -13.51 50.93
C ALA A 450 -0.40 -14.41 52.14
N GLN A 451 -1.66 -14.58 52.53
CA GLN A 451 -2.02 -15.41 53.66
C GLN A 451 -3.04 -16.46 53.23
N PRO A 452 -3.34 -17.44 54.10
CA PRO A 452 -4.34 -18.44 53.74
C PRO A 452 -5.69 -17.81 53.41
N VAL A 453 -6.39 -18.39 52.44
CA VAL A 453 -7.66 -17.85 51.98
C VAL A 453 -8.72 -17.93 53.08
N VAL A 454 -9.51 -16.88 53.22
CA VAL A 454 -10.61 -16.87 54.19
C VAL A 454 -11.81 -17.62 53.62
N LYS A 455 -12.39 -17.09 52.56
CA LYS A 455 -13.45 -17.77 51.82
C LYS A 455 -13.09 -17.76 50.33
N ALA A 456 -13.03 -18.94 49.73
CA ALA A 456 -12.43 -19.09 48.41
C ALA A 456 -13.31 -18.57 47.26
N SER A 457 -12.64 -18.18 46.18
CA SER A 457 -13.32 -17.74 44.96
C SER A 457 -12.67 -18.37 43.74
N ASN B 3 -62.56 4.96 35.61
CA ASN B 3 -61.21 5.26 35.16
C ASN B 3 -60.16 4.77 36.15
N ILE B 4 -58.88 4.92 35.78
CA ILE B 4 -57.78 4.44 36.60
C ILE B 4 -57.67 5.17 37.94
N CYS B 5 -58.25 6.35 38.02
CA CYS B 5 -58.21 7.14 39.25
C CYS B 5 -59.03 6.50 40.35
N THR B 6 -60.23 6.04 40.01
CA THR B 6 -61.13 5.43 40.98
C THR B 6 -60.79 3.97 41.24
N THR B 7 -60.39 3.26 40.20
CA THR B 7 -60.11 1.83 40.31
C THR B 7 -58.79 1.54 41.02
N ARG B 8 -58.08 2.59 41.42
CA ARG B 8 -56.82 2.42 42.14
C ARG B 8 -57.02 2.43 43.66
N GLY B 9 -58.16 2.95 44.10
CA GLY B 9 -58.46 3.02 45.51
C GLY B 9 -57.36 3.71 46.30
N VAL B 10 -57.11 4.98 45.96
CA VAL B 10 -56.08 5.75 46.64
C VAL B 10 -56.53 6.16 48.03
N SER B 11 -55.58 6.43 48.92
CA SER B 11 -55.88 6.71 50.32
C SER B 11 -55.75 8.19 50.67
N SER B 12 -54.98 8.94 49.88
CA SER B 12 -54.76 10.35 50.15
C SER B 12 -54.74 11.18 48.87
N CYS B 13 -54.71 12.49 49.04
CA CYS B 13 -54.66 13.41 47.91
C CYS B 13 -53.33 13.28 47.18
N GLN B 14 -52.27 13.03 47.94
CA GLN B 14 -50.93 12.89 47.36
C GLN B 14 -50.87 11.67 46.45
N GLN B 15 -51.40 10.56 46.92
CA GLN B 15 -51.39 9.32 46.15
C GLN B 15 -52.33 9.38 44.96
N CYS B 16 -53.29 10.30 45.00
CA CYS B 16 -54.25 10.46 43.92
C CYS B 16 -53.58 11.10 42.69
N LEU B 17 -52.79 12.13 42.93
CA LEU B 17 -52.14 12.86 41.84
C LEU B 17 -51.02 12.03 41.22
N ALA B 18 -50.51 11.07 41.97
CA ALA B 18 -49.38 10.25 41.52
C ALA B 18 -49.82 9.08 40.66
N VAL B 19 -51.14 8.87 40.56
CA VAL B 19 -51.67 7.80 39.73
C VAL B 19 -51.49 8.14 38.26
N SER B 20 -51.96 9.32 37.88
CA SER B 20 -51.84 9.79 36.50
C SER B 20 -52.00 11.31 36.47
N PRO B 21 -51.35 11.96 35.49
CA PRO B 21 -51.42 13.42 35.36
C PRO B 21 -52.84 13.94 35.09
N MET B 22 -53.77 13.04 34.77
CA MET B 22 -55.14 13.44 34.45
C MET B 22 -56.07 13.37 35.66
N CYS B 23 -55.56 12.82 36.76
CA CYS B 23 -56.36 12.64 37.96
C CYS B 23 -56.45 13.91 38.78
N ALA B 24 -57.60 14.11 39.42
CA ALA B 24 -57.81 15.24 40.32
C ALA B 24 -58.30 14.72 41.67
N TRP B 25 -58.28 15.58 42.68
CA TRP B 25 -58.72 15.20 44.02
C TRP B 25 -59.72 16.21 44.57
N CYS B 26 -60.72 15.72 45.29
CA CYS B 26 -61.73 16.58 45.90
C CYS B 26 -61.59 16.58 47.42
N SER B 27 -61.40 17.77 47.99
CA SER B 27 -61.24 17.90 49.43
C SER B 27 -62.54 18.37 50.10
N ASP B 28 -63.58 18.52 49.30
CA ASP B 28 -64.85 19.06 49.78
C ASP B 28 -65.42 18.25 50.95
N GLU B 29 -65.99 18.95 51.92
CA GLU B 29 -66.63 18.32 53.06
C GLU B 29 -67.92 17.64 52.64
N ALA B 30 -68.77 18.38 51.94
CA ALA B 30 -70.08 17.87 51.52
C ALA B 30 -69.99 17.03 50.26
N LEU B 31 -69.28 15.91 50.35
CA LEU B 31 -69.19 14.98 49.23
C LEU B 31 -70.09 13.77 49.52
N PRO B 32 -70.86 13.35 48.51
CA PRO B 32 -71.85 12.28 48.69
C PRO B 32 -71.29 11.02 49.35
N LEU B 33 -72.18 10.08 49.67
CA LEU B 33 -71.82 8.87 50.39
C LEU B 33 -70.60 8.17 49.79
N GLY B 34 -70.82 7.41 48.73
CA GLY B 34 -69.77 6.62 48.13
C GLY B 34 -69.20 7.22 46.86
N SER B 35 -68.84 8.50 46.94
CA SER B 35 -68.22 9.18 45.80
C SER B 35 -66.71 9.14 45.90
N PRO B 36 -66.04 8.69 44.83
CA PRO B 36 -64.57 8.63 44.81
C PRO B 36 -63.95 10.02 44.76
N ARG B 37 -63.17 10.37 45.78
CA ARG B 37 -62.53 11.67 45.84
C ARG B 37 -61.45 11.84 44.78
N CYS B 38 -61.01 10.71 44.21
CA CYS B 38 -60.00 10.73 43.15
C CYS B 38 -60.61 10.33 41.82
N ASP B 39 -60.88 11.32 40.97
CA ASP B 39 -61.49 11.08 39.67
C ASP B 39 -61.16 12.23 38.73
N LEU B 40 -61.55 12.11 37.48
CA LEU B 40 -61.37 13.18 36.51
C LEU B 40 -62.01 14.47 37.02
N LYS B 41 -61.34 15.60 36.81
CA LYS B 41 -61.84 16.88 37.26
C LYS B 41 -63.28 17.12 36.79
N GLU B 42 -63.64 16.50 35.67
CA GLU B 42 -64.97 16.67 35.11
C GLU B 42 -66.00 15.88 35.92
N ASN B 43 -65.61 14.69 36.36
CA ASN B 43 -66.50 13.84 37.14
C ASN B 43 -66.72 14.38 38.54
N LEU B 44 -65.74 15.10 39.07
CA LEU B 44 -65.83 15.68 40.41
C LEU B 44 -66.81 16.85 40.44
N LEU B 45 -66.65 17.78 39.50
CA LEU B 45 -67.56 18.92 39.40
C LEU B 45 -68.98 18.45 39.11
N LYS B 46 -69.09 17.32 38.44
CA LYS B 46 -70.40 16.76 38.11
C LYS B 46 -71.12 16.29 39.37
N ASP B 47 -70.37 16.05 40.43
CA ASP B 47 -70.93 15.61 41.70
C ASP B 47 -70.97 16.75 42.72
N ASN B 48 -71.29 17.94 42.26
CA ASN B 48 -71.43 19.11 43.13
C ASN B 48 -70.20 19.34 44.01
N CYS B 49 -69.02 19.04 43.47
CA CYS B 49 -67.78 19.26 44.20
C CYS B 49 -67.37 20.73 44.11
N ALA B 50 -67.23 21.38 45.26
CA ALA B 50 -66.87 22.79 45.31
C ALA B 50 -65.67 23.06 44.43
N PRO B 51 -65.79 24.04 43.50
CA PRO B 51 -64.70 24.36 42.57
C PRO B 51 -63.36 24.63 43.26
N GLU B 52 -63.41 25.17 44.47
CA GLU B 52 -62.18 25.49 45.20
C GLU B 52 -61.60 24.25 45.87
N SER B 53 -62.40 23.20 45.97
CA SER B 53 -61.97 21.95 46.60
C SER B 53 -61.34 20.98 45.60
N ILE B 54 -61.11 21.45 44.38
CA ILE B 54 -60.47 20.63 43.36
C ILE B 54 -58.95 20.82 43.38
N GLU B 55 -58.24 19.72 43.62
CA GLU B 55 -56.78 19.71 43.53
C GLU B 55 -56.39 19.04 42.22
N PHE B 56 -55.99 19.85 41.24
CA PHE B 56 -55.66 19.33 39.91
C PHE B 56 -54.53 20.13 39.28
N PRO B 57 -53.28 19.82 39.67
CA PRO B 57 -52.09 20.48 39.12
C PRO B 57 -51.93 20.22 37.62
N VAL B 58 -51.48 21.24 36.89
CA VAL B 58 -51.25 21.10 35.45
C VAL B 58 -49.80 21.47 35.13
N SER B 59 -49.13 20.62 34.36
CA SER B 59 -47.75 20.88 33.96
C SER B 59 -47.68 22.05 32.98
N GLU B 60 -46.77 22.98 33.25
CA GLU B 60 -46.64 24.17 32.42
C GLU B 60 -45.17 24.52 32.19
N ALA B 61 -44.93 25.49 31.31
CA ALA B 61 -43.57 25.91 30.98
C ALA B 61 -43.56 27.36 30.49
N ARG B 62 -43.40 28.29 31.42
CA ARG B 62 -43.40 29.71 31.06
C ARG B 62 -41.99 30.30 31.12
N VAL B 63 -41.72 31.23 30.21
CA VAL B 63 -40.40 31.83 30.11
C VAL B 63 -40.22 32.95 31.14
N LEU B 64 -39.03 33.00 31.75
CA LEU B 64 -38.71 34.06 32.70
C LEU B 64 -37.83 35.12 32.05
N GLU B 65 -36.94 34.69 31.16
CA GLU B 65 -36.09 35.60 30.40
C GLU B 65 -36.18 35.24 28.93
N ASP B 66 -36.47 36.24 28.09
CA ASP B 66 -36.68 35.98 26.67
C ASP B 66 -36.11 37.10 25.80
N ARG B 67 -34.88 37.52 26.11
CA ARG B 67 -34.19 38.48 25.27
C ARG B 67 -34.20 38.02 23.82
N PRO B 68 -34.42 38.95 22.88
CA PRO B 68 -34.37 38.59 21.46
C PRO B 68 -32.94 38.36 20.99
N LEU B 69 -32.78 37.47 20.00
CA LEU B 69 -31.47 37.18 19.43
C LEU B 69 -30.87 38.44 18.79
N SER B 70 -29.57 38.62 18.98
CA SER B 70 -28.86 39.76 18.40
C SER B 70 -28.69 39.57 16.91
N ASP B 71 -28.69 40.68 16.17
CA ASP B 71 -28.42 40.64 14.74
C ASP B 71 -26.92 40.78 14.49
N LYS B 72 -26.24 41.46 15.40
CA LYS B 72 -24.79 41.66 15.30
C LYS B 72 -24.11 41.38 16.64
N GLY B 73 -22.91 40.81 16.57
CA GLY B 73 -22.11 40.54 17.75
C GLY B 73 -21.10 41.65 17.99
N SER B 74 -21.14 42.68 17.14
CA SER B 74 -20.24 43.81 17.25
C SER B 74 -20.64 44.71 18.42
N GLY B 75 -19.78 45.65 18.75
CA GLY B 75 -20.05 46.58 19.82
C GLY B 75 -20.44 45.89 21.11
N ASP B 76 -20.98 46.66 22.05
CA ASP B 76 -21.39 46.13 23.35
C ASP B 76 -20.19 45.56 24.10
N SER B 77 -20.32 45.46 25.42
CA SER B 77 -19.29 44.84 26.24
C SER B 77 -19.73 43.43 26.59
N SER B 78 -20.35 42.75 25.62
CA SER B 78 -20.87 41.41 25.78
C SER B 78 -22.30 41.40 26.32
N GLN B 79 -23.18 42.12 25.63
CA GLN B 79 -24.60 42.03 25.90
C GLN B 79 -25.27 41.37 24.70
N VAL B 80 -24.51 40.49 24.04
CA VAL B 80 -24.97 39.80 22.85
C VAL B 80 -25.78 38.56 23.23
N THR B 81 -26.91 38.36 22.56
CA THR B 81 -27.74 37.19 22.81
C THR B 81 -27.70 36.27 21.59
N GLN B 82 -27.31 35.02 21.81
CA GLN B 82 -27.25 34.04 20.74
C GLN B 82 -28.02 32.77 21.10
N VAL B 83 -28.68 32.79 22.26
CA VAL B 83 -29.54 31.71 22.68
C VAL B 83 -30.80 32.31 23.30
N SER B 84 -31.97 31.76 22.94
CA SER B 84 -33.23 32.29 23.42
C SER B 84 -34.30 31.21 23.47
N PRO B 85 -35.10 31.18 24.55
CA PRO B 85 -34.98 32.09 25.70
C PRO B 85 -33.75 31.75 26.55
N GLN B 86 -33.50 32.55 27.58
CA GLN B 86 -32.34 32.32 28.44
C GLN B 86 -32.72 31.58 29.72
N ARG B 87 -33.98 31.74 30.14
CA ARG B 87 -34.45 31.10 31.36
C ARG B 87 -35.94 30.80 31.27
N ILE B 88 -36.32 29.61 31.70
CA ILE B 88 -37.73 29.22 31.75
C ILE B 88 -38.03 28.47 33.04
N ALA B 89 -39.28 28.56 33.48
CA ALA B 89 -39.72 27.84 34.66
C ALA B 89 -40.56 26.64 34.24
N LEU B 90 -40.12 25.45 34.63
CA LEU B 90 -40.81 24.22 34.27
C LEU B 90 -41.52 23.65 35.49
N ARG B 91 -42.77 23.23 35.30
CA ARG B 91 -43.52 22.59 36.37
C ARG B 91 -44.08 21.26 35.88
N LEU B 92 -43.78 20.19 36.64
CA LEU B 92 -44.18 18.85 36.25
C LEU B 92 -44.81 18.09 37.42
N ARG B 93 -45.83 17.30 37.12
CA ARG B 93 -46.42 16.41 38.13
C ARG B 93 -45.97 14.98 37.83
N PRO B 94 -46.13 14.08 38.81
CA PRO B 94 -45.60 12.71 38.68
C PRO B 94 -45.86 12.06 37.32
N ASP B 95 -44.81 11.51 36.73
CA ASP B 95 -44.91 10.79 35.46
C ASP B 95 -45.58 11.62 34.36
N ASP B 96 -45.27 12.90 34.33
CA ASP B 96 -45.80 13.78 33.29
C ASP B 96 -44.66 14.38 32.48
N SER B 97 -45.00 15.12 31.43
CA SER B 97 -43.99 15.76 30.60
C SER B 97 -44.51 17.06 30.02
N LYS B 98 -43.59 17.92 29.60
CA LYS B 98 -43.93 19.20 29.01
C LYS B 98 -42.86 19.57 27.99
N ASN B 99 -43.28 20.20 26.89
CA ASN B 99 -42.34 20.57 25.83
C ASN B 99 -42.03 22.06 25.85
N PHE B 100 -40.84 22.41 25.37
CA PHE B 100 -40.42 23.80 25.23
C PHE B 100 -39.42 23.92 24.09
N SER B 101 -39.12 25.15 23.68
CA SER B 101 -38.27 25.38 22.53
C SER B 101 -37.05 26.23 22.86
N ILE B 102 -36.02 26.11 22.03
CA ILE B 102 -34.82 26.92 22.17
C ILE B 102 -34.30 27.32 20.80
N GLN B 103 -33.96 28.59 20.65
CA GLN B 103 -33.41 29.11 19.41
C GLN B 103 -31.93 29.44 19.59
N VAL B 104 -31.11 29.05 18.62
CA VAL B 104 -29.68 29.32 18.65
C VAL B 104 -29.25 30.00 17.36
N ARG B 105 -28.46 31.07 17.49
CA ARG B 105 -28.01 31.82 16.32
C ARG B 105 -26.50 31.94 16.26
N GLN B 106 -25.96 31.70 15.06
CA GLN B 106 -24.55 31.97 14.80
C GLN B 106 -24.46 33.45 14.43
N VAL B 107 -24.30 34.29 15.44
CA VAL B 107 -24.37 35.73 15.26
CA VAL B 107 -24.36 35.74 15.26
C VAL B 107 -23.28 36.25 14.31
N GLU B 108 -23.63 37.27 13.53
CA GLU B 108 -22.70 37.88 12.59
C GLU B 108 -21.84 38.93 13.27
N ASP B 109 -20.59 39.04 12.83
CA ASP B 109 -19.67 40.03 13.36
C ASP B 109 -19.40 39.79 14.84
N TYR B 110 -18.89 38.61 15.15
CA TYR B 110 -18.54 38.26 16.52
C TYR B 110 -17.01 38.34 16.68
N PRO B 111 -16.53 38.83 17.83
CA PRO B 111 -15.09 38.98 18.04
C PRO B 111 -14.33 37.66 17.83
N VAL B 112 -13.07 37.76 17.42
CA VAL B 112 -12.26 36.57 17.16
C VAL B 112 -10.83 36.74 17.68
N ASP B 113 -10.38 35.77 18.47
CA ASP B 113 -8.99 35.70 18.89
C ASP B 113 -8.29 34.62 18.09
N ILE B 114 -7.15 34.96 17.47
CA ILE B 114 -6.35 33.97 16.76
C ILE B 114 -4.93 33.97 17.28
N TYR B 115 -4.55 32.90 17.97
CA TYR B 115 -3.19 32.74 18.45
C TYR B 115 -2.44 31.77 17.55
N TYR B 116 -1.39 32.27 16.92
CA TYR B 116 -0.58 31.48 15.98
C TYR B 116 0.53 30.78 16.73
N LEU B 117 0.47 29.45 16.78
CA LEU B 117 1.46 28.65 17.50
C LEU B 117 2.32 27.88 16.50
N MET B 118 3.59 28.26 16.39
CA MET B 118 4.41 27.83 15.28
C MET B 118 5.58 26.94 15.67
N ASP B 119 5.72 25.83 14.97
CA ASP B 119 6.92 25.00 15.00
C ASP B 119 8.07 25.82 14.42
N LEU B 120 9.15 25.97 15.18
CA LEU B 120 10.31 26.73 14.70
C LEU B 120 11.60 25.92 14.71
N SER B 121 11.48 24.62 14.47
CA SER B 121 12.65 23.80 14.19
C SER B 121 13.16 24.20 12.81
N TYR B 122 14.33 23.68 12.43
CA TYR B 122 15.05 24.21 11.28
C TYR B 122 14.28 24.17 9.95
N SER B 123 13.45 23.14 9.77
CA SER B 123 12.73 22.98 8.49
C SER B 123 11.60 24.00 8.33
N MET B 124 11.39 24.83 9.34
CA MET B 124 10.35 25.86 9.29
C MET B 124 10.96 27.24 9.01
N LYS B 125 12.22 27.24 8.60
CA LYS B 125 12.93 28.49 8.33
C LYS B 125 12.29 29.25 7.15
N ASP B 126 11.95 28.53 6.10
CA ASP B 126 11.33 29.15 4.93
C ASP B 126 9.90 29.58 5.25
N ASP B 127 9.21 28.81 6.09
CA ASP B 127 7.87 29.14 6.54
C ASP B 127 7.86 30.50 7.24
N LEU B 128 8.84 30.71 8.09
CA LEU B 128 8.95 31.93 8.88
C LEU B 128 9.10 33.15 7.97
N TRP B 129 9.70 32.95 6.81
CA TRP B 129 9.88 34.03 5.85
C TRP B 129 8.56 34.36 5.14
N SER B 130 7.73 33.35 4.95
CA SER B 130 6.47 33.51 4.21
C SER B 130 5.42 34.30 4.97
N ILE B 131 5.44 34.22 6.30
CA ILE B 131 4.35 34.80 7.10
C ILE B 131 4.69 36.15 7.72
N GLN B 132 5.76 36.79 7.28
CA GLN B 132 6.14 38.07 7.88
C GLN B 132 5.16 39.20 7.55
N ASN B 133 4.20 38.93 6.66
CA ASN B 133 3.14 39.91 6.37
CA ASN B 133 3.14 39.90 6.35
C ASN B 133 1.76 39.33 6.63
N LEU B 134 1.72 38.17 7.29
CA LEU B 134 0.46 37.47 7.56
C LEU B 134 -0.46 38.28 8.45
N GLY B 135 0.10 39.01 9.41
CA GLY B 135 -0.69 39.81 10.33
C GLY B 135 -1.63 40.75 9.59
N THR B 136 -1.07 41.50 8.65
CA THR B 136 -1.85 42.49 7.90
C THR B 136 -2.74 41.82 6.85
N LYS B 137 -2.23 40.78 6.20
CA LYS B 137 -3.01 40.07 5.19
C LYS B 137 -4.19 39.35 5.83
N LEU B 138 -3.98 38.83 7.04
CA LEU B 138 -5.04 38.15 7.77
C LEU B 138 -6.09 39.15 8.21
N ALA B 139 -5.65 40.29 8.73
CA ALA B 139 -6.54 41.36 9.14
C ALA B 139 -7.47 41.76 7.99
N THR B 140 -6.90 41.88 6.79
CA THR B 140 -7.66 42.30 5.62
C THR B 140 -8.82 41.35 5.32
N GLN B 141 -8.54 40.05 5.38
CA GLN B 141 -9.55 39.05 5.06
C GLN B 141 -10.56 38.85 6.20
N MET B 142 -10.08 38.86 7.44
CA MET B 142 -10.96 38.67 8.59
C MET B 142 -11.83 39.90 8.82
N ARG B 143 -11.40 41.04 8.30
CA ARG B 143 -12.16 42.27 8.39
C ARG B 143 -13.52 42.10 7.72
N LYS B 144 -13.59 41.19 6.75
CA LYS B 144 -14.82 40.92 6.03
C LYS B 144 -15.81 40.16 6.91
N LEU B 145 -15.31 39.51 7.96
CA LEU B 145 -16.15 38.68 8.82
C LEU B 145 -16.39 39.28 10.19
N THR B 146 -15.38 39.92 10.75
CA THR B 146 -15.49 40.49 12.10
C THR B 146 -14.84 41.87 12.15
N SER B 147 -15.31 42.69 13.08
CA SER B 147 -14.73 44.01 13.30
C SER B 147 -13.94 44.05 14.61
N ASN B 148 -13.81 42.90 15.26
CA ASN B 148 -13.05 42.80 16.50
C ASN B 148 -12.05 41.64 16.46
N LEU B 149 -10.98 41.82 15.69
CA LEU B 149 -9.96 40.78 15.55
C LEU B 149 -8.75 41.07 16.43
N ARG B 150 -8.34 40.08 17.22
CA ARG B 150 -7.07 40.14 17.93
C ARG B 150 -6.21 38.95 17.50
N ILE B 151 -4.91 39.16 17.37
CA ILE B 151 -4.00 38.09 17.00
C ILE B 151 -2.76 38.11 17.88
N GLY B 152 -2.11 36.95 17.99
CA GLY B 152 -0.95 36.78 18.83
C GLY B 152 -0.07 35.67 18.29
N PHE B 153 1.09 35.47 18.90
CA PHE B 153 2.07 34.55 18.35
C PHE B 153 2.89 33.87 19.45
N GLY B 154 3.05 32.55 19.30
CA GLY B 154 3.94 31.78 20.14
C GLY B 154 4.71 30.80 19.28
N ALA B 155 5.79 30.24 19.82
CA ALA B 155 6.61 29.31 19.07
C ALA B 155 7.13 28.17 19.95
N PHE B 156 7.42 27.04 19.33
CA PHE B 156 7.94 25.90 20.08
C PHE B 156 8.96 25.13 19.25
N VAL B 157 9.84 24.41 19.93
CA VAL B 157 10.66 23.40 19.27
C VAL B 157 10.46 22.07 20.00
N ASP B 158 11.14 21.87 21.11
CA ASP B 158 11.05 20.62 21.86
C ASP B 158 11.70 20.82 23.22
N LYS B 159 11.56 19.84 24.12
CA LYS B 159 12.18 19.94 25.44
C LYS B 159 13.69 20.10 25.29
N PRO B 160 14.23 21.23 25.79
CA PRO B 160 15.67 21.49 25.70
C PRO B 160 16.47 20.62 26.65
N VAL B 161 16.51 19.33 26.35
CA VAL B 161 17.23 18.37 27.17
C VAL B 161 17.68 17.21 26.28
N SER B 162 18.80 16.58 26.65
CA SER B 162 19.26 15.41 25.91
C SER B 162 18.23 14.29 26.08
N PRO B 163 18.00 13.48 25.04
CA PRO B 163 18.64 13.44 23.72
C PRO B 163 17.98 14.30 22.63
N TYR B 164 16.93 15.04 22.97
CA TYR B 164 16.27 15.90 21.98
C TYR B 164 17.19 17.04 21.58
N MET B 165 18.03 17.46 22.51
CA MET B 165 18.90 18.62 22.33
C MET B 165 20.34 18.18 22.13
N TYR B 166 21.06 18.86 21.23
CA TYR B 166 22.50 18.64 21.08
C TYR B 166 23.21 19.32 22.24
N ILE B 167 24.07 18.58 22.94
CA ILE B 167 24.71 19.10 24.14
C ILE B 167 26.23 19.07 24.09
N SER B 168 26.80 18.96 22.89
CA SER B 168 28.25 19.02 22.73
C SER B 168 28.62 19.34 21.28
N PRO B 169 29.72 20.07 21.07
CA PRO B 169 30.54 20.69 22.13
C PRO B 169 29.81 21.91 22.70
N PRO B 170 30.42 22.59 23.69
CA PRO B 170 29.77 23.74 24.32
C PRO B 170 29.20 24.74 23.32
N GLU B 171 29.89 24.90 22.20
CA GLU B 171 29.44 25.80 21.14
C GLU B 171 28.03 25.45 20.66
N ALA B 172 27.70 24.16 20.69
CA ALA B 172 26.42 23.67 20.17
C ALA B 172 25.23 24.10 21.04
N LEU B 173 25.51 24.43 22.30
CA LEU B 173 24.44 24.87 23.20
C LEU B 173 23.99 26.29 22.85
N GLU B 174 24.94 27.16 22.52
CA GLU B 174 24.63 28.54 22.17
C GLU B 174 24.19 28.64 20.70
N ASN B 175 24.70 27.74 19.89
CA ASN B 175 24.37 27.71 18.46
C ASN B 175 24.25 26.27 17.97
N PRO B 176 23.04 25.70 18.05
CA PRO B 176 22.81 24.32 17.63
C PRO B 176 23.16 24.07 16.16
N CYS B 177 23.31 25.14 15.38
CA CYS B 177 23.61 25.00 13.96
C CYS B 177 25.10 25.17 13.67
N TYR B 178 25.93 25.02 14.70
CA TYR B 178 27.36 25.26 14.57
C TYR B 178 28.03 24.29 13.59
N ASP B 179 27.60 23.03 13.62
CA ASP B 179 28.23 21.99 12.79
C ASP B 179 27.79 22.12 11.34
N MET B 180 26.80 22.97 11.09
CA MET B 180 26.46 23.40 9.74
C MET B 180 27.18 24.72 9.53
N LYS B 181 26.87 25.44 8.46
CA LYS B 181 27.53 26.71 8.19
C LYS B 181 26.59 27.90 8.40
N THR B 182 25.89 27.89 9.54
CA THR B 182 24.97 28.97 9.87
C THR B 182 24.82 29.14 11.37
N THR B 183 23.98 30.09 11.76
CA THR B 183 23.69 30.34 13.16
C THR B 183 22.19 30.21 13.40
N CYS B 184 21.82 29.60 14.53
CA CYS B 184 20.42 29.58 14.94
C CYS B 184 20.30 29.76 16.44
N LEU B 185 19.08 29.98 16.93
CA LEU B 185 18.83 30.20 18.34
C LEU B 185 19.13 28.96 19.18
N PRO B 186 19.58 29.17 20.43
CA PRO B 186 19.62 28.07 21.38
C PRO B 186 18.24 27.42 21.47
N MET B 187 18.20 26.15 21.84
N MET B 187 18.21 26.15 21.84
CA MET B 187 16.94 25.41 21.88
CA MET B 187 16.96 25.39 21.93
C MET B 187 16.02 25.92 22.97
C MET B 187 16.02 25.95 22.99
N PHE B 188 14.73 25.92 22.68
CA PHE B 188 13.70 26.34 23.63
C PHE B 188 12.47 25.45 23.45
N GLY B 189 11.75 25.22 24.54
CA GLY B 189 10.58 24.37 24.51
C GLY B 189 9.39 25.11 23.93
N TYR B 190 8.87 26.06 24.69
CA TYR B 190 7.81 26.92 24.22
C TYR B 190 8.07 28.35 24.70
N LYS B 191 7.86 29.32 23.83
CA LYS B 191 7.94 30.71 24.26
C LYS B 191 6.77 31.52 23.72
N HIS B 192 6.14 32.26 24.62
CA HIS B 192 5.11 33.21 24.24
C HIS B 192 5.80 34.45 23.70
N VAL B 193 5.30 34.97 22.58
CA VAL B 193 5.96 36.08 21.92
C VAL B 193 5.08 37.33 21.91
N LEU B 194 3.84 37.18 21.47
CA LEU B 194 2.93 38.31 21.34
C LEU B 194 1.54 38.01 21.89
N THR B 195 1.18 38.72 22.96
CA THR B 195 -0.15 38.64 23.56
C THR B 195 -1.19 39.10 22.55
N LEU B 196 -2.32 38.41 22.51
CA LEU B 196 -3.40 38.77 21.60
C LEU B 196 -3.67 40.27 21.59
N THR B 197 -3.55 40.88 20.42
CA THR B 197 -3.76 42.32 20.28
C THR B 197 -4.44 42.65 18.95
N ASP B 198 -5.12 43.79 18.90
CA ASP B 198 -5.74 44.24 17.65
C ASP B 198 -4.78 45.06 16.78
N GLN B 199 -3.57 45.30 17.29
CA GLN B 199 -2.55 46.02 16.54
C GLN B 199 -1.75 45.04 15.68
N VAL B 200 -2.25 44.75 14.49
CA VAL B 200 -1.74 43.62 13.71
C VAL B 200 -0.29 43.78 13.21
N THR B 201 0.19 45.01 13.06
CA THR B 201 1.56 45.22 12.62
C THR B 201 2.54 44.79 13.71
N ARG B 202 2.06 44.66 14.93
CA ARG B 202 2.85 44.09 16.01
C ARG B 202 3.18 42.63 15.69
N PHE B 203 2.25 41.96 15.04
CA PHE B 203 2.44 40.58 14.62
C PHE B 203 3.55 40.50 13.57
N ASN B 204 3.42 41.30 12.51
CA ASN B 204 4.43 41.35 11.46
C ASN B 204 5.82 41.60 12.01
N GLU B 205 5.95 42.61 12.87
CA GLU B 205 7.26 43.01 13.36
C GLU B 205 7.86 42.01 14.36
N GLU B 206 7.01 41.37 15.16
CA GLU B 206 7.51 40.33 16.06
C GLU B 206 8.01 39.15 15.25
N VAL B 207 7.24 38.76 14.24
CA VAL B 207 7.57 37.63 13.39
C VAL B 207 8.89 37.83 12.64
N LYS B 208 9.12 39.06 12.17
CA LYS B 208 10.34 39.40 11.44
C LYS B 208 11.60 39.30 12.31
N LYS B 209 11.43 39.25 13.63
CA LYS B 209 12.56 39.13 14.54
C LYS B 209 12.76 37.68 14.99
N GLN B 210 11.77 36.83 14.73
CA GLN B 210 11.86 35.43 15.11
C GLN B 210 12.85 34.69 14.23
N SER B 211 13.46 33.64 14.79
CA SER B 211 14.32 32.77 14.01
C SER B 211 14.21 31.34 14.53
N VAL B 212 14.63 30.39 13.69
CA VAL B 212 14.50 28.98 14.04
C VAL B 212 15.59 28.49 14.97
N SER B 213 15.38 27.30 15.51
CA SER B 213 16.43 26.58 16.20
C SER B 213 16.57 25.19 15.58
N ARG B 214 17.26 24.30 16.27
CA ARG B 214 17.54 22.98 15.74
C ARG B 214 17.58 21.94 16.85
N ASN B 215 17.01 20.77 16.59
CA ASN B 215 17.04 19.69 17.55
C ASN B 215 17.16 18.34 16.84
N ARG B 216 17.29 17.27 17.61
CA ARG B 216 17.74 16.00 17.06
C ARG B 216 16.62 15.12 16.50
N ASP B 217 15.58 14.86 17.28
CA ASP B 217 14.56 13.90 16.87
C ASP B 217 13.36 14.56 16.18
N ALA B 218 12.74 13.81 15.28
CA ALA B 218 11.71 14.34 14.39
C ALA B 218 10.45 14.78 15.12
N PRO B 219 9.90 13.94 16.01
CA PRO B 219 8.72 14.40 16.75
C PRO B 219 9.08 15.64 17.55
N GLU B 220 8.17 16.61 17.64
CA GLU B 220 8.47 17.86 18.33
C GLU B 220 7.58 18.06 19.56
N GLY B 221 7.79 19.16 20.28
CA GLY B 221 7.15 19.38 21.56
C GLY B 221 5.95 20.32 21.50
N GLY B 222 5.20 20.24 20.40
CA GLY B 222 4.07 21.13 20.19
C GLY B 222 2.95 21.00 21.21
N PHE B 223 2.70 19.77 21.68
CA PHE B 223 1.61 19.54 22.63
C PHE B 223 1.88 20.24 23.96
N ASP B 224 3.15 20.29 24.38
CA ASP B 224 3.51 21.10 25.53
C ASP B 224 3.02 22.53 25.32
N ALA B 225 3.24 23.03 24.11
CA ALA B 225 2.93 24.42 23.79
C ALA B 225 1.43 24.65 23.69
N ILE B 226 0.70 23.65 23.20
CA ILE B 226 -0.76 23.76 23.11
C ILE B 226 -1.35 23.86 24.51
N MET B 227 -0.83 23.05 25.43
CA MET B 227 -1.30 23.07 26.80
C MET B 227 -1.11 24.46 27.43
N GLN B 228 0.11 24.98 27.34
CA GLN B 228 0.43 26.28 27.93
C GLN B 228 -0.35 27.41 27.28
N ALA B 229 -0.45 27.38 25.96
CA ALA B 229 -1.20 28.39 25.22
C ALA B 229 -2.66 28.39 25.64
N THR B 230 -3.11 27.26 26.19
CA THR B 230 -4.50 27.09 26.58
C THR B 230 -4.76 27.51 28.03
N VAL B 231 -3.86 27.15 28.95
CA VAL B 231 -4.12 27.39 30.37
C VAL B 231 -3.45 28.66 30.91
N CYS B 232 -2.61 29.29 30.10
CA CYS B 232 -2.03 30.58 30.47
C CYS B 232 -2.90 31.72 29.93
N ASP B 233 -4.08 31.88 30.52
CA ASP B 233 -5.09 32.82 30.04
C ASP B 233 -4.64 34.27 29.97
N GLU B 234 -4.20 34.81 31.09
CA GLU B 234 -3.84 36.22 31.15
C GLU B 234 -2.69 36.53 30.20
N LYS B 235 -1.68 35.68 30.22
CA LYS B 235 -0.50 35.88 29.40
C LYS B 235 -0.82 35.84 27.90
N ILE B 236 -1.55 34.81 27.47
CA ILE B 236 -1.91 34.70 26.07
C ILE B 236 -2.93 35.78 25.69
N GLY B 237 -3.89 36.00 26.58
CA GLY B 237 -4.80 37.12 26.46
C GLY B 237 -6.15 36.80 25.85
N TRP B 238 -6.58 35.55 25.93
CA TRP B 238 -7.89 35.17 25.42
C TRP B 238 -8.97 36.06 26.02
N ARG B 239 -9.95 36.46 25.21
CA ARG B 239 -11.06 37.29 25.67
C ARG B 239 -12.27 36.44 26.03
N ASN B 240 -13.01 36.87 27.05
CA ASN B 240 -14.19 36.14 27.50
C ASN B 240 -15.21 35.95 26.37
N ASP B 241 -15.51 37.03 25.66
CA ASP B 241 -16.52 36.98 24.61
C ASP B 241 -15.92 37.08 23.23
N ALA B 242 -15.44 35.95 22.73
CA ALA B 242 -14.84 35.86 21.41
C ALA B 242 -14.64 34.40 21.05
N SER B 243 -14.62 34.11 19.75
CA SER B 243 -14.21 32.80 19.28
C SER B 243 -12.71 32.70 19.49
N HIS B 244 -12.26 31.58 20.05
CA HIS B 244 -10.84 31.36 20.29
C HIS B 244 -10.30 30.36 19.30
N LEU B 245 -9.40 30.82 18.41
CA LEU B 245 -8.76 29.94 17.44
C LEU B 245 -7.28 29.77 17.77
N LEU B 246 -6.89 28.54 18.06
CA LEU B 246 -5.50 28.22 18.30
C LEU B 246 -4.93 27.54 17.05
N VAL B 247 -4.12 28.27 16.29
CA VAL B 247 -3.60 27.74 15.04
C VAL B 247 -2.23 27.07 15.25
N PHE B 248 -2.20 25.76 15.07
CA PHE B 248 -1.02 24.97 15.33
C PHE B 248 -0.40 24.53 14.00
N THR B 249 0.79 25.04 13.70
CA THR B 249 1.45 24.72 12.43
C THR B 249 2.73 23.93 12.65
N THR B 250 2.85 22.81 11.95
CA THR B 250 4.04 21.98 12.02
C THR B 250 4.14 21.09 10.80
N ASP B 251 5.35 20.59 10.52
CA ASP B 251 5.57 19.69 9.40
C ASP B 251 6.06 18.33 9.87
N ALA B 252 5.86 18.01 11.15
CA ALA B 252 6.46 16.83 11.75
C ALA B 252 5.51 16.11 12.71
N LYS B 253 5.90 14.90 13.10
CA LYS B 253 5.18 14.15 14.13
C LYS B 253 5.27 14.90 15.45
N THR B 254 4.55 14.42 16.46
CA THR B 254 4.53 15.10 17.76
C THR B 254 4.81 14.13 18.90
N HIS B 255 5.48 14.61 19.94
CA HIS B 255 5.66 13.85 21.15
C HIS B 255 4.36 13.83 21.94
N ILE B 256 4.14 12.74 22.67
CA ILE B 256 2.93 12.55 23.46
C ILE B 256 3.31 12.10 24.86
N ALA B 257 2.34 12.10 25.77
CA ALA B 257 2.58 11.68 27.15
C ALA B 257 3.28 10.33 27.21
N LEU B 258 4.26 10.22 28.11
CA LEU B 258 5.08 9.02 28.32
C LEU B 258 6.33 8.97 27.42
N ASP B 259 6.41 9.83 26.42
CA ASP B 259 7.64 9.99 25.64
C ASP B 259 8.77 10.55 26.49
N GLY B 260 8.39 11.38 27.47
CA GLY B 260 9.36 12.15 28.23
C GLY B 260 10.37 11.31 28.98
N ARG B 261 10.05 10.03 29.15
CA ARG B 261 10.91 9.12 29.89
C ARG B 261 12.23 8.89 29.17
N LEU B 262 12.28 9.17 27.87
CA LEU B 262 13.55 9.08 27.16
C LEU B 262 14.51 10.21 27.56
N ALA B 263 13.98 11.23 28.23
CA ALA B 263 14.82 12.29 28.78
C ALA B 263 14.83 12.23 30.31
N GLY B 264 14.39 11.10 30.86
CA GLY B 264 14.37 10.91 32.30
C GLY B 264 13.26 11.64 33.01
N ILE B 265 12.26 12.10 32.25
CA ILE B 265 11.14 12.85 32.81
C ILE B 265 9.94 11.94 33.00
N VAL B 266 9.53 11.74 34.24
CA VAL B 266 8.42 10.83 34.54
C VAL B 266 7.23 11.53 35.20
N GLN B 267 7.44 12.74 35.69
CA GLN B 267 6.35 13.48 36.32
C GLN B 267 5.26 13.82 35.31
N PRO B 268 4.01 13.39 35.58
CA PRO B 268 2.91 13.72 34.67
C PRO B 268 2.66 15.21 34.55
N ASN B 269 2.20 15.63 33.38
CA ASN B 269 1.78 17.01 33.15
C ASN B 269 0.68 17.37 34.14
N ASP B 270 0.78 18.54 34.77
CA ASP B 270 -0.21 18.94 35.78
C ASP B 270 -1.30 19.85 35.21
N GLY B 271 -1.20 20.16 33.92
CA GLY B 271 -2.20 21.01 33.27
C GLY B 271 -2.28 22.42 33.81
N GLN B 272 -1.23 22.88 34.50
CA GLN B 272 -1.22 24.23 35.07
C GLN B 272 -0.28 25.14 34.28
N CYS B 273 -0.43 26.45 34.48
CA CYS B 273 0.41 27.41 33.79
C CYS B 273 1.80 27.45 34.39
N HIS B 274 2.82 27.40 33.54
CA HIS B 274 4.20 27.52 33.99
C HIS B 274 5.00 28.45 33.08
N VAL B 275 4.34 29.46 32.55
CA VAL B 275 5.00 30.49 31.75
C VAL B 275 5.08 31.78 32.55
N GLY B 276 6.28 32.12 33.00
CA GLY B 276 6.48 33.29 33.83
C GLY B 276 6.79 34.55 33.04
N SER B 277 7.51 35.47 33.68
CA SER B 277 7.76 36.79 33.11
C SER B 277 8.73 36.75 31.94
N ASP B 278 9.58 35.73 31.90
CA ASP B 278 10.52 35.59 30.79
C ASP B 278 9.85 34.99 29.56
N ASN B 279 8.57 34.64 29.70
CA ASN B 279 7.76 34.16 28.58
C ASN B 279 8.15 32.77 28.03
N HIS B 280 8.96 32.03 28.78
CA HIS B 280 9.31 30.67 28.41
C HIS B 280 8.62 29.66 29.35
N TYR B 281 8.39 28.46 28.83
CA TYR B 281 7.77 27.38 29.59
C TYR B 281 8.81 26.75 30.51
N SER B 282 8.69 27.00 31.81
CA SER B 282 9.74 26.64 32.75
C SER B 282 9.72 25.18 33.21
N ALA B 283 8.63 24.47 32.96
CA ALA B 283 8.53 23.06 33.34
C ALA B 283 8.85 22.13 32.18
N SER B 284 9.38 22.71 31.10
CA SER B 284 9.68 21.96 29.89
C SER B 284 10.59 20.76 30.14
N THR B 285 11.57 20.95 31.03
CA THR B 285 12.57 19.92 31.29
C THR B 285 12.32 19.11 32.57
N THR B 286 11.15 19.31 33.19
CA THR B 286 10.84 18.61 34.43
C THR B 286 9.46 17.94 34.42
N MET B 287 8.69 18.17 33.36
CA MET B 287 7.31 17.71 33.32
C MET B 287 7.04 17.05 31.97
N ASP B 288 6.36 15.91 31.99
CA ASP B 288 6.13 15.12 30.79
C ASP B 288 5.19 15.85 29.82
N TYR B 289 5.19 15.42 28.57
CA TYR B 289 4.23 15.93 27.59
C TYR B 289 2.83 15.59 28.08
N PRO B 290 1.83 16.39 27.67
CA PRO B 290 0.44 16.14 28.09
C PRO B 290 -0.24 15.07 27.25
N SER B 291 -1.22 14.40 27.84
CA SER B 291 -1.97 13.36 27.13
C SER B 291 -3.09 14.00 26.33
N LEU B 292 -3.67 13.26 25.40
CA LEU B 292 -4.78 13.78 24.59
C LEU B 292 -5.96 14.15 25.47
N GLY B 293 -6.25 13.30 26.45
CA GLY B 293 -7.37 13.53 27.35
C GLY B 293 -7.24 14.82 28.13
N LEU B 294 -6.04 15.08 28.66
CA LEU B 294 -5.81 16.29 29.45
C LEU B 294 -5.90 17.53 28.56
N MET B 295 -5.33 17.45 27.36
CA MET B 295 -5.44 18.54 26.39
C MET B 295 -6.90 18.84 26.09
N THR B 296 -7.68 17.79 25.85
CA THR B 296 -9.09 17.94 25.54
C THR B 296 -9.84 18.64 26.68
N GLU B 297 -9.54 18.25 27.91
CA GLU B 297 -10.18 18.84 29.08
C GLU B 297 -9.95 20.35 29.13
N LYS B 298 -8.70 20.77 28.91
CA LYS B 298 -8.34 22.18 29.02
C LYS B 298 -8.85 23.00 27.85
N LEU B 299 -8.73 22.46 26.64
CA LEU B 299 -9.26 23.11 25.45
C LEU B 299 -10.75 23.39 25.62
N SER B 300 -11.48 22.37 26.05
CA SER B 300 -12.91 22.47 26.27
C SER B 300 -13.24 23.48 27.38
N GLN B 301 -12.48 23.41 28.46
CA GLN B 301 -12.69 24.29 29.61
C GLN B 301 -12.49 25.76 29.25
N LYS B 302 -11.49 26.04 28.41
CA LYS B 302 -11.21 27.42 28.00
C LYS B 302 -11.90 27.78 26.69
N ASN B 303 -12.71 26.86 26.16
CA ASN B 303 -13.40 27.08 24.90
CA ASN B 303 -13.39 27.07 24.90
C ASN B 303 -12.42 27.45 23.78
N ILE B 304 -11.38 26.63 23.60
CA ILE B 304 -10.40 26.87 22.56
C ILE B 304 -10.65 25.95 21.39
N ASN B 305 -10.66 26.51 20.18
CA ASN B 305 -10.78 25.72 18.97
C ASN B 305 -9.40 25.47 18.37
N LEU B 306 -8.93 24.24 18.50
CA LEU B 306 -7.61 23.88 18.02
C LEU B 306 -7.65 23.55 16.53
N ILE B 307 -6.75 24.18 15.77
CA ILE B 307 -6.64 23.93 14.35
C ILE B 307 -5.26 23.34 14.03
N PHE B 308 -5.27 22.11 13.54
CA PHE B 308 -4.03 21.47 13.08
C PHE B 308 -3.77 21.87 11.63
N ALA B 309 -2.85 22.82 11.43
CA ALA B 309 -2.43 23.22 10.08
C ALA B 309 -1.09 22.58 9.76
N VAL B 310 -1.12 21.39 9.17
CA VAL B 310 0.08 20.59 9.02
C VAL B 310 0.32 20.17 7.56
N THR B 311 1.55 19.78 7.26
CA THR B 311 1.94 19.43 5.90
C THR B 311 1.41 18.06 5.49
N GLU B 312 1.29 17.83 4.18
CA GLU B 312 0.61 16.65 3.67
C GLU B 312 1.23 15.34 4.16
N ASN B 313 2.52 15.37 4.49
CA ASN B 313 3.20 14.16 4.96
C ASN B 313 2.71 13.69 6.33
N VAL B 314 2.09 14.59 7.10
CA VAL B 314 1.56 14.22 8.41
C VAL B 314 0.07 14.53 8.58
N VAL B 315 -0.62 14.84 7.48
CA VAL B 315 -2.04 15.15 7.54
C VAL B 315 -2.88 14.01 8.13
N ASN B 316 -2.65 12.79 7.68
CA ASN B 316 -3.42 11.64 8.18
C ASN B 316 -3.23 11.46 9.67
N LEU B 317 -1.99 11.63 10.13
CA LEU B 317 -1.66 11.55 11.54
C LEU B 317 -2.54 12.50 12.36
N TYR B 318 -2.52 13.77 11.98
CA TYR B 318 -3.24 14.78 12.74
C TYR B 318 -4.76 14.69 12.56
N GLN B 319 -5.20 14.15 11.42
CA GLN B 319 -6.62 13.88 11.22
CA GLN B 319 -6.62 13.87 11.22
C GLN B 319 -7.07 12.81 12.20
N ASN B 320 -6.21 11.82 12.44
CA ASN B 320 -6.53 10.73 13.37
C ASN B 320 -6.53 11.21 14.82
N TYR B 321 -5.63 12.13 15.16
CA TYR B 321 -5.64 12.76 16.48
C TYR B 321 -6.88 13.60 16.64
N SER B 322 -7.22 14.34 15.59
CA SER B 322 -8.39 15.21 15.57
C SER B 322 -9.65 14.44 15.96
N GLU B 323 -9.72 13.17 15.59
CA GLU B 323 -10.88 12.35 15.89
C GLU B 323 -10.96 12.01 17.39
N LEU B 324 -9.83 12.07 18.07
CA LEU B 324 -9.76 11.82 19.51
C LEU B 324 -9.85 13.10 20.32
N ILE B 325 -9.89 14.24 19.62
CA ILE B 325 -10.06 15.53 20.27
C ILE B 325 -11.18 16.30 19.58
N PRO B 326 -12.43 16.00 19.94
CA PRO B 326 -13.61 16.54 19.25
C PRO B 326 -13.61 18.07 19.20
N GLY B 327 -13.98 18.62 18.05
CA GLY B 327 -13.98 20.06 17.85
C GLY B 327 -12.74 20.56 17.14
N THR B 328 -11.75 19.68 16.98
CA THR B 328 -10.51 20.05 16.29
C THR B 328 -10.70 19.99 14.78
N THR B 329 -10.05 20.90 14.06
CA THR B 329 -10.13 20.92 12.61
C THR B 329 -8.74 20.77 12.02
N VAL B 330 -8.66 20.19 10.82
CA VAL B 330 -7.39 19.97 10.16
C VAL B 330 -7.37 20.66 8.80
N GLY B 331 -6.21 21.24 8.47
CA GLY B 331 -6.01 21.86 7.17
C GLY B 331 -4.63 21.51 6.65
N VAL B 332 -4.51 21.40 5.32
CA VAL B 332 -3.25 21.04 4.70
C VAL B 332 -2.36 22.26 4.49
N LEU B 333 -1.22 22.28 5.17
CA LEU B 333 -0.28 23.39 5.11
C LEU B 333 0.78 23.11 4.04
N SER B 334 1.09 24.11 3.21
CA SER B 334 2.14 23.93 2.22
C SER B 334 3.50 23.89 2.92
N MET B 335 4.53 23.46 2.19
CA MET B 335 5.84 23.25 2.78
C MET B 335 6.50 24.55 3.25
N ASP B 336 5.92 25.70 2.89
CA ASP B 336 6.44 26.98 3.32
C ASP B 336 5.37 27.87 3.94
N SER B 337 4.25 27.27 4.33
CA SER B 337 3.16 27.99 4.99
C SER B 337 2.59 29.13 4.15
N SER B 338 2.76 29.06 2.82
CA SER B 338 2.29 30.12 1.95
C SER B 338 0.77 30.16 1.84
N ASN B 339 0.11 29.09 2.26
CA ASN B 339 -1.34 28.99 2.15
C ASN B 339 -2.07 29.07 3.49
N VAL B 340 -1.34 29.44 4.54
CA VAL B 340 -1.89 29.36 5.88
C VAL B 340 -3.05 30.34 6.10
N LEU B 341 -3.03 31.45 5.36
CA LEU B 341 -4.08 32.46 5.47
C LEU B 341 -5.45 31.88 5.13
N GLN B 342 -5.57 31.33 3.93
CA GLN B 342 -6.83 30.74 3.47
C GLN B 342 -7.20 29.55 4.34
N LEU B 343 -6.19 28.88 4.89
CA LEU B 343 -6.40 27.73 5.74
C LEU B 343 -7.13 28.16 7.02
N ILE B 344 -6.71 29.29 7.58
CA ILE B 344 -7.30 29.84 8.78
C ILE B 344 -8.73 30.34 8.52
N VAL B 345 -8.92 31.00 7.39
CA VAL B 345 -10.24 31.52 7.03
C VAL B 345 -11.25 30.38 6.85
N ASP B 346 -10.82 29.31 6.20
CA ASP B 346 -11.71 28.16 5.98
C ASP B 346 -12.00 27.43 7.29
N ALA B 347 -11.00 27.38 8.17
CA ALA B 347 -11.17 26.74 9.47
C ALA B 347 -12.21 27.51 10.30
N TYR B 348 -12.13 28.83 10.26
CA TYR B 348 -13.07 29.68 10.99
C TYR B 348 -14.50 29.45 10.53
N GLY B 349 -14.70 29.37 9.21
CA GLY B 349 -16.02 29.10 8.67
C GLY B 349 -16.53 27.74 9.09
N LYS B 350 -15.63 26.76 9.12
CA LYS B 350 -15.98 25.39 9.48
C LYS B 350 -16.36 25.30 10.96
N ILE B 351 -15.70 26.12 11.78
CA ILE B 351 -15.95 26.12 13.22
C ILE B 351 -17.33 26.69 13.54
N ARG B 352 -17.74 27.72 12.81
CA ARG B 352 -19.02 28.36 13.05
C ARG B 352 -20.11 27.82 12.13
N SER B 353 -19.95 26.58 11.67
CA SER B 353 -20.92 25.96 10.79
C SER B 353 -21.70 24.86 11.51
N LYS B 354 -21.50 24.75 12.82
CA LYS B 354 -22.15 23.71 13.60
C LYS B 354 -22.77 24.25 14.88
N VAL B 355 -23.85 23.61 15.31
CA VAL B 355 -24.49 23.93 16.58
C VAL B 355 -24.88 22.63 17.27
N GLU B 356 -24.23 22.32 18.38
CA GLU B 356 -24.50 21.10 19.12
C GLU B 356 -24.92 21.42 20.55
N LEU B 357 -26.12 21.00 20.91
CA LEU B 357 -26.63 21.23 22.26
C LEU B 357 -25.97 20.30 23.27
N GLU B 358 -25.74 20.82 24.47
CA GLU B 358 -25.16 20.03 25.54
C GLU B 358 -25.96 20.28 26.81
N VAL B 359 -26.23 19.22 27.57
CA VAL B 359 -27.02 19.33 28.79
C VAL B 359 -26.15 19.14 30.03
N ARG B 360 -26.34 20.01 31.02
CA ARG B 360 -25.56 19.95 32.25
C ARG B 360 -26.45 19.92 33.49
N ASP B 361 -26.07 19.08 34.45
CA ASP B 361 -26.76 18.99 35.73
C ASP B 361 -28.20 18.51 35.60
N LEU B 362 -28.43 17.56 34.70
CA LEU B 362 -29.77 17.01 34.50
C LEU B 362 -30.09 15.99 35.58
N PRO B 363 -31.18 16.20 36.33
CA PRO B 363 -31.61 15.26 37.36
C PRO B 363 -31.82 13.84 36.80
N GLU B 364 -31.54 12.83 37.62
CA GLU B 364 -31.72 11.44 37.21
C GLU B 364 -33.14 11.15 36.76
N GLU B 365 -34.11 11.82 37.37
CA GLU B 365 -35.52 11.57 37.11
C GLU B 365 -35.93 12.09 35.74
N LEU B 366 -35.35 13.21 35.34
CA LEU B 366 -35.70 13.84 34.07
C LEU B 366 -34.97 13.19 32.89
N SER B 367 -35.70 12.99 31.80
CA SER B 367 -35.11 12.55 30.54
C SER B 367 -35.58 13.50 29.45
N LEU B 368 -34.67 13.84 28.53
CA LEU B 368 -34.99 14.79 27.47
C LEU B 368 -35.05 14.14 26.09
N SER B 369 -35.84 14.74 25.20
CA SER B 369 -35.90 14.32 23.81
C SER B 369 -35.84 15.57 22.93
N PHE B 370 -35.21 15.44 21.77
CA PHE B 370 -34.96 16.60 20.92
C PHE B 370 -35.41 16.39 19.47
N ASN B 371 -36.02 17.43 18.91
CA ASN B 371 -36.30 17.49 17.48
C ASN B 371 -35.66 18.75 16.91
N ALA B 372 -34.75 18.58 15.96
CA ALA B 372 -33.99 19.71 15.41
C ALA B 372 -34.64 20.28 14.17
N THR B 373 -34.45 21.58 13.96
CA THR B 373 -34.93 22.25 12.75
C THR B 373 -33.79 23.02 12.09
N CYS B 374 -33.22 22.43 11.05
CA CYS B 374 -32.08 23.02 10.37
C CYS B 374 -32.40 23.37 8.92
N LEU B 375 -31.44 24.03 8.26
CA LEU B 375 -31.56 24.38 6.85
C LEU B 375 -32.82 25.20 6.55
N ASN B 376 -33.96 24.54 6.39
CA ASN B 376 -35.18 25.22 5.98
C ASN B 376 -36.43 24.63 6.60
N ASN B 377 -36.62 24.84 7.90
CA ASN B 377 -37.79 24.36 8.61
C ASN B 377 -37.97 22.85 8.46
N GLU B 378 -36.88 22.15 8.19
CA GLU B 378 -36.91 20.70 8.08
C GLU B 378 -36.71 20.08 9.45
N VAL B 379 -37.77 19.49 10.00
CA VAL B 379 -37.70 18.88 11.32
C VAL B 379 -37.00 17.52 11.25
N ILE B 380 -36.02 17.33 12.14
CA ILE B 380 -35.24 16.10 12.18
C ILE B 380 -35.31 15.51 13.58
N PRO B 381 -36.27 14.60 13.81
CA PRO B 381 -36.49 14.00 15.13
C PRO B 381 -35.26 13.31 15.69
N GLY B 382 -35.17 13.22 17.02
CA GLY B 382 -34.07 12.53 17.67
C GLY B 382 -32.72 13.08 17.29
N LEU B 383 -32.63 14.40 17.21
CA LEU B 383 -31.37 15.06 16.83
C LEU B 383 -31.23 16.39 17.57
N LYS B 384 -30.05 16.62 18.13
CA LYS B 384 -29.79 17.83 18.90
C LYS B 384 -28.54 18.58 18.43
N SER B 385 -28.24 18.45 17.14
CA SER B 385 -27.10 19.14 16.55
C SER B 385 -27.34 19.43 15.07
N CYS B 386 -26.99 20.65 14.65
CA CYS B 386 -27.15 21.07 13.27
C CYS B 386 -25.79 21.33 12.64
N MET B 387 -25.70 21.16 11.32
CA MET B 387 -24.43 21.35 10.63
C MET B 387 -24.64 22.00 9.26
N GLY B 388 -23.56 22.39 8.61
CA GLY B 388 -23.62 23.02 7.31
C GLY B 388 -24.19 24.43 7.39
N LEU B 389 -24.03 25.04 8.56
CA LEU B 389 -24.56 26.39 8.79
C LEU B 389 -23.62 27.45 8.26
N LYS B 390 -24.17 28.63 8.00
CA LYS B 390 -23.37 29.80 7.64
C LYS B 390 -23.52 30.82 8.75
N ILE B 391 -22.56 31.73 8.85
CA ILE B 391 -22.62 32.77 9.87
C ILE B 391 -23.83 33.65 9.61
N GLY B 392 -24.66 33.80 10.64
CA GLY B 392 -25.87 34.59 10.54
C GLY B 392 -27.13 33.73 10.57
N ASP B 393 -26.94 32.42 10.36
CA ASP B 393 -28.06 31.49 10.31
C ASP B 393 -28.63 31.23 11.71
N THR B 394 -29.88 30.81 11.75
CA THR B 394 -30.55 30.50 13.01
C THR B 394 -31.20 29.12 12.96
N VAL B 395 -31.10 28.39 14.05
CA VAL B 395 -31.72 27.07 14.16
C VAL B 395 -32.55 27.01 15.42
N SER B 396 -33.35 25.95 15.55
CA SER B 396 -34.20 25.79 16.72
C SER B 396 -34.39 24.32 17.05
N PHE B 397 -34.73 24.04 18.31
CA PHE B 397 -34.93 22.67 18.77
C PHE B 397 -36.19 22.58 19.62
N SER B 398 -37.01 21.57 19.34
CA SER B 398 -38.15 21.26 20.18
C SER B 398 -37.69 20.26 21.25
N ILE B 399 -37.97 20.56 22.51
CA ILE B 399 -37.48 19.76 23.62
C ILE B 399 -38.63 19.31 24.51
N GLU B 400 -38.57 18.06 24.97
CA GLU B 400 -39.57 17.53 25.89
C GLU B 400 -38.90 16.92 27.12
N ALA B 401 -39.38 17.32 28.30
CA ALA B 401 -38.87 16.79 29.55
C ALA B 401 -39.88 15.81 30.15
N LYS B 402 -39.42 14.62 30.49
CA LYS B 402 -40.28 13.60 31.05
C LYS B 402 -39.77 13.16 32.42
N VAL B 403 -40.50 13.53 33.47
CA VAL B 403 -40.12 13.16 34.83
C VAL B 403 -40.64 11.77 35.17
N ARG B 404 -39.83 11.01 35.87
CA ARG B 404 -40.17 9.64 36.25
C ARG B 404 -40.45 9.58 37.74
N GLY B 405 -41.71 9.37 38.09
CA GLY B 405 -42.13 9.37 39.49
C GLY B 405 -42.12 10.78 40.05
N CYS B 406 -41.78 10.91 41.33
CA CYS B 406 -41.65 12.21 41.95
C CYS B 406 -40.46 12.21 42.92
N PRO B 407 -39.43 12.99 42.60
CA PRO B 407 -38.19 13.01 43.41
C PRO B 407 -38.39 13.62 44.79
N GLN B 408 -37.49 13.28 45.72
CA GLN B 408 -37.52 13.84 47.06
C GLN B 408 -37.43 15.37 47.02
N GLU B 409 -36.45 15.87 46.28
CA GLU B 409 -36.27 17.31 46.13
C GLU B 409 -37.24 17.84 45.07
N LYS B 410 -37.96 18.90 45.41
CA LYS B 410 -38.98 19.45 44.52
C LYS B 410 -38.40 20.56 43.64
N GLU B 411 -37.28 21.14 44.06
CA GLU B 411 -36.65 22.20 43.30
C GLU B 411 -35.31 21.74 42.73
N LYS B 412 -35.20 21.78 41.41
CA LYS B 412 -33.95 21.47 40.72
C LYS B 412 -33.86 22.31 39.46
N SER B 413 -32.64 22.57 39.02
CA SER B 413 -32.43 23.30 37.78
C SER B 413 -31.26 22.71 37.01
N PHE B 414 -31.32 22.80 35.69
CA PHE B 414 -30.26 22.30 34.83
C PHE B 414 -30.05 23.27 33.68
N THR B 415 -29.04 23.01 32.86
CA THR B 415 -28.67 23.93 31.79
C THR B 415 -28.61 23.24 30.44
N ILE B 416 -29.01 23.96 29.41
CA ILE B 416 -28.85 23.51 28.03
C ILE B 416 -28.03 24.55 27.27
N LYS B 417 -26.84 24.15 26.84
CA LYS B 417 -25.90 25.09 26.23
C LYS B 417 -25.26 24.49 24.98
N PRO B 418 -25.23 25.27 23.88
CA PRO B 418 -24.48 24.82 22.70
C PRO B 418 -22.99 24.79 23.00
N VAL B 419 -22.27 23.79 22.48
CA VAL B 419 -20.84 23.68 22.74
C VAL B 419 -20.11 24.89 22.18
N GLY B 420 -19.24 25.48 23.00
CA GLY B 420 -18.44 26.61 22.58
C GLY B 420 -19.12 27.95 22.75
N PHE B 421 -20.42 27.94 23.09
CA PHE B 421 -21.20 29.17 23.21
C PHE B 421 -21.12 29.76 24.61
N LYS B 422 -21.32 31.06 24.70
CA LYS B 422 -21.33 31.76 25.98
C LYS B 422 -22.70 31.63 26.63
N ASP B 423 -23.75 31.91 25.86
CA ASP B 423 -25.11 31.91 26.37
C ASP B 423 -25.68 30.50 26.49
N SER B 424 -26.70 30.35 27.33
CA SER B 424 -27.32 29.06 27.56
C SER B 424 -28.75 29.23 28.06
N LEU B 425 -29.51 28.13 28.03
CA LEU B 425 -30.87 28.12 28.56
C LEU B 425 -30.91 27.44 29.92
N ILE B 426 -31.21 28.21 30.96
CA ILE B 426 -31.36 27.67 32.30
C ILE B 426 -32.81 27.25 32.52
N VAL B 427 -33.01 25.96 32.79
CA VAL B 427 -34.35 25.42 33.03
C VAL B 427 -34.56 25.16 34.52
N GLN B 428 -35.40 25.98 35.14
CA GLN B 428 -35.72 25.83 36.55
C GLN B 428 -36.94 24.93 36.72
N VAL B 429 -36.70 23.72 37.23
CA VAL B 429 -37.78 22.74 37.36
C VAL B 429 -38.40 22.74 38.75
N THR B 430 -39.71 22.51 38.79
CA THR B 430 -40.45 22.38 40.04
C THR B 430 -41.38 21.18 39.95
N PHE B 431 -41.27 20.27 40.92
CA PHE B 431 -42.10 19.06 40.91
C PHE B 431 -43.31 19.24 41.82
N ASP B 432 -44.49 19.25 41.21
CA ASP B 432 -45.73 19.48 41.94
C ASP B 432 -46.48 18.18 42.15
N CYS B 433 -46.20 17.50 43.26
CA CYS B 433 -46.87 16.26 43.60
C CYS B 433 -47.58 16.37 44.95
N ASP B 434 -47.68 17.59 45.46
CA ASP B 434 -48.36 17.85 46.73
C ASP B 434 -49.71 18.50 46.50
N CYS B 435 -50.45 18.71 47.58
CA CYS B 435 -51.75 19.37 47.50
C CYS B 435 -51.77 20.59 48.43
N ALA B 436 -52.48 21.63 48.01
CA ALA B 436 -52.55 22.87 48.75
C ALA B 436 -53.23 22.69 50.11
N CYS B 437 -54.07 21.66 50.21
CA CYS B 437 -54.83 21.42 51.44
C CYS B 437 -53.96 20.76 52.52
N GLN B 438 -52.82 20.21 52.13
CA GLN B 438 -51.91 19.57 53.07
C GLN B 438 -51.28 20.60 54.00
N ALA B 439 -51.14 21.83 53.51
CA ALA B 439 -50.53 22.89 54.30
C ALA B 439 -51.48 23.43 55.36
N GLN B 440 -52.66 22.82 55.45
CA GLN B 440 -53.64 23.21 56.47
C GLN B 440 -54.32 21.96 57.04
N ALA B 441 -53.51 20.98 57.42
CA ALA B 441 -54.02 19.72 57.97
C ALA B 441 -54.30 19.87 59.46
N GLU B 442 -54.90 18.83 60.04
CA GLU B 442 -55.23 18.83 61.45
C GLU B 442 -54.61 17.61 62.14
N PRO B 443 -53.44 17.80 62.76
CA PRO B 443 -52.82 16.69 63.50
C PRO B 443 -53.58 16.38 64.79
N ASN B 444 -53.72 15.11 65.12
CA ASN B 444 -54.47 14.71 66.30
C ASN B 444 -55.90 15.22 66.23
N SER B 445 -56.53 15.06 65.07
CA SER B 445 -57.87 15.58 64.83
C SER B 445 -58.91 14.85 65.66
N HIS B 446 -59.94 15.58 66.08
CA HIS B 446 -61.04 15.01 66.84
C HIS B 446 -61.91 14.11 65.94
N ARG B 447 -61.73 14.24 64.64
CA ARG B 447 -62.52 13.47 63.67
C ARG B 447 -61.93 12.09 63.44
N CYS B 448 -60.60 11.98 63.55
CA CYS B 448 -59.90 10.76 63.16
C CYS B 448 -59.59 9.84 64.34
N ASN B 449 -60.43 8.82 64.51
CA ASN B 449 -60.23 7.82 65.56
C ASN B 449 -60.01 8.46 66.93
N ASN B 450 -60.55 9.66 67.12
CA ASN B 450 -60.44 10.37 68.38
C ASN B 450 -59.01 10.64 68.80
N GLY B 451 -58.28 11.38 67.97
CA GLY B 451 -56.94 11.84 68.32
C GLY B 451 -55.82 11.02 67.72
N ASN B 452 -56.09 9.76 67.40
CA ASN B 452 -55.06 8.86 66.89
C ASN B 452 -54.71 9.10 65.41
N GLY B 453 -55.36 10.07 64.78
CA GLY B 453 -55.14 10.32 63.36
C GLY B 453 -55.04 11.79 63.00
N THR B 454 -54.68 12.03 61.75
CA THR B 454 -54.58 13.39 61.21
C THR B 454 -55.64 13.60 60.13
N PHE B 455 -56.21 14.80 60.09
CA PHE B 455 -57.26 15.11 59.12
C PHE B 455 -56.76 16.10 58.09
N GLU B 456 -56.58 15.64 56.86
CA GLU B 456 -56.12 16.50 55.78
C GLU B 456 -56.80 16.16 54.45
N CYS B 457 -57.09 17.19 53.67
CA CYS B 457 -57.67 17.02 52.34
C CYS B 457 -58.97 16.23 52.38
N GLY B 458 -59.72 16.37 53.46
CA GLY B 458 -61.04 15.77 53.57
C GLY B 458 -61.05 14.41 54.25
N VAL B 459 -59.98 13.65 54.09
CA VAL B 459 -59.92 12.30 54.64
C VAL B 459 -59.03 12.23 55.88
N CYS B 460 -59.08 11.09 56.57
CA CYS B 460 -58.30 10.89 57.77
C CYS B 460 -57.06 10.02 57.50
N ARG B 461 -55.89 10.59 57.77
CA ARG B 461 -54.63 9.89 57.61
C ARG B 461 -54.11 9.41 58.96
N CYS B 462 -53.35 8.32 58.96
CA CYS B 462 -52.77 7.79 60.18
C CYS B 462 -51.57 8.64 60.60
N GLY B 463 -51.57 9.08 61.86
CA GLY B 463 -50.55 9.97 62.36
C GLY B 463 -49.16 9.34 62.39
N PRO B 464 -48.14 10.15 62.72
CA PRO B 464 -46.75 9.68 62.83
C PRO B 464 -46.53 8.81 64.05
N GLY B 465 -45.81 7.71 63.87
CA GLY B 465 -45.55 6.78 64.96
C GLY B 465 -46.32 5.48 64.82
N TRP B 466 -47.38 5.50 64.03
CA TRP B 466 -48.23 4.33 63.84
C TRP B 466 -47.79 3.55 62.60
N LEU C 1 -6.91 -22.37 -51.69
CA LEU C 1 -6.49 -23.32 -52.76
C LEU C 1 -6.81 -22.75 -54.14
N ASN C 2 -8.06 -22.31 -54.31
CA ASN C 2 -8.54 -21.88 -55.63
C ASN C 2 -8.92 -20.40 -55.70
N LEU C 3 -8.32 -19.57 -54.87
CA LEU C 3 -8.49 -18.12 -54.98
C LEU C 3 -7.56 -17.58 -56.06
N ASP C 4 -8.03 -16.61 -56.83
CA ASP C 4 -7.25 -16.05 -57.94
C ASP C 4 -6.42 -14.84 -57.47
N PRO C 5 -5.09 -14.99 -57.43
CA PRO C 5 -4.19 -13.93 -56.96
C PRO C 5 -3.69 -13.05 -58.10
N VAL C 6 -4.18 -13.30 -59.31
CA VAL C 6 -3.72 -12.58 -60.49
C VAL C 6 -4.64 -11.41 -60.81
N GLN C 7 -5.94 -11.68 -60.91
CA GLN C 7 -6.92 -10.66 -61.23
C GLN C 7 -7.74 -10.29 -60.00
N LEU C 8 -7.31 -9.24 -59.30
CA LEU C 8 -7.97 -8.79 -58.09
C LEU C 8 -8.89 -7.61 -58.40
N THR C 9 -9.83 -7.37 -57.50
CA THR C 9 -10.67 -6.18 -57.56
C THR C 9 -10.34 -5.32 -56.35
N PHE C 10 -10.25 -4.01 -56.56
CA PHE C 10 -9.89 -3.09 -55.49
C PHE C 10 -10.95 -2.01 -55.32
N TYR C 11 -11.31 -1.74 -54.08
CA TYR C 11 -12.15 -0.60 -53.75
C TYR C 11 -11.35 0.34 -52.89
N ALA C 12 -11.55 1.64 -53.07
CA ALA C 12 -10.75 2.64 -52.37
C ALA C 12 -11.63 3.69 -51.69
N GLY C 13 -11.22 4.10 -50.50
CA GLY C 13 -11.88 5.18 -49.79
C GLY C 13 -10.97 6.38 -49.70
N PRO C 14 -11.46 7.47 -49.08
CA PRO C 14 -10.66 8.69 -48.96
C PRO C 14 -9.38 8.48 -48.17
N ASN C 15 -8.38 9.32 -48.40
CA ASN C 15 -7.14 9.27 -47.65
C ASN C 15 -7.35 9.53 -46.17
N GLY C 16 -6.78 8.67 -45.33
CA GLY C 16 -6.80 8.86 -43.89
C GLY C 16 -8.10 8.44 -43.24
N SER C 17 -8.99 7.81 -44.00
CA SER C 17 -10.29 7.41 -43.50
C SER C 17 -10.27 6.03 -42.85
N GLN C 18 -9.20 5.29 -43.06
CA GLN C 18 -9.09 3.91 -42.59
C GLN C 18 -10.20 3.04 -43.19
N PHE C 19 -10.58 3.38 -44.42
CA PHE C 19 -11.48 2.58 -45.23
C PHE C 19 -10.96 1.15 -45.27
N GLY C 20 -11.77 0.20 -44.81
CA GLY C 20 -11.37 -1.20 -44.79
C GLY C 20 -11.07 -1.72 -43.39
N PHE C 21 -11.14 -0.84 -42.40
CA PHE C 21 -10.93 -1.24 -41.01
C PHE C 21 -11.87 -2.38 -40.63
N SER C 22 -13.13 -2.28 -41.06
CA SER C 22 -14.09 -3.35 -40.91
C SER C 22 -14.87 -3.50 -42.20
N LEU C 23 -15.44 -4.68 -42.43
CA LEU C 23 -16.23 -4.90 -43.64
C LEU C 23 -17.10 -6.15 -43.53
N ASP C 24 -18.05 -6.28 -44.46
CA ASP C 24 -18.93 -7.43 -44.49
C ASP C 24 -19.69 -7.50 -45.81
N PHE C 25 -20.24 -8.68 -46.11
CA PHE C 25 -21.09 -8.83 -47.27
C PHE C 25 -22.50 -8.37 -46.93
N HIS C 26 -23.22 -7.87 -47.93
CA HIS C 26 -24.58 -7.41 -47.73
C HIS C 26 -25.47 -7.82 -48.90
N LYS C 27 -26.50 -8.60 -48.59
CA LYS C 27 -27.51 -8.95 -49.57
C LYS C 27 -28.68 -7.97 -49.47
N ASP C 28 -29.06 -7.37 -50.59
CA ASP C 28 -30.26 -6.55 -50.61
C ASP C 28 -31.47 -7.48 -50.71
N SER C 29 -32.66 -6.90 -50.73
CA SER C 29 -33.89 -7.68 -50.74
C SER C 29 -34.06 -8.49 -52.03
N HIS C 30 -33.15 -8.30 -52.99
CA HIS C 30 -33.21 -9.02 -54.26
C HIS C 30 -32.17 -10.14 -54.34
N GLY C 31 -31.33 -10.25 -53.30
CA GLY C 31 -30.30 -11.27 -53.26
C GLY C 31 -28.99 -10.84 -53.87
N ARG C 32 -28.93 -9.59 -54.33
CA ARG C 32 -27.73 -9.04 -54.94
C ARG C 32 -26.71 -8.68 -53.84
N VAL C 33 -25.51 -9.24 -53.96
CA VAL C 33 -24.49 -9.05 -52.94
C VAL C 33 -23.63 -7.82 -53.19
N ALA C 34 -23.46 -7.02 -52.13
CA ALA C 34 -22.58 -5.86 -52.17
C ALA C 34 -21.66 -5.95 -50.97
N ILE C 35 -20.75 -4.98 -50.85
CA ILE C 35 -19.81 -4.96 -49.73
C ILE C 35 -19.99 -3.70 -48.89
N VAL C 36 -20.23 -3.88 -47.61
CA VAL C 36 -20.29 -2.75 -46.68
C VAL C 36 -18.92 -2.59 -46.02
N VAL C 37 -18.40 -1.37 -46.03
CA VAL C 37 -17.06 -1.10 -45.54
C VAL C 37 -17.04 0.05 -44.54
N GLY C 38 -16.48 -0.21 -43.37
CA GLY C 38 -16.32 0.82 -42.36
C GLY C 38 -15.06 1.62 -42.59
N ALA C 39 -15.13 2.91 -42.25
CA ALA C 39 -13.99 3.80 -42.40
C ALA C 39 -13.97 4.76 -41.22
N PRO C 40 -13.51 4.27 -40.06
CA PRO C 40 -13.65 4.92 -38.75
C PRO C 40 -12.99 6.30 -38.60
N ARG C 41 -12.25 6.78 -39.58
CA ARG C 41 -11.63 8.10 -39.47
C ARG C 41 -12.04 9.05 -40.59
N THR C 42 -13.12 8.70 -41.30
CA THR C 42 -13.67 9.59 -42.31
C THR C 42 -14.06 10.92 -41.68
N LEU C 43 -13.83 12.01 -42.41
CA LEU C 43 -14.16 13.34 -41.91
C LEU C 43 -15.67 13.56 -41.96
N GLY C 44 -16.19 14.22 -40.93
CA GLY C 44 -17.59 14.61 -40.88
C GLY C 44 -17.76 16.05 -41.36
N PRO C 45 -19.00 16.55 -41.32
CA PRO C 45 -19.32 17.91 -41.75
C PRO C 45 -18.61 18.96 -40.91
N SER C 46 -18.32 18.62 -39.66
CA SER C 46 -17.68 19.54 -38.73
C SER C 46 -16.20 19.70 -39.03
N GLN C 47 -15.71 18.94 -40.01
CA GLN C 47 -14.30 18.96 -40.38
C GLN C 47 -13.44 18.14 -39.42
N GLU C 48 -14.09 17.50 -38.46
CA GLU C 48 -13.40 16.57 -37.56
C GLU C 48 -13.65 15.14 -38.01
N GLU C 49 -12.83 14.22 -37.51
CA GLU C 49 -13.01 12.80 -37.80
C GLU C 49 -14.22 12.29 -37.04
N THR C 50 -15.12 11.61 -37.75
CA THR C 50 -16.27 10.98 -37.10
C THR C 50 -16.44 9.53 -37.55
N GLY C 51 -15.77 9.15 -38.64
CA GLY C 51 -15.97 7.84 -39.21
C GLY C 51 -17.09 7.84 -40.23
N GLY C 52 -17.27 6.73 -40.92
CA GLY C 52 -18.27 6.64 -41.96
C GLY C 52 -18.39 5.22 -42.48
N VAL C 53 -19.40 4.99 -43.30
CA VAL C 53 -19.66 3.66 -43.84
C VAL C 53 -19.89 3.79 -45.34
N PHE C 54 -19.44 2.78 -46.08
CA PHE C 54 -19.58 2.78 -47.52
C PHE C 54 -20.23 1.49 -47.98
N LEU C 55 -21.10 1.59 -48.97
CA LEU C 55 -21.78 0.44 -49.51
C LEU C 55 -21.34 0.24 -50.96
N CYS C 56 -20.36 -0.63 -51.15
CA CYS C 56 -19.75 -0.86 -52.47
C CYS C 56 -20.51 -1.91 -53.27
N PRO C 57 -21.15 -1.48 -54.38
CA PRO C 57 -21.77 -2.48 -55.26
C PRO C 57 -20.73 -3.32 -55.98
N TRP C 58 -21.03 -4.59 -56.22
CA TRP C 58 -20.08 -5.47 -56.88
C TRP C 58 -19.79 -5.04 -58.30
N ARG C 59 -18.50 -4.95 -58.62
CA ARG C 59 -18.02 -4.56 -59.94
C ARG C 59 -16.63 -5.16 -60.08
N ALA C 60 -16.42 -5.97 -61.11
CA ALA C 60 -15.14 -6.64 -61.30
C ALA C 60 -13.99 -5.63 -61.29
N GLU C 61 -14.28 -4.38 -61.64
CA GLU C 61 -13.27 -3.34 -61.78
C GLU C 61 -13.08 -2.55 -60.49
N GLY C 62 -13.98 -2.74 -59.52
CA GLY C 62 -13.90 -2.03 -58.26
C GLY C 62 -14.07 -0.54 -58.43
N GLY C 63 -13.30 0.24 -57.67
CA GLY C 63 -13.33 1.69 -57.77
C GLY C 63 -13.83 2.37 -56.52
N GLN C 64 -14.53 3.49 -56.70
CA GLN C 64 -15.06 4.27 -55.57
C GLN C 64 -16.41 3.73 -55.11
N CYS C 65 -16.85 4.16 -53.93
CA CYS C 65 -18.05 3.62 -53.33
C CYS C 65 -18.99 4.71 -52.81
N PRO C 66 -20.31 4.51 -52.99
CA PRO C 66 -21.31 5.41 -52.39
C PRO C 66 -21.22 5.41 -50.88
N SER C 67 -21.41 6.58 -50.28
CA SER C 67 -21.42 6.71 -48.83
C SER C 67 -22.80 6.36 -48.28
N LEU C 68 -22.83 5.60 -47.19
CA LEU C 68 -24.07 5.31 -46.48
C LEU C 68 -24.21 6.33 -45.35
N LEU C 69 -25.15 7.26 -45.52
CA LEU C 69 -25.21 8.44 -44.66
C LEU C 69 -25.91 8.19 -43.33
N PHE C 70 -25.30 8.70 -42.26
CA PHE C 70 -25.90 8.68 -40.93
C PHE C 70 -25.88 10.09 -40.36
N ASP C 71 -26.65 10.31 -39.31
CA ASP C 71 -26.69 11.61 -38.63
C ASP C 71 -25.43 11.79 -37.79
N LEU C 72 -24.65 12.84 -38.09
CA LEU C 72 -23.38 13.06 -37.40
C LEU C 72 -23.42 14.31 -36.51
N ARG C 73 -24.62 14.74 -36.13
CA ARG C 73 -24.78 15.92 -35.27
C ARG C 73 -24.65 15.57 -33.80
N ASP C 74 -24.00 16.44 -33.04
CA ASP C 74 -23.99 16.31 -31.59
C ASP C 74 -25.35 16.74 -31.06
N GLU C 75 -25.97 15.86 -30.28
CA GLU C 75 -27.33 16.09 -29.81
C GLU C 75 -27.36 16.57 -28.37
N THR C 76 -28.31 17.45 -28.08
CA THR C 76 -28.51 17.96 -26.73
C THR C 76 -29.99 17.92 -26.40
N ARG C 77 -30.33 17.39 -25.23
CA ARG C 77 -31.71 17.35 -24.77
C ARG C 77 -31.81 17.82 -23.33
N ASN C 78 -32.61 18.86 -23.11
CA ASN C 78 -32.89 19.32 -21.77
C ASN C 78 -34.20 18.72 -21.28
N VAL C 79 -34.12 17.76 -20.37
CA VAL C 79 -35.29 17.03 -19.92
C VAL C 79 -35.10 16.53 -18.49
N GLY C 80 -36.19 16.55 -17.72
CA GLY C 80 -36.15 16.08 -16.34
C GLY C 80 -35.15 16.82 -15.49
N SER C 81 -34.97 18.12 -15.77
CA SER C 81 -34.01 18.94 -15.05
C SER C 81 -32.58 18.45 -15.24
N GLN C 82 -32.36 17.72 -16.34
CA GLN C 82 -31.03 17.25 -16.70
C GLN C 82 -30.73 17.67 -18.13
N THR C 83 -29.45 17.56 -18.52
CA THR C 83 -29.04 17.85 -19.88
C THR C 83 -28.28 16.67 -20.47
N LEU C 84 -28.91 15.98 -21.42
CA LEU C 84 -28.29 14.85 -22.09
C LEU C 84 -27.45 15.35 -23.27
N GLN C 85 -26.24 14.84 -23.40
CA GLN C 85 -25.33 15.26 -24.48
C GLN C 85 -24.68 14.07 -25.17
N THR C 86 -24.67 14.09 -26.50
CA THR C 86 -23.91 13.11 -27.28
C THR C 86 -22.76 13.82 -27.98
N PHE C 87 -21.64 13.12 -28.11
CA PHE C 87 -20.47 13.66 -28.78
C PHE C 87 -19.95 12.65 -29.80
N LYS C 88 -19.88 13.06 -31.05
CA LYS C 88 -19.56 12.14 -32.12
C LYS C 88 -18.17 12.38 -32.70
N ALA C 89 -17.49 13.40 -32.21
CA ALA C 89 -16.12 13.68 -32.65
C ALA C 89 -15.19 12.52 -32.29
N ARG C 90 -14.52 11.97 -33.31
CA ARG C 90 -13.59 10.88 -33.14
C ARG C 90 -14.27 9.63 -32.57
N GLN C 91 -15.55 9.45 -32.91
CA GLN C 91 -16.33 8.35 -32.38
C GLN C 91 -15.99 7.02 -33.05
N GLY C 92 -15.42 7.08 -34.24
CA GLY C 92 -15.01 5.88 -34.96
C GLY C 92 -16.16 5.11 -35.57
N LEU C 93 -17.12 5.82 -36.16
CA LEU C 93 -18.21 5.16 -36.85
C LEU C 93 -17.64 4.31 -37.99
N GLY C 94 -17.92 3.01 -37.94
CA GLY C 94 -17.38 2.08 -38.91
C GLY C 94 -16.23 1.25 -38.35
N ALA C 95 -15.94 1.40 -37.06
CA ALA C 95 -14.92 0.60 -36.41
C ALA C 95 -15.37 -0.86 -36.38
N SER C 96 -16.67 -1.08 -36.56
CA SER C 96 -17.20 -2.40 -36.80
C SER C 96 -18.46 -2.28 -37.64
N VAL C 97 -18.67 -3.25 -38.53
CA VAL C 97 -19.89 -3.30 -39.34
C VAL C 97 -20.33 -4.74 -39.47
N VAL C 98 -21.65 -4.94 -39.56
CA VAL C 98 -22.20 -6.26 -39.76
C VAL C 98 -23.52 -6.13 -40.51
N SER C 99 -23.83 -7.13 -41.32
CA SER C 99 -25.06 -7.12 -42.09
C SER C 99 -25.92 -8.32 -41.75
N TRP C 100 -27.23 -8.09 -41.64
CA TRP C 100 -28.17 -9.16 -41.40
C TRP C 100 -29.45 -8.85 -42.15
N SER C 101 -29.91 -9.80 -42.96
CA SER C 101 -31.07 -9.58 -43.82
C SER C 101 -30.78 -8.40 -44.73
N ASP C 102 -31.65 -7.38 -44.72
CA ASP C 102 -31.40 -6.18 -45.51
C ASP C 102 -31.05 -4.99 -44.61
N VAL C 103 -30.51 -5.31 -43.43
CA VAL C 103 -30.14 -4.28 -42.47
C VAL C 103 -28.62 -4.23 -42.27
N ILE C 104 -28.10 -3.03 -42.06
CA ILE C 104 -26.70 -2.84 -41.75
C ILE C 104 -26.55 -2.21 -40.37
N VAL C 105 -25.59 -2.72 -39.60
CA VAL C 105 -25.30 -2.17 -38.29
C VAL C 105 -23.86 -1.69 -38.24
N ALA C 106 -23.68 -0.37 -38.19
CA ALA C 106 -22.35 0.22 -38.10
C ALA C 106 -22.19 0.87 -36.72
N CYS C 107 -21.11 0.52 -36.03
CA CYS C 107 -20.94 0.94 -34.64
C CYS C 107 -19.85 1.98 -34.47
N ALA C 108 -20.04 2.85 -33.48
CA ALA C 108 -19.07 3.88 -33.13
C ALA C 108 -18.69 3.71 -31.66
N PRO C 109 -17.72 2.83 -31.38
CA PRO C 109 -17.38 2.44 -30.01
C PRO C 109 -16.84 3.58 -29.14
N TRP C 110 -16.43 4.69 -29.74
CA TRP C 110 -15.83 5.78 -28.97
C TRP C 110 -16.69 7.04 -28.95
N GLN C 111 -17.96 6.91 -29.32
CA GLN C 111 -18.89 8.01 -29.15
C GLN C 111 -19.04 8.31 -27.67
N HIS C 112 -18.92 9.59 -27.31
CA HIS C 112 -19.00 9.96 -25.91
C HIS C 112 -20.40 10.41 -25.50
N TRP C 113 -20.60 10.50 -24.19
CA TRP C 113 -21.91 10.76 -23.62
C TRP C 113 -21.71 11.41 -22.27
N ASN C 114 -22.54 12.41 -21.97
CA ASN C 114 -22.50 13.06 -20.67
C ASN C 114 -23.89 13.52 -20.27
N VAL C 115 -24.07 13.74 -18.97
CA VAL C 115 -25.33 14.22 -18.45
C VAL C 115 -25.06 15.28 -17.41
N LEU C 116 -25.59 16.48 -17.62
CA LEU C 116 -25.38 17.58 -16.70
C LEU C 116 -26.60 17.80 -15.82
N GLU C 117 -26.36 18.09 -14.55
CA GLU C 117 -27.42 18.42 -13.62
C GLU C 117 -26.90 19.44 -12.60
N LYS C 118 -27.14 20.71 -12.89
CA LYS C 118 -26.63 21.80 -12.06
C LYS C 118 -25.10 21.87 -12.13
N THR C 119 -24.44 21.57 -11.02
CA THR C 119 -22.97 21.59 -10.98
C THR C 119 -22.38 20.19 -11.11
N GLU C 120 -23.25 19.18 -11.04
CA GLU C 120 -22.80 17.79 -11.11
C GLU C 120 -22.92 17.23 -12.53
N GLU C 121 -22.40 16.03 -12.72
CA GLU C 121 -22.42 15.38 -14.02
C GLU C 121 -22.16 13.88 -13.90
N ALA C 122 -22.50 13.14 -14.94
CA ALA C 122 -22.20 11.71 -14.98
C ALA C 122 -20.75 11.49 -15.37
N GLU C 123 -20.15 12.48 -16.02
CA GLU C 123 -18.80 12.42 -16.59
C GLU C 123 -18.87 12.07 -18.08
N LYS C 124 -18.04 12.78 -18.86
CA LYS C 124 -18.00 12.61 -20.30
C LYS C 124 -17.19 11.37 -20.66
N THR C 125 -17.88 10.30 -21.07
CA THR C 125 -17.24 9.00 -21.26
C THR C 125 -17.67 8.31 -22.55
N PRO C 126 -16.86 7.36 -23.03
CA PRO C 126 -17.15 6.65 -24.28
C PRO C 126 -18.09 5.46 -24.09
N VAL C 127 -19.38 5.72 -24.00
CA VAL C 127 -20.37 4.66 -23.87
C VAL C 127 -20.54 3.88 -25.16
N GLY C 128 -20.17 4.51 -26.28
CA GLY C 128 -20.33 3.89 -27.58
C GLY C 128 -21.75 3.95 -28.08
N SER C 129 -21.96 3.64 -29.35
CA SER C 129 -23.29 3.64 -29.93
C SER C 129 -23.28 2.91 -31.27
N CYS C 130 -24.42 2.33 -31.63
CA CYS C 130 -24.54 1.64 -32.91
C CYS C 130 -25.61 2.30 -33.78
N PHE C 131 -25.29 2.47 -35.05
CA PHE C 131 -26.24 3.01 -36.02
C PHE C 131 -26.75 1.89 -36.92
N LEU C 132 -28.06 1.76 -37.02
CA LEU C 132 -28.66 0.75 -37.89
C LEU C 132 -29.30 1.43 -39.09
N ALA C 133 -29.20 0.80 -40.26
CA ALA C 133 -29.75 1.36 -41.48
C ALA C 133 -30.43 0.28 -42.31
N GLN C 134 -31.51 0.67 -42.98
CA GLN C 134 -32.14 -0.17 -43.99
C GLN C 134 -31.99 0.57 -45.31
N PRO C 135 -30.88 0.34 -46.01
CA PRO C 135 -30.48 1.11 -47.20
C PRO C 135 -31.61 1.33 -48.20
N GLU C 136 -32.36 0.27 -48.52
CA GLU C 136 -33.40 0.36 -49.54
C GLU C 136 -34.55 1.28 -49.13
N SER C 137 -34.94 1.22 -47.86
CA SER C 137 -36.07 2.01 -47.38
C SER C 137 -35.62 3.37 -46.85
N GLY C 138 -34.33 3.49 -46.57
CA GLY C 138 -33.77 4.73 -46.05
C GLY C 138 -34.00 4.88 -44.55
N ARG C 139 -34.53 3.84 -43.92
CA ARG C 139 -34.83 3.90 -42.50
C ARG C 139 -33.57 3.89 -41.64
N ARG C 140 -33.63 4.58 -40.51
CA ARG C 140 -32.49 4.68 -39.60
C ARG C 140 -32.93 4.45 -38.17
N ALA C 141 -32.01 3.94 -37.36
CA ALA C 141 -32.25 3.75 -35.94
C ALA C 141 -30.90 3.70 -35.22
N GLU C 142 -30.93 3.87 -33.90
CA GLU C 142 -29.71 3.84 -33.11
C GLU C 142 -29.89 2.92 -31.92
N TYR C 143 -28.77 2.48 -31.34
CA TYR C 143 -28.80 1.62 -30.17
C TYR C 143 -27.57 1.90 -29.31
N SER C 144 -27.81 2.40 -28.11
CA SER C 144 -26.74 2.77 -27.20
C SER C 144 -27.14 2.33 -25.79
N PRO C 145 -26.93 1.04 -25.49
CA PRO C 145 -27.43 0.42 -24.25
C PRO C 145 -26.67 0.81 -22.98
N CYS C 146 -25.60 1.56 -23.11
CA CYS C 146 -24.78 1.92 -21.94
C CYS C 146 -24.99 3.36 -21.48
N ARG C 147 -25.79 4.13 -22.21
CA ARG C 147 -26.13 5.48 -21.79
C ARG C 147 -26.91 5.45 -20.48
N GLY C 148 -26.57 6.37 -19.57
CA GLY C 148 -27.26 6.46 -18.29
C GLY C 148 -27.47 7.90 -17.86
N ASN C 149 -28.18 8.08 -16.75
CA ASN C 149 -28.45 9.41 -16.21
C ASN C 149 -28.05 9.53 -14.74
N THR C 150 -27.19 8.63 -14.29
CA THR C 150 -26.70 8.64 -12.92
C THR C 150 -25.52 9.60 -12.80
N LEU C 151 -25.49 10.36 -11.70
CA LEU C 151 -24.43 11.33 -11.50
C LEU C 151 -23.19 10.69 -10.86
N SER C 152 -22.04 11.32 -11.08
CA SER C 152 -20.76 10.78 -10.64
C SER C 152 -20.77 10.39 -9.16
N ARG C 153 -21.23 11.32 -8.32
CA ARG C 153 -21.28 11.10 -6.88
C ARG C 153 -21.87 9.75 -6.51
N ILE C 154 -22.86 9.30 -7.27
CA ILE C 154 -23.57 8.06 -6.97
C ILE C 154 -22.70 6.82 -7.15
N TYR C 155 -21.96 6.76 -8.26
CA TYR C 155 -21.08 5.64 -8.51
C TYR C 155 -20.05 5.53 -7.40
N VAL C 156 -19.53 6.67 -6.96
CA VAL C 156 -18.56 6.70 -5.87
C VAL C 156 -19.14 6.07 -4.61
N GLU C 157 -20.39 6.40 -4.29
CA GLU C 157 -21.05 5.89 -3.09
C GLU C 157 -21.27 4.39 -3.13
N ASN C 158 -21.37 3.83 -4.34
CA ASN C 158 -21.66 2.41 -4.49
C ASN C 158 -20.48 1.60 -5.02
N ASP C 159 -19.27 2.10 -4.79
CA ASP C 159 -18.06 1.41 -5.21
C ASP C 159 -18.07 1.10 -6.70
N PHE C 160 -18.48 2.07 -7.50
CA PHE C 160 -18.48 1.96 -8.96
C PHE C 160 -19.05 0.62 -9.42
N SER C 161 -20.19 0.24 -8.86
CA SER C 161 -20.86 -0.99 -9.25
C SER C 161 -21.78 -0.71 -10.42
N TRP C 162 -21.92 -1.71 -11.30
CA TRP C 162 -22.75 -1.58 -12.50
C TRP C 162 -22.46 -0.26 -13.21
N ASP C 163 -21.18 0.03 -13.39
CA ASP C 163 -20.72 1.25 -14.03
C ASP C 163 -20.50 1.02 -15.53
N LYS C 164 -21.46 1.47 -16.33
CA LYS C 164 -21.45 1.23 -17.77
C LYS C 164 -21.01 2.46 -18.57
N ARG C 165 -20.33 3.38 -17.92
CA ARG C 165 -19.99 4.65 -18.55
C ARG C 165 -18.89 4.57 -19.62
N TYR C 166 -18.10 3.49 -19.60
CA TYR C 166 -17.01 3.35 -20.55
C TYR C 166 -17.16 2.10 -21.43
N CYS C 167 -18.39 1.64 -21.59
CA CYS C 167 -18.69 0.42 -22.32
C CYS C 167 -17.95 0.28 -23.64
N GLU C 168 -17.96 1.34 -24.43
CA GLU C 168 -17.52 1.28 -25.82
C GLU C 168 -18.29 0.19 -26.57
N ALA C 169 -19.61 0.19 -26.40
CA ALA C 169 -20.47 -0.78 -27.07
C ALA C 169 -20.31 -0.68 -28.58
N GLY C 170 -20.29 -1.83 -29.23
CA GLY C 170 -20.09 -1.88 -30.67
C GLY C 170 -18.64 -2.11 -31.04
N PHE C 171 -17.77 -2.11 -30.04
CA PHE C 171 -16.37 -2.45 -30.23
C PHE C 171 -16.28 -3.71 -31.07
N SER C 172 -17.10 -4.70 -30.72
CA SER C 172 -17.29 -5.88 -31.54
C SER C 172 -18.79 -6.10 -31.69
N SER C 173 -19.19 -6.86 -32.70
CA SER C 173 -20.62 -7.06 -32.95
C SER C 173 -20.90 -8.31 -33.77
N VAL C 174 -22.13 -8.80 -33.66
CA VAL C 174 -22.57 -9.97 -34.38
C VAL C 174 -24.09 -10.04 -34.28
N VAL C 175 -24.73 -10.63 -35.29
CA VAL C 175 -26.17 -10.79 -35.29
C VAL C 175 -26.53 -12.27 -35.45
N THR C 176 -27.35 -12.78 -34.54
CA THR C 176 -27.79 -14.16 -34.61
C THR C 176 -28.68 -14.35 -35.85
N GLN C 177 -28.87 -15.59 -36.25
CA GLN C 177 -29.67 -15.89 -37.43
C GLN C 177 -31.13 -15.47 -37.24
N ALA C 178 -31.55 -15.33 -35.98
CA ALA C 178 -32.92 -14.94 -35.67
C ALA C 178 -33.09 -13.42 -35.67
N GLY C 179 -31.97 -12.69 -35.75
CA GLY C 179 -32.03 -11.24 -35.86
C GLY C 179 -31.79 -10.53 -34.54
N GLU C 180 -31.00 -11.14 -33.66
CA GLU C 180 -30.66 -10.52 -32.39
C GLU C 180 -29.27 -9.89 -32.47
N LEU C 181 -29.21 -8.59 -32.24
CA LEU C 181 -27.95 -7.85 -32.23
C LEU C 181 -27.22 -8.05 -30.91
N VAL C 182 -26.00 -8.58 -30.98
CA VAL C 182 -25.18 -8.78 -29.79
C VAL C 182 -23.94 -7.88 -29.88
N LEU C 183 -23.80 -6.97 -28.94
CA LEU C 183 -22.68 -6.04 -28.95
C LEU C 183 -21.67 -6.41 -27.88
N GLY C 184 -20.39 -6.33 -28.22
CA GLY C 184 -19.33 -6.45 -27.25
C GLY C 184 -18.98 -5.07 -26.72
N ALA C 185 -18.77 -4.97 -25.41
CA ALA C 185 -18.43 -3.70 -24.79
C ALA C 185 -17.29 -3.92 -23.80
N PRO C 186 -16.05 -3.97 -24.30
CA PRO C 186 -14.89 -4.35 -23.50
C PRO C 186 -14.63 -3.43 -22.32
N GLY C 187 -15.20 -2.23 -22.32
CA GLY C 187 -14.99 -1.28 -21.24
C GLY C 187 -16.06 -1.33 -20.16
N GLY C 188 -17.06 -2.19 -20.33
CA GLY C 188 -18.20 -2.26 -19.44
C GLY C 188 -17.86 -2.61 -17.99
N TYR C 189 -18.64 -2.06 -17.06
CA TYR C 189 -18.43 -2.29 -15.63
C TYR C 189 -17.00 -2.02 -15.22
N TYR C 190 -16.54 -0.80 -15.50
CA TYR C 190 -15.18 -0.38 -15.17
C TYR C 190 -14.14 -1.34 -15.74
N PHE C 191 -14.29 -1.64 -17.04
CA PHE C 191 -13.27 -2.35 -17.82
C PHE C 191 -13.21 -3.85 -17.56
N LEU C 192 -14.28 -4.41 -17.01
CA LEU C 192 -14.43 -5.86 -16.98
C LEU C 192 -14.91 -6.33 -18.34
N GLY C 193 -15.81 -5.56 -18.93
CA GLY C 193 -16.41 -5.90 -20.20
C GLY C 193 -17.79 -6.48 -20.03
N LEU C 194 -18.66 -6.25 -21.01
CA LEU C 194 -20.01 -6.79 -20.97
C LEU C 194 -20.57 -6.97 -22.37
N LEU C 195 -21.64 -7.76 -22.47
CA LEU C 195 -22.36 -7.95 -23.71
C LEU C 195 -23.75 -7.33 -23.62
N ALA C 196 -24.20 -6.73 -24.72
CA ALA C 196 -25.54 -6.15 -24.80
C ALA C 196 -26.28 -6.81 -25.95
N GLN C 197 -27.50 -7.24 -25.68
CA GLN C 197 -28.27 -7.98 -26.67
CA GLN C 197 -28.28 -7.98 -26.67
C GLN C 197 -29.67 -7.39 -26.83
N ALA C 198 -30.11 -7.23 -28.07
CA ALA C 198 -31.45 -6.73 -28.35
C ALA C 198 -31.86 -7.07 -29.78
N PRO C 199 -33.13 -7.47 -29.97
CA PRO C 199 -33.65 -7.75 -31.30
C PRO C 199 -33.60 -6.53 -32.22
N VAL C 200 -33.14 -6.72 -33.44
CA VAL C 200 -33.04 -5.63 -34.40
C VAL C 200 -34.40 -4.96 -34.60
N ALA C 201 -35.44 -5.76 -34.73
CA ALA C 201 -36.80 -5.23 -34.94
C ALA C 201 -37.22 -4.31 -33.79
N ASP C 202 -36.86 -4.70 -32.57
CA ASP C 202 -37.26 -3.93 -31.39
C ASP C 202 -36.41 -2.67 -31.22
N ILE C 203 -35.23 -2.66 -31.80
CA ILE C 203 -34.40 -1.47 -31.80
C ILE C 203 -35.01 -0.42 -32.75
N PHE C 204 -35.52 -0.88 -33.89
CA PHE C 204 -36.12 0.02 -34.87
C PHE C 204 -37.47 0.55 -34.39
N SER C 205 -38.27 -0.30 -33.77
CA SER C 205 -39.63 0.06 -33.39
C SER C 205 -39.67 0.93 -32.14
N SER C 206 -38.58 0.94 -31.37
CA SER C 206 -38.55 1.70 -30.12
C SER C 206 -37.73 2.98 -30.23
N TYR C 207 -37.02 3.15 -31.34
CA TYR C 207 -36.18 4.32 -31.52
C TYR C 207 -36.94 5.51 -32.09
N ARG C 208 -36.67 6.69 -31.53
CA ARG C 208 -37.20 7.94 -32.08
C ARG C 208 -36.10 8.98 -31.96
N PRO C 209 -35.91 9.80 -33.00
CA PRO C 209 -34.84 10.80 -32.97
C PRO C 209 -35.08 11.87 -31.92
N GLY C 210 -34.04 12.23 -31.18
CA GLY C 210 -34.11 13.30 -30.21
C GLY C 210 -34.27 12.83 -28.78
N ILE C 211 -34.75 11.61 -28.60
CA ILE C 211 -35.01 11.08 -27.26
C ILE C 211 -33.70 10.83 -26.51
N LEU C 212 -32.71 10.25 -27.21
CA LEU C 212 -31.38 10.01 -26.66
C LEU C 212 -31.33 8.90 -25.61
N LEU C 213 -32.29 8.90 -24.69
CA LEU C 213 -32.31 7.93 -23.61
C LEU C 213 -33.68 7.24 -23.56
N TRP C 214 -33.75 6.01 -24.05
CA TRP C 214 -35.03 5.31 -24.14
C TRP C 214 -34.91 3.83 -23.77
N HIS C 215 -36.04 3.16 -23.62
CA HIS C 215 -36.09 1.79 -23.15
C HIS C 215 -36.27 0.78 -24.28
N VAL C 216 -35.41 -0.24 -24.28
CA VAL C 216 -35.60 -1.40 -25.16
C VAL C 216 -35.86 -2.59 -24.25
N SER C 217 -37.13 -2.83 -23.96
CA SER C 217 -37.53 -3.79 -22.93
C SER C 217 -36.98 -5.20 -23.15
N SER C 218 -36.87 -5.61 -24.41
CA SER C 218 -36.44 -6.96 -24.73
C SER C 218 -34.91 -7.11 -24.72
N GLN C 219 -34.20 -6.05 -24.34
CA GLN C 219 -32.74 -6.11 -24.31
C GLN C 219 -32.29 -6.89 -23.08
N SER C 220 -31.05 -7.37 -23.12
CA SER C 220 -30.49 -8.18 -22.05
C SER C 220 -28.98 -7.99 -21.97
N LEU C 221 -28.50 -7.55 -20.80
CA LEU C 221 -27.08 -7.31 -20.60
C LEU C 221 -26.45 -8.35 -19.68
N SER C 222 -25.16 -8.60 -19.87
CA SER C 222 -24.41 -9.47 -18.99
C SER C 222 -24.21 -8.78 -17.64
N PHE C 223 -23.46 -9.41 -16.74
CA PHE C 223 -23.43 -8.98 -15.35
C PHE C 223 -22.06 -8.51 -14.88
N ASP C 224 -22.07 -7.74 -13.79
CA ASP C 224 -20.83 -7.31 -13.14
C ASP C 224 -20.29 -8.48 -12.33
N SER C 225 -19.09 -8.32 -11.78
CA SER C 225 -18.46 -9.40 -11.02
C SER C 225 -17.49 -8.84 -10.00
N SER C 226 -17.33 -9.56 -8.89
CA SER C 226 -16.39 -9.18 -7.85
C SER C 226 -15.14 -10.05 -7.92
N ASN C 227 -15.16 -11.03 -8.82
CA ASN C 227 -14.02 -11.90 -9.01
C ASN C 227 -12.88 -11.14 -9.70
N PRO C 228 -11.74 -10.95 -9.00
CA PRO C 228 -10.63 -10.18 -9.57
C PRO C 228 -10.06 -10.78 -10.85
N GLU C 229 -10.35 -12.05 -11.11
CA GLU C 229 -9.93 -12.69 -12.35
C GLU C 229 -10.46 -11.93 -13.57
N TYR C 230 -11.60 -11.27 -13.40
CA TYR C 230 -12.26 -10.58 -14.50
C TYR C 230 -11.86 -9.12 -14.63
N PHE C 231 -11.16 -8.58 -13.64
CA PHE C 231 -10.78 -7.17 -13.65
C PHE C 231 -9.89 -6.83 -14.86
N ASP C 232 -10.30 -5.81 -15.60
CA ASP C 232 -9.53 -5.32 -16.75
C ASP C 232 -9.34 -6.40 -17.82
N GLY C 233 -10.35 -7.24 -18.00
CA GLY C 233 -10.24 -8.38 -18.91
C GLY C 233 -10.78 -8.13 -20.30
N TYR C 234 -11.37 -6.96 -20.52
CA TYR C 234 -11.90 -6.57 -21.83
C TYR C 234 -12.79 -7.66 -22.43
N TRP C 235 -13.57 -8.29 -21.56
CA TRP C 235 -14.62 -9.22 -21.97
C TRP C 235 -15.50 -8.56 -23.02
N GLY C 236 -15.51 -9.10 -24.23
CA GLY C 236 -16.29 -8.52 -25.31
C GLY C 236 -15.44 -7.82 -26.35
N TYR C 237 -14.12 -7.89 -26.18
CA TYR C 237 -13.19 -7.39 -27.18
C TYR C 237 -13.56 -7.98 -28.54
N SER C 238 -13.94 -9.25 -28.52
CA SER C 238 -14.39 -9.94 -29.72
C SER C 238 -15.60 -10.82 -29.39
N VAL C 239 -16.45 -11.08 -30.37
CA VAL C 239 -17.67 -11.84 -30.14
C VAL C 239 -18.12 -12.61 -31.39
N ALA C 240 -18.74 -13.76 -31.16
CA ALA C 240 -19.29 -14.57 -32.24
C ALA C 240 -20.46 -15.39 -31.69
N VAL C 241 -21.18 -16.06 -32.59
CA VAL C 241 -22.30 -16.91 -32.18
C VAL C 241 -22.16 -18.28 -32.82
N GLY C 242 -22.76 -19.28 -32.19
CA GLY C 242 -22.72 -20.64 -32.70
C GLY C 242 -23.59 -21.60 -31.91
N GLU C 243 -23.47 -22.88 -32.23
CA GLU C 243 -24.24 -23.93 -31.57
C GLU C 243 -23.30 -24.88 -30.84
N PHE C 244 -23.35 -24.87 -29.50
CA PHE C 244 -22.42 -25.64 -28.70
C PHE C 244 -23.07 -26.43 -27.56
N ASP C 245 -24.40 -26.44 -27.50
CA ASP C 245 -25.09 -27.12 -26.40
C ASP C 245 -26.09 -28.17 -26.89
N GLY C 246 -26.01 -28.51 -28.17
CA GLY C 246 -26.90 -29.51 -28.73
C GLY C 246 -28.27 -28.97 -29.09
N ASP C 247 -28.92 -28.33 -28.12
CA ASP C 247 -30.24 -27.76 -28.34
C ASP C 247 -30.23 -26.75 -29.48
N LEU C 248 -30.84 -27.11 -30.60
CA LEU C 248 -30.86 -26.25 -31.78
C LEU C 248 -31.79 -25.06 -31.58
N ASN C 249 -32.62 -25.11 -30.54
CA ASN C 249 -33.55 -24.04 -30.25
C ASN C 249 -32.86 -22.84 -29.59
N THR C 250 -31.71 -23.10 -28.97
CA THR C 250 -30.96 -22.06 -28.27
C THR C 250 -29.74 -21.62 -29.06
N THR C 251 -29.32 -20.38 -28.85
CA THR C 251 -28.14 -19.84 -29.50
C THR C 251 -27.08 -19.49 -28.47
N GLU C 252 -25.88 -20.00 -28.65
CA GLU C 252 -24.79 -19.79 -27.72
C GLU C 252 -23.86 -18.66 -28.18
N TYR C 253 -23.33 -17.91 -27.22
CA TYR C 253 -22.43 -16.80 -27.52
C TYR C 253 -20.98 -17.18 -27.25
N VAL C 254 -20.07 -16.69 -28.09
CA VAL C 254 -18.65 -16.88 -27.89
C VAL C 254 -18.03 -15.50 -27.68
N VAL C 255 -17.33 -15.34 -26.55
CA VAL C 255 -16.81 -14.04 -26.16
C VAL C 255 -15.31 -14.12 -25.86
N GLY C 256 -14.56 -13.17 -26.41
CA GLY C 256 -13.13 -13.09 -26.16
C GLY C 256 -12.81 -12.07 -25.08
N ALA C 257 -11.89 -12.45 -24.19
CA ALA C 257 -11.43 -11.59 -23.12
C ALA C 257 -9.91 -11.64 -23.07
N PRO C 258 -9.26 -10.87 -23.96
CA PRO C 258 -7.82 -11.01 -24.22
C PRO C 258 -6.90 -10.65 -23.05
N THR C 259 -7.40 -9.95 -22.04
CA THR C 259 -6.58 -9.62 -20.88
C THR C 259 -7.12 -10.24 -19.60
N TRP C 260 -8.01 -11.21 -19.75
CA TRP C 260 -8.63 -11.89 -18.61
C TRP C 260 -7.59 -12.51 -17.69
N SER C 261 -7.82 -12.38 -16.39
CA SER C 261 -6.97 -13.00 -15.38
C SER C 261 -5.52 -12.54 -15.49
N TRP C 262 -5.30 -11.24 -15.33
CA TRP C 262 -3.95 -10.68 -15.38
C TRP C 262 -3.27 -10.95 -16.73
N THR C 263 -3.99 -10.65 -17.79
CA THR C 263 -3.50 -10.77 -19.17
C THR C 263 -3.15 -12.20 -19.62
N LEU C 264 -3.68 -13.21 -18.94
CA LEU C 264 -3.55 -14.57 -19.43
C LEU C 264 -4.46 -14.75 -20.64
N GLY C 265 -5.60 -14.09 -20.60
CA GLY C 265 -6.57 -14.14 -21.69
C GLY C 265 -7.51 -15.33 -21.57
N ALA C 266 -8.66 -15.23 -22.22
CA ALA C 266 -9.62 -16.31 -22.19
C ALA C 266 -10.71 -16.12 -23.24
N VAL C 267 -11.37 -17.22 -23.59
CA VAL C 267 -12.55 -17.19 -24.43
C VAL C 267 -13.63 -18.00 -23.71
N GLU C 268 -14.86 -17.51 -23.71
CA GLU C 268 -15.93 -18.18 -23.00
C GLU C 268 -17.12 -18.44 -23.91
N ILE C 269 -17.77 -19.58 -23.70
CA ILE C 269 -18.97 -19.94 -24.43
C ILE C 269 -20.15 -19.87 -23.49
N LEU C 270 -21.14 -19.04 -23.84
CA LEU C 270 -22.26 -18.76 -22.95
C LEU C 270 -23.57 -19.14 -23.60
N ASP C 271 -24.63 -19.18 -22.80
CA ASP C 271 -25.98 -19.33 -23.34
C ASP C 271 -26.62 -17.95 -23.45
N SER C 272 -27.84 -17.90 -23.96
CA SER C 272 -28.53 -16.63 -24.20
C SER C 272 -28.68 -15.80 -22.92
N TYR C 273 -28.59 -16.45 -21.77
CA TYR C 273 -28.75 -15.76 -20.48
C TYR C 273 -27.41 -15.47 -19.82
N TYR C 274 -26.33 -15.60 -20.59
CA TYR C 274 -24.99 -15.26 -20.15
C TYR C 274 -24.47 -16.18 -19.04
N GLN C 275 -24.98 -17.41 -19.00
CA GLN C 275 -24.43 -18.44 -18.12
C GLN C 275 -23.28 -19.13 -18.83
N ARG C 276 -22.18 -19.33 -18.12
CA ARG C 276 -20.97 -19.88 -18.71
C ARG C 276 -21.08 -21.38 -18.93
N LEU C 277 -20.85 -21.81 -20.18
CA LEU C 277 -20.87 -23.23 -20.53
C LEU C 277 -19.45 -23.78 -20.50
N HIS C 278 -18.52 -23.12 -21.21
CA HIS C 278 -17.11 -23.51 -21.14
CA HIS C 278 -17.11 -23.51 -21.18
C HIS C 278 -16.22 -22.28 -21.09
N ARG C 279 -15.00 -22.47 -20.59
CA ARG C 279 -14.00 -21.42 -20.61
C ARG C 279 -12.67 -21.97 -21.13
N LEU C 280 -12.08 -21.25 -22.07
CA LEU C 280 -10.77 -21.61 -22.61
C LEU C 280 -9.77 -20.58 -22.13
N ARG C 281 -8.70 -21.04 -21.50
CA ARG C 281 -7.71 -20.15 -20.93
C ARG C 281 -6.57 -19.95 -21.90
N GLY C 282 -6.04 -18.73 -21.95
CA GLY C 282 -4.87 -18.44 -22.77
C GLY C 282 -3.70 -19.30 -22.33
N GLU C 283 -2.69 -19.39 -23.18
CA GLU C 283 -1.54 -20.24 -22.94
C GLU C 283 -0.36 -19.44 -22.41
N GLN C 284 -0.31 -18.16 -22.76
CA GLN C 284 0.83 -17.33 -22.47
C GLN C 284 0.39 -15.89 -22.22
N MET C 285 0.85 -15.32 -21.12
CA MET C 285 0.46 -13.96 -20.74
C MET C 285 0.83 -12.94 -21.80
N ALA C 286 -0.08 -12.01 -22.05
CA ALA C 286 0.13 -10.91 -22.99
C ALA C 286 0.07 -11.32 -24.46
N SER C 287 -0.23 -12.59 -24.73
CA SER C 287 -0.35 -13.07 -26.10
C SER C 287 -1.66 -12.58 -26.73
N TYR C 288 -2.54 -12.04 -25.90
CA TYR C 288 -3.83 -11.52 -26.35
C TYR C 288 -4.72 -12.64 -26.93
N PHE C 289 -4.68 -13.79 -26.27
CA PHE C 289 -5.57 -14.91 -26.57
C PHE C 289 -7.01 -14.46 -26.40
N GLY C 290 -7.76 -14.45 -27.50
CA GLY C 290 -9.14 -13.99 -27.47
C GLY C 290 -9.33 -12.74 -28.30
N HIS C 291 -8.24 -12.23 -28.86
CA HIS C 291 -8.29 -11.06 -29.73
C HIS C 291 -9.30 -11.27 -30.85
N SER C 292 -9.37 -12.50 -31.33
CA SER C 292 -10.33 -12.84 -32.38
C SER C 292 -10.87 -14.25 -32.16
N VAL C 293 -12.13 -14.45 -32.50
CA VAL C 293 -12.75 -15.76 -32.41
C VAL C 293 -13.51 -16.04 -33.70
N ALA C 294 -13.64 -17.32 -34.04
CA ALA C 294 -14.36 -17.71 -35.23
C ALA C 294 -15.06 -19.05 -35.01
N VAL C 295 -16.28 -19.15 -35.50
CA VAL C 295 -17.05 -20.38 -35.36
C VAL C 295 -17.41 -20.93 -36.73
N THR C 296 -17.01 -22.17 -36.97
CA THR C 296 -17.32 -22.85 -38.22
C THR C 296 -16.99 -24.34 -38.07
N ASP C 297 -17.81 -25.18 -38.66
CA ASP C 297 -17.55 -26.62 -38.67
C ASP C 297 -16.52 -26.93 -39.75
N VAL C 298 -15.32 -27.32 -39.33
CA VAL C 298 -14.22 -27.51 -40.28
C VAL C 298 -13.98 -28.96 -40.65
N ASN C 299 -14.49 -29.89 -39.84
CA ASN C 299 -14.31 -31.31 -40.11
C ASN C 299 -15.60 -32.00 -40.58
N GLY C 300 -16.50 -31.21 -41.16
CA GLY C 300 -17.72 -31.73 -41.76
C GLY C 300 -18.44 -32.80 -40.96
N ASP C 301 -18.61 -32.57 -39.67
CA ASP C 301 -19.34 -33.51 -38.82
C ASP C 301 -20.63 -32.90 -38.28
N GLY C 302 -20.91 -31.66 -38.70
CA GLY C 302 -22.15 -31.00 -38.34
C GLY C 302 -22.05 -30.14 -37.09
N ARG C 303 -20.98 -30.33 -36.32
CA ARG C 303 -20.82 -29.62 -35.06
C ARG C 303 -19.83 -28.47 -35.19
N HIS C 304 -20.29 -27.26 -34.89
CA HIS C 304 -19.45 -26.06 -34.94
C HIS C 304 -18.18 -26.25 -34.12
N ASP C 305 -17.06 -25.80 -34.68
CA ASP C 305 -15.79 -25.82 -33.97
C ASP C 305 -15.36 -24.39 -33.68
N LEU C 306 -14.38 -24.24 -32.79
CA LEU C 306 -13.96 -22.92 -32.36
C LEU C 306 -12.51 -22.63 -32.72
N LEU C 307 -12.28 -21.44 -33.27
CA LEU C 307 -10.93 -20.98 -33.58
C LEU C 307 -10.65 -19.73 -32.77
N VAL C 308 -9.48 -19.69 -32.13
CA VAL C 308 -9.11 -18.56 -31.28
C VAL C 308 -7.76 -18.01 -31.70
N GLY C 309 -7.69 -16.68 -31.84
CA GLY C 309 -6.45 -16.03 -32.22
C GLY C 309 -5.73 -15.39 -31.04
N ALA C 310 -4.43 -15.62 -30.97
CA ALA C 310 -3.56 -14.96 -29.99
C ALA C 310 -2.40 -14.32 -30.75
N PRO C 311 -2.64 -13.12 -31.31
CA PRO C 311 -1.71 -12.52 -32.28
C PRO C 311 -0.33 -12.14 -31.73
N LEU C 312 -0.16 -12.11 -30.42
CA LEU C 312 1.12 -11.72 -29.84
C LEU C 312 1.82 -12.89 -29.16
N TYR C 313 1.35 -14.09 -29.43
CA TYR C 313 2.00 -15.28 -28.87
C TYR C 313 3.46 -15.32 -29.29
N MET C 314 4.33 -15.55 -28.32
CA MET C 314 5.77 -15.65 -28.58
C MET C 314 6.19 -17.11 -28.62
N GLU C 315 6.68 -17.54 -29.77
CA GLU C 315 7.09 -18.91 -29.99
C GLU C 315 8.47 -19.15 -29.39
N SER C 316 8.69 -20.36 -28.89
CA SER C 316 9.97 -20.72 -28.30
C SER C 316 10.98 -21.08 -29.38
N ARG C 317 12.05 -20.29 -29.47
CA ARG C 317 13.13 -20.54 -30.42
C ARG C 317 14.34 -21.14 -29.68
N ALA C 318 15.31 -21.64 -30.45
CA ALA C 318 16.49 -22.25 -29.87
C ALA C 318 17.25 -21.27 -28.98
N ASP C 319 18.02 -21.82 -28.03
CA ASP C 319 18.82 -21.03 -27.11
C ASP C 319 17.93 -20.29 -26.11
N ARG C 320 16.78 -20.88 -25.80
CA ARG C 320 15.83 -20.28 -24.86
C ARG C 320 15.47 -18.86 -25.28
N LYS C 321 15.16 -18.70 -26.56
CA LYS C 321 14.72 -17.42 -27.10
C LYS C 321 13.20 -17.42 -27.30
N LEU C 322 12.63 -16.23 -27.39
CA LEU C 322 11.21 -16.09 -27.68
C LEU C 322 11.02 -15.17 -28.88
N ALA C 323 10.17 -15.57 -29.82
CA ALA C 323 9.92 -14.76 -31.01
C ALA C 323 8.43 -14.51 -31.15
N GLU C 324 8.03 -13.25 -31.12
CA GLU C 324 6.63 -12.88 -31.26
C GLU C 324 6.15 -13.11 -32.69
N VAL C 325 5.28 -14.09 -32.88
CA VAL C 325 4.79 -14.44 -34.20
C VAL C 325 3.27 -14.58 -34.27
N GLY C 326 2.64 -14.89 -33.14
CA GLY C 326 1.20 -15.08 -33.11
C GLY C 326 0.84 -16.55 -33.26
N ARG C 327 -0.36 -16.91 -32.82
CA ARG C 327 -0.80 -18.30 -32.87
C ARG C 327 -2.32 -18.40 -32.94
N VAL C 328 -2.81 -19.45 -33.63
CA VAL C 328 -4.23 -19.72 -33.70
C VAL C 328 -4.51 -21.11 -33.14
N TYR C 329 -5.59 -21.22 -32.36
CA TYR C 329 -5.95 -22.47 -31.70
C TYR C 329 -7.25 -23.01 -32.27
N LEU C 330 -7.27 -24.31 -32.56
CA LEU C 330 -8.48 -24.97 -33.05
C LEU C 330 -9.04 -25.92 -31.99
N PHE C 331 -10.30 -25.71 -31.64
CA PHE C 331 -11.00 -26.58 -30.71
C PHE C 331 -12.16 -27.24 -31.42
N LEU C 332 -12.10 -28.55 -31.60
CA LEU C 332 -13.20 -29.28 -32.23
C LEU C 332 -14.23 -29.65 -31.18
N GLN C 333 -15.49 -29.40 -31.48
CA GLN C 333 -16.56 -29.73 -30.53
C GLN C 333 -16.79 -31.23 -30.51
N PRO C 334 -16.66 -31.85 -29.33
CA PRO C 334 -16.86 -33.30 -29.20
C PRO C 334 -18.33 -33.70 -29.31
N ARG C 335 -18.58 -35.00 -29.41
CA ARG C 335 -19.96 -35.51 -29.45
C ARG C 335 -20.56 -35.46 -28.05
N GLY C 336 -21.80 -35.01 -27.96
CA GLY C 336 -22.52 -34.99 -26.69
C GLY C 336 -22.26 -33.73 -25.90
N PRO C 337 -22.60 -33.75 -24.60
CA PRO C 337 -22.48 -32.59 -23.70
C PRO C 337 -21.05 -32.36 -23.23
N HIS C 338 -20.12 -33.17 -23.71
CA HIS C 338 -18.72 -33.06 -23.31
C HIS C 338 -18.21 -31.64 -23.50
N ALA C 339 -17.33 -31.21 -22.61
CA ALA C 339 -16.74 -29.88 -22.68
C ALA C 339 -15.57 -29.87 -23.68
N LEU C 340 -15.40 -28.75 -24.37
CA LEU C 340 -14.30 -28.60 -25.32
C LEU C 340 -12.98 -28.85 -24.60
N GLY C 341 -12.19 -29.80 -25.11
CA GLY C 341 -10.97 -30.20 -24.44
C GLY C 341 -9.79 -29.33 -24.84
N ALA C 342 -8.61 -29.95 -24.87
CA ALA C 342 -7.39 -29.27 -25.29
C ALA C 342 -7.48 -28.98 -26.78
N PRO C 343 -6.63 -28.06 -27.27
CA PRO C 343 -6.61 -27.72 -28.69
C PRO C 343 -6.33 -28.94 -29.56
N SER C 344 -7.11 -29.10 -30.62
CA SER C 344 -6.94 -30.19 -31.56
C SER C 344 -5.77 -29.88 -32.50
N LEU C 345 -5.45 -28.60 -32.66
CA LEU C 345 -4.43 -28.17 -33.59
C LEU C 345 -3.94 -26.76 -33.25
N LEU C 346 -2.64 -26.56 -33.34
CA LEU C 346 -2.04 -25.25 -33.12
C LEU C 346 -1.37 -24.76 -34.41
N LEU C 347 -1.79 -23.60 -34.88
CA LEU C 347 -1.13 -22.96 -36.02
C LEU C 347 -0.32 -21.77 -35.53
N THR C 348 0.95 -21.71 -35.91
CA THR C 348 1.85 -20.68 -35.42
C THR C 348 2.47 -19.90 -36.58
N GLY C 349 2.64 -18.59 -36.38
CA GLY C 349 3.20 -17.73 -37.40
C GLY C 349 4.70 -17.93 -37.54
N THR C 350 5.28 -17.29 -38.56
CA THR C 350 6.71 -17.40 -38.82
C THR C 350 7.40 -16.05 -38.79
N GLN C 351 6.75 -15.03 -39.32
CA GLN C 351 7.35 -13.70 -39.41
C GLN C 351 7.30 -12.97 -38.06
N LEU C 352 8.44 -12.44 -37.64
CA LEU C 352 8.53 -11.68 -36.40
C LEU C 352 7.61 -10.46 -36.44
N TYR C 353 6.79 -10.32 -35.40
CA TYR C 353 5.84 -9.21 -35.29
C TYR C 353 4.73 -9.26 -36.34
N GLY C 354 4.55 -10.41 -36.98
CA GLY C 354 3.57 -10.54 -38.04
C GLY C 354 2.14 -10.49 -37.53
N ARG C 355 1.95 -10.85 -36.27
CA ARG C 355 0.63 -10.88 -35.64
C ARG C 355 -0.31 -11.87 -36.32
N PHE C 356 0.22 -13.06 -36.63
CA PHE C 356 -0.59 -14.15 -37.12
C PHE C 356 -1.71 -14.46 -36.13
N GLY C 357 -2.95 -14.42 -36.60
CA GLY C 357 -4.10 -14.68 -35.76
C GLY C 357 -4.87 -13.42 -35.40
N SER C 358 -4.51 -12.30 -36.02
CA SER C 358 -5.20 -11.05 -35.79
CA SER C 358 -5.21 -11.04 -35.79
C SER C 358 -6.65 -11.13 -36.27
N ALA C 359 -6.88 -11.96 -37.28
CA ALA C 359 -8.22 -12.15 -37.82
C ALA C 359 -8.38 -13.56 -38.38
N ILE C 360 -9.54 -14.16 -38.13
CA ILE C 360 -9.84 -15.49 -38.61
C ILE C 360 -11.20 -15.47 -39.29
N ALA C 361 -11.23 -15.85 -40.57
CA ALA C 361 -12.47 -15.80 -41.34
C ALA C 361 -12.87 -17.17 -41.85
N PRO C 362 -14.07 -17.63 -41.46
CA PRO C 362 -14.64 -18.80 -42.14
C PRO C 362 -14.82 -18.50 -43.63
N LEU C 363 -14.49 -19.45 -44.49
CA LEU C 363 -14.57 -19.23 -45.92
C LEU C 363 -15.70 -20.05 -46.55
N GLY C 364 -16.41 -20.81 -45.73
CA GLY C 364 -17.33 -21.81 -46.25
C GLY C 364 -16.48 -22.88 -46.92
N ASP C 365 -17.06 -23.68 -47.81
CA ASP C 365 -16.28 -24.68 -48.52
C ASP C 365 -15.71 -24.09 -49.80
N LEU C 366 -14.46 -23.65 -49.72
CA LEU C 366 -13.80 -22.95 -50.80
C LEU C 366 -13.66 -23.82 -52.05
N ASP C 367 -13.24 -25.07 -51.85
CA ASP C 367 -13.02 -25.99 -52.97
C ASP C 367 -14.16 -26.99 -53.14
N ARG C 368 -15.21 -26.83 -52.34
CA ARG C 368 -16.39 -27.70 -52.43
C ARG C 368 -16.01 -29.18 -52.41
N ASP C 369 -15.21 -29.57 -51.43
CA ASP C 369 -14.80 -30.96 -51.27
C ASP C 369 -15.58 -31.65 -50.16
N GLY C 370 -16.34 -30.87 -49.39
CA GLY C 370 -17.15 -31.41 -48.32
C GLY C 370 -16.79 -30.88 -46.94
N TYR C 371 -15.68 -30.14 -46.86
CA TYR C 371 -15.21 -29.61 -45.59
C TYR C 371 -14.99 -28.10 -45.67
N ASN C 372 -15.50 -27.38 -44.68
CA ASN C 372 -15.34 -25.92 -44.64
C ASN C 372 -13.89 -25.52 -44.36
N ASP C 373 -13.53 -24.33 -44.80
CA ASP C 373 -12.15 -23.87 -44.78
C ASP C 373 -12.04 -22.50 -44.10
N ILE C 374 -10.81 -22.10 -43.75
CA ILE C 374 -10.61 -20.82 -43.09
C ILE C 374 -9.46 -20.01 -43.67
N ALA C 375 -9.52 -18.70 -43.44
CA ALA C 375 -8.42 -17.80 -43.76
C ALA C 375 -7.93 -17.15 -42.46
N VAL C 376 -6.62 -17.11 -42.28
CA VAL C 376 -6.01 -16.46 -41.13
C VAL C 376 -5.08 -15.34 -41.61
N ALA C 377 -5.25 -14.15 -41.06
CA ALA C 377 -4.45 -13.01 -41.47
C ALA C 377 -3.30 -12.74 -40.51
N ALA C 378 -2.14 -12.40 -41.08
CA ALA C 378 -1.02 -11.85 -40.34
C ALA C 378 -0.72 -10.48 -40.93
N PRO C 379 -1.37 -9.44 -40.41
CA PRO C 379 -1.36 -8.08 -40.98
C PRO C 379 0.04 -7.47 -41.19
N TYR C 380 1.05 -8.02 -40.54
CA TYR C 380 2.41 -7.53 -40.73
C TYR C 380 3.35 -8.70 -41.02
N GLY C 381 2.77 -9.78 -41.52
CA GLY C 381 3.53 -10.98 -41.84
C GLY C 381 4.04 -10.97 -43.28
N GLY C 382 4.50 -12.13 -43.73
CA GLY C 382 5.14 -12.26 -45.02
C GLY C 382 6.61 -11.93 -44.89
N PRO C 383 7.42 -12.35 -45.87
CA PRO C 383 8.87 -12.09 -45.85
C PRO C 383 9.20 -10.60 -45.79
N SER C 384 8.33 -9.77 -46.34
CA SER C 384 8.58 -8.33 -46.40
C SER C 384 7.88 -7.57 -45.27
N GLY C 385 7.02 -8.26 -44.52
CA GLY C 385 6.29 -7.64 -43.43
C GLY C 385 5.15 -6.74 -43.89
N ARG C 386 4.71 -6.92 -45.14
CA ARG C 386 3.66 -6.08 -45.71
C ARG C 386 2.26 -6.63 -45.47
N GLY C 387 2.18 -7.84 -44.94
CA GLY C 387 0.89 -8.45 -44.66
C GLY C 387 0.65 -9.71 -45.49
N GLN C 388 0.00 -10.68 -44.89
CA GLN C 388 -0.19 -11.98 -45.52
C GLN C 388 -1.48 -12.62 -45.01
N VAL C 389 -2.19 -13.29 -45.90
CA VAL C 389 -3.37 -14.05 -45.53
C VAL C 389 -3.17 -15.50 -45.95
N LEU C 390 -3.42 -16.44 -45.04
CA LEU C 390 -3.18 -17.84 -45.30
C LEU C 390 -4.48 -18.64 -45.29
N VAL C 391 -4.61 -19.55 -46.23
CA VAL C 391 -5.81 -20.37 -46.34
C VAL C 391 -5.51 -21.79 -45.86
N PHE C 392 -6.33 -22.29 -44.94
CA PHE C 392 -6.20 -23.66 -44.46
C PHE C 392 -7.48 -24.42 -44.79
N LEU C 393 -7.33 -25.61 -45.36
CA LEU C 393 -8.47 -26.41 -45.79
C LEU C 393 -8.93 -27.36 -44.69
N GLY C 394 -10.25 -27.50 -44.57
CA GLY C 394 -10.83 -28.45 -43.64
C GLY C 394 -10.60 -29.87 -44.08
N GLN C 395 -10.69 -30.79 -43.12
CA GLN C 395 -10.53 -32.21 -43.38
C GLN C 395 -11.22 -32.97 -42.24
N SER C 396 -11.33 -34.28 -42.39
CA SER C 396 -12.01 -35.10 -41.39
C SER C 396 -11.36 -34.97 -40.01
N GLU C 397 -10.07 -34.68 -39.98
CA GLU C 397 -9.33 -34.62 -38.73
C GLU C 397 -9.24 -33.21 -38.14
N GLY C 398 -9.76 -32.22 -38.87
CA GLY C 398 -9.71 -30.84 -38.44
C GLY C 398 -9.33 -29.89 -39.56
N LEU C 399 -8.06 -29.50 -39.58
CA LEU C 399 -7.53 -28.63 -40.62
C LEU C 399 -6.19 -29.17 -41.10
N ARG C 400 -5.83 -28.85 -42.34
CA ARG C 400 -4.48 -29.13 -42.83
C ARG C 400 -3.51 -28.21 -42.07
N SER C 401 -2.37 -28.76 -41.68
CA SER C 401 -1.41 -28.00 -40.87
C SER C 401 -0.70 -26.92 -41.69
N ARG C 402 -0.52 -27.20 -42.98
CA ARG C 402 0.16 -26.26 -43.88
C ARG C 402 -0.88 -25.57 -44.76
N PRO C 403 -0.71 -24.26 -44.98
CA PRO C 403 -1.68 -23.52 -45.80
C PRO C 403 -1.69 -23.98 -47.25
N SER C 404 -2.88 -24.09 -47.83
CA SER C 404 -3.02 -24.52 -49.22
C SER C 404 -2.76 -23.35 -50.14
N GLN C 405 -2.87 -22.14 -49.61
CA GLN C 405 -2.64 -20.94 -50.40
C GLN C 405 -2.21 -19.78 -49.51
N VAL C 406 -1.37 -18.92 -50.07
CA VAL C 406 -0.90 -17.73 -49.38
C VAL C 406 -1.16 -16.49 -50.23
N LEU C 407 -1.86 -15.52 -49.66
CA LEU C 407 -2.14 -14.27 -50.35
C LEU C 407 -1.24 -13.17 -49.79
N ASP C 408 -0.25 -12.76 -50.57
CA ASP C 408 0.63 -11.66 -50.17
C ASP C 408 -0.03 -10.32 -50.46
N SER C 409 0.18 -9.35 -49.58
CA SER C 409 -0.41 -8.03 -49.73
C SER C 409 0.05 -7.34 -51.02
N PRO C 410 -0.91 -6.85 -51.82
CA PRO C 410 -0.60 -6.07 -53.02
C PRO C 410 -0.39 -4.59 -52.70
N PHE C 411 -0.48 -4.21 -51.43
CA PHE C 411 -0.37 -2.82 -51.02
C PHE C 411 1.02 -2.52 -50.48
N PRO C 412 1.32 -1.22 -50.28
CA PRO C 412 2.61 -0.82 -49.70
C PRO C 412 2.76 -1.21 -48.23
N THR C 413 3.96 -1.04 -47.71
CA THR C 413 4.23 -1.29 -46.29
C THR C 413 3.30 -0.47 -45.41
N GLY C 414 2.78 -1.10 -44.36
CA GLY C 414 1.99 -0.41 -43.35
C GLY C 414 0.49 -0.37 -43.62
N SER C 415 0.03 -1.17 -44.58
CA SER C 415 -1.38 -1.13 -44.95
C SER C 415 -2.26 -1.98 -44.03
N ALA C 416 -1.62 -2.79 -43.18
CA ALA C 416 -2.34 -3.67 -42.26
C ALA C 416 -3.24 -4.64 -43.04
N PHE C 417 -2.74 -5.10 -44.18
CA PHE C 417 -3.47 -6.02 -45.05
C PHE C 417 -3.87 -7.26 -44.27
N GLY C 418 -5.17 -7.50 -44.16
CA GLY C 418 -5.67 -8.67 -43.47
C GLY C 418 -6.24 -8.38 -42.09
N PHE C 419 -6.08 -7.15 -41.61
CA PHE C 419 -6.60 -6.76 -40.32
C PHE C 419 -8.08 -7.13 -40.22
N SER C 420 -8.79 -6.95 -41.34
CA SER C 420 -10.18 -7.39 -41.44
C SER C 420 -10.35 -8.40 -42.58
N LEU C 421 -11.12 -9.45 -42.31
CA LEU C 421 -11.36 -10.51 -43.28
C LEU C 421 -12.84 -10.90 -43.26
N ARG C 422 -13.34 -11.33 -44.41
CA ARG C 422 -14.69 -11.87 -44.49
C ARG C 422 -14.83 -12.71 -45.74
N GLY C 423 -15.33 -13.94 -45.59
CA GLY C 423 -15.55 -14.82 -46.71
C GLY C 423 -16.89 -15.54 -46.62
N ALA C 424 -16.98 -16.70 -47.25
CA ALA C 424 -18.16 -17.55 -47.16
C ALA C 424 -19.35 -17.06 -47.98
N VAL C 425 -19.13 -16.03 -48.80
CA VAL C 425 -20.20 -15.50 -49.66
C VAL C 425 -19.77 -15.43 -51.12
N ASP C 426 -20.62 -15.92 -52.00
CA ASP C 426 -20.35 -15.92 -53.44
C ASP C 426 -20.85 -14.61 -54.04
N ILE C 427 -19.93 -13.66 -54.25
CA ILE C 427 -20.30 -12.32 -54.65
C ILE C 427 -20.50 -12.16 -56.17
N ASP C 428 -19.85 -13.01 -56.95
CA ASP C 428 -19.96 -12.93 -58.41
C ASP C 428 -20.85 -14.05 -58.96
N ASP C 429 -21.46 -14.81 -58.05
CA ASP C 429 -22.44 -15.82 -58.42
C ASP C 429 -21.87 -16.84 -59.41
N ASN C 430 -20.71 -17.40 -59.08
CA ASN C 430 -20.10 -18.43 -59.92
C ASN C 430 -20.13 -19.80 -59.26
N GLY C 431 -20.81 -19.89 -58.11
CA GLY C 431 -20.94 -21.15 -57.40
C GLY C 431 -19.89 -21.37 -56.32
N TYR C 432 -18.92 -20.46 -56.23
CA TYR C 432 -17.83 -20.60 -55.26
C TYR C 432 -17.74 -19.38 -54.35
N PRO C 433 -17.55 -19.62 -53.04
CA PRO C 433 -17.48 -18.54 -52.05
C PRO C 433 -16.18 -17.73 -52.15
N ASP C 434 -16.29 -16.42 -52.01
CA ASP C 434 -15.18 -15.52 -52.26
C ASP C 434 -14.67 -14.89 -50.97
N LEU C 435 -13.62 -14.07 -51.08
CA LEU C 435 -12.95 -13.50 -49.92
C LEU C 435 -12.68 -12.02 -50.09
N ILE C 436 -13.05 -11.22 -49.09
CA ILE C 436 -12.71 -9.79 -49.07
C ILE C 436 -11.72 -9.50 -47.94
N VAL C 437 -10.75 -8.65 -48.24
CA VAL C 437 -9.67 -8.37 -47.30
C VAL C 437 -9.49 -6.87 -47.18
N GLY C 438 -9.47 -6.37 -45.95
CA GLY C 438 -9.31 -4.96 -45.71
C GLY C 438 -7.86 -4.58 -45.50
N ALA C 439 -7.52 -3.34 -45.85
CA ALA C 439 -6.19 -2.80 -45.61
C ALA C 439 -6.34 -1.33 -45.21
N TYR C 440 -6.81 -1.09 -43.99
CA TYR C 440 -7.21 0.25 -43.58
C TYR C 440 -6.05 1.24 -43.68
N GLY C 441 -4.83 0.74 -43.56
CA GLY C 441 -3.64 1.59 -43.71
C GLY C 441 -3.49 2.17 -45.11
N ALA C 442 -4.03 1.48 -46.11
CA ALA C 442 -3.98 1.97 -47.49
C ALA C 442 -5.35 2.49 -47.93
N ASN C 443 -6.32 2.41 -47.02
CA ASN C 443 -7.67 2.88 -47.30
C ASN C 443 -8.28 2.14 -48.49
N GLN C 444 -8.09 0.83 -48.53
CA GLN C 444 -8.55 0.03 -49.65
C GLN C 444 -8.99 -1.35 -49.21
N VAL C 445 -9.81 -1.98 -50.05
CA VAL C 445 -10.23 -3.35 -49.84
C VAL C 445 -9.92 -4.15 -51.10
N ALA C 446 -9.49 -5.39 -50.93
CA ALA C 446 -9.19 -6.27 -52.05
C ALA C 446 -10.13 -7.46 -52.05
N VAL C 447 -10.68 -7.78 -53.21
CA VAL C 447 -11.60 -8.91 -53.34
C VAL C 447 -10.92 -10.04 -54.11
N TYR C 448 -10.93 -11.22 -53.52
CA TYR C 448 -10.40 -12.42 -54.17
C TYR C 448 -11.53 -13.35 -54.57
N ARG C 449 -11.59 -13.68 -55.86
CA ARG C 449 -12.64 -14.55 -56.38
C ARG C 449 -12.15 -15.99 -56.45
N ALA C 450 -13.00 -16.90 -55.98
CA ALA C 450 -12.70 -18.33 -56.04
C ALA C 450 -13.04 -18.86 -57.42
N GLN C 451 -12.13 -19.64 -58.00
CA GLN C 451 -12.33 -20.20 -59.33
C GLN C 451 -12.65 -21.68 -59.23
N PRO C 452 -13.32 -22.23 -60.25
CA PRO C 452 -13.68 -23.65 -60.26
C PRO C 452 -12.47 -24.57 -60.19
N VAL C 453 -12.60 -25.68 -59.46
CA VAL C 453 -11.51 -26.64 -59.33
C VAL C 453 -11.65 -27.75 -60.37
N ASN D 3 43.84 -50.12 -42.60
CA ASN D 3 43.06 -49.06 -41.98
C ASN D 3 42.18 -48.33 -42.98
N ILE D 4 41.36 -47.40 -42.49
CA ILE D 4 40.40 -46.69 -43.33
C ILE D 4 41.07 -45.72 -44.29
N CYS D 5 42.37 -45.49 -44.14
CA CYS D 5 43.11 -44.60 -45.03
C CYS D 5 43.54 -45.31 -46.30
N THR D 6 44.05 -46.52 -46.15
CA THR D 6 44.56 -47.28 -47.28
C THR D 6 43.44 -47.96 -48.06
N THR D 7 42.36 -48.28 -47.37
CA THR D 7 41.26 -49.03 -47.97
C THR D 7 40.16 -48.13 -48.52
N ARG D 8 40.55 -47.00 -49.10
CA ARG D 8 39.61 -46.10 -49.76
C ARG D 8 40.02 -45.78 -51.20
N GLY D 9 41.24 -46.19 -51.57
CA GLY D 9 41.74 -45.92 -52.90
C GLY D 9 41.58 -44.45 -53.28
N VAL D 10 41.90 -43.57 -52.35
CA VAL D 10 41.77 -42.14 -52.56
C VAL D 10 42.55 -41.70 -53.80
N SER D 11 41.96 -40.79 -54.57
CA SER D 11 42.53 -40.39 -55.86
C SER D 11 43.43 -39.17 -55.75
N SER D 12 43.36 -38.48 -54.62
CA SER D 12 44.10 -37.24 -54.44
C SER D 12 44.53 -37.02 -52.99
N CYS D 13 45.39 -36.03 -52.80
CA CYS D 13 45.84 -35.68 -51.45
C CYS D 13 44.71 -35.04 -50.66
N GLN D 14 43.88 -34.27 -51.35
CA GLN D 14 42.74 -33.63 -50.72
C GLN D 14 41.75 -34.66 -50.21
N GLN D 15 41.41 -35.60 -51.08
CA GLN D 15 40.48 -36.66 -50.73
C GLN D 15 41.00 -37.49 -49.56
N CYS D 16 42.33 -37.60 -49.47
CA CYS D 16 42.96 -38.37 -48.40
C CYS D 16 42.71 -37.77 -47.03
N LEU D 17 42.98 -36.47 -46.90
CA LEU D 17 42.81 -35.78 -45.62
C LEU D 17 41.35 -35.79 -45.18
N ALA D 18 40.45 -35.84 -46.15
CA ALA D 18 39.03 -35.82 -45.87
C ALA D 18 38.54 -37.15 -45.30
N VAL D 19 39.34 -38.20 -45.47
CA VAL D 19 38.98 -39.52 -44.97
C VAL D 19 38.91 -39.52 -43.45
N SER D 20 39.92 -38.91 -42.82
CA SER D 20 40.02 -38.87 -41.38
C SER D 20 41.15 -37.95 -40.94
N PRO D 21 41.01 -37.32 -39.75
CA PRO D 21 42.07 -36.49 -39.20
C PRO D 21 43.33 -37.29 -38.89
N MET D 22 43.22 -38.61 -39.01
CA MET D 22 44.31 -39.52 -38.72
C MET D 22 45.14 -39.81 -39.97
N CYS D 23 44.56 -39.56 -41.13
CA CYS D 23 45.21 -39.87 -42.41
C CYS D 23 46.31 -38.88 -42.77
N ALA D 24 47.34 -39.37 -43.44
CA ALA D 24 48.41 -38.54 -43.96
C ALA D 24 48.61 -38.88 -45.44
N TRP D 25 49.31 -38.01 -46.16
CA TRP D 25 49.53 -38.23 -47.58
C TRP D 25 51.01 -38.07 -47.96
N CYS D 26 51.48 -38.97 -48.83
CA CYS D 26 52.85 -38.91 -49.33
C CYS D 26 52.85 -38.48 -50.79
N SER D 27 53.45 -37.32 -51.07
CA SER D 27 53.54 -36.82 -52.43
C SER D 27 54.86 -37.22 -53.08
N ASP D 28 55.70 -37.93 -52.34
CA ASP D 28 57.00 -38.36 -52.83
C ASP D 28 56.86 -39.12 -54.15
N GLU D 29 57.58 -38.65 -55.17
CA GLU D 29 57.51 -39.26 -56.49
C GLU D 29 58.30 -40.56 -56.55
N ALA D 30 59.26 -40.71 -55.65
CA ALA D 30 60.07 -41.92 -55.57
C ALA D 30 59.51 -42.87 -54.53
N LEU D 31 58.29 -43.34 -54.75
CA LEU D 31 57.61 -44.21 -53.81
C LEU D 31 57.37 -45.58 -54.46
N PRO D 32 57.52 -46.67 -53.67
CA PRO D 32 57.22 -48.00 -54.21
C PRO D 32 55.85 -48.04 -54.88
N LEU D 33 55.82 -48.44 -56.14
CA LEU D 33 54.58 -48.43 -56.93
C LEU D 33 53.44 -49.13 -56.21
N GLY D 34 53.76 -50.11 -55.37
CA GLY D 34 52.76 -50.85 -54.63
C GLY D 34 52.26 -50.10 -53.41
N SER D 35 53.15 -49.33 -52.80
CA SER D 35 52.83 -48.61 -51.56
C SER D 35 51.69 -47.62 -51.76
N PRO D 36 50.79 -47.52 -50.77
CA PRO D 36 49.69 -46.55 -50.79
C PRO D 36 50.17 -45.17 -50.37
N ARG D 37 49.60 -44.12 -50.97
CA ARG D 37 50.00 -42.76 -50.65
C ARG D 37 49.22 -42.20 -49.47
N CYS D 38 48.09 -42.83 -49.14
CA CYS D 38 47.29 -42.40 -48.01
C CYS D 38 47.33 -43.43 -46.88
N ASP D 39 47.94 -43.05 -45.75
CA ASP D 39 48.09 -43.95 -44.62
C ASP D 39 48.46 -43.14 -43.38
N LEU D 40 48.64 -43.82 -42.25
CA LEU D 40 49.10 -43.18 -41.02
C LEU D 40 50.51 -42.63 -41.26
N LYS D 41 50.82 -41.49 -40.64
CA LYS D 41 52.12 -40.86 -40.87
C LYS D 41 53.27 -41.82 -40.59
N GLU D 42 53.07 -42.76 -39.67
CA GLU D 42 54.11 -43.72 -39.32
C GLU D 42 54.31 -44.71 -40.46
N ASN D 43 53.21 -45.30 -40.91
CA ASN D 43 53.24 -46.27 -42.00
C ASN D 43 53.89 -45.71 -43.26
N LEU D 44 53.73 -44.40 -43.48
CA LEU D 44 54.31 -43.76 -44.65
C LEU D 44 55.83 -43.60 -44.49
N LEU D 45 56.27 -43.31 -43.27
CA LEU D 45 57.69 -43.17 -42.99
C LEU D 45 58.40 -44.52 -43.09
N LYS D 46 57.69 -45.58 -42.77
CA LYS D 46 58.24 -46.93 -42.86
C LYS D 46 58.60 -47.29 -44.30
N ASP D 47 57.91 -46.67 -45.25
CA ASP D 47 58.18 -46.90 -46.66
C ASP D 47 59.16 -45.87 -47.22
N ASN D 48 60.05 -45.38 -46.36
CA ASN D 48 61.09 -44.46 -46.76
C ASN D 48 60.55 -43.22 -47.47
N CYS D 49 59.33 -42.83 -47.12
CA CYS D 49 58.73 -41.64 -47.68
C CYS D 49 59.41 -40.40 -47.12
N ALA D 50 59.98 -39.57 -48.00
CA ALA D 50 60.65 -38.36 -47.59
C ALA D 50 59.80 -37.59 -46.57
N PRO D 51 60.31 -37.44 -45.34
CA PRO D 51 59.57 -36.75 -44.27
C PRO D 51 59.03 -35.38 -44.69
N GLU D 52 59.74 -34.67 -45.55
CA GLU D 52 59.33 -33.34 -45.99
C GLU D 52 58.36 -33.39 -47.17
N SER D 53 58.06 -34.60 -47.63
CA SER D 53 57.10 -34.80 -48.71
C SER D 53 55.78 -35.33 -48.16
N ILE D 54 55.66 -35.37 -46.83
CA ILE D 54 54.46 -35.87 -46.18
C ILE D 54 53.53 -34.73 -45.78
N GLU D 55 52.27 -34.83 -46.19
CA GLU D 55 51.25 -33.85 -45.84
C GLU D 55 50.42 -34.39 -44.67
N PHE D 56 50.49 -33.71 -43.53
CA PHE D 56 49.73 -34.11 -42.36
C PHE D 56 49.41 -32.92 -41.48
N PRO D 57 48.38 -32.16 -41.86
CA PRO D 57 47.92 -31.00 -41.07
C PRO D 57 47.48 -31.40 -39.68
N VAL D 58 47.81 -30.58 -38.69
CA VAL D 58 47.39 -30.82 -37.32
C VAL D 58 46.50 -29.67 -36.85
N SER D 59 45.30 -29.99 -36.41
CA SER D 59 44.40 -28.99 -35.85
C SER D 59 45.03 -28.35 -34.63
N GLU D 60 45.04 -27.02 -34.58
CA GLU D 60 45.69 -26.30 -33.50
C GLU D 60 44.88 -25.08 -33.08
N ALA D 61 45.09 -24.65 -31.85
CA ALA D 61 44.51 -23.41 -31.34
C ALA D 61 45.63 -22.49 -30.90
N ARG D 62 45.64 -21.27 -31.41
CA ARG D 62 46.71 -20.32 -31.13
C ARG D 62 46.14 -19.02 -30.59
N VAL D 63 46.72 -18.53 -29.49
CA VAL D 63 46.28 -17.28 -28.89
C VAL D 63 46.96 -16.10 -29.57
N LEU D 64 46.16 -15.12 -30.01
CA LEU D 64 46.68 -13.93 -30.67
C LEU D 64 46.72 -12.75 -29.71
N GLU D 65 45.55 -12.35 -29.21
CA GLU D 65 45.47 -11.28 -28.22
C GLU D 65 45.11 -11.90 -26.88
N ASP D 66 45.83 -11.49 -25.83
CA ASP D 66 45.67 -12.12 -24.52
C ASP D 66 45.96 -11.16 -23.37
N ARG D 67 45.37 -9.98 -23.41
CA ARG D 67 45.49 -9.03 -22.31
C ARG D 67 45.09 -9.69 -21.00
N PRO D 68 45.75 -9.32 -19.90
CA PRO D 68 45.34 -9.82 -18.58
C PRO D 68 43.97 -9.28 -18.17
N LEU D 69 43.22 -10.09 -17.43
CA LEU D 69 41.95 -9.63 -16.87
C LEU D 69 42.21 -8.48 -15.91
N SER D 70 41.42 -7.42 -16.03
CA SER D 70 41.59 -6.25 -15.18
C SER D 70 41.10 -6.51 -13.77
N ASP D 71 41.77 -5.89 -12.79
CA ASP D 71 41.40 -6.05 -11.39
C ASP D 71 40.36 -5.01 -10.98
N LYS D 72 40.40 -3.84 -11.62
CA LYS D 72 39.44 -2.77 -11.34
C LYS D 72 38.81 -2.27 -12.63
N GLY D 73 37.61 -1.72 -12.53
CA GLY D 73 36.89 -1.23 -13.69
C GLY D 73 36.89 0.28 -13.81
N SER D 74 37.43 0.94 -12.79
CA SER D 74 37.55 2.40 -12.80
C SER D 74 38.58 2.85 -13.83
N GLY D 75 38.81 4.17 -13.89
CA GLY D 75 39.78 4.73 -14.83
C GLY D 75 39.19 4.88 -16.22
N ASP D 76 39.94 4.43 -17.22
CA ASP D 76 39.51 4.52 -18.61
C ASP D 76 38.84 3.21 -19.03
N SER D 77 37.62 3.34 -19.55
CA SER D 77 36.82 2.18 -19.95
C SER D 77 37.55 1.31 -20.98
N SER D 78 38.35 1.94 -21.82
CA SER D 78 39.10 1.23 -22.86
C SER D 78 40.11 0.26 -22.25
N GLN D 79 40.58 0.58 -21.04
CA GLN D 79 41.61 -0.22 -20.39
C GLN D 79 41.02 -1.47 -19.73
N VAL D 80 39.70 -1.56 -19.68
CA VAL D 80 39.04 -2.65 -18.96
C VAL D 80 38.99 -3.92 -19.80
N THR D 81 39.36 -5.04 -19.17
CA THR D 81 39.37 -6.34 -19.83
C THR D 81 38.63 -7.35 -18.98
N GLN D 82 37.50 -7.85 -19.48
CA GLN D 82 36.64 -8.73 -18.71
C GLN D 82 36.65 -10.16 -19.25
N VAL D 83 37.28 -10.34 -20.41
CA VAL D 83 37.36 -11.64 -21.04
C VAL D 83 38.79 -11.93 -21.46
N SER D 84 39.21 -13.19 -21.36
CA SER D 84 40.56 -13.58 -21.69
C SER D 84 40.62 -15.02 -22.18
N PRO D 85 41.27 -15.26 -23.32
CA PRO D 85 41.88 -14.26 -24.20
C PRO D 85 40.84 -13.50 -25.02
N GLN D 86 41.29 -12.53 -25.82
CA GLN D 86 40.36 -11.71 -26.61
C GLN D 86 40.25 -12.19 -28.05
N ARG D 87 41.33 -12.76 -28.58
CA ARG D 87 41.35 -13.24 -29.95
C ARG D 87 42.25 -14.47 -30.09
N ILE D 88 41.72 -15.52 -30.72
CA ILE D 88 42.50 -16.73 -30.97
C ILE D 88 42.33 -17.20 -32.41
N ALA D 89 43.34 -17.89 -32.92
CA ALA D 89 43.29 -18.44 -34.27
C ALA D 89 43.11 -19.95 -34.19
N LEU D 90 42.04 -20.44 -34.81
CA LEU D 90 41.70 -21.85 -34.78
C LEU D 90 41.93 -22.47 -36.15
N ARG D 91 42.57 -23.64 -36.18
CA ARG D 91 42.77 -24.37 -37.42
C ARG D 91 42.16 -25.75 -37.31
N LEU D 92 41.30 -26.09 -38.26
CA LEU D 92 40.59 -27.37 -38.23
C LEU D 92 40.65 -28.05 -39.58
N ARG D 93 41.03 -29.33 -39.56
CA ARG D 93 40.95 -30.14 -40.77
C ARG D 93 39.63 -30.89 -40.74
N PRO D 94 39.18 -31.40 -41.90
CA PRO D 94 37.84 -31.98 -42.03
C PRO D 94 37.47 -32.96 -40.92
N ASP D 95 36.25 -32.83 -40.41
CA ASP D 95 35.72 -33.76 -39.41
C ASP D 95 36.60 -33.88 -38.18
N ASP D 96 37.34 -32.81 -37.86
CA ASP D 96 38.21 -32.81 -36.70
C ASP D 96 37.68 -31.81 -35.68
N SER D 97 38.30 -31.79 -34.49
CA SER D 97 37.86 -30.88 -33.44
C SER D 97 39.00 -30.52 -32.49
N LYS D 98 39.07 -29.26 -32.12
CA LYS D 98 40.07 -28.78 -31.19
C LYS D 98 39.38 -27.98 -30.08
N ASN D 99 40.02 -27.91 -28.92
CA ASN D 99 39.43 -27.21 -27.78
C ASN D 99 40.25 -26.00 -27.36
N PHE D 100 39.58 -25.06 -26.72
CA PHE D 100 40.24 -23.87 -26.18
C PHE D 100 39.49 -23.42 -24.93
N SER D 101 39.94 -22.34 -24.31
CA SER D 101 39.36 -21.89 -23.06
C SER D 101 39.07 -20.39 -23.07
N ILE D 102 38.23 -19.96 -22.15
CA ILE D 102 37.91 -18.55 -21.99
C ILE D 102 37.68 -18.25 -20.51
N GLN D 103 38.29 -17.17 -20.04
CA GLN D 103 38.05 -16.70 -18.68
C GLN D 103 37.17 -15.47 -18.72
N VAL D 104 36.22 -15.40 -17.80
CA VAL D 104 35.32 -14.25 -17.71
C VAL D 104 35.26 -13.78 -16.27
N ARG D 105 35.42 -12.47 -16.08
CA ARG D 105 35.43 -11.89 -14.74
C ARG D 105 34.39 -10.79 -14.58
N GLN D 106 33.71 -10.79 -13.43
CA GLN D 106 32.88 -9.67 -13.03
C GLN D 106 33.79 -8.65 -12.35
N VAL D 107 34.33 -7.74 -13.14
CA VAL D 107 35.34 -6.80 -12.66
C VAL D 107 34.80 -5.90 -11.55
N GLU D 108 35.64 -5.64 -10.54
CA GLU D 108 35.28 -4.76 -9.44
C GLU D 108 35.33 -3.30 -9.87
N ASP D 109 34.48 -2.47 -9.26
CA ASP D 109 34.49 -1.03 -9.49
C ASP D 109 34.22 -0.68 -10.95
N TYR D 110 33.12 -1.18 -11.49
CA TYR D 110 32.71 -0.88 -12.85
C TYR D 110 31.65 0.22 -12.82
N PRO D 111 31.69 1.16 -13.78
CA PRO D 111 30.71 2.25 -13.82
C PRO D 111 29.26 1.77 -13.86
N VAL D 112 28.36 2.55 -13.29
CA VAL D 112 26.95 2.17 -13.21
C VAL D 112 26.02 3.34 -13.49
N ASP D 113 25.07 3.13 -14.41
CA ASP D 113 24.02 4.10 -14.67
C ASP D 113 22.72 3.55 -14.09
N ILE D 114 22.01 4.39 -13.34
CA ILE D 114 20.71 4.01 -12.79
C ILE D 114 19.65 5.04 -13.16
N TYR D 115 18.72 4.65 -14.02
CA TYR D 115 17.61 5.53 -14.40
C TYR D 115 16.35 5.11 -13.65
N TYR D 116 15.87 6.01 -12.81
CA TYR D 116 14.73 5.73 -11.95
C TYR D 116 13.44 6.12 -12.68
N LEU D 117 12.66 5.12 -13.06
CA LEU D 117 11.43 5.35 -13.80
C LEU D 117 10.24 5.10 -12.89
N MET D 118 9.51 6.15 -12.57
CA MET D 118 8.52 6.11 -11.49
C MET D 118 7.09 6.34 -11.95
N ASP D 119 6.21 5.41 -11.58
CA ASP D 119 4.77 5.61 -11.68
C ASP D 119 4.40 6.79 -10.78
N LEU D 120 3.74 7.80 -11.35
CA LEU D 120 3.31 8.95 -10.56
C LEU D 120 1.79 9.16 -10.62
N SER D 121 1.04 8.07 -10.61
CA SER D 121 -0.40 8.15 -10.41
C SER D 121 -0.65 8.41 -8.92
N TYR D 122 -1.89 8.72 -8.57
CA TYR D 122 -2.19 9.28 -7.25
C TYR D 122 -1.71 8.43 -6.07
N SER D 123 -1.72 7.11 -6.21
CA SER D 123 -1.37 6.22 -5.11
C SER D 123 0.14 6.19 -4.82
N MET D 124 0.91 6.90 -5.64
CA MET D 124 2.35 7.00 -5.45
C MET D 124 2.73 8.32 -4.79
N LYS D 125 1.72 9.04 -4.31
CA LYS D 125 1.92 10.32 -3.66
C LYS D 125 2.80 10.18 -2.42
N ASP D 126 2.52 9.16 -1.60
CA ASP D 126 3.30 8.93 -0.40
C ASP D 126 4.67 8.35 -0.73
N ASP D 127 4.76 7.60 -1.83
CA ASP D 127 6.04 7.08 -2.30
C ASP D 127 7.01 8.22 -2.57
N LEU D 128 6.46 9.31 -3.12
CA LEU D 128 7.27 10.46 -3.48
C LEU D 128 7.92 11.13 -2.27
N TRP D 129 7.27 11.06 -1.11
CA TRP D 129 7.85 11.64 0.10
CA TRP D 129 7.82 11.60 0.14
C TRP D 129 9.02 10.81 0.61
N SER D 130 8.97 9.49 0.37
CA SER D 130 10.00 8.60 0.87
C SER D 130 11.33 8.74 0.13
N ILE D 131 11.27 9.10 -1.14
CA ILE D 131 12.47 9.16 -1.96
C ILE D 131 13.01 10.59 -2.11
N GLN D 132 12.51 11.51 -1.28
CA GLN D 132 12.94 12.90 -1.33
C GLN D 132 14.47 13.01 -1.39
N ASN D 133 15.15 12.22 -0.57
CA ASN D 133 16.62 12.24 -0.54
C ASN D 133 17.23 10.90 -0.96
N LEU D 134 16.58 10.22 -1.90
CA LEU D 134 17.05 8.92 -2.37
C LEU D 134 18.36 9.04 -3.14
N GLY D 135 18.54 10.14 -3.85
CA GLY D 135 19.75 10.36 -4.62
C GLY D 135 21.00 10.31 -3.74
N THR D 136 20.91 10.97 -2.59
CA THR D 136 22.02 11.03 -1.64
C THR D 136 22.28 9.65 -1.03
N LYS D 137 21.23 9.01 -0.54
CA LYS D 137 21.35 7.73 0.14
C LYS D 137 21.76 6.64 -0.83
N LEU D 138 21.21 6.69 -2.04
CA LEU D 138 21.54 5.72 -3.08
C LEU D 138 23.01 5.81 -3.45
N ALA D 139 23.51 7.03 -3.54
CA ALA D 139 24.92 7.27 -3.83
C ALA D 139 25.82 6.67 -2.74
N THR D 140 25.42 6.86 -1.49
CA THR D 140 26.22 6.37 -0.36
C THR D 140 26.45 4.87 -0.44
N GLN D 141 25.40 4.11 -0.77
CA GLN D 141 25.49 2.67 -0.79
C GLN D 141 26.17 2.15 -2.07
N MET D 142 25.93 2.84 -3.18
CA MET D 142 26.53 2.46 -4.45
C MET D 142 28.01 2.83 -4.48
N ARG D 143 28.38 3.83 -3.71
CA ARG D 143 29.76 4.32 -3.65
C ARG D 143 30.68 3.25 -3.08
N LYS D 144 30.10 2.26 -2.39
CA LYS D 144 30.85 1.14 -1.86
C LYS D 144 31.18 0.13 -2.94
N LEU D 145 30.36 0.12 -3.99
CA LEU D 145 30.49 -0.87 -5.05
C LEU D 145 31.18 -0.29 -6.30
N THR D 146 30.94 0.99 -6.56
CA THR D 146 31.46 1.63 -7.76
C THR D 146 31.96 3.04 -7.49
N SER D 147 32.92 3.48 -8.31
CA SER D 147 33.47 4.82 -8.20
C SER D 147 32.91 5.76 -9.27
N ASN D 148 32.14 5.20 -10.20
CA ASN D 148 31.56 5.98 -11.29
C ASN D 148 30.05 5.76 -11.40
N LEU D 149 29.29 6.47 -10.57
CA LEU D 149 27.84 6.33 -10.56
C LEU D 149 27.17 7.53 -11.20
N ARG D 150 26.18 7.25 -12.05
CA ARG D 150 25.32 8.30 -12.60
C ARG D 150 23.87 7.91 -12.37
N ILE D 151 23.04 8.87 -12.00
CA ILE D 151 21.62 8.60 -11.77
C ILE D 151 20.74 9.61 -12.49
N GLY D 152 19.56 9.17 -12.89
CA GLY D 152 18.60 10.02 -13.60
C GLY D 152 17.19 9.68 -13.19
N PHE D 153 16.22 10.44 -13.68
CA PHE D 153 14.84 10.26 -13.26
C PHE D 153 13.86 10.54 -14.40
N GLY D 154 12.82 9.72 -14.46
CA GLY D 154 11.73 9.91 -15.40
C GLY D 154 10.45 9.44 -14.74
N ALA D 155 9.31 9.91 -15.24
CA ALA D 155 8.03 9.55 -14.63
C ALA D 155 6.98 9.26 -15.68
N PHE D 156 5.98 8.48 -15.30
CA PHE D 156 4.89 8.13 -16.19
C PHE D 156 3.59 8.00 -15.44
N VAL D 157 2.48 8.10 -16.17
CA VAL D 157 1.18 7.75 -15.63
C VAL D 157 0.50 6.82 -16.63
N ASP D 158 -0.07 7.38 -17.68
CA ASP D 158 -0.75 6.59 -18.70
C ASP D 158 -1.03 7.49 -19.89
N LYS D 159 -1.54 6.91 -20.99
CA LYS D 159 -1.84 7.71 -22.18
C LYS D 159 -2.88 8.78 -21.86
N PRO D 160 -2.53 10.05 -22.08
CA PRO D 160 -3.43 11.17 -21.76
C PRO D 160 -4.58 11.30 -22.74
N VAL D 161 -5.45 10.29 -22.76
CA VAL D 161 -6.57 10.26 -23.66
C VAL D 161 -7.72 9.48 -23.01
N SER D 162 -8.95 9.86 -23.33
CA SER D 162 -10.10 9.12 -22.83
C SER D 162 -10.07 7.71 -23.42
N PRO D 163 -10.42 6.70 -22.60
CA PRO D 163 -10.99 6.79 -21.25
C PRO D 163 -9.98 6.68 -20.10
N TYR D 164 -8.69 6.58 -20.40
CA TYR D 164 -7.70 6.54 -19.33
C TYR D 164 -7.72 7.86 -18.59
N MET D 165 -7.98 8.94 -19.32
CA MET D 165 -7.93 10.29 -18.77
C MET D 165 -9.33 10.83 -18.51
N TYR D 166 -9.47 11.63 -17.46
CA TYR D 166 -10.71 12.35 -17.19
C TYR D 166 -10.76 13.57 -18.09
N ILE D 167 -11.88 13.77 -18.79
CA ILE D 167 -11.99 14.86 -19.75
C ILE D 167 -13.17 15.79 -19.48
N SER D 168 -13.69 15.78 -18.26
CA SER D 168 -14.79 16.67 -17.90
C SER D 168 -14.93 16.78 -16.39
N PRO D 169 -15.26 17.98 -15.90
CA PRO D 169 -15.41 19.22 -16.69
C PRO D 169 -14.06 19.72 -17.17
N PRO D 170 -14.04 20.86 -17.87
CA PRO D 170 -12.79 21.45 -18.36
C PRO D 170 -11.76 21.62 -17.24
N GLU D 171 -12.24 21.80 -16.01
CA GLU D 171 -11.37 21.94 -14.86
C GLU D 171 -10.55 20.67 -14.62
N ALA D 172 -11.13 19.52 -14.95
CA ALA D 172 -10.48 18.24 -14.70
C ALA D 172 -9.23 18.05 -15.56
N LEU D 173 -9.17 18.75 -16.69
CA LEU D 173 -8.02 18.64 -17.58
C LEU D 173 -6.80 19.37 -17.02
N GLU D 174 -7.05 20.45 -16.30
CA GLU D 174 -5.98 21.22 -15.67
C GLU D 174 -5.65 20.64 -14.30
N ASN D 175 -6.66 20.04 -13.67
CA ASN D 175 -6.49 19.44 -12.35
C ASN D 175 -7.39 18.23 -12.19
N PRO D 176 -6.87 17.04 -12.52
CA PRO D 176 -7.65 15.81 -12.42
C PRO D 176 -8.15 15.53 -11.00
N CYS D 177 -7.61 16.23 -10.02
CA CYS D 177 -8.01 16.05 -8.62
C CYS D 177 -9.02 17.11 -8.20
N TYR D 178 -9.71 17.72 -9.16
CA TYR D 178 -10.64 18.81 -8.88
C TYR D 178 -11.79 18.34 -7.99
N ASP D 179 -12.31 17.15 -8.26
CA ASP D 179 -13.46 16.62 -7.52
C ASP D 179 -13.06 16.10 -6.15
N MET D 180 -11.82 16.35 -5.76
CA MET D 180 -11.35 16.05 -4.42
C MET D 180 -10.90 17.34 -3.77
N LYS D 181 -10.59 17.29 -2.48
CA LYS D 181 -10.17 18.50 -1.77
C LYS D 181 -8.68 18.75 -1.98
N THR D 182 -8.24 18.75 -3.22
CA THR D 182 -6.81 18.92 -3.51
C THR D 182 -6.53 19.22 -4.98
N THR D 183 -5.24 19.29 -5.31
CA THR D 183 -4.79 19.62 -6.65
C THR D 183 -3.67 18.67 -7.07
N CYS D 184 -3.64 18.32 -8.35
CA CYS D 184 -2.54 17.52 -8.91
C CYS D 184 -2.25 17.93 -10.35
N LEU D 185 -1.16 17.42 -10.90
CA LEU D 185 -0.73 17.79 -12.25
C LEU D 185 -1.67 17.25 -13.32
N PRO D 186 -1.78 17.98 -14.44
CA PRO D 186 -2.46 17.44 -15.61
C PRO D 186 -1.84 16.10 -16.01
N MET D 187 -2.64 15.21 -16.56
CA MET D 187 -2.15 13.88 -16.90
C MET D 187 -1.08 13.93 -17.98
N PHE D 188 -0.06 13.09 -17.83
CA PHE D 188 1.02 12.97 -18.81
C PHE D 188 1.32 11.50 -19.05
N GLY D 189 1.77 11.18 -20.26
CA GLY D 189 2.12 9.81 -20.61
C GLY D 189 3.46 9.42 -20.04
N TYR D 190 4.52 10.03 -20.55
CA TYR D 190 5.86 9.82 -20.04
C TYR D 190 6.68 11.10 -20.21
N LYS D 191 7.42 11.46 -19.18
CA LYS D 191 8.29 12.63 -19.27
C LYS D 191 9.66 12.33 -18.66
N HIS D 192 10.70 12.63 -19.41
CA HIS D 192 12.06 12.54 -18.91
C HIS D 192 12.32 13.80 -18.09
N VAL D 193 12.93 13.63 -16.92
CA VAL D 193 13.10 14.73 -15.99
C VAL D 193 14.57 15.08 -15.79
N LEU D 194 15.37 14.09 -15.45
CA LEU D 194 16.80 14.31 -15.19
C LEU D 194 17.67 13.35 -15.98
N THR D 195 18.55 13.91 -16.81
CA THR D 195 19.51 13.11 -17.56
C THR D 195 20.53 12.51 -16.60
N LEU D 196 20.92 11.27 -16.87
CA LEU D 196 21.91 10.59 -16.05
C LEU D 196 23.08 11.53 -15.78
N THR D 197 23.32 11.80 -14.51
CA THR D 197 24.41 12.69 -14.10
C THR D 197 25.12 12.13 -12.87
N ASP D 198 26.33 12.60 -12.63
CA ASP D 198 27.07 12.20 -11.43
C ASP D 198 26.79 13.14 -10.26
N GLN D 199 26.12 14.26 -10.55
CA GLN D 199 25.72 15.21 -9.52
C GLN D 199 24.44 14.74 -8.84
N VAL D 200 24.58 13.91 -7.81
CA VAL D 200 23.43 13.24 -7.20
C VAL D 200 22.47 14.21 -6.52
N THR D 201 22.94 15.39 -6.15
CA THR D 201 22.06 16.38 -5.54
C THR D 201 20.99 16.87 -6.52
N ARG D 202 21.31 16.86 -7.81
CA ARG D 202 20.32 17.23 -8.82
C ARG D 202 19.14 16.27 -8.80
N PHE D 203 19.41 15.01 -8.48
CA PHE D 203 18.35 14.02 -8.35
C PHE D 203 17.39 14.43 -7.23
N ASN D 204 17.95 14.79 -6.07
CA ASN D 204 17.14 15.23 -4.94
C ASN D 204 16.35 16.49 -5.28
N GLU D 205 16.97 17.41 -6.01
CA GLU D 205 16.33 18.68 -6.36
C GLU D 205 15.16 18.46 -7.30
N GLU D 206 15.36 17.62 -8.31
CA GLU D 206 14.32 17.37 -9.30
C GLU D 206 13.18 16.56 -8.71
N VAL D 207 13.51 15.62 -7.82
CA VAL D 207 12.50 14.78 -7.19
C VAL D 207 11.59 15.60 -6.27
N LYS D 208 12.15 16.59 -5.58
CA LYS D 208 11.38 17.44 -4.68
C LYS D 208 10.40 18.33 -5.44
N LYS D 209 10.65 18.52 -6.74
CA LYS D 209 9.77 19.33 -7.58
C LYS D 209 8.71 18.49 -8.29
N GLN D 210 8.76 17.17 -8.09
CA GLN D 210 7.80 16.28 -8.73
C GLN D 210 6.49 16.21 -7.94
N SER D 211 5.41 15.90 -8.65
CA SER D 211 4.11 15.69 -8.02
C SER D 211 3.30 14.71 -8.86
N VAL D 212 2.34 14.04 -8.22
CA VAL D 212 1.56 13.00 -8.89
C VAL D 212 0.44 13.59 -9.75
N SER D 213 -0.11 12.75 -10.62
CA SER D 213 -1.32 13.07 -11.35
C SER D 213 -2.38 12.04 -11.02
N ARG D 214 -3.34 11.83 -11.91
CA ARG D 214 -4.46 10.95 -11.61
C ARG D 214 -5.16 10.54 -12.90
N ASN D 215 -5.56 9.27 -12.96
CA ASN D 215 -6.24 8.73 -14.13
C ASN D 215 -7.24 7.66 -13.71
N ARG D 216 -7.99 7.15 -14.68
CA ARG D 216 -9.19 6.39 -14.37
C ARG D 216 -8.96 4.88 -14.20
N ASP D 217 -8.25 4.25 -15.13
CA ASP D 217 -8.13 2.79 -15.09
C ASP D 217 -6.84 2.31 -14.43
N ALA D 218 -6.94 1.16 -13.77
CA ALA D 218 -5.90 0.63 -12.91
C ALA D 218 -4.59 0.36 -13.65
N PRO D 219 -4.66 -0.37 -14.78
CA PRO D 219 -3.41 -0.59 -15.54
C PRO D 219 -2.81 0.73 -15.99
N GLU D 220 -1.49 0.86 -15.94
CA GLU D 220 -0.83 2.12 -16.29
C GLU D 220 0.03 1.98 -17.54
N GLY D 221 0.61 3.10 -17.97
CA GLY D 221 1.35 3.14 -19.23
C GLY D 221 2.85 3.08 -19.06
N GLY D 222 3.31 2.23 -18.16
CA GLY D 222 4.74 2.11 -17.88
C GLY D 222 5.56 1.51 -19.01
N PHE D 223 4.95 0.62 -19.78
CA PHE D 223 5.67 -0.01 -20.89
C PHE D 223 6.02 1.01 -21.97
N ASP D 224 5.16 1.99 -22.18
CA ASP D 224 5.49 3.11 -23.06
C ASP D 224 6.76 3.79 -22.56
N ALA D 225 6.84 3.98 -21.25
CA ALA D 225 7.95 4.68 -20.64
C ALA D 225 9.24 3.86 -20.71
N ILE D 226 9.13 2.57 -20.45
CA ILE D 226 10.28 1.67 -20.53
C ILE D 226 10.88 1.70 -21.94
N MET D 227 10.01 1.67 -22.95
CA MET D 227 10.46 1.69 -24.34
C MET D 227 11.25 2.97 -24.63
N GLN D 228 10.69 4.12 -24.25
CA GLN D 228 11.33 5.40 -24.54
C GLN D 228 12.62 5.59 -23.74
N ALA D 229 12.64 5.14 -22.50
CA ALA D 229 13.84 5.26 -21.66
C ALA D 229 14.95 4.38 -22.20
N THR D 230 14.58 3.38 -22.99
CA THR D 230 15.54 2.48 -23.60
C THR D 230 16.10 3.01 -24.92
N VAL D 231 15.23 3.51 -25.79
CA VAL D 231 15.62 3.88 -27.15
C VAL D 231 16.05 5.34 -27.31
N CYS D 232 15.80 6.16 -26.29
CA CYS D 232 16.22 7.56 -26.33
C CYS D 232 17.59 7.71 -25.67
N ASP D 233 18.62 7.17 -26.31
CA ASP D 233 19.96 7.12 -25.75
C ASP D 233 20.49 8.48 -25.31
N GLU D 234 20.53 9.43 -26.24
CA GLU D 234 21.12 10.74 -25.97
C GLU D 234 20.41 11.45 -24.82
N LYS D 235 19.08 11.41 -24.84
CA LYS D 235 18.29 12.15 -23.86
C LYS D 235 18.40 11.55 -22.46
N ILE D 236 18.34 10.23 -22.37
CA ILE D 236 18.48 9.54 -21.09
C ILE D 236 19.93 9.64 -20.62
N GLY D 237 20.86 9.42 -21.55
CA GLY D 237 22.26 9.62 -21.28
C GLY D 237 23.03 8.37 -20.93
N TRP D 238 22.53 7.20 -21.33
CA TRP D 238 23.23 5.96 -21.08
C TRP D 238 24.68 6.07 -21.56
N ARG D 239 25.62 5.58 -20.75
CA ARG D 239 27.03 5.57 -21.12
C ARG D 239 27.41 4.29 -21.84
N ASN D 240 28.44 4.37 -22.67
CA ASN D 240 28.90 3.21 -23.43
C ASN D 240 29.37 2.07 -22.54
N ASP D 241 30.31 2.38 -21.65
CA ASP D 241 30.95 1.37 -20.82
C ASP D 241 30.47 1.45 -19.38
N ALA D 242 29.29 0.90 -19.11
CA ALA D 242 28.69 0.95 -17.79
C ALA D 242 27.52 -0.02 -17.69
N SER D 243 27.29 -0.57 -16.51
CA SER D 243 26.08 -1.32 -16.24
C SER D 243 24.90 -0.37 -16.32
N HIS D 244 23.86 -0.74 -17.06
CA HIS D 244 22.70 0.11 -17.21
C HIS D 244 21.53 -0.49 -16.45
N LEU D 245 21.14 0.16 -15.35
CA LEU D 245 19.99 -0.29 -14.58
C LEU D 245 18.80 0.63 -14.85
N LEU D 246 17.68 0.03 -15.23
CA LEU D 246 16.44 0.77 -15.40
C LEU D 246 15.48 0.33 -14.31
N VAL D 247 15.29 1.18 -13.31
CA VAL D 247 14.45 0.83 -12.17
C VAL D 247 13.01 1.28 -12.41
N PHE D 248 12.12 0.30 -12.49
CA PHE D 248 10.73 0.53 -12.83
C PHE D 248 9.85 0.30 -11.60
N THR D 249 9.30 1.37 -11.05
CA THR D 249 8.50 1.27 -9.83
C THR D 249 7.03 1.56 -10.11
N THR D 250 6.17 0.64 -9.68
CA THR D 250 4.73 0.80 -9.83
C THR D 250 4.01 -0.10 -8.83
N ASP D 251 2.73 0.18 -8.59
CA ASP D 251 1.94 -0.62 -7.66
C ASP D 251 0.69 -1.15 -8.36
N ALA D 252 0.73 -1.21 -9.68
CA ALA D 252 -0.46 -1.56 -10.46
C ALA D 252 -0.13 -2.46 -11.64
N LYS D 253 -1.19 -2.98 -12.26
CA LYS D 253 -1.07 -3.69 -13.52
C LYS D 253 -0.48 -2.77 -14.57
N THR D 254 -0.20 -3.31 -15.75
CA THR D 254 0.35 -2.52 -16.83
C THR D 254 -0.39 -2.77 -18.14
N HIS D 255 -0.57 -1.71 -18.92
CA HIS D 255 -1.13 -1.84 -20.26
C HIS D 255 -0.13 -2.51 -21.19
N ILE D 256 -0.64 -3.35 -22.07
CA ILE D 256 0.20 -4.09 -23.01
C ILE D 256 -0.28 -3.84 -24.44
N ALA D 257 0.51 -4.25 -25.42
CA ALA D 257 0.16 -4.01 -26.82
C ALA D 257 -1.22 -4.55 -27.14
N LEU D 258 -1.99 -3.74 -27.87
CA LEU D 258 -3.36 -4.05 -28.28
C LEU D 258 -4.42 -3.53 -27.29
N ASP D 259 -3.97 -3.06 -26.13
CA ASP D 259 -4.85 -2.37 -25.19
C ASP D 259 -5.25 -1.00 -25.73
N GLY D 260 -4.35 -0.40 -26.50
CA GLY D 260 -4.54 0.96 -26.99
C GLY D 260 -5.79 1.14 -27.83
N ARG D 261 -6.34 0.04 -28.33
CA ARG D 261 -7.53 0.11 -29.17
C ARG D 261 -8.73 0.68 -28.43
N LEU D 262 -8.71 0.58 -27.10
CA LEU D 262 -9.78 1.15 -26.30
C LEU D 262 -9.76 2.68 -26.33
N ALA D 263 -8.66 3.26 -26.82
CA ALA D 263 -8.56 4.69 -27.00
C ALA D 263 -8.51 5.06 -28.48
N GLY D 264 -8.88 4.12 -29.35
CA GLY D 264 -8.87 4.33 -30.78
C GLY D 264 -7.49 4.28 -31.40
N ILE D 265 -6.51 3.79 -30.63
CA ILE D 265 -5.13 3.71 -31.10
C ILE D 265 -4.82 2.31 -31.62
N VAL D 266 -4.52 2.21 -32.92
CA VAL D 266 -4.27 0.92 -33.54
C VAL D 266 -2.86 0.79 -34.14
N GLN D 267 -2.18 1.92 -34.33
CA GLN D 267 -0.83 1.90 -34.90
C GLN D 267 0.14 1.20 -33.96
N PRO D 268 0.84 0.17 -34.46
CA PRO D 268 1.84 -0.54 -33.63
C PRO D 268 2.97 0.37 -33.17
N ASN D 269 3.53 0.07 -32.00
CA ASN D 269 4.70 0.76 -31.51
C ASN D 269 5.85 0.54 -32.47
N ASP D 270 6.56 1.61 -32.84
CA ASP D 270 7.62 1.51 -33.85
C ASP D 270 9.02 1.34 -33.23
N GLY D 271 9.09 1.34 -31.91
CA GLY D 271 10.36 1.14 -31.22
C GLY D 271 11.36 2.27 -31.42
N GLN D 272 10.89 3.42 -31.89
CA GLN D 272 11.75 4.58 -32.12
C GLN D 272 11.58 5.61 -31.00
N CYS D 273 12.52 6.55 -30.92
CA CYS D 273 12.46 7.61 -29.92
C CYS D 273 11.49 8.70 -30.34
N HIS D 274 10.68 9.17 -29.39
CA HIS D 274 9.72 10.23 -29.67
C HIS D 274 9.65 11.23 -28.52
N VAL D 275 10.77 11.46 -27.87
CA VAL D 275 10.87 12.47 -26.82
C VAL D 275 11.67 13.65 -27.36
N GLY D 276 11.01 14.78 -27.55
CA GLY D 276 11.66 15.96 -28.12
C GLY D 276 12.20 16.91 -27.07
N SER D 277 12.24 18.19 -27.40
CA SER D 277 12.81 19.21 -26.52
C SER D 277 12.01 19.37 -25.23
N ASP D 278 10.69 19.22 -25.33
CA ASP D 278 9.82 19.38 -24.16
C ASP D 278 9.92 18.21 -23.18
N ASN D 279 10.61 17.16 -23.59
CA ASN D 279 10.88 16.01 -22.71
C ASN D 279 9.66 15.13 -22.42
N HIS D 280 8.64 15.23 -23.25
CA HIS D 280 7.47 14.35 -23.14
C HIS D 280 7.40 13.39 -24.32
N TYR D 281 6.76 12.25 -24.10
CA TYR D 281 6.54 11.26 -25.15
C TYR D 281 5.42 11.77 -26.07
N SER D 282 5.79 12.13 -27.29
CA SER D 282 4.85 12.80 -28.20
C SER D 282 3.95 11.83 -28.96
N ALA D 283 4.29 10.54 -28.94
CA ALA D 283 3.47 9.53 -29.63
C ALA D 283 2.55 8.81 -28.65
N SER D 284 2.45 9.34 -27.44
CA SER D 284 1.64 8.70 -26.40
C SER D 284 0.20 8.48 -26.85
N THR D 285 -0.35 9.46 -27.59
CA THR D 285 -1.75 9.43 -27.96
C THR D 285 -2.01 8.91 -29.37
N THR D 286 -0.94 8.54 -30.08
CA THR D 286 -1.07 8.12 -31.47
C THR D 286 -0.46 6.75 -31.75
N MET D 287 0.18 6.16 -30.75
CA MET D 287 0.92 4.92 -30.95
C MET D 287 0.61 3.94 -29.80
N ASP D 288 0.41 2.67 -30.16
CA ASP D 288 0.00 1.67 -29.19
C ASP D 288 1.13 1.33 -28.22
N TYR D 289 0.77 0.73 -27.08
CA TYR D 289 1.77 0.25 -26.13
C TYR D 289 2.63 -0.81 -26.81
N PRO D 290 3.91 -0.89 -26.43
CA PRO D 290 4.82 -1.87 -27.04
C PRO D 290 4.50 -3.29 -26.56
N SER D 291 4.89 -4.28 -27.35
CA SER D 291 4.70 -5.67 -26.98
C SER D 291 5.91 -6.16 -26.18
N LEU D 292 5.75 -7.25 -25.45
CA LEU D 292 6.85 -7.80 -24.67
C LEU D 292 8.06 -8.11 -25.57
N GLY D 293 7.78 -8.63 -26.76
CA GLY D 293 8.83 -8.98 -27.70
C GLY D 293 9.63 -7.79 -28.17
N LEU D 294 8.95 -6.70 -28.49
CA LEU D 294 9.63 -5.48 -28.94
C LEU D 294 10.47 -4.89 -27.81
N MET D 295 9.93 -4.88 -26.60
CA MET D 295 10.66 -4.39 -25.43
C MET D 295 11.94 -5.20 -25.24
N THR D 296 11.82 -6.51 -25.32
CA THR D 296 12.96 -7.41 -25.15
C THR D 296 14.07 -7.08 -26.14
N GLU D 297 13.70 -6.89 -27.41
CA GLU D 297 14.65 -6.58 -28.46
C GLU D 297 15.43 -5.30 -28.16
N LYS D 298 14.71 -4.26 -27.77
CA LYS D 298 15.34 -2.97 -27.52
C LYS D 298 16.19 -2.95 -26.25
N LEU D 299 15.73 -3.64 -25.21
CA LEU D 299 16.49 -3.74 -23.98
C LEU D 299 17.79 -4.50 -24.23
N SER D 300 17.69 -5.56 -25.03
CA SER D 300 18.84 -6.38 -25.36
C SER D 300 19.83 -5.59 -26.22
N GLN D 301 19.29 -4.87 -27.20
CA GLN D 301 20.10 -4.10 -28.13
C GLN D 301 20.84 -2.96 -27.44
N LYS D 302 20.17 -2.31 -26.49
CA LYS D 302 20.75 -1.16 -25.78
C LYS D 302 21.47 -1.59 -24.51
N ASN D 303 21.38 -2.88 -24.19
CA ASN D 303 22.07 -3.44 -23.03
C ASN D 303 21.52 -2.90 -21.70
N ILE D 304 20.19 -2.89 -21.59
CA ILE D 304 19.53 -2.39 -20.39
C ILE D 304 19.06 -3.53 -19.51
N ASN D 305 19.41 -3.47 -18.23
CA ASN D 305 18.88 -4.39 -17.23
C ASN D 305 17.63 -3.78 -16.59
N LEU D 306 16.47 -4.29 -16.98
CA LEU D 306 15.21 -3.81 -16.44
C LEU D 306 14.94 -4.42 -15.07
N ILE D 307 14.59 -3.58 -14.11
CA ILE D 307 14.26 -4.03 -12.77
C ILE D 307 12.81 -3.69 -12.44
N PHE D 308 11.98 -4.71 -12.27
CA PHE D 308 10.60 -4.53 -11.85
C PHE D 308 10.55 -4.40 -10.33
N ALA D 309 10.45 -3.18 -9.85
CA ALA D 309 10.28 -2.93 -8.42
C ALA D 309 8.81 -2.66 -8.14
N VAL D 310 8.06 -3.72 -7.85
CA VAL D 310 6.61 -3.61 -7.74
C VAL D 310 6.09 -4.10 -6.39
N THR D 311 4.89 -3.64 -6.04
CA THR D 311 4.32 -3.94 -4.73
C THR D 311 3.79 -5.38 -4.64
N GLU D 312 3.60 -5.84 -3.42
CA GLU D 312 3.22 -7.22 -3.13
C GLU D 312 2.02 -7.70 -3.96
N ASN D 313 1.08 -6.80 -4.23
CA ASN D 313 -0.17 -7.16 -4.89
C ASN D 313 -0.01 -7.50 -6.37
N VAL D 314 1.15 -7.20 -6.95
CA VAL D 314 1.39 -7.50 -8.37
C VAL D 314 2.75 -8.16 -8.60
N VAL D 315 3.37 -8.67 -7.55
CA VAL D 315 4.67 -9.32 -7.68
C VAL D 315 4.62 -10.52 -8.60
N ASN D 316 3.60 -11.37 -8.44
CA ASN D 316 3.47 -12.57 -9.25
C ASN D 316 3.26 -12.22 -10.72
N LEU D 317 2.49 -11.16 -10.97
CA LEU D 317 2.26 -10.68 -12.32
C LEU D 317 3.57 -10.36 -13.01
N TYR D 318 4.40 -9.54 -12.36
CA TYR D 318 5.64 -9.08 -12.99
C TYR D 318 6.73 -10.13 -12.96
N GLN D 319 6.60 -11.09 -12.05
CA GLN D 319 7.52 -12.23 -12.01
C GLN D 319 7.23 -13.11 -13.22
N ASN D 320 5.95 -13.17 -13.61
CA ASN D 320 5.55 -13.94 -14.77
C ASN D 320 5.93 -13.23 -16.07
N TYR D 321 5.88 -11.90 -16.08
CA TYR D 321 6.37 -11.14 -17.23
C TYR D 321 7.89 -11.29 -17.33
N SER D 322 8.55 -11.25 -16.17
CA SER D 322 9.99 -11.36 -16.11
C SER D 322 10.49 -12.65 -16.76
N GLU D 323 9.69 -13.71 -16.69
CA GLU D 323 10.06 -14.99 -17.29
C GLU D 323 9.91 -14.96 -18.81
N LEU D 324 9.19 -13.96 -19.32
CA LEU D 324 9.02 -13.77 -20.75
C LEU D 324 10.00 -12.73 -21.30
N ILE D 325 10.66 -12.01 -20.40
CA ILE D 325 11.67 -11.04 -20.78
C ILE D 325 12.98 -11.38 -20.08
N PRO D 326 13.70 -12.37 -20.61
CA PRO D 326 14.94 -12.85 -19.99
C PRO D 326 15.90 -11.72 -19.64
N GLY D 327 16.48 -11.80 -18.44
CA GLY D 327 17.43 -10.80 -17.99
C GLY D 327 16.85 -9.83 -16.99
N THR D 328 15.53 -9.70 -16.97
CA THR D 328 14.87 -8.77 -16.06
C THR D 328 14.83 -9.31 -14.64
N THR D 329 14.81 -8.40 -13.67
CA THR D 329 14.82 -8.76 -12.26
C THR D 329 13.55 -8.24 -11.59
N VAL D 330 13.12 -8.93 -10.54
CA VAL D 330 11.92 -8.51 -9.81
C VAL D 330 12.21 -8.39 -8.32
N GLY D 331 11.82 -7.25 -7.75
CA GLY D 331 11.96 -7.00 -6.33
C GLY D 331 10.66 -6.49 -5.76
N VAL D 332 10.39 -6.80 -4.49
CA VAL D 332 9.15 -6.39 -3.85
C VAL D 332 9.30 -5.00 -3.23
N LEU D 333 8.55 -4.05 -3.77
CA LEU D 333 8.57 -2.67 -3.32
C LEU D 333 7.49 -2.45 -2.25
N SER D 334 7.83 -1.67 -1.24
CA SER D 334 6.86 -1.35 -0.19
C SER D 334 5.79 -0.42 -0.76
N MET D 335 4.68 -0.29 -0.05
CA MET D 335 3.58 0.56 -0.49
C MET D 335 3.96 2.04 -0.47
N ASP D 336 5.12 2.36 0.09
CA ASP D 336 5.60 3.74 0.11
C ASP D 336 7.01 3.87 -0.45
N SER D 337 7.49 2.83 -1.14
CA SER D 337 8.82 2.83 -1.74
C SER D 337 9.94 3.06 -0.72
N SER D 338 9.65 2.80 0.55
CA SER D 338 10.61 3.08 1.61
C SER D 338 11.80 2.13 1.59
N ASN D 339 11.68 1.02 0.87
CA ASN D 339 12.74 0.02 0.80
C ASN D 339 13.41 -0.04 -0.57
N VAL D 340 13.14 0.96 -1.41
CA VAL D 340 13.61 0.89 -2.80
C VAL D 340 15.14 0.91 -2.88
N LEU D 341 15.78 1.59 -1.94
CA LEU D 341 17.23 1.68 -1.91
C LEU D 341 17.86 0.29 -1.89
N GLN D 342 17.47 -0.51 -0.90
CA GLN D 342 18.02 -1.85 -0.75
C GLN D 342 17.59 -2.73 -1.90
N LEU D 343 16.41 -2.46 -2.44
CA LEU D 343 15.88 -3.21 -3.58
C LEU D 343 16.81 -3.05 -4.78
N ILE D 344 17.25 -1.81 -5.01
CA ILE D 344 18.14 -1.50 -6.12
C ILE D 344 19.52 -2.13 -5.91
N VAL D 345 20.03 -2.03 -4.69
CA VAL D 345 21.35 -2.56 -4.37
C VAL D 345 21.38 -4.09 -4.53
N ASP D 346 20.34 -4.76 -4.06
CA ASP D 346 20.25 -6.21 -4.17
C ASP D 346 20.09 -6.64 -5.63
N ALA D 347 19.30 -5.90 -6.40
CA ALA D 347 19.09 -6.23 -7.80
C ALA D 347 20.40 -6.13 -8.57
N TYR D 348 21.17 -5.10 -8.29
CA TYR D 348 22.47 -4.90 -8.92
C TYR D 348 23.37 -6.10 -8.64
N GLY D 349 23.42 -6.52 -7.38
CA GLY D 349 24.18 -7.70 -7.01
C GLY D 349 23.71 -8.93 -7.74
N LYS D 350 22.39 -9.05 -7.91
CA LYS D 350 21.81 -10.21 -8.58
C LYS D 350 22.12 -10.18 -10.07
N ILE D 351 22.14 -8.99 -10.65
CA ILE D 351 22.44 -8.81 -12.06
C ILE D 351 23.88 -9.23 -12.38
N ARG D 352 24.80 -8.95 -11.46
CA ARG D 352 26.20 -9.24 -11.68
C ARG D 352 26.63 -10.56 -11.03
N SER D 353 25.66 -11.41 -10.71
CA SER D 353 25.94 -12.72 -10.14
C SER D 353 25.89 -13.79 -11.22
N LYS D 354 25.74 -13.37 -12.47
CA LYS D 354 25.58 -14.31 -13.57
C LYS D 354 26.55 -14.01 -14.70
N VAL D 355 27.15 -15.07 -15.24
CA VAL D 355 27.91 -14.98 -16.48
C VAL D 355 27.32 -15.99 -17.45
N GLU D 356 26.88 -15.52 -18.61
CA GLU D 356 26.23 -16.38 -19.58
C GLU D 356 26.82 -16.13 -20.97
N LEU D 357 27.39 -17.17 -21.57
CA LEU D 357 28.03 -17.04 -22.87
C LEU D 357 27.01 -17.13 -24.00
N GLU D 358 27.21 -16.32 -25.04
CA GLU D 358 26.42 -16.42 -26.25
C GLU D 358 27.34 -16.42 -27.46
N VAL D 359 26.97 -17.19 -28.47
CA VAL D 359 27.79 -17.32 -29.67
C VAL D 359 27.15 -16.55 -30.83
N ARG D 360 27.95 -15.74 -31.51
CA ARG D 360 27.46 -14.96 -32.66
C ARG D 360 28.20 -15.32 -33.94
N ASP D 361 27.45 -15.47 -35.03
CA ASP D 361 28.02 -15.71 -36.35
C ASP D 361 28.73 -17.05 -36.45
N LEU D 362 28.19 -18.07 -35.79
CA LEU D 362 28.78 -19.41 -35.83
C LEU D 362 28.49 -20.06 -37.18
N PRO D 363 29.54 -20.44 -37.92
CA PRO D 363 29.36 -21.14 -39.20
C PRO D 363 28.46 -22.36 -39.07
N GLU D 364 27.66 -22.62 -40.10
CA GLU D 364 26.74 -23.74 -40.14
C GLU D 364 27.41 -25.07 -39.77
N GLU D 365 28.65 -25.23 -40.22
CA GLU D 365 29.35 -26.51 -40.13
C GLU D 365 30.06 -26.69 -38.79
N LEU D 366 30.11 -25.64 -37.99
CA LEU D 366 30.74 -25.71 -36.68
C LEU D 366 29.71 -25.95 -35.59
N SER D 367 30.08 -26.76 -34.61
CA SER D 367 29.27 -26.98 -33.42
C SER D 367 30.16 -26.87 -32.20
N LEU D 368 29.66 -26.22 -31.15
CA LEU D 368 30.45 -26.00 -29.95
C LEU D 368 29.85 -26.74 -28.76
N SER D 369 30.72 -27.20 -27.86
CA SER D 369 30.29 -27.78 -26.59
C SER D 369 31.04 -27.10 -25.46
N PHE D 370 30.39 -26.95 -24.31
CA PHE D 370 30.94 -26.16 -23.21
C PHE D 370 31.02 -26.92 -21.89
N ASN D 371 32.16 -26.79 -21.22
CA ASN D 371 32.30 -27.24 -19.83
C ASN D 371 32.59 -26.02 -18.96
N ALA D 372 31.71 -25.75 -18.00
CA ALA D 372 31.83 -24.58 -17.16
C ALA D 372 32.54 -24.89 -15.84
N THR D 373 33.30 -23.92 -15.34
CA THR D 373 33.93 -24.02 -14.03
C THR D 373 33.54 -22.81 -13.20
N CYS D 374 32.48 -22.95 -12.40
CA CYS D 374 31.93 -21.82 -11.67
C CYS D 374 32.44 -21.78 -10.23
N LEU D 375 31.54 -21.91 -9.26
CA LEU D 375 31.90 -21.94 -7.85
C LEU D 375 33.05 -22.92 -7.63
N ASN D 376 34.11 -22.45 -6.97
CA ASN D 376 35.32 -23.26 -6.78
C ASN D 376 35.82 -23.76 -8.13
N ASN D 377 36.58 -24.86 -8.12
CA ASN D 377 37.02 -25.47 -9.37
C ASN D 377 36.16 -26.68 -9.74
N GLU D 378 34.85 -26.52 -9.58
CA GLU D 378 33.91 -27.59 -9.90
C GLU D 378 33.47 -27.49 -11.36
N VAL D 379 33.96 -28.40 -12.18
CA VAL D 379 33.58 -28.43 -13.58
C VAL D 379 32.15 -28.93 -13.73
N ILE D 380 31.40 -28.30 -14.61
CA ILE D 380 29.99 -28.65 -14.83
C ILE D 380 29.76 -28.87 -16.32
N PRO D 381 29.63 -30.15 -16.74
CA PRO D 381 29.54 -30.49 -18.16
C PRO D 381 28.28 -29.98 -18.85
N GLY D 382 28.41 -29.67 -20.14
CA GLY D 382 27.28 -29.22 -20.95
C GLY D 382 26.62 -27.96 -20.42
N LEU D 383 27.42 -26.99 -20.01
CA LEU D 383 26.90 -25.75 -19.45
C LEU D 383 27.76 -24.56 -19.88
N LYS D 384 27.10 -23.53 -20.40
CA LYS D 384 27.81 -22.33 -20.86
C LYS D 384 27.40 -21.11 -20.05
N SER D 385 27.08 -21.33 -18.78
CA SER D 385 26.65 -20.24 -17.90
C SER D 385 27.02 -20.53 -16.44
N CYS D 386 27.08 -19.48 -15.64
CA CYS D 386 27.39 -19.62 -14.22
C CYS D 386 26.51 -18.67 -13.40
N MET D 387 26.05 -19.14 -12.25
CA MET D 387 25.23 -18.32 -11.37
C MET D 387 25.80 -18.31 -9.97
N GLY D 388 25.29 -17.40 -9.13
CA GLY D 388 25.71 -17.31 -7.75
C GLY D 388 27.09 -16.71 -7.57
N LEU D 389 27.49 -15.86 -8.51
CA LEU D 389 28.80 -15.23 -8.46
C LEU D 389 28.78 -13.95 -7.65
N LYS D 390 29.93 -13.60 -7.10
CA LYS D 390 30.10 -12.32 -6.41
C LYS D 390 30.94 -11.42 -7.29
N ILE D 391 30.70 -10.12 -7.21
CA ILE D 391 31.53 -9.17 -7.96
C ILE D 391 32.99 -9.41 -7.62
N GLY D 392 33.81 -9.58 -8.66
CA GLY D 392 35.22 -9.82 -8.49
C GLY D 392 35.60 -11.27 -8.76
N ASP D 393 34.59 -12.12 -8.91
CA ASP D 393 34.82 -13.54 -9.16
C ASP D 393 35.17 -13.79 -10.62
N THR D 394 35.93 -14.86 -10.85
CA THR D 394 36.34 -15.24 -12.20
C THR D 394 35.93 -16.67 -12.49
N VAL D 395 35.27 -16.86 -13.63
CA VAL D 395 34.87 -18.20 -14.07
C VAL D 395 35.56 -18.51 -15.39
N SER D 396 35.55 -19.78 -15.76
CA SER D 396 36.18 -20.20 -17.01
C SER D 396 35.34 -21.26 -17.70
N PHE D 397 35.48 -21.34 -19.01
CA PHE D 397 34.77 -22.33 -19.79
C PHE D 397 35.71 -23.04 -20.75
N SER D 398 35.63 -24.36 -20.79
CA SER D 398 36.35 -25.14 -21.80
C SER D 398 35.42 -25.31 -22.99
N ILE D 399 35.94 -24.99 -24.18
CA ILE D 399 35.13 -25.01 -25.40
C ILE D 399 35.75 -25.91 -26.45
N GLU D 400 34.94 -26.78 -27.04
CA GLU D 400 35.40 -27.67 -28.10
C GLU D 400 34.70 -27.36 -29.41
N ALA D 401 35.48 -26.98 -30.42
CA ALA D 401 34.95 -26.71 -31.75
C ALA D 401 35.07 -27.95 -32.63
N LYS D 402 33.94 -28.39 -33.17
CA LYS D 402 33.92 -29.55 -34.05
C LYS D 402 33.35 -29.17 -35.41
N VAL D 403 34.17 -29.31 -36.45
CA VAL D 403 33.74 -28.99 -37.80
C VAL D 403 33.22 -30.24 -38.49
N ARG D 404 32.17 -30.08 -39.27
CA ARG D 404 31.57 -31.18 -40.01
C ARG D 404 31.83 -31.02 -41.50
N GLY D 405 32.74 -31.84 -42.02
CA GLY D 405 33.10 -31.79 -43.43
C GLY D 405 34.10 -30.68 -43.71
N CYS D 406 34.05 -30.15 -44.93
CA CYS D 406 34.95 -29.08 -45.35
C CYS D 406 34.15 -27.97 -46.03
N PRO D 407 34.00 -26.83 -45.34
CA PRO D 407 33.20 -25.73 -45.89
C PRO D 407 33.81 -25.12 -47.15
N GLN D 408 32.98 -24.43 -47.93
CA GLN D 408 33.43 -23.76 -49.14
C GLN D 408 34.44 -22.66 -48.80
N GLU D 409 34.09 -21.80 -47.85
CA GLU D 409 34.97 -20.73 -47.41
C GLU D 409 35.96 -21.26 -46.39
N LYS D 410 37.25 -21.07 -46.66
CA LYS D 410 38.28 -21.65 -45.82
C LYS D 410 38.62 -20.79 -44.60
N GLU D 411 38.12 -19.56 -44.58
CA GLU D 411 38.35 -18.67 -43.45
C GLU D 411 37.07 -17.97 -42.98
N LYS D 412 36.75 -18.17 -41.71
CA LYS D 412 35.63 -17.50 -41.08
C LYS D 412 36.01 -17.11 -39.67
N SER D 413 35.21 -16.24 -39.05
CA SER D 413 35.43 -15.88 -37.66
C SER D 413 34.10 -15.63 -36.97
N PHE D 414 33.99 -16.11 -35.74
CA PHE D 414 32.78 -15.90 -34.95
C PHE D 414 33.15 -15.30 -33.59
N THR D 415 32.13 -14.97 -32.80
CA THR D 415 32.35 -14.28 -31.53
C THR D 415 31.71 -15.04 -30.38
N ILE D 416 32.41 -15.07 -29.25
CA ILE D 416 31.84 -15.58 -28.01
C ILE D 416 31.86 -14.44 -27.00
N LYS D 417 30.67 -13.94 -26.65
CA LYS D 417 30.56 -12.81 -25.74
C LYS D 417 29.66 -13.16 -24.56
N PRO D 418 30.08 -12.80 -23.35
CA PRO D 418 29.17 -12.92 -22.21
C PRO D 418 28.01 -11.93 -22.37
N VAL D 419 26.79 -12.39 -22.09
CA VAL D 419 25.62 -11.52 -22.20
C VAL D 419 25.78 -10.30 -21.29
N GLY D 420 25.62 -9.12 -21.88
CA GLY D 420 25.71 -7.88 -21.13
C GLY D 420 27.09 -7.25 -21.14
N PHE D 421 28.10 -8.03 -21.48
CA PHE D 421 29.49 -7.55 -21.46
C PHE D 421 29.85 -6.83 -22.76
N LYS D 422 30.84 -5.96 -22.67
CA LYS D 422 31.35 -5.26 -23.85
C LYS D 422 32.45 -6.08 -24.52
N ASP D 423 33.35 -6.63 -23.72
CA ASP D 423 34.46 -7.43 -24.23
C ASP D 423 33.97 -8.78 -24.74
N SER D 424 34.75 -9.38 -25.63
CA SER D 424 34.38 -10.66 -26.23
C SER D 424 35.61 -11.46 -26.65
N LEU D 425 35.37 -12.70 -27.07
CA LEU D 425 36.42 -13.52 -27.63
C LEU D 425 36.15 -13.72 -29.12
N ILE D 426 37.06 -13.20 -29.95
CA ILE D 426 36.96 -13.40 -31.40
C ILE D 426 37.72 -14.66 -31.79
N VAL D 427 37.02 -15.58 -32.44
CA VAL D 427 37.63 -16.83 -32.88
C VAL D 427 37.78 -16.83 -34.39
N GLN D 428 39.01 -16.74 -34.87
CA GLN D 428 39.29 -16.80 -36.30
C GLN D 428 39.56 -18.24 -36.72
N VAL D 429 38.62 -18.84 -37.43
CA VAL D 429 38.76 -20.22 -37.86
C VAL D 429 39.33 -20.32 -39.27
N THR D 430 40.27 -21.26 -39.45
CA THR D 430 40.82 -21.56 -40.75
C THR D 430 40.65 -23.05 -41.02
N PHE D 431 39.88 -23.38 -42.04
CA PHE D 431 39.64 -24.78 -42.38
C PHE D 431 40.76 -25.29 -43.28
N ASP D 432 41.53 -26.24 -42.73
CA ASP D 432 42.71 -26.79 -43.40
C ASP D 432 42.33 -28.01 -44.23
N CYS D 433 41.75 -27.77 -45.41
CA CYS D 433 41.22 -28.84 -46.23
C CYS D 433 42.16 -29.25 -47.36
N ASP D 434 43.09 -28.37 -47.71
CA ASP D 434 43.99 -28.60 -48.83
C ASP D 434 45.39 -28.97 -48.38
N CYS D 435 46.21 -29.40 -49.34
CA CYS D 435 47.60 -29.73 -49.07
C CYS D 435 48.49 -28.61 -49.59
N ALA D 436 49.68 -28.48 -49.01
CA ALA D 436 50.62 -27.43 -49.40
C ALA D 436 51.20 -27.69 -50.79
N CYS D 437 51.23 -28.96 -51.18
CA CYS D 437 51.81 -29.34 -52.47
C CYS D 437 50.89 -29.03 -53.65
N GLN D 438 49.69 -28.52 -53.35
CA GLN D 438 48.72 -28.19 -54.39
C GLN D 438 49.07 -26.87 -55.08
N ALA D 439 49.75 -25.99 -54.35
CA ALA D 439 50.18 -24.72 -54.92
C ALA D 439 51.28 -24.94 -55.96
N GLN D 440 51.90 -26.12 -55.92
CA GLN D 440 52.95 -26.46 -56.86
C GLN D 440 52.42 -27.38 -57.97
N ALA D 441 51.10 -27.49 -58.05
CA ALA D 441 50.47 -28.35 -59.04
C ALA D 441 50.86 -27.90 -60.45
N GLU D 442 50.94 -28.85 -61.36
CA GLU D 442 51.33 -28.56 -62.74
C GLU D 442 50.19 -28.92 -63.70
N PRO D 443 49.48 -27.90 -64.20
CA PRO D 443 48.39 -28.14 -65.16
C PRO D 443 48.93 -28.49 -66.54
N ASN D 444 48.16 -29.27 -67.31
CA ASN D 444 48.56 -29.67 -68.64
C ASN D 444 49.98 -30.26 -68.63
N SER D 445 50.18 -31.25 -67.76
CA SER D 445 51.49 -31.83 -67.55
C SER D 445 51.78 -32.93 -68.56
N HIS D 446 53.00 -32.92 -69.09
CA HIS D 446 53.43 -33.95 -70.03
C HIS D 446 53.38 -35.33 -69.37
N ARG D 447 53.44 -35.33 -68.04
CA ARG D 447 53.47 -36.57 -67.27
C ARG D 447 52.09 -37.18 -67.07
N CYS D 448 51.06 -36.48 -67.53
CA CYS D 448 49.68 -36.95 -67.37
C CYS D 448 48.93 -36.93 -68.70
N ASN D 449 48.84 -38.10 -69.34
CA ASN D 449 48.16 -38.22 -70.62
C ASN D 449 48.73 -37.26 -71.67
N ASN D 450 50.01 -36.94 -71.54
CA ASN D 450 50.69 -36.06 -72.48
C ASN D 450 50.04 -34.67 -72.55
N GLY D 451 49.62 -34.15 -71.41
CA GLY D 451 49.12 -32.78 -71.34
C GLY D 451 47.63 -32.65 -71.11
N ASN D 452 46.94 -33.76 -70.91
CA ASN D 452 45.49 -33.73 -70.71
C ASN D 452 45.11 -33.57 -69.24
N GLY D 453 46.00 -33.99 -68.34
CA GLY D 453 45.72 -33.97 -66.92
C GLY D 453 46.60 -33.01 -66.14
N THR D 454 46.40 -33.00 -64.82
CA THR D 454 47.17 -32.15 -63.92
C THR D 454 48.01 -32.99 -62.97
N PHE D 455 49.29 -32.66 -62.86
CA PHE D 455 50.16 -33.38 -61.94
C PHE D 455 50.17 -32.66 -60.59
N GLU D 456 49.55 -33.28 -59.59
CA GLU D 456 49.37 -32.68 -58.28
C GLU D 456 49.72 -33.65 -57.16
N CYS D 457 50.72 -33.29 -56.37
CA CYS D 457 51.09 -34.06 -55.19
C CYS D 457 51.48 -35.50 -55.51
N GLY D 458 52.18 -35.68 -56.63
CA GLY D 458 52.73 -36.98 -56.98
C GLY D 458 51.80 -37.90 -57.77
N VAL D 459 50.59 -37.44 -58.03
CA VAL D 459 49.63 -38.22 -58.80
C VAL D 459 49.01 -37.38 -59.92
N CYS D 460 48.31 -38.05 -60.84
CA CYS D 460 47.69 -37.38 -61.96
C CYS D 460 46.19 -37.18 -61.70
N ARG D 461 45.73 -35.95 -61.90
CA ARG D 461 44.33 -35.60 -61.69
C ARG D 461 43.70 -35.21 -63.01
N CYS D 462 42.41 -35.50 -63.18
CA CYS D 462 41.69 -35.05 -64.36
C CYS D 462 41.59 -33.54 -64.37
N GLY D 463 41.95 -32.93 -65.50
CA GLY D 463 41.90 -31.48 -65.63
C GLY D 463 40.48 -30.97 -65.71
N PRO D 464 40.30 -29.65 -65.62
CA PRO D 464 38.97 -29.04 -65.67
C PRO D 464 38.33 -29.19 -67.05
N GLY D 465 37.06 -29.61 -67.08
CA GLY D 465 36.36 -29.77 -68.34
C GLY D 465 36.14 -31.22 -68.71
N TRP D 466 36.84 -32.12 -68.04
CA TRP D 466 36.73 -33.55 -68.33
C TRP D 466 35.75 -34.21 -67.39
N LEU D 467 35.28 -35.40 -67.76
CA LEU D 467 34.37 -36.17 -66.93
C LEU D 467 34.86 -37.60 -66.76
N GLY D 468 34.53 -38.21 -65.62
CA GLY D 468 34.93 -39.58 -65.34
C GLY D 468 36.08 -39.65 -64.35
N SER D 469 36.44 -40.86 -63.95
CA SER D 469 37.54 -41.07 -63.02
C SER D 469 38.88 -40.93 -63.74
N GLN D 470 39.01 -41.64 -64.86
CA GLN D 470 40.22 -41.57 -65.68
C GLN D 470 39.91 -40.97 -67.05
N CYS D 471 39.04 -39.97 -67.06
CA CYS D 471 38.70 -39.25 -68.28
C CYS D 471 38.23 -40.22 -69.37
N GLU E 1 -47.65 -8.02 -22.21
CA GLU E 1 -48.47 -6.78 -22.13
C GLU E 1 -48.18 -6.02 -20.83
N VAL E 2 -47.88 -4.73 -20.96
CA VAL E 2 -47.66 -3.89 -19.80
C VAL E 2 -49.01 -3.51 -19.19
N GLN E 3 -49.11 -3.64 -17.87
CA GLN E 3 -50.34 -3.32 -17.17
C GLN E 3 -50.07 -3.08 -15.69
N LEU E 4 -50.51 -1.94 -15.18
CA LEU E 4 -50.31 -1.59 -13.77
C LEU E 4 -51.57 -1.87 -12.96
N GLN E 5 -51.43 -2.72 -11.95
CA GLN E 5 -52.56 -3.09 -11.11
C GLN E 5 -52.36 -2.58 -9.70
N GLN E 6 -53.12 -1.55 -9.33
CA GLN E 6 -53.01 -0.93 -8.03
C GLN E 6 -53.93 -1.58 -7.01
N SER E 7 -53.84 -1.12 -5.76
CA SER E 7 -54.66 -1.66 -4.68
C SER E 7 -56.09 -1.14 -4.76
N GLY E 8 -56.94 -1.61 -3.84
CA GLY E 8 -58.33 -1.21 -3.82
C GLY E 8 -58.55 0.10 -3.10
N ALA E 9 -59.73 0.67 -3.27
CA ALA E 9 -60.08 1.93 -2.62
C ALA E 9 -59.80 1.87 -1.12
N GLU E 10 -59.50 3.01 -0.53
CA GLU E 10 -59.18 3.09 0.89
C GLU E 10 -60.01 4.15 1.58
N LEU E 11 -60.54 3.81 2.75
CA LEU E 11 -61.27 4.76 3.58
C LEU E 11 -60.63 4.77 4.97
N VAL E 12 -60.21 5.94 5.42
CA VAL E 12 -59.53 6.07 6.71
C VAL E 12 -59.85 7.42 7.36
N LYS E 13 -59.62 7.50 8.66
CA LYS E 13 -59.91 8.71 9.41
C LYS E 13 -58.72 9.68 9.39
N PRO E 14 -58.99 10.97 9.60
CA PRO E 14 -57.91 11.98 9.62
C PRO E 14 -56.85 11.66 10.67
N GLY E 15 -55.59 11.88 10.32
CA GLY E 15 -54.49 11.63 11.23
C GLY E 15 -53.89 10.24 11.07
N ALA E 16 -54.57 9.38 10.32
CA ALA E 16 -54.08 8.04 10.06
C ALA E 16 -53.04 8.05 8.94
N SER E 17 -52.56 6.87 8.56
CA SER E 17 -51.58 6.75 7.49
C SER E 17 -51.87 5.53 6.63
N VAL E 18 -51.92 5.74 5.31
CA VAL E 18 -52.26 4.67 4.38
C VAL E 18 -51.11 4.39 3.42
N LYS E 19 -51.02 3.15 2.95
CA LYS E 19 -50.04 2.77 1.95
C LYS E 19 -50.71 2.17 0.72
N LEU E 20 -50.57 2.84 -0.41
CA LEU E 20 -51.14 2.36 -1.67
C LEU E 20 -50.12 1.50 -2.40
N SER E 21 -50.61 0.54 -3.18
CA SER E 21 -49.75 -0.42 -3.86
C SER E 21 -49.88 -0.32 -5.38
N CYS E 22 -48.78 -0.57 -6.08
CA CYS E 22 -48.77 -0.59 -7.53
C CYS E 22 -47.94 -1.77 -8.02
N THR E 23 -48.62 -2.83 -8.46
CA THR E 23 -47.96 -4.05 -8.87
C THR E 23 -47.87 -4.17 -10.39
N ALA E 24 -46.65 -4.40 -10.87
CA ALA E 24 -46.41 -4.53 -12.30
C ALA E 24 -46.88 -5.89 -12.82
N SER E 25 -47.54 -5.87 -13.98
CA SER E 25 -48.03 -7.10 -14.59
C SER E 25 -47.55 -7.21 -16.03
N GLY E 26 -46.60 -8.12 -16.26
CA GLY E 26 -46.07 -8.35 -17.58
C GLY E 26 -44.74 -7.68 -17.82
N PHE E 27 -44.05 -7.32 -16.74
CA PHE E 27 -42.73 -6.69 -16.83
C PHE E 27 -42.13 -6.54 -15.44
N ASN E 28 -40.82 -6.32 -15.39
CA ASN E 28 -40.13 -6.11 -14.12
C ASN E 28 -40.22 -4.65 -13.66
N ILE E 29 -40.66 -4.45 -12.42
CA ILE E 29 -40.79 -3.11 -11.87
C ILE E 29 -39.46 -2.37 -11.92
N LYS E 30 -38.37 -3.13 -11.96
CA LYS E 30 -37.03 -2.56 -11.97
C LYS E 30 -36.70 -1.87 -13.30
N ASP E 31 -37.52 -2.11 -14.32
CA ASP E 31 -37.24 -1.63 -15.67
C ASP E 31 -37.13 -0.11 -15.79
N THR E 32 -38.11 0.60 -15.27
CA THR E 32 -38.20 2.05 -15.50
C THR E 32 -38.52 2.84 -14.24
N TYR E 33 -38.55 4.16 -14.40
CA TYR E 33 -39.03 5.05 -13.35
C TYR E 33 -40.49 4.73 -13.06
N VAL E 34 -40.90 4.88 -11.80
CA VAL E 34 -42.31 4.76 -11.43
C VAL E 34 -42.73 6.05 -10.73
N HIS E 35 -43.74 6.71 -11.29
CA HIS E 35 -44.24 7.97 -10.74
C HIS E 35 -45.55 7.76 -10.00
N TRP E 36 -45.90 8.72 -9.16
CA TRP E 36 -47.20 8.72 -8.49
C TRP E 36 -47.90 10.05 -8.74
N VAL E 37 -49.19 9.98 -9.10
CA VAL E 37 -49.95 11.16 -9.46
C VAL E 37 -51.25 11.26 -8.68
N LYS E 38 -51.64 12.48 -8.34
CA LYS E 38 -52.84 12.74 -7.55
C LYS E 38 -53.87 13.52 -8.37
N GLN E 39 -55.12 13.10 -8.30
CA GLN E 39 -56.17 13.76 -9.07
C GLN E 39 -57.36 14.16 -8.21
N ARG E 40 -57.69 15.44 -8.22
CA ARG E 40 -58.90 15.95 -7.57
C ARG E 40 -59.78 16.64 -8.61
N PRO E 41 -61.11 16.57 -8.41
CA PRO E 41 -62.07 17.17 -9.35
C PRO E 41 -61.81 18.65 -9.64
N GLU E 42 -61.55 19.43 -8.60
CA GLU E 42 -61.38 20.87 -8.75
C GLU E 42 -59.93 21.24 -9.06
N GLN E 43 -59.01 20.81 -8.20
CA GLN E 43 -57.60 21.16 -8.33
C GLN E 43 -57.00 20.60 -9.62
N GLY E 44 -57.22 19.30 -9.86
CA GLY E 44 -56.74 18.67 -11.07
C GLY E 44 -55.64 17.65 -10.81
N LEU E 45 -54.75 17.49 -11.78
CA LEU E 45 -53.67 16.51 -11.68
C LEU E 45 -52.43 17.10 -11.04
N GLU E 46 -51.83 16.35 -10.11
CA GLU E 46 -50.64 16.80 -9.41
C GLU E 46 -49.60 15.69 -9.32
N TRP E 47 -48.40 15.96 -9.81
CA TRP E 47 -47.30 15.02 -9.72
C TRP E 47 -46.77 14.97 -8.29
N ILE E 48 -46.77 13.79 -7.69
CA ILE E 48 -46.32 13.62 -6.32
C ILE E 48 -44.81 13.42 -6.27
N GLY E 49 -44.33 12.35 -6.90
CA GLY E 49 -42.92 12.04 -6.90
C GLY E 49 -42.57 10.90 -7.85
N ARG E 50 -41.35 10.41 -7.74
CA ARG E 50 -40.82 9.41 -8.65
C ARG E 50 -39.82 8.51 -7.91
N ILE E 51 -39.70 7.27 -8.38
CA ILE E 51 -38.71 6.36 -7.81
C ILE E 51 -38.08 5.48 -8.88
N ASP E 52 -36.84 5.06 -8.64
CA ASP E 52 -36.17 4.10 -9.50
C ASP E 52 -36.00 2.81 -8.72
N PRO E 53 -36.93 1.85 -8.91
CA PRO E 53 -36.97 0.61 -8.15
C PRO E 53 -35.66 -0.19 -8.19
N ALA E 54 -34.79 0.14 -9.14
CA ALA E 54 -33.52 -0.56 -9.29
C ALA E 54 -32.55 -0.24 -8.16
N ASN E 55 -32.63 0.99 -7.63
CA ASN E 55 -31.72 1.42 -6.57
C ASN E 55 -32.42 2.11 -5.39
N GLY E 56 -33.68 2.49 -5.57
CA GLY E 56 -34.46 3.05 -4.48
C GLY E 56 -34.48 4.57 -4.42
N TYR E 57 -33.66 5.23 -5.25
CA TYR E 57 -33.60 6.69 -5.23
C TYR E 57 -34.93 7.32 -5.63
N THR E 58 -35.25 8.47 -5.03
CA THR E 58 -36.55 9.09 -5.22
C THR E 58 -36.47 10.60 -5.48
N LYS E 59 -37.53 11.14 -6.07
CA LYS E 59 -37.68 12.57 -6.28
C LYS E 59 -39.10 12.98 -5.91
N TYR E 60 -39.24 14.12 -5.24
CA TYR E 60 -40.56 14.60 -4.80
C TYR E 60 -40.83 16.04 -5.21
N ASP E 61 -42.11 16.37 -5.36
CA ASP E 61 -42.53 17.75 -5.44
C ASP E 61 -42.51 18.30 -4.02
N PRO E 62 -41.80 19.42 -3.80
CA PRO E 62 -41.64 19.96 -2.43
C PRO E 62 -42.95 20.05 -1.66
N LYS E 63 -44.08 20.18 -2.37
CA LYS E 63 -45.37 20.27 -1.72
C LYS E 63 -45.66 19.05 -0.87
N PHE E 64 -45.43 17.87 -1.44
CA PHE E 64 -45.73 16.62 -0.77
C PHE E 64 -44.58 16.15 0.13
N GLN E 65 -43.62 17.03 0.38
CA GLN E 65 -42.50 16.68 1.24
C GLN E 65 -42.97 16.43 2.66
N GLY E 66 -42.60 15.27 3.21
CA GLY E 66 -42.98 14.91 4.56
C GLY E 66 -44.20 14.03 4.58
N LYS E 67 -45.15 14.30 3.68
CA LYS E 67 -46.38 13.53 3.60
C LYS E 67 -46.17 12.25 2.80
N ALA E 68 -45.87 12.40 1.51
CA ALA E 68 -45.71 11.27 0.62
C ALA E 68 -44.35 10.60 0.80
N THR E 69 -44.37 9.27 0.86
CA THR E 69 -43.15 8.49 0.96
C THR E 69 -43.21 7.32 -0.02
N ILE E 70 -42.50 7.45 -1.13
CA ILE E 70 -42.51 6.42 -2.18
C ILE E 70 -41.42 5.39 -1.93
N THR E 71 -41.79 4.12 -1.99
CA THR E 71 -40.86 3.02 -1.80
C THR E 71 -41.10 1.95 -2.85
N ALA E 72 -40.23 0.95 -2.89
CA ALA E 72 -40.36 -0.13 -3.86
C ALA E 72 -39.82 -1.44 -3.30
N ASP E 73 -40.08 -2.53 -4.02
CA ASP E 73 -39.64 -3.85 -3.62
C ASP E 73 -39.56 -4.75 -4.84
N THR E 74 -38.35 -4.94 -5.36
CA THR E 74 -38.15 -5.75 -6.56
C THR E 74 -38.61 -7.19 -6.34
N SER E 75 -38.50 -7.66 -5.11
CA SER E 75 -38.89 -9.02 -4.78
C SER E 75 -40.39 -9.24 -5.04
N SER E 76 -41.20 -8.24 -4.73
CA SER E 76 -42.64 -8.34 -4.89
C SER E 76 -43.12 -7.70 -6.18
N ASN E 77 -42.20 -7.04 -6.89
CA ASN E 77 -42.53 -6.39 -8.16
C ASN E 77 -43.59 -5.33 -7.95
N THR E 78 -43.44 -4.55 -6.88
CA THR E 78 -44.45 -3.57 -6.48
C THR E 78 -43.83 -2.27 -6.01
N ALA E 79 -44.50 -1.16 -6.30
CA ALA E 79 -44.10 0.15 -5.80
C ALA E 79 -45.21 0.71 -4.93
N TYR E 80 -44.82 1.30 -3.80
CA TYR E 80 -45.80 1.79 -2.82
C TYR E 80 -45.76 3.30 -2.67
N LEU E 81 -46.83 3.86 -2.11
CA LEU E 81 -46.91 5.27 -1.79
C LEU E 81 -47.56 5.45 -0.43
N GLN E 82 -46.74 5.76 0.58
CA GLN E 82 -47.24 5.91 1.94
C GLN E 82 -47.57 7.36 2.27
N LEU E 83 -48.86 7.63 2.49
CA LEU E 83 -49.31 8.96 2.88
C LEU E 83 -49.57 9.00 4.39
N SER E 84 -48.87 9.88 5.08
CA SER E 84 -49.02 10.01 6.53
C SER E 84 -49.76 11.30 6.89
N SER E 85 -50.33 11.32 8.09
CA SER E 85 -51.06 12.50 8.57
C SER E 85 -52.09 12.93 7.53
N LEU E 86 -53.18 12.18 7.43
CA LEU E 86 -54.18 12.43 6.39
C LEU E 86 -55.15 13.55 6.78
N THR E 87 -55.65 14.24 5.77
CA THR E 87 -56.64 15.29 5.96
C THR E 87 -57.64 15.23 4.82
N SER E 88 -58.70 16.03 4.92
CA SER E 88 -59.69 16.12 3.85
C SER E 88 -59.02 16.52 2.54
N GLU E 89 -57.89 17.21 2.66
CA GLU E 89 -57.15 17.66 1.48
C GLU E 89 -56.60 16.49 0.69
N ASP E 90 -56.26 15.41 1.39
CA ASP E 90 -55.67 14.24 0.78
C ASP E 90 -56.72 13.30 0.17
N THR E 91 -57.97 13.74 0.15
CA THR E 91 -59.04 12.95 -0.45
C THR E 91 -58.99 13.08 -1.97
N ALA E 92 -58.40 12.09 -2.63
CA ALA E 92 -58.23 12.14 -4.06
C ALA E 92 -57.94 10.75 -4.65
N VAL E 93 -57.88 10.68 -5.97
CA VAL E 93 -57.51 9.46 -6.67
C VAL E 93 -56.02 9.47 -6.96
N TYR E 94 -55.35 8.35 -6.70
CA TYR E 94 -53.90 8.27 -6.88
C TYR E 94 -53.52 7.23 -7.94
N TYR E 95 -52.68 7.64 -8.88
CA TYR E 95 -52.27 6.78 -9.99
C TYR E 95 -50.77 6.53 -9.99
N CYS E 96 -50.36 5.30 -10.28
CA CYS E 96 -48.96 5.01 -10.55
C CYS E 96 -48.73 5.05 -12.06
N VAL E 97 -47.58 5.53 -12.48
CA VAL E 97 -47.32 5.75 -13.90
C VAL E 97 -45.89 5.35 -14.26
N ARG E 98 -45.70 4.94 -15.51
CA ARG E 98 -44.37 4.65 -16.04
C ARG E 98 -44.32 4.97 -17.53
N PRO E 99 -43.11 5.19 -18.06
CA PRO E 99 -42.93 5.51 -19.49
C PRO E 99 -43.00 4.27 -20.39
N LEU E 100 -43.21 4.49 -21.69
CA LEU E 100 -43.17 3.43 -22.68
C LEU E 100 -41.74 3.22 -23.18
N TYR E 101 -41.20 4.24 -23.85
CA TYR E 101 -39.82 4.20 -24.34
C TYR E 101 -39.01 5.31 -23.71
N ASP E 102 -39.41 6.55 -23.98
CA ASP E 102 -38.74 7.72 -23.43
C ASP E 102 -38.61 7.59 -21.91
N TYR E 103 -37.37 7.64 -21.42
CA TYR E 103 -37.10 7.50 -19.99
C TYR E 103 -37.98 8.40 -19.13
N TYR E 104 -38.25 9.60 -19.62
CA TYR E 104 -38.86 10.64 -18.81
C TYR E 104 -40.37 10.82 -19.07
N ALA E 105 -40.92 10.04 -19.99
CA ALA E 105 -42.32 10.20 -20.38
C ALA E 105 -43.29 9.61 -19.34
N MET E 106 -44.58 9.78 -19.60
CA MET E 106 -45.63 9.30 -18.71
C MET E 106 -46.74 8.67 -19.55
N ASP E 107 -46.55 7.41 -19.93
CA ASP E 107 -47.40 6.79 -20.96
C ASP E 107 -48.34 5.71 -20.43
N TYR E 108 -47.90 4.93 -19.44
CA TYR E 108 -48.71 3.85 -18.88
C TYR E 108 -49.21 4.21 -17.47
N TRP E 109 -50.52 4.04 -17.27
CA TRP E 109 -51.15 4.42 -16.00
C TRP E 109 -51.94 3.27 -15.39
N GLY E 110 -51.87 3.15 -14.07
CA GLY E 110 -52.69 2.19 -13.35
C GLY E 110 -54.14 2.62 -13.36
N GLN E 111 -55.04 1.76 -12.87
CA GLN E 111 -56.46 2.05 -12.90
C GLN E 111 -56.85 3.11 -11.87
N GLY E 112 -55.92 3.40 -10.95
CA GLY E 112 -56.14 4.44 -9.96
C GLY E 112 -56.79 3.91 -8.70
N THR E 113 -56.35 4.42 -7.55
CA THR E 113 -56.88 4.02 -6.26
C THR E 113 -57.50 5.19 -5.53
N SER E 114 -58.82 5.13 -5.30
CA SER E 114 -59.52 6.18 -4.58
C SER E 114 -59.18 6.13 -3.10
N VAL E 115 -58.87 7.29 -2.53
CA VAL E 115 -58.59 7.40 -1.10
C VAL E 115 -59.49 8.45 -0.47
N THR E 116 -60.34 8.00 0.46
CA THR E 116 -61.27 8.90 1.14
C THR E 116 -60.89 9.07 2.60
N VAL E 117 -60.81 10.31 3.05
CA VAL E 117 -60.50 10.62 4.43
C VAL E 117 -61.69 11.27 5.12
N SER E 118 -62.29 10.56 6.07
CA SER E 118 -63.46 11.06 6.78
C SER E 118 -63.59 10.43 8.16
N SER E 119 -64.32 11.09 9.05
CA SER E 119 -64.49 10.62 10.43
C SER E 119 -65.77 9.83 10.62
N ALA E 120 -66.80 10.20 9.86
CA ALA E 120 -68.13 9.61 10.04
C ALA E 120 -68.11 8.10 10.24
N LYS E 121 -69.09 7.60 11.00
CA LYS E 121 -69.25 6.17 11.19
C LYS E 121 -70.16 5.63 10.07
N THR E 122 -70.23 4.32 9.94
CA THR E 122 -71.11 3.72 8.95
C THR E 122 -72.55 4.09 9.27
N THR E 123 -73.17 4.86 8.38
CA THR E 123 -74.52 5.38 8.62
C THR E 123 -75.45 5.04 7.46
N ALA E 124 -76.65 4.55 7.79
CA ALA E 124 -77.65 4.24 6.78
C ALA E 124 -78.40 5.50 6.37
N PRO E 125 -78.80 5.58 5.09
CA PRO E 125 -79.44 6.77 4.54
C PRO E 125 -80.89 6.93 4.96
N SER E 126 -81.35 8.18 5.04
CA SER E 126 -82.75 8.48 5.28
C SER E 126 -83.43 8.78 3.96
N VAL E 127 -84.33 7.90 3.53
CA VAL E 127 -85.00 8.05 2.24
C VAL E 127 -86.29 8.85 2.37
N TYR E 128 -86.36 9.95 1.64
CA TYR E 128 -87.52 10.83 1.68
C TYR E 128 -88.20 10.90 0.31
N PRO E 129 -89.52 10.67 0.27
CA PRO E 129 -90.28 10.76 -0.99
C PRO E 129 -90.61 12.19 -1.35
N LEU E 130 -90.48 12.53 -2.63
CA LEU E 130 -90.76 13.90 -3.11
C LEU E 130 -91.90 13.90 -4.11
N ALA E 131 -93.07 14.36 -3.66
CA ALA E 131 -94.24 14.46 -4.54
C ALA E 131 -94.41 15.91 -4.99
N PRO E 132 -95.02 16.11 -6.18
CA PRO E 132 -95.20 17.46 -6.73
C PRO E 132 -95.96 18.38 -5.79
N VAL E 133 -95.96 19.68 -6.10
CA VAL E 133 -96.60 20.67 -5.23
C VAL E 133 -98.11 20.43 -5.16
N CYS E 134 -98.85 20.96 -6.12
CA CYS E 134 -100.30 20.83 -6.16
C CYS E 134 -100.86 21.35 -7.48
N THR E 138 -102.40 18.55 -15.00
CA THR E 138 -101.37 19.58 -14.93
C THR E 138 -100.16 19.20 -15.78
N GLY E 139 -100.38 19.08 -17.08
CA GLY E 139 -99.31 18.74 -18.01
C GLY E 139 -99.43 17.32 -18.54
N SER E 140 -98.62 17.00 -19.54
CA SER E 140 -98.63 15.67 -20.14
C SER E 140 -97.86 14.68 -19.27
N SER E 141 -96.87 15.19 -18.53
CA SER E 141 -96.04 14.35 -17.68
C SER E 141 -95.90 14.95 -16.29
N VAL E 142 -95.44 14.13 -15.35
CA VAL E 142 -95.22 14.56 -13.98
C VAL E 142 -93.87 14.06 -13.48
N THR E 143 -93.17 14.88 -12.69
CA THR E 143 -91.87 14.51 -12.17
C THR E 143 -91.94 14.22 -10.67
N LEU E 144 -91.40 13.07 -10.27
CA LEU E 144 -91.32 12.70 -8.87
C LEU E 144 -89.86 12.71 -8.44
N GLY E 145 -89.61 12.54 -7.15
CA GLY E 145 -88.26 12.57 -6.63
C GLY E 145 -88.05 11.68 -5.42
N CYS E 146 -86.77 11.40 -5.12
CA CYS E 146 -86.42 10.58 -3.97
C CYS E 146 -85.12 11.09 -3.35
N LEU E 147 -85.21 11.68 -2.16
CA LEU E 147 -84.05 12.28 -1.51
C LEU E 147 -83.40 11.32 -0.54
N VAL E 148 -82.20 10.86 -0.88
CA VAL E 148 -81.41 9.99 -0.02
C VAL E 148 -80.38 10.84 0.74
N LYS E 149 -80.65 11.09 2.02
CA LYS E 149 -79.84 12.03 2.78
C LYS E 149 -79.16 11.38 3.98
N GLY E 150 -77.94 11.84 4.27
CA GLY E 150 -77.21 11.40 5.45
C GLY E 150 -76.86 9.93 5.46
N TYR E 151 -75.74 9.60 4.82
CA TYR E 151 -75.24 8.22 4.83
C TYR E 151 -73.74 8.19 4.58
N PHE E 152 -73.10 7.09 4.96
CA PHE E 152 -71.67 6.94 4.77
C PHE E 152 -71.24 5.50 4.99
N PRO E 153 -70.30 5.00 4.17
CA PRO E 153 -69.68 5.69 3.03
C PRO E 153 -70.37 5.35 1.72
N GLU E 154 -69.75 5.72 0.60
CA GLU E 154 -70.25 5.36 -0.71
C GLU E 154 -70.03 3.88 -0.97
N PRO E 155 -70.76 3.30 -1.92
CA PRO E 155 -71.81 3.93 -2.72
C PRO E 155 -73.22 3.49 -2.30
N VAL E 156 -74.22 3.94 -3.05
CA VAL E 156 -75.59 3.47 -2.86
C VAL E 156 -76.21 3.17 -4.23
N THR E 157 -77.17 2.26 -4.26
CA THR E 157 -77.84 1.90 -5.50
C THR E 157 -79.32 2.25 -5.43
N LEU E 158 -79.76 3.09 -6.36
CA LEU E 158 -81.13 3.57 -6.37
C LEU E 158 -81.84 3.20 -7.67
N THR E 159 -83.05 2.65 -7.55
CA THR E 159 -83.86 2.30 -8.71
C THR E 159 -85.30 2.77 -8.50
N TRP E 160 -86.11 2.65 -9.54
CA TRP E 160 -87.53 2.98 -9.45
C TRP E 160 -88.36 1.76 -9.80
N ASN E 161 -89.26 1.38 -8.88
CA ASN E 161 -90.06 0.16 -9.04
C ASN E 161 -89.17 -1.06 -9.32
N SER E 162 -88.16 -1.23 -8.48
CA SER E 162 -87.22 -2.34 -8.59
C SER E 162 -86.65 -2.51 -10.00
N GLY E 163 -86.41 -1.38 -10.67
CA GLY E 163 -85.72 -1.40 -11.95
C GLY E 163 -86.63 -1.40 -13.17
N SER E 164 -87.93 -1.63 -12.97
CA SER E 164 -88.86 -1.68 -14.08
C SER E 164 -88.99 -0.33 -14.78
N LEU E 165 -88.70 0.75 -14.05
CA LEU E 165 -88.68 2.09 -14.63
C LEU E 165 -87.26 2.41 -15.10
N SER E 166 -86.92 1.94 -16.29
CA SER E 166 -85.57 2.05 -16.82
C SER E 166 -85.34 3.37 -17.57
N SER E 167 -86.42 4.10 -17.83
CA SER E 167 -86.32 5.33 -18.63
C SER E 167 -86.84 6.54 -17.87
N GLY E 168 -86.37 7.72 -18.28
CA GLY E 168 -86.81 8.97 -17.69
C GLY E 168 -86.27 9.19 -16.29
N VAL E 169 -85.14 8.55 -15.98
CA VAL E 169 -84.55 8.63 -14.65
C VAL E 169 -83.22 9.39 -14.68
N HIS E 170 -83.06 10.31 -13.73
CA HIS E 170 -81.81 11.05 -13.59
C HIS E 170 -81.29 10.94 -12.16
N THR E 171 -80.35 10.02 -11.93
CA THR E 171 -79.75 9.86 -10.61
C THR E 171 -78.50 10.72 -10.50
N PHE E 172 -78.56 11.72 -9.63
CA PHE E 172 -77.48 12.69 -9.49
C PHE E 172 -76.37 12.16 -8.59
N PRO E 173 -75.10 12.51 -8.91
CA PRO E 173 -73.95 12.12 -8.09
C PRO E 173 -74.08 12.61 -6.65
N ALA E 174 -73.65 11.78 -5.70
CA ALA E 174 -73.71 12.14 -4.28
C ALA E 174 -72.73 13.26 -3.97
N VAL E 175 -73.09 14.10 -3.01
CA VAL E 175 -72.23 15.20 -2.59
C VAL E 175 -71.93 15.08 -1.09
N LEU E 176 -70.64 15.01 -0.76
CA LEU E 176 -70.21 14.87 0.62
C LEU E 176 -70.38 16.17 1.39
N GLN E 177 -71.46 16.26 2.16
CA GLN E 177 -71.72 17.43 3.00
C GLN E 177 -71.36 17.15 4.44
N SER E 178 -70.31 17.81 4.92
CA SER E 178 -69.84 17.66 6.30
C SER E 178 -69.91 16.22 6.80
N ASP E 179 -69.00 15.39 6.30
CA ASP E 179 -68.82 14.01 6.77
C ASP E 179 -69.87 13.02 6.26
N LEU E 180 -70.99 13.52 5.75
CA LEU E 180 -72.06 12.65 5.26
C LEU E 180 -72.42 12.95 3.80
N TYR E 181 -72.92 11.95 3.10
CA TYR E 181 -73.28 12.08 1.70
C TYR E 181 -74.77 12.36 1.51
N THR E 182 -75.09 13.14 0.47
CA THR E 182 -76.47 13.41 0.09
C THR E 182 -76.65 13.11 -1.38
N LEU E 183 -77.71 12.38 -1.71
CA LEU E 183 -77.97 11.97 -3.09
C LEU E 183 -79.45 12.14 -3.41
N SER E 184 -79.74 12.41 -4.68
CA SER E 184 -81.12 12.59 -5.13
C SER E 184 -81.34 11.95 -6.49
N SER E 185 -82.60 11.70 -6.82
CA SER E 185 -82.96 11.14 -8.11
C SER E 185 -84.35 11.59 -8.51
N SER E 186 -84.58 11.76 -9.81
CA SER E 186 -85.88 12.18 -10.31
C SER E 186 -86.34 11.25 -11.43
N VAL E 187 -87.64 10.97 -11.45
CA VAL E 187 -88.23 10.15 -12.49
C VAL E 187 -89.40 10.86 -13.14
N THR E 188 -89.49 10.78 -14.46
CA THR E 188 -90.55 11.45 -15.21
C THR E 188 -91.43 10.43 -15.93
N VAL E 189 -92.73 10.47 -15.64
CA VAL E 189 -93.70 9.60 -16.26
C VAL E 189 -94.91 10.40 -16.72
N THR E 190 -95.70 9.82 -17.61
CA THR E 190 -96.91 10.48 -18.11
C THR E 190 -97.88 10.71 -16.95
N SER E 191 -98.69 11.76 -17.06
CA SER E 191 -99.61 12.14 -15.99
C SER E 191 -100.69 11.08 -15.77
N SER E 192 -100.86 10.20 -16.74
CA SER E 192 -101.86 9.13 -16.63
C SER E 192 -101.28 7.89 -15.96
N THR E 193 -100.00 7.94 -15.62
CA THR E 193 -99.33 6.82 -14.96
C THR E 193 -99.41 6.97 -13.44
N TRP E 194 -99.22 8.20 -12.97
CA TRP E 194 -99.21 8.48 -11.54
C TRP E 194 -100.18 9.61 -11.23
N PRO E 195 -100.88 9.55 -10.08
CA PRO E 195 -100.79 8.49 -9.07
C PRO E 195 -101.73 7.32 -9.31
N SER E 196 -102.28 7.19 -10.52
CA SER E 196 -103.19 6.10 -10.84
C SER E 196 -102.49 4.75 -10.63
N GLN E 197 -101.17 4.74 -10.75
CA GLN E 197 -100.39 3.54 -10.53
C GLN E 197 -99.35 3.79 -9.45
N SER E 198 -98.75 2.71 -8.94
CA SER E 198 -97.79 2.83 -7.85
C SER E 198 -96.37 3.07 -8.36
N ILE E 199 -95.68 4.01 -7.71
CA ILE E 199 -94.28 4.28 -8.00
C ILE E 199 -93.50 4.36 -6.70
N THR E 200 -92.47 3.54 -6.56
CA THR E 200 -91.71 3.44 -5.33
C THR E 200 -90.22 3.65 -5.55
N CYS E 201 -89.57 4.30 -4.59
CA CYS E 201 -88.13 4.52 -4.63
C CYS E 201 -87.44 3.49 -3.74
N ASN E 202 -86.47 2.78 -4.31
CA ASN E 202 -85.78 1.73 -3.58
C ASN E 202 -84.30 2.06 -3.44
N VAL E 203 -83.82 2.12 -2.20
CA VAL E 203 -82.44 2.51 -1.93
C VAL E 203 -81.74 1.45 -1.09
N ALA E 204 -80.62 0.95 -1.60
CA ALA E 204 -79.83 -0.05 -0.89
C ALA E 204 -78.45 0.51 -0.56
N HIS E 205 -77.99 0.26 0.66
CA HIS E 205 -76.68 0.73 1.11
C HIS E 205 -75.87 -0.44 1.66
N PRO E 206 -75.09 -1.09 0.79
CA PRO E 206 -74.31 -2.30 1.12
C PRO E 206 -73.48 -2.17 2.39
N ALA E 207 -72.85 -1.02 2.59
CA ALA E 207 -71.99 -0.81 3.74
C ALA E 207 -72.73 -1.05 5.06
N SER E 208 -74.00 -0.69 5.10
CA SER E 208 -74.82 -0.85 6.30
C SER E 208 -75.80 -2.02 6.18
N SER E 209 -75.81 -2.65 5.02
CA SER E 209 -76.71 -3.79 4.77
C SER E 209 -78.16 -3.39 5.03
N THR E 210 -78.62 -2.37 4.32
CA THR E 210 -79.99 -1.89 4.47
C THR E 210 -80.68 -1.76 3.11
N LYS E 211 -82.00 -1.84 3.12
CA LYS E 211 -82.80 -1.68 1.91
C LYS E 211 -84.15 -1.06 2.26
N VAL E 212 -84.38 0.15 1.78
CA VAL E 212 -85.60 0.89 2.10
C VAL E 212 -86.44 1.14 0.85
N ASP E 213 -87.76 1.12 1.02
CA ASP E 213 -88.69 1.42 -0.07
C ASP E 213 -89.66 2.51 0.36
N LYS E 214 -89.68 3.61 -0.40
CA LYS E 214 -90.57 4.73 -0.11
C LYS E 214 -91.51 5.01 -1.28
N LYS E 215 -92.77 4.60 -1.13
CA LYS E 215 -93.77 4.85 -2.16
C LYS E 215 -94.16 6.32 -2.18
N ILE E 216 -94.09 6.92 -3.36
CA ILE E 216 -94.43 8.34 -3.52
C ILE E 216 -95.93 8.53 -3.43
N GLU E 217 -96.36 9.36 -2.47
CA GLU E 217 -97.79 9.60 -2.24
C GLU E 217 -98.15 11.05 -2.51
N PRO E 218 -99.32 11.29 -3.13
CA PRO E 218 -99.81 12.65 -3.37
C PRO E 218 -99.99 13.43 -2.07
N ARG E 219 -99.65 14.72 -2.10
CA ARG E 219 -99.75 15.57 -0.91
C ARG E 219 -101.19 15.96 -0.64
N ASP F 1 -41.69 26.23 -10.68
CA ASP F 1 -42.57 25.25 -11.39
C ASP F 1 -43.07 25.82 -12.70
N ILE F 2 -43.10 24.98 -13.73
CA ILE F 2 -43.60 25.40 -15.04
C ILE F 2 -45.12 25.35 -15.04
N LEU F 3 -45.74 26.36 -15.63
CA LEU F 3 -47.19 26.47 -15.66
C LEU F 3 -47.72 26.06 -17.03
N MET F 4 -48.65 25.12 -17.04
CA MET F 4 -49.24 24.64 -18.29
C MET F 4 -50.66 25.19 -18.45
N THR F 5 -50.80 26.25 -19.23
CA THR F 5 -52.11 26.83 -19.51
C THR F 5 -52.73 26.12 -20.70
N GLN F 6 -53.75 25.31 -20.44
CA GLN F 6 -54.39 24.53 -21.48
C GLN F 6 -55.74 25.13 -21.89
N SER F 7 -55.88 25.44 -23.17
CA SER F 7 -57.12 26.01 -23.68
C SER F 7 -57.62 25.24 -24.89
N PRO F 8 -58.95 25.20 -25.08
CA PRO F 8 -59.93 25.78 -24.16
C PRO F 8 -60.25 24.80 -23.02
N SER F 9 -60.98 25.27 -22.01
CA SER F 9 -61.36 24.42 -20.90
C SER F 9 -62.38 23.37 -21.34
N SER F 10 -63.08 23.67 -22.43
CA SER F 10 -64.08 22.76 -22.98
C SER F 10 -64.54 23.24 -24.35
N MET F 11 -64.96 22.30 -25.20
CA MET F 11 -65.46 22.63 -26.53
C MET F 11 -66.58 21.69 -26.93
N SER F 12 -67.70 22.27 -27.38
CA SER F 12 -68.83 21.49 -27.85
C SER F 12 -68.72 21.29 -29.35
N VAL F 13 -68.40 20.07 -29.76
CA VAL F 13 -68.16 19.77 -31.17
C VAL F 13 -68.94 18.53 -31.62
N SER F 14 -68.96 18.31 -32.92
CA SER F 14 -69.75 17.21 -33.50
C SER F 14 -68.87 16.02 -33.87
N LEU F 15 -69.51 14.87 -34.06
CA LEU F 15 -68.81 13.64 -34.43
C LEU F 15 -68.37 13.70 -35.89
N GLY F 16 -67.08 13.50 -36.12
CA GLY F 16 -66.53 13.54 -37.46
C GLY F 16 -65.82 14.86 -37.76
N ASP F 17 -65.71 15.71 -36.74
CA ASP F 17 -65.06 17.00 -36.90
C ASP F 17 -63.57 16.92 -36.61
N THR F 18 -62.85 17.96 -37.02
CA THR F 18 -61.41 18.04 -36.78
C THR F 18 -61.13 19.21 -35.82
N VAL F 19 -60.75 18.86 -34.59
CA VAL F 19 -60.55 19.86 -33.55
C VAL F 19 -59.10 19.88 -33.07
N SER F 20 -58.70 20.97 -32.42
CA SER F 20 -57.35 21.12 -31.92
C SER F 20 -57.32 21.69 -30.52
N ILE F 21 -56.58 21.01 -29.63
CA ILE F 21 -56.36 21.49 -28.27
C ILE F 21 -54.95 22.08 -28.18
N THR F 22 -54.84 23.26 -27.57
CA THR F 22 -53.55 23.92 -27.45
C THR F 22 -53.07 23.93 -26.01
N CYS F 23 -51.75 24.02 -25.84
CA CYS F 23 -51.14 24.08 -24.52
C CYS F 23 -50.04 25.11 -24.53
N HIS F 24 -50.01 25.98 -23.53
CA HIS F 24 -48.99 27.01 -23.42
C HIS F 24 -48.19 26.85 -22.12
N ALA F 25 -46.88 26.70 -22.26
CA ALA F 25 -46.00 26.60 -21.10
C ALA F 25 -45.43 27.98 -20.78
N SER F 26 -45.24 28.25 -19.49
CA SER F 26 -44.72 29.54 -19.05
C SER F 26 -43.27 29.73 -19.49
N GLN F 27 -42.68 28.69 -20.07
CA GLN F 27 -41.34 28.78 -20.66
C GLN F 27 -41.15 27.63 -21.64
N GLY F 28 -40.24 27.81 -22.59
CA GLY F 28 -39.96 26.78 -23.57
C GLY F 28 -39.67 25.45 -22.92
N ILE F 29 -40.23 24.38 -23.47
CA ILE F 29 -40.03 23.03 -22.94
C ILE F 29 -39.52 22.05 -24.00
N SER F 30 -39.10 22.59 -25.14
CA SER F 30 -38.42 21.81 -26.17
C SER F 30 -39.06 20.45 -26.43
N SER F 31 -40.32 20.45 -26.84
CA SER F 31 -41.04 19.24 -27.20
C SER F 31 -41.13 18.18 -26.09
N ASN F 32 -40.68 18.52 -24.89
CA ASN F 32 -40.77 17.58 -23.77
C ASN F 32 -42.17 17.60 -23.16
N ILE F 33 -43.14 17.16 -23.94
CA ILE F 33 -44.54 17.25 -23.55
C ILE F 33 -45.30 15.99 -23.96
N GLY F 34 -46.25 15.58 -23.12
CA GLY F 34 -47.07 14.42 -23.40
C GLY F 34 -48.54 14.75 -23.34
N TRP F 35 -49.35 14.00 -24.08
CA TRP F 35 -50.80 14.20 -24.09
C TRP F 35 -51.51 12.96 -23.57
N LEU F 36 -52.56 13.17 -22.78
CA LEU F 36 -53.26 12.09 -22.10
C LEU F 36 -54.76 12.12 -22.38
N GLN F 37 -55.38 10.94 -22.35
CA GLN F 37 -56.83 10.84 -22.52
C GLN F 37 -57.43 10.12 -21.33
N GLN F 38 -58.52 10.66 -20.80
CA GLN F 38 -59.26 10.01 -19.72
C GLN F 38 -60.72 9.88 -20.10
N LYS F 39 -61.12 8.67 -20.47
CA LYS F 39 -62.51 8.40 -20.82
C LYS F 39 -63.38 8.45 -19.56
N PRO F 40 -64.65 8.81 -19.73
CA PRO F 40 -65.58 8.95 -18.59
C PRO F 40 -65.56 7.73 -17.66
N GLY F 41 -65.17 7.93 -16.41
CA GLY F 41 -65.19 6.88 -15.41
C GLY F 41 -63.97 5.97 -15.44
N LYS F 42 -63.20 6.03 -16.52
CA LYS F 42 -62.05 5.16 -16.69
C LYS F 42 -60.75 5.87 -16.30
N SER F 43 -59.64 5.15 -16.43
CA SER F 43 -58.33 5.69 -16.07
C SER F 43 -57.72 6.45 -17.25
N PHE F 44 -56.42 6.69 -17.19
CA PHE F 44 -55.73 7.45 -18.22
C PHE F 44 -55.09 6.55 -19.27
N MET F 45 -54.95 7.08 -20.48
CA MET F 45 -54.29 6.38 -21.58
C MET F 45 -53.37 7.36 -22.31
N GLY F 46 -52.12 6.95 -22.49
CA GLY F 46 -51.14 7.80 -23.17
C GLY F 46 -51.46 7.95 -24.64
N LEU F 47 -51.30 9.17 -25.15
CA LEU F 47 -51.52 9.46 -26.56
C LEU F 47 -50.22 9.85 -27.26
N ILE F 48 -49.59 10.90 -26.74
CA ILE F 48 -48.39 11.45 -27.36
C ILE F 48 -47.26 11.55 -26.33
N TYR F 49 -46.03 11.31 -26.78
CA TYR F 49 -44.85 11.58 -25.97
C TYR F 49 -43.81 12.32 -26.79
N TYR F 50 -43.06 13.20 -26.11
CA TYR F 50 -42.06 14.04 -26.76
C TYR F 50 -42.63 14.79 -27.96
N GLY F 51 -43.81 15.38 -27.77
CA GLY F 51 -44.34 16.33 -28.73
C GLY F 51 -45.13 15.77 -29.89
N THR F 52 -44.57 14.79 -30.60
CA THR F 52 -45.16 14.33 -31.85
C THR F 52 -45.30 12.82 -32.00
N ASN F 53 -44.79 12.06 -31.04
CA ASN F 53 -44.77 10.60 -31.17
C ASN F 53 -46.00 9.92 -30.56
N LEU F 54 -46.73 9.19 -31.40
CA LEU F 54 -47.87 8.40 -30.93
C LEU F 54 -47.43 7.25 -30.05
N VAL F 55 -48.18 7.00 -28.98
CA VAL F 55 -47.98 5.82 -28.17
C VAL F 55 -48.46 4.61 -28.96
N ASP F 56 -47.79 3.47 -28.79
CA ASP F 56 -48.17 2.26 -29.49
C ASP F 56 -49.64 1.93 -29.22
N GLY F 57 -50.41 1.77 -30.29
CA GLY F 57 -51.82 1.42 -30.19
C GLY F 57 -52.75 2.58 -30.42
N VAL F 58 -52.21 3.79 -30.39
CA VAL F 58 -53.01 5.00 -30.58
C VAL F 58 -53.33 5.22 -32.05
N PRO F 59 -54.63 5.38 -32.40
CA PRO F 59 -55.04 5.62 -33.78
C PRO F 59 -54.30 6.79 -34.41
N SER F 60 -54.12 6.74 -35.72
CA SER F 60 -53.34 7.77 -36.43
C SER F 60 -54.12 9.06 -36.64
N ARG F 61 -55.37 9.09 -36.19
CA ARG F 61 -56.18 10.31 -36.30
C ARG F 61 -55.77 11.33 -35.25
N PHE F 62 -54.99 10.89 -34.26
CA PHE F 62 -54.39 11.80 -33.29
C PHE F 62 -53.05 12.29 -33.79
N SER F 63 -52.69 13.53 -33.47
CA SER F 63 -51.41 14.07 -33.89
C SER F 63 -51.01 15.28 -33.04
N GLY F 64 -49.78 15.26 -32.54
CA GLY F 64 -49.25 16.37 -31.77
C GLY F 64 -48.33 17.22 -32.62
N SER F 65 -48.18 18.49 -32.23
CA SER F 65 -47.34 19.41 -32.99
C SER F 65 -46.95 20.62 -32.15
N GLY F 66 -46.02 21.41 -32.66
CA GLY F 66 -45.60 22.63 -31.99
C GLY F 66 -44.15 22.60 -31.55
N SER F 67 -43.69 23.70 -30.96
CA SER F 67 -42.33 23.81 -30.47
C SER F 67 -42.23 24.96 -29.47
N GLY F 68 -41.07 25.08 -28.83
CA GLY F 68 -40.86 26.12 -27.85
C GLY F 68 -41.80 26.00 -26.66
N ALA F 69 -42.74 26.92 -26.55
CA ALA F 69 -43.64 26.96 -25.41
C ALA F 69 -45.11 26.81 -25.83
N ASP F 70 -45.35 26.51 -27.11
CA ASP F 70 -46.70 26.36 -27.61
C ASP F 70 -46.87 25.07 -28.42
N TYR F 71 -47.79 24.22 -27.97
CA TYR F 71 -48.02 22.93 -28.59
C TYR F 71 -49.51 22.68 -28.79
N SER F 72 -49.83 21.68 -29.61
CA SER F 72 -51.22 21.40 -29.94
C SER F 72 -51.46 19.91 -30.17
N LEU F 73 -52.59 19.44 -29.66
CA LEU F 73 -53.08 18.09 -29.97
C LEU F 73 -54.22 18.23 -30.97
N THR F 74 -54.21 17.42 -32.02
CA THR F 74 -55.23 17.50 -33.06
C THR F 74 -55.85 16.14 -33.33
N ILE F 75 -57.18 16.10 -33.34
CA ILE F 75 -57.92 14.88 -33.61
C ILE F 75 -58.76 15.04 -34.87
N SER F 76 -58.38 14.35 -35.93
CA SER F 76 -59.11 14.42 -37.19
C SER F 76 -60.24 13.40 -37.23
N SER F 77 -61.41 13.83 -37.68
CA SER F 77 -62.58 12.96 -37.74
C SER F 77 -62.86 12.33 -36.38
N LEU F 78 -63.41 13.12 -35.46
CA LEU F 78 -63.71 12.64 -34.13
C LEU F 78 -64.58 11.39 -34.17
N ASP F 79 -64.22 10.41 -33.34
CA ASP F 79 -65.00 9.20 -33.19
C ASP F 79 -65.78 9.27 -31.88
N SER F 80 -66.83 8.47 -31.75
CA SER F 80 -67.65 8.46 -30.54
C SER F 80 -66.79 8.24 -29.29
N GLU F 81 -65.66 7.57 -29.46
CA GLU F 81 -64.77 7.25 -28.35
C GLU F 81 -63.94 8.47 -27.91
N ASP F 82 -63.72 9.39 -28.84
CA ASP F 82 -62.84 10.53 -28.59
C ASP F 82 -63.45 11.58 -27.66
N PHE F 83 -64.72 11.43 -27.32
CA PHE F 83 -65.37 12.37 -26.41
C PHE F 83 -64.98 12.07 -24.97
N ALA F 84 -63.97 12.77 -24.48
CA ALA F 84 -63.41 12.51 -23.16
C ALA F 84 -62.62 13.71 -22.66
N ASP F 85 -61.87 13.51 -21.57
CA ASP F 85 -61.02 14.56 -21.02
C ASP F 85 -59.60 14.40 -21.54
N TYR F 86 -58.94 15.53 -21.77
CA TYR F 86 -57.57 15.52 -22.30
C TYR F 86 -56.66 16.43 -21.48
N TYR F 87 -55.48 15.93 -21.14
CA TYR F 87 -54.53 16.70 -20.34
C TYR F 87 -53.14 16.68 -20.99
N CYS F 88 -52.48 17.84 -20.99
CA CYS F 88 -51.09 17.90 -21.41
C CYS F 88 -50.19 17.88 -20.18
N VAL F 89 -49.00 17.32 -20.33
CA VAL F 89 -48.04 17.27 -19.23
C VAL F 89 -46.65 17.58 -19.75
N GLN F 90 -45.91 18.39 -18.98
CA GLN F 90 -44.53 18.71 -19.34
C GLN F 90 -43.58 17.98 -18.41
N TYR F 91 -42.53 17.40 -18.98
CA TYR F 91 -41.49 16.78 -18.17
C TYR F 91 -40.11 17.30 -18.56
N ALA F 92 -40.06 18.59 -18.91
CA ALA F 92 -38.80 19.25 -19.18
C ALA F 92 -38.09 19.51 -17.86
N GLN F 93 -38.87 19.81 -16.83
CA GLN F 93 -38.32 20.06 -15.50
C GLN F 93 -39.12 19.34 -14.41
N LEU F 94 -38.42 18.98 -13.34
CA LEU F 94 -39.08 18.55 -12.12
C LEU F 94 -39.42 19.78 -11.30
N PRO F 95 -40.61 19.81 -10.69
CA PRO F 95 -41.61 18.74 -10.75
C PRO F 95 -42.42 18.76 -12.05
N TYR F 96 -42.88 17.60 -12.49
CA TYR F 96 -43.76 17.52 -13.65
C TYR F 96 -45.04 18.28 -13.34
N THR F 97 -45.58 18.98 -14.34
CA THR F 97 -46.80 19.74 -14.16
C THR F 97 -47.78 19.46 -15.30
N PHE F 98 -49.07 19.45 -14.97
CA PHE F 98 -50.12 19.11 -15.92
C PHE F 98 -50.92 20.34 -16.33
N GLY F 99 -51.67 20.22 -17.42
CA GLY F 99 -52.53 21.30 -17.88
C GLY F 99 -53.89 21.24 -17.23
N GLY F 100 -54.62 22.35 -17.30
CA GLY F 100 -55.94 22.45 -16.68
C GLY F 100 -56.88 21.36 -17.13
N GLY F 101 -56.80 20.99 -18.41
CA GLY F 101 -57.65 19.96 -18.96
C GLY F 101 -58.65 20.51 -19.97
N THR F 102 -59.06 19.65 -20.90
CA THR F 102 -60.03 20.03 -21.92
C THR F 102 -61.08 18.94 -22.05
N LYS F 103 -62.35 19.32 -21.97
CA LYS F 103 -63.45 18.37 -22.06
C LYS F 103 -64.19 18.50 -23.38
N LEU F 104 -64.10 17.47 -24.21
CA LEU F 104 -64.85 17.43 -25.46
C LEU F 104 -66.28 16.97 -25.21
N GLU F 105 -67.24 17.78 -25.66
CA GLU F 105 -68.66 17.49 -25.45
C GLU F 105 -69.40 17.48 -26.77
N ILE F 106 -70.54 16.80 -26.80
CA ILE F 106 -71.34 16.70 -28.02
C ILE F 106 -72.18 17.96 -28.22
N LYS F 107 -72.08 18.54 -29.42
CA LYS F 107 -72.86 19.73 -29.74
C LYS F 107 -74.27 19.34 -30.14
N ARG F 108 -75.24 20.19 -29.79
CA ARG F 108 -76.64 19.92 -30.09
C ARG F 108 -77.47 21.17 -29.88
N ALA F 109 -78.67 21.18 -30.46
CA ALA F 109 -79.59 22.30 -30.31
C ALA F 109 -79.79 22.64 -28.83
N ASP F 110 -80.03 23.92 -28.56
CA ASP F 110 -80.25 24.38 -27.20
C ASP F 110 -81.59 23.87 -26.66
N ALA F 111 -81.66 23.69 -25.35
CA ALA F 111 -82.88 23.20 -24.71
C ALA F 111 -83.04 23.80 -23.32
N ALA F 112 -84.24 24.32 -23.04
CA ALA F 112 -84.52 24.91 -21.74
C ALA F 112 -84.76 23.82 -20.70
N PRO F 113 -84.45 24.11 -19.43
CA PRO F 113 -84.58 23.14 -18.33
C PRO F 113 -86.03 22.96 -17.87
N THR F 114 -86.38 21.73 -17.48
CA THR F 114 -87.69 21.45 -16.92
C THR F 114 -87.62 21.54 -15.40
N VAL F 115 -87.96 22.71 -14.87
CA VAL F 115 -87.81 22.97 -13.44
C VAL F 115 -88.94 22.34 -12.63
N SER F 116 -88.58 21.69 -11.53
CA SER F 116 -89.54 21.08 -10.62
C SER F 116 -89.12 21.32 -9.18
N ILE F 117 -90.03 21.89 -8.39
CA ILE F 117 -89.74 22.18 -6.99
C ILE F 117 -90.53 21.25 -6.07
N PHE F 118 -89.92 20.86 -4.95
CA PHE F 118 -90.53 19.91 -4.03
C PHE F 118 -90.30 20.33 -2.58
N PRO F 119 -91.39 20.61 -1.84
CA PRO F 119 -91.25 20.92 -0.42
C PRO F 119 -90.86 19.70 0.40
N PRO F 120 -90.43 19.90 1.65
CA PRO F 120 -89.98 18.81 2.52
C PRO F 120 -91.08 17.77 2.76
N SER F 121 -90.69 16.49 2.75
CA SER F 121 -91.65 15.43 2.99
C SER F 121 -92.04 15.39 4.46
N SER F 122 -93.13 14.67 4.76
CA SER F 122 -93.60 14.54 6.14
C SER F 122 -92.60 13.76 6.98
N GLU F 123 -91.97 12.75 6.36
CA GLU F 123 -91.01 11.91 7.07
C GLU F 123 -89.85 12.72 7.61
N GLN F 124 -89.44 13.74 6.85
CA GLN F 124 -88.30 14.57 7.23
C GLN F 124 -88.69 15.64 8.24
N LEU F 125 -89.87 16.22 8.08
CA LEU F 125 -90.33 17.28 8.96
C LEU F 125 -90.54 16.78 10.40
N THR F 126 -90.91 15.51 10.52
CA THR F 126 -91.10 14.91 11.85
C THR F 126 -89.78 14.67 12.56
N SER F 127 -88.70 14.55 11.79
CA SER F 127 -87.38 14.30 12.35
C SER F 127 -86.60 15.59 12.63
N GLY F 128 -87.23 16.74 12.37
CA GLY F 128 -86.64 18.02 12.69
C GLY F 128 -85.87 18.66 11.54
N GLY F 129 -85.96 18.06 10.36
CA GLY F 129 -85.28 18.58 9.19
C GLY F 129 -86.24 19.09 8.13
N ALA F 130 -85.71 19.85 7.17
CA ALA F 130 -86.54 20.39 6.11
C ALA F 130 -85.69 20.69 4.87
N SER F 131 -85.82 19.84 3.84
CA SER F 131 -85.07 20.02 2.60
C SER F 131 -85.99 20.33 1.44
N VAL F 132 -85.71 21.45 0.76
CA VAL F 132 -86.48 21.86 -0.41
C VAL F 132 -85.68 21.55 -1.67
N VAL F 133 -86.11 20.53 -2.40
CA VAL F 133 -85.40 20.08 -3.59
C VAL F 133 -85.91 20.80 -4.83
N CYS F 134 -85.03 20.94 -5.83
CA CYS F 134 -85.38 21.58 -7.08
C CYS F 134 -84.62 20.94 -8.24
N PHE F 135 -85.34 20.21 -9.10
CA PHE F 135 -84.73 19.52 -10.22
C PHE F 135 -84.83 20.32 -11.52
N LEU F 136 -83.68 20.55 -12.15
CA LEU F 136 -83.61 21.20 -13.45
C LEU F 136 -83.11 20.17 -14.46
N ASN F 137 -84.03 19.57 -15.21
CA ASN F 137 -83.71 18.42 -16.06
C ASN F 137 -83.66 18.73 -17.55
N ASN F 138 -82.89 17.91 -18.26
CA ASN F 138 -82.74 17.98 -19.71
C ASN F 138 -82.61 19.40 -20.27
N PHE F 139 -81.48 20.03 -20.03
CA PHE F 139 -81.19 21.34 -20.60
C PHE F 139 -79.84 21.34 -21.32
N TYR F 140 -79.63 22.34 -22.16
CA TYR F 140 -78.38 22.46 -22.90
C TYR F 140 -78.24 23.86 -23.47
N PRO F 141 -77.02 24.45 -23.38
CA PRO F 141 -75.78 23.87 -22.85
C PRO F 141 -75.77 23.68 -21.34
N LYS F 142 -74.65 23.18 -20.81
CA LYS F 142 -74.53 22.84 -19.40
C LYS F 142 -74.48 24.06 -18.49
N ASP F 143 -74.11 25.20 -19.06
CA ASP F 143 -73.98 26.42 -18.27
C ASP F 143 -75.35 26.90 -17.77
N ILE F 144 -75.51 26.90 -16.45
CA ILE F 144 -76.77 27.31 -15.84
C ILE F 144 -76.55 27.82 -14.42
N ASN F 145 -77.39 28.75 -13.99
CA ASN F 145 -77.33 29.27 -12.62
C ASN F 145 -78.67 29.14 -11.92
N VAL F 146 -78.64 28.71 -10.66
CA VAL F 146 -79.84 28.56 -9.86
C VAL F 146 -79.78 29.49 -8.65
N LYS F 147 -80.93 30.08 -8.30
CA LYS F 147 -80.99 31.02 -7.19
C LYS F 147 -82.21 30.74 -6.32
N TRP F 148 -81.99 30.59 -5.02
CA TRP F 148 -83.06 30.36 -4.07
C TRP F 148 -83.50 31.68 -3.43
N LYS F 149 -84.82 31.89 -3.37
CA LYS F 149 -85.37 33.09 -2.76
C LYS F 149 -86.41 32.73 -1.69
N ILE F 150 -86.13 33.09 -0.45
CA ILE F 150 -87.08 32.88 0.65
C ILE F 150 -87.81 34.19 0.94
N ASP F 151 -89.09 34.22 0.62
CA ASP F 151 -89.90 35.43 0.78
C ASP F 151 -89.36 36.57 -0.06
N GLY F 152 -88.89 36.26 -1.26
CA GLY F 152 -88.40 37.26 -2.19
C GLY F 152 -86.92 37.54 -2.05
N SER F 153 -86.37 37.30 -0.87
CA SER F 153 -84.95 37.57 -0.61
C SER F 153 -84.09 36.36 -0.95
N GLU F 154 -82.95 36.61 -1.58
CA GLU F 154 -82.03 35.55 -1.99
C GLU F 154 -81.49 34.81 -0.77
N ARG F 155 -81.24 33.51 -0.94
CA ARG F 155 -80.72 32.67 0.12
C ARG F 155 -79.49 31.90 -0.36
N GLN F 156 -78.39 32.03 0.37
CA GLN F 156 -77.13 31.43 -0.05
C GLN F 156 -76.50 30.58 1.05
N ASN F 157 -77.32 29.99 1.91
CA ASN F 157 -76.83 29.14 2.98
C ASN F 157 -77.61 27.83 3.06
N GLY F 158 -76.88 26.71 3.04
CA GLY F 158 -77.49 25.39 3.12
C GLY F 158 -77.87 24.84 1.76
N VAL F 159 -77.31 25.44 0.71
CA VAL F 159 -77.63 25.02 -0.66
C VAL F 159 -76.58 24.04 -1.18
N LEU F 160 -77.02 22.84 -1.55
CA LEU F 160 -76.14 21.84 -2.14
C LEU F 160 -76.59 21.49 -3.55
N ASN F 161 -75.66 21.58 -4.49
CA ASN F 161 -75.96 21.30 -5.89
C ASN F 161 -75.22 20.07 -6.40
N SER F 162 -75.77 19.45 -7.44
CA SER F 162 -75.15 18.28 -8.05
C SER F 162 -75.54 18.16 -9.52
N TRP F 163 -74.54 18.04 -10.38
CA TRP F 163 -74.77 17.97 -11.81
C TRP F 163 -74.54 16.57 -12.34
N THR F 164 -75.32 16.18 -13.35
CA THR F 164 -75.11 14.91 -14.03
C THR F 164 -74.20 15.13 -15.22
N ASP F 165 -73.55 14.06 -15.67
CA ASP F 165 -72.74 14.12 -16.87
C ASP F 165 -73.66 14.19 -18.09
N GLN F 166 -73.10 14.51 -19.24
CA GLN F 166 -73.91 14.66 -20.45
C GLN F 166 -74.66 13.37 -20.75
N ASP F 167 -75.99 13.43 -20.65
CA ASP F 167 -76.83 12.26 -20.84
C ASP F 167 -76.48 11.55 -22.15
N SER F 168 -76.25 10.24 -22.06
CA SER F 168 -75.79 9.46 -23.19
C SER F 168 -76.82 9.39 -24.32
N LYS F 169 -78.10 9.52 -23.97
CA LYS F 169 -79.17 9.40 -24.96
C LYS F 169 -79.39 10.69 -25.74
N ASP F 170 -79.86 11.73 -25.06
CA ASP F 170 -80.24 12.97 -25.72
C ASP F 170 -79.18 14.07 -25.60
N SER F 171 -78.07 13.77 -24.91
CA SER F 171 -76.98 14.71 -24.78
C SER F 171 -77.38 15.97 -24.03
N THR F 172 -78.25 15.81 -23.03
CA THR F 172 -78.68 16.92 -22.20
C THR F 172 -78.02 16.85 -20.83
N TYR F 173 -78.15 17.94 -20.07
CA TYR F 173 -77.61 17.99 -18.71
C TYR F 173 -78.74 18.17 -17.72
N SER F 174 -78.52 17.70 -16.49
CA SER F 174 -79.48 17.87 -15.42
C SER F 174 -78.77 18.43 -14.19
N MET F 175 -79.55 19.02 -13.29
CA MET F 175 -78.99 19.59 -12.07
C MET F 175 -79.96 19.43 -10.91
N SER F 176 -79.41 19.11 -9.73
CA SER F 176 -80.21 18.96 -8.53
C SER F 176 -79.74 19.93 -7.46
N SER F 177 -80.68 20.73 -6.94
CA SER F 177 -80.36 21.70 -5.90
C SER F 177 -81.22 21.45 -4.66
N THR F 178 -80.58 21.35 -3.51
CA THR F 178 -81.27 21.06 -2.27
C THR F 178 -80.97 22.10 -1.19
N LEU F 179 -81.97 22.89 -0.83
CA LEU F 179 -81.85 23.86 0.25
C LEU F 179 -82.29 23.24 1.56
N THR F 180 -81.32 22.93 2.42
CA THR F 180 -81.60 22.26 3.68
C THR F 180 -81.66 23.25 4.85
N LEU F 181 -82.83 23.34 5.48
CA LEU F 181 -83.02 24.19 6.65
C LEU F 181 -83.43 23.34 7.84
N THR F 182 -83.56 23.97 9.00
CA THR F 182 -84.09 23.30 10.17
C THR F 182 -85.60 23.50 10.21
N LYS F 183 -86.33 22.48 10.67
CA LYS F 183 -87.78 22.56 10.77
C LYS F 183 -88.18 23.87 11.44
N ASP F 184 -87.35 24.33 12.37
CA ASP F 184 -87.59 25.58 13.08
C ASP F 184 -87.65 26.76 12.12
N GLU F 185 -86.57 26.96 11.36
CA GLU F 185 -86.47 28.09 10.45
C GLU F 185 -87.43 27.96 9.27
N TYR F 186 -87.77 26.72 8.91
CA TYR F 186 -88.67 26.49 7.79
C TYR F 186 -90.04 27.10 8.03
N GLU F 187 -90.46 27.16 9.29
CA GLU F 187 -91.77 27.70 9.63
C GLU F 187 -91.73 29.19 9.93
N ARG F 188 -90.54 29.80 9.84
CA ARG F 188 -90.41 31.24 10.04
C ARG F 188 -90.55 32.00 8.73
N HIS F 189 -90.66 31.26 7.63
CA HIS F 189 -90.86 31.86 6.32
C HIS F 189 -92.01 31.17 5.59
N ASN F 190 -92.48 31.77 4.50
CA ASN F 190 -93.64 31.27 3.77
C ASN F 190 -93.33 30.79 2.37
N SER F 191 -93.09 31.73 1.46
CA SER F 191 -92.88 31.40 0.05
C SER F 191 -91.44 31.00 -0.24
N TYR F 192 -91.27 29.90 -0.95
CA TYR F 192 -89.96 29.42 -1.37
C TYR F 192 -89.90 29.31 -2.89
N THR F 193 -88.89 29.95 -3.48
CA THR F 193 -88.77 30.00 -4.93
C THR F 193 -87.45 29.40 -5.42
N CYS F 194 -87.49 28.81 -6.62
CA CYS F 194 -86.31 28.24 -7.23
C CYS F 194 -86.14 28.79 -8.65
N GLU F 195 -85.32 29.83 -8.78
CA GLU F 195 -85.13 30.49 -10.06
C GLU F 195 -83.95 29.90 -10.83
N ALA F 196 -84.11 29.78 -12.15
CA ALA F 196 -83.06 29.23 -13.00
C ALA F 196 -82.79 30.16 -14.18
N THR F 197 -81.53 30.52 -14.37
CA THR F 197 -81.14 31.39 -15.47
C THR F 197 -80.37 30.60 -16.52
N HIS F 198 -80.85 30.64 -17.75
CA HIS F 198 -80.25 29.87 -18.84
C HIS F 198 -80.26 30.69 -20.13
N LYS F 199 -79.41 30.31 -21.08
CA LYS F 199 -79.27 31.07 -22.33
C LYS F 199 -80.52 30.97 -23.20
N THR F 200 -81.31 29.92 -22.99
CA THR F 200 -82.51 29.70 -23.78
C THR F 200 -83.61 30.70 -23.42
N SER F 201 -83.49 31.32 -22.25
CA SER F 201 -84.52 32.24 -21.77
C SER F 201 -83.92 33.56 -21.29
N THR F 202 -84.55 34.66 -21.66
CA THR F 202 -84.16 35.98 -21.17
C THR F 202 -84.57 36.13 -19.71
N SER F 203 -85.79 35.67 -19.41
CA SER F 203 -86.30 35.70 -18.04
C SER F 203 -86.04 34.37 -17.35
N PRO F 204 -85.82 34.40 -16.03
CA PRO F 204 -85.56 33.17 -15.27
C PRO F 204 -86.78 32.24 -15.21
N ILE F 205 -86.53 30.94 -15.25
CA ILE F 205 -87.59 29.96 -15.06
C ILE F 205 -87.92 29.89 -13.57
N VAL F 206 -89.14 30.26 -13.20
CA VAL F 206 -89.52 30.33 -11.79
C VAL F 206 -90.49 29.23 -11.41
N LYS F 207 -90.20 28.56 -10.30
CA LYS F 207 -91.11 27.57 -9.72
C LYS F 207 -91.17 27.77 -8.21
N SER F 208 -92.35 28.09 -7.71
CA SER F 208 -92.50 28.42 -6.30
C SER F 208 -93.65 27.66 -5.64
N PHE F 209 -93.65 27.65 -4.31
CA PHE F 209 -94.73 27.09 -3.53
C PHE F 209 -94.83 27.84 -2.21
N ASN F 210 -96.04 27.99 -1.70
CA ASN F 210 -96.26 28.66 -0.42
C ASN F 210 -96.48 27.66 0.70
N ARG F 211 -95.66 27.76 1.75
CA ARG F 211 -95.78 26.86 2.89
C ARG F 211 -97.21 26.88 3.42
N ASN F 212 -97.62 25.80 4.06
CA ASN F 212 -98.99 25.65 4.54
C ASN F 212 -99.99 25.49 3.39
N GLU F 213 -100.10 26.51 2.56
CA GLU F 213 -101.02 26.50 1.44
C GLU F 213 -100.76 25.33 0.49
N CYS F 214 -101.83 24.83 -0.12
CA CYS F 214 -101.72 23.76 -1.11
C CYS F 214 -102.77 23.94 -2.19
N GLU G 1 36.61 -21.60 18.34
CA GLU G 1 37.93 -20.99 18.71
C GLU G 1 38.41 -20.05 17.63
N VAL G 2 38.92 -18.89 18.03
CA VAL G 2 39.41 -17.90 17.09
C VAL G 2 40.70 -18.36 16.42
N GLN G 3 40.67 -18.42 15.09
CA GLN G 3 41.86 -18.75 14.32
C GLN G 3 41.91 -17.92 13.04
N LEU G 4 43.08 -17.37 12.74
CA LEU G 4 43.27 -16.60 11.53
C LEU G 4 44.17 -17.35 10.56
N GLN G 5 43.57 -17.94 9.52
CA GLN G 5 44.32 -18.68 8.52
C GLN G 5 44.76 -17.76 7.39
N GLN G 6 46.07 -17.52 7.28
CA GLN G 6 46.60 -16.69 6.22
C GLN G 6 47.00 -17.54 5.02
N SER G 7 47.20 -16.88 3.89
CA SER G 7 47.53 -17.56 2.64
C SER G 7 48.95 -18.09 2.66
N GLY G 8 49.30 -18.86 1.62
CA GLY G 8 50.59 -19.52 1.55
C GLY G 8 51.73 -18.59 1.19
N ALA G 9 52.95 -19.04 1.44
CA ALA G 9 54.15 -18.28 1.12
C ALA G 9 54.10 -17.76 -0.32
N GLU G 10 54.38 -16.47 -0.48
CA GLU G 10 54.39 -15.84 -1.79
C GLU G 10 55.82 -15.64 -2.29
N LEU G 11 56.00 -15.77 -3.60
CA LEU G 11 57.29 -15.56 -4.22
C LEU G 11 57.12 -14.84 -5.55
N VAL G 12 57.43 -13.55 -5.57
CA VAL G 12 57.16 -12.71 -6.72
C VAL G 12 58.40 -11.92 -7.17
N LYS G 13 58.27 -11.26 -8.32
CA LYS G 13 59.38 -10.49 -8.88
C LYS G 13 59.23 -9.00 -8.54
N PRO G 14 60.35 -8.27 -8.50
CA PRO G 14 60.31 -6.83 -8.18
C PRO G 14 59.48 -6.04 -9.17
N GLY G 15 58.76 -5.04 -8.66
CA GLY G 15 57.92 -4.20 -9.51
C GLY G 15 56.52 -4.74 -9.67
N ALA G 16 56.30 -5.97 -9.23
CA ALA G 16 54.99 -6.61 -9.32
C ALA G 16 54.15 -6.31 -8.08
N SER G 17 52.97 -6.91 -8.02
CA SER G 17 52.08 -6.74 -6.88
C SER G 17 51.66 -8.10 -6.34
N VAL G 18 51.30 -8.15 -5.06
CA VAL G 18 50.84 -9.38 -4.43
C VAL G 18 49.72 -9.06 -3.45
N LYS G 19 48.78 -9.99 -3.30
CA LYS G 19 47.64 -9.78 -2.42
C LYS G 19 47.51 -10.92 -1.44
N LEU G 20 47.81 -10.64 -0.17
CA LEU G 20 47.75 -11.65 0.89
C LEU G 20 46.35 -11.68 1.48
N SER G 21 45.94 -12.84 1.98
CA SER G 21 44.61 -13.00 2.55
C SER G 21 44.69 -13.54 3.97
N CYS G 22 43.66 -13.24 4.75
CA CYS G 22 43.56 -13.70 6.14
C CYS G 22 42.12 -14.07 6.42
N THR G 23 41.84 -15.38 6.46
CA THR G 23 40.47 -15.86 6.63
C THR G 23 40.15 -16.16 8.09
N ALA G 24 39.06 -15.59 8.57
CA ALA G 24 38.64 -15.79 9.94
C ALA G 24 38.04 -17.18 10.12
N SER G 25 38.39 -17.84 11.21
CA SER G 25 37.86 -19.16 11.53
C SER G 25 37.34 -19.18 12.96
N GLY G 26 36.08 -19.57 13.12
CA GLY G 26 35.47 -19.63 14.43
C GLY G 26 34.88 -18.31 14.88
N PHE G 27 34.82 -17.35 13.96
CA PHE G 27 34.24 -16.04 14.26
C PHE G 27 33.98 -15.24 12.99
N ASN G 28 33.23 -14.15 13.13
CA ASN G 28 32.92 -13.28 12.00
C ASN G 28 33.95 -12.17 11.88
N ILE G 29 34.58 -12.08 10.71
CA ILE G 29 35.62 -11.10 10.45
C ILE G 29 35.14 -9.69 10.79
N LYS G 30 33.83 -9.49 10.73
CA LYS G 30 33.23 -8.19 10.96
C LYS G 30 33.28 -7.75 12.43
N ASP G 31 33.54 -8.71 13.32
CA ASP G 31 33.47 -8.47 14.76
C ASP G 31 34.40 -7.36 15.26
N THR G 32 35.66 -7.39 14.82
CA THR G 32 36.66 -6.46 15.36
C THR G 32 37.50 -5.81 14.27
N TYR G 33 38.38 -4.91 14.68
CA TYR G 33 39.42 -4.40 13.80
C TYR G 33 40.29 -5.54 13.31
N VAL G 34 40.88 -5.39 12.13
CA VAL G 34 41.88 -6.32 11.65
C VAL G 34 43.14 -5.54 11.26
N HIS G 35 44.27 -5.89 11.87
CA HIS G 35 45.52 -5.21 11.63
C HIS G 35 46.45 -6.05 10.77
N TRP G 36 47.43 -5.41 10.14
CA TRP G 36 48.47 -6.11 9.42
C TRP G 36 49.84 -5.66 9.92
N VAL G 37 50.69 -6.62 10.24
CA VAL G 37 52.01 -6.34 10.78
C VAL G 37 53.11 -6.96 9.92
N LYS G 38 54.22 -6.23 9.80
CA LYS G 38 55.36 -6.68 9.01
C LYS G 38 56.52 -7.03 9.93
N GLN G 39 57.12 -8.20 9.72
CA GLN G 39 58.28 -8.59 10.53
C GLN G 39 59.50 -8.90 9.67
N ARG G 40 60.60 -8.22 9.97
CA ARG G 40 61.88 -8.52 9.38
C ARG G 40 62.88 -8.84 10.50
N PRO G 41 63.88 -9.69 10.20
CA PRO G 41 64.87 -10.09 11.21
C PRO G 41 65.66 -8.92 11.78
N GLU G 42 66.01 -7.95 10.93
CA GLU G 42 66.82 -6.82 11.36
C GLU G 42 65.95 -5.67 11.85
N GLN G 43 65.02 -5.23 11.01
CA GLN G 43 64.19 -4.06 11.32
C GLN G 43 63.16 -4.33 12.40
N GLY G 44 62.76 -5.60 12.55
CA GLY G 44 61.83 -5.99 13.58
C GLY G 44 60.37 -5.89 13.16
N LEU G 45 59.52 -5.49 14.10
CA LEU G 45 58.08 -5.46 13.88
C LEU G 45 57.57 -4.07 13.53
N GLU G 46 56.80 -3.98 12.45
CA GLU G 46 56.24 -2.71 12.00
C GLU G 46 54.74 -2.84 11.76
N TRP G 47 53.98 -1.88 12.26
CA TRP G 47 52.54 -1.85 12.06
C TRP G 47 52.23 -1.19 10.71
N ILE G 48 51.54 -1.93 9.84
CA ILE G 48 51.20 -1.42 8.51
C ILE G 48 49.95 -0.57 8.57
N GLY G 49 48.88 -1.14 9.12
CA GLY G 49 47.62 -0.44 9.22
C GLY G 49 46.53 -1.36 9.74
N ARG G 50 45.31 -0.87 9.78
CA ARG G 50 44.18 -1.65 10.23
C ARG G 50 42.98 -1.38 9.34
N ILE G 51 41.97 -2.24 9.44
CA ILE G 51 40.71 -2.03 8.76
C ILE G 51 39.57 -2.50 9.63
N ASP G 52 38.42 -1.83 9.51
CA ASP G 52 37.20 -2.28 10.15
C ASP G 52 36.33 -2.95 9.08
N PRO G 53 36.38 -4.29 9.02
CA PRO G 53 35.71 -5.03 7.93
C PRO G 53 34.21 -4.74 7.83
N ALA G 54 33.63 -4.19 8.89
CA ALA G 54 32.20 -3.86 8.89
C ALA G 54 31.87 -2.77 7.88
N ASN G 55 32.74 -1.77 7.79
CA ASN G 55 32.49 -0.60 6.94
C ASN G 55 33.60 -0.30 5.95
N GLY G 56 34.78 -0.87 6.16
CA GLY G 56 35.87 -0.74 5.21
C GLY G 56 36.80 0.42 5.47
N TYR G 57 36.60 1.14 6.58
CA TYR G 57 37.48 2.26 6.92
C TYR G 57 38.84 1.76 7.37
N THR G 58 39.89 2.41 6.87
CA THR G 58 41.26 1.96 7.10
C THR G 58 42.14 3.03 7.71
N LYS G 59 43.21 2.59 8.37
CA LYS G 59 44.25 3.48 8.88
C LYS G 59 45.59 2.89 8.51
N TYR G 60 46.55 3.75 8.16
CA TYR G 60 47.88 3.29 7.77
C TYR G 60 48.96 4.07 8.50
N ASP G 61 50.10 3.43 8.72
CA ASP G 61 51.31 4.15 9.09
C ASP G 61 51.78 4.83 7.82
N PRO G 62 52.00 6.16 7.87
CA PRO G 62 52.36 6.89 6.65
C PRO G 62 53.54 6.27 5.88
N LYS G 63 54.36 5.48 6.56
CA LYS G 63 55.49 4.82 5.90
C LYS G 63 55.02 3.88 4.79
N PHE G 64 53.83 3.31 4.95
CA PHE G 64 53.32 2.33 4.01
C PHE G 64 52.24 2.88 3.08
N GLN G 65 51.95 4.18 3.19
CA GLN G 65 50.94 4.79 2.33
C GLN G 65 51.37 4.69 0.87
N GLY G 66 50.48 4.16 0.04
CA GLY G 66 50.77 3.96 -1.37
C GLY G 66 51.28 2.55 -1.63
N LYS G 67 52.12 2.06 -0.73
CA LYS G 67 52.65 0.71 -0.83
C LYS G 67 51.58 -0.33 -0.50
N ALA G 68 50.98 -0.20 0.68
CA ALA G 68 50.04 -1.18 1.17
C ALA G 68 48.59 -0.73 1.02
N THR G 69 47.72 -1.66 0.68
CA THR G 69 46.29 -1.40 0.60
C THR G 69 45.55 -2.53 1.30
N ILE G 70 44.75 -2.17 2.31
CA ILE G 70 44.04 -3.17 3.10
C ILE G 70 42.55 -3.16 2.76
N THR G 71 42.00 -4.35 2.51
CA THR G 71 40.59 -4.50 2.19
C THR G 71 40.02 -5.70 2.91
N ALA G 72 38.71 -5.95 2.73
CA ALA G 72 38.05 -7.06 3.40
C ALA G 72 36.75 -7.43 2.70
N ASP G 73 36.42 -8.72 2.73
CA ASP G 73 35.18 -9.21 2.16
C ASP G 73 34.43 -10.04 3.20
N THR G 74 33.53 -9.40 3.93
CA THR G 74 32.78 -10.07 4.99
C THR G 74 32.08 -11.32 4.48
N SER G 75 31.75 -11.33 3.19
CA SER G 75 31.07 -12.48 2.60
C SER G 75 31.95 -13.73 2.67
N SER G 76 33.25 -13.56 2.41
CA SER G 76 34.19 -14.68 2.48
C SER G 76 34.98 -14.66 3.79
N ASN G 77 34.52 -13.86 4.74
CA ASN G 77 35.15 -13.79 6.06
C ASN G 77 36.67 -13.61 5.96
N THR G 78 37.11 -12.84 4.97
CA THR G 78 38.53 -12.67 4.70
C THR G 78 38.94 -11.21 4.71
N ALA G 79 40.17 -10.95 5.16
CA ALA G 79 40.78 -9.63 5.05
C ALA G 79 42.01 -9.74 4.15
N TYR G 80 42.30 -8.68 3.41
CA TYR G 80 43.39 -8.72 2.44
C TYR G 80 44.42 -7.62 2.67
N LEU G 81 45.64 -7.90 2.22
CA LEU G 81 46.72 -6.90 2.22
C LEU G 81 47.39 -6.92 0.85
N GLN G 82 47.15 -5.87 0.07
CA GLN G 82 47.75 -5.78 -1.25
C GLN G 82 48.97 -4.89 -1.25
N LEU G 83 50.10 -5.44 -1.71
CA LEU G 83 51.34 -4.69 -1.82
C LEU G 83 51.64 -4.45 -3.30
N SER G 84 52.11 -3.24 -3.62
CA SER G 84 52.38 -2.87 -5.00
C SER G 84 53.82 -2.42 -5.20
N SER G 85 54.27 -2.39 -6.44
CA SER G 85 55.64 -1.99 -6.77
C SER G 85 56.63 -2.58 -5.78
N LEU G 86 56.63 -3.90 -5.68
CA LEU G 86 57.43 -4.60 -4.67
C LEU G 86 58.92 -4.42 -4.89
N THR G 87 59.67 -4.47 -3.80
CA THR G 87 61.12 -4.38 -3.85
C THR G 87 61.74 -5.34 -2.85
N SER G 88 63.07 -5.32 -2.74
CA SER G 88 63.78 -6.22 -1.84
C SER G 88 63.37 -5.98 -0.39
N GLU G 89 63.15 -4.72 -0.03
CA GLU G 89 62.83 -4.36 1.34
C GLU G 89 61.44 -4.85 1.76
N ASP G 90 60.59 -5.17 0.79
CA ASP G 90 59.27 -5.70 1.07
C ASP G 90 59.32 -7.20 1.36
N THR G 91 60.52 -7.78 1.28
CA THR G 91 60.72 -9.18 1.63
C THR G 91 60.66 -9.32 3.15
N ALA G 92 59.60 -9.96 3.63
CA ALA G 92 59.37 -10.10 5.06
C ALA G 92 58.23 -11.06 5.34
N VAL G 93 57.93 -11.27 6.62
CA VAL G 93 56.79 -12.08 7.03
C VAL G 93 55.64 -11.16 7.44
N TYR G 94 54.44 -11.47 6.98
CA TYR G 94 53.28 -10.62 7.23
C TYR G 94 52.23 -11.34 8.07
N TYR G 95 51.70 -10.62 9.05
CA TYR G 95 50.70 -11.18 9.97
C TYR G 95 49.42 -10.36 9.98
N CYS G 96 48.29 -11.03 10.13
CA CYS G 96 47.04 -10.35 10.41
C CYS G 96 46.71 -10.54 11.90
N VAL G 97 46.23 -9.48 12.54
CA VAL G 97 46.05 -9.48 13.98
C VAL G 97 44.70 -8.89 14.37
N ARG G 98 44.10 -9.42 15.43
CA ARG G 98 42.88 -8.85 15.99
C ARG G 98 42.91 -8.91 17.51
N PRO G 99 42.17 -8.01 18.16
CA PRO G 99 42.11 -8.00 19.63
C PRO G 99 41.25 -9.12 20.20
N LEU G 100 41.39 -9.38 21.50
CA LEU G 100 40.54 -10.32 22.21
C LEU G 100 39.31 -9.59 22.73
N TYR G 101 39.50 -8.73 23.72
CA TYR G 101 38.40 -7.97 24.31
C TYR G 101 38.55 -6.49 24.01
N ASP G 102 39.65 -5.91 24.46
CA ASP G 102 39.95 -4.49 24.24
C ASP G 102 39.87 -4.14 22.75
N TYR G 103 39.12 -3.10 22.41
CA TYR G 103 38.93 -2.70 21.02
C TYR G 103 40.25 -2.42 20.32
N TYR G 104 41.23 -1.92 21.06
CA TYR G 104 42.47 -1.40 20.46
C TYR G 104 43.66 -2.34 20.60
N ALA G 105 43.47 -3.50 21.22
CA ALA G 105 44.58 -4.40 21.53
C ALA G 105 45.03 -5.24 20.33
N MET G 106 46.06 -6.05 20.55
CA MET G 106 46.65 -6.90 19.50
C MET G 106 46.95 -8.29 20.06
N ASP G 107 45.94 -9.13 20.17
CA ASP G 107 46.04 -10.35 20.97
C ASP G 107 46.09 -11.64 20.16
N TYR G 108 45.30 -11.72 19.10
CA TYR G 108 45.27 -12.91 18.24
C TYR G 108 46.04 -12.68 16.95
N TRP G 109 46.86 -13.66 16.56
CA TRP G 109 47.69 -13.53 15.38
C TRP G 109 47.54 -14.71 14.42
N GLY G 110 47.61 -14.44 13.13
CA GLY G 110 47.63 -15.48 12.12
C GLY G 110 49.00 -16.13 12.11
N GLN G 111 49.14 -17.23 11.38
CA GLN G 111 50.40 -17.98 11.38
C GLN G 111 51.51 -17.24 10.64
N GLY G 112 51.13 -16.32 9.76
CA GLY G 112 52.10 -15.52 9.03
C GLY G 112 52.29 -15.98 7.60
N THR G 113 52.53 -15.01 6.71
CA THR G 113 52.75 -15.30 5.29
C THR G 113 54.09 -14.73 4.86
N SER G 114 55.01 -15.61 4.47
CA SER G 114 56.32 -15.18 4.00
C SER G 114 56.26 -14.66 2.57
N VAL G 115 56.85 -13.50 2.34
CA VAL G 115 56.88 -12.91 1.01
C VAL G 115 58.32 -12.67 0.59
N THR G 116 58.69 -13.18 -0.59
CA THR G 116 60.05 -13.02 -1.10
C THR G 116 60.04 -12.34 -2.46
N VAL G 117 60.77 -11.23 -2.56
CA VAL G 117 60.87 -10.48 -3.81
C VAL G 117 62.27 -10.64 -4.40
N SER G 118 62.36 -11.37 -5.51
CA SER G 118 63.63 -11.61 -6.17
C SER G 118 63.45 -11.79 -7.67
N SER G 119 64.45 -11.40 -8.44
CA SER G 119 64.46 -11.58 -9.88
C SER G 119 64.95 -12.98 -10.24
N ALA G 120 65.64 -13.61 -9.30
CA ALA G 120 66.22 -14.92 -9.51
C ALA G 120 65.22 -15.92 -10.09
N LYS G 121 65.64 -16.65 -11.12
CA LYS G 121 64.84 -17.73 -11.66
C LYS G 121 65.21 -19.03 -10.97
N THR G 122 64.34 -20.03 -11.07
CA THR G 122 64.59 -21.32 -10.42
C THR G 122 65.93 -21.89 -10.83
N THR G 123 66.84 -22.02 -9.87
CA THR G 123 68.18 -22.53 -10.13
C THR G 123 68.50 -23.71 -9.22
N ALA G 124 69.13 -24.73 -9.77
CA ALA G 124 69.48 -25.92 -9.00
C ALA G 124 70.77 -25.70 -8.21
N PRO G 125 70.85 -26.29 -7.01
CA PRO G 125 72.02 -26.13 -6.13
C PRO G 125 73.26 -26.88 -6.61
N SER G 126 74.43 -26.34 -6.27
CA SER G 126 75.68 -27.03 -6.52
C SER G 126 76.18 -27.62 -5.20
N VAL G 127 76.29 -28.95 -5.15
CA VAL G 127 76.70 -29.63 -3.94
C VAL G 127 78.17 -29.98 -3.96
N TYR G 128 78.91 -29.51 -2.96
CA TYR G 128 80.35 -29.74 -2.88
C TYR G 128 80.70 -30.43 -1.57
N PRO G 129 81.42 -31.56 -1.66
CA PRO G 129 81.84 -32.28 -0.44
C PRO G 129 82.97 -31.56 0.27
N LEU G 130 82.99 -31.63 1.61
CA LEU G 130 84.03 -30.98 2.39
C LEU G 130 84.76 -31.99 3.27
N ALA G 131 85.92 -32.44 2.79
CA ALA G 131 86.76 -33.35 3.56
C ALA G 131 87.89 -32.57 4.22
N PRO G 132 88.33 -33.01 5.41
CA PRO G 132 89.37 -32.30 6.16
C PRO G 132 90.71 -32.29 5.42
N VAL G 133 91.68 -31.58 5.99
CA VAL G 133 93.01 -31.51 5.38
C VAL G 133 93.91 -32.58 5.98
N CYS G 134 94.88 -33.04 5.20
CA CYS G 134 95.80 -34.07 5.65
C CYS G 134 96.59 -33.62 6.87
N THR G 138 93.65 -36.50 12.09
CA THR G 138 94.82 -36.30 12.93
C THR G 138 94.45 -36.41 14.41
N GLY G 139 93.18 -36.13 14.72
CA GLY G 139 92.70 -36.19 16.09
C GLY G 139 91.93 -37.46 16.37
N SER G 140 91.11 -37.43 17.42
CA SER G 140 90.32 -38.60 17.80
C SER G 140 88.93 -38.53 17.16
N SER G 141 88.48 -37.32 16.84
CA SER G 141 87.21 -37.11 16.17
C SER G 141 87.42 -36.33 14.89
N VAL G 142 86.61 -36.65 13.87
CA VAL G 142 86.72 -36.00 12.57
C VAL G 142 85.43 -35.26 12.23
N THR G 143 85.56 -34.17 11.48
CA THR G 143 84.40 -33.38 11.09
C THR G 143 84.36 -33.19 9.57
N LEU G 144 83.26 -33.63 8.96
CA LEU G 144 83.06 -33.46 7.53
C LEU G 144 82.06 -32.34 7.28
N GLY G 145 81.79 -32.04 6.01
CA GLY G 145 80.87 -30.97 5.68
C GLY G 145 80.29 -31.07 4.28
N CYS G 146 79.25 -30.29 4.03
CA CYS G 146 78.60 -30.25 2.73
C CYS G 146 78.25 -28.80 2.40
N LEU G 147 78.45 -28.39 1.15
CA LEU G 147 78.22 -27.01 0.75
C LEU G 147 77.25 -26.93 -0.43
N VAL G 148 76.05 -26.43 -0.16
CA VAL G 148 75.05 -26.23 -1.19
C VAL G 148 75.06 -24.77 -1.62
N LYS G 149 75.47 -24.52 -2.86
CA LYS G 149 75.71 -23.14 -3.30
C LYS G 149 74.95 -22.79 -4.58
N GLY G 150 74.29 -21.63 -4.56
CA GLY G 150 73.70 -21.06 -5.76
C GLY G 150 72.35 -21.64 -6.17
N TYR G 151 71.46 -21.82 -5.20
CA TYR G 151 70.13 -22.35 -5.50
C TYR G 151 69.04 -21.32 -5.21
N PHE G 152 67.90 -21.51 -5.85
CA PHE G 152 66.75 -20.63 -5.65
C PHE G 152 65.51 -21.23 -6.31
N PRO G 153 64.37 -21.13 -5.63
CA PRO G 153 64.21 -20.55 -4.29
C PRO G 153 64.45 -21.57 -3.20
N GLU G 154 64.14 -21.21 -1.95
CA GLU G 154 64.20 -22.15 -0.85
C GLU G 154 62.98 -23.06 -0.89
N PRO G 155 62.99 -24.17 -0.12
CA PRO G 155 64.10 -24.59 0.73
C PRO G 155 64.83 -25.80 0.17
N VAL G 156 65.80 -26.31 0.92
CA VAL G 156 66.47 -27.54 0.56
C VAL G 156 66.53 -28.46 1.78
N THR G 157 66.27 -29.73 1.56
CA THR G 157 66.36 -30.72 2.63
C THR G 157 67.72 -31.41 2.56
N LEU G 158 68.48 -31.31 3.64
CA LEU G 158 69.81 -31.90 3.67
C LEU G 158 69.91 -32.98 4.75
N THR G 159 70.39 -34.15 4.36
CA THR G 159 70.57 -35.26 5.29
C THR G 159 71.88 -35.97 4.99
N TRP G 160 72.28 -36.86 5.91
CA TRP G 160 73.50 -37.64 5.74
C TRP G 160 73.17 -39.12 5.66
N ASN G 161 73.75 -39.78 4.67
CA ASN G 161 73.49 -41.20 4.44
C ASN G 161 71.99 -41.50 4.37
N SER G 162 71.25 -40.59 3.76
CA SER G 162 69.81 -40.76 3.55
C SER G 162 69.06 -40.85 4.87
N GLY G 163 69.34 -39.91 5.77
CA GLY G 163 68.66 -39.84 7.05
C GLY G 163 69.20 -40.83 8.08
N SER G 164 70.21 -41.60 7.69
CA SER G 164 70.81 -42.58 8.59
C SER G 164 71.56 -41.89 9.71
N LEU G 165 72.63 -41.18 9.36
CA LEU G 165 73.41 -40.44 10.33
C LEU G 165 72.66 -39.18 10.74
N SER G 166 72.11 -39.19 11.95
CA SER G 166 71.24 -38.10 12.42
C SER G 166 71.93 -37.27 13.49
N SER G 167 72.20 -37.87 14.63
CA SER G 167 72.78 -37.16 15.76
C SER G 167 74.23 -36.75 15.47
N GLY G 168 74.60 -35.55 15.91
CA GLY G 168 75.94 -35.04 15.69
C GLY G 168 76.05 -34.25 14.40
N VAL G 169 74.98 -33.55 14.05
CA VAL G 169 74.92 -32.81 12.79
C VAL G 169 74.50 -31.36 13.03
N HIS G 170 75.00 -30.45 12.19
CA HIS G 170 74.65 -29.04 12.26
C HIS G 170 74.40 -28.47 10.87
N THR G 171 73.13 -28.32 10.52
CA THR G 171 72.76 -27.67 9.26
C THR G 171 72.48 -26.19 9.51
N PHE G 172 73.27 -25.33 8.89
CA PHE G 172 73.17 -23.89 9.13
C PHE G 172 72.11 -23.25 8.25
N PRO G 173 71.43 -22.22 8.78
CA PRO G 173 70.41 -21.50 8.00
C PRO G 173 70.95 -20.96 6.69
N ALA G 174 70.17 -21.07 5.63
CA ALA G 174 70.58 -20.55 4.33
C ALA G 174 70.75 -19.03 4.39
N VAL G 175 71.68 -18.51 3.60
CA VAL G 175 71.90 -17.07 3.50
C VAL G 175 71.84 -16.65 2.05
N LEU G 176 71.31 -15.45 1.80
CA LEU G 176 71.10 -14.98 0.44
C LEU G 176 72.36 -14.41 -0.19
N GLN G 177 73.02 -15.23 -1.00
CA GLN G 177 74.22 -14.81 -1.72
C GLN G 177 73.85 -14.20 -3.07
N SER G 178 73.71 -12.87 -3.09
CA SER G 178 73.36 -12.14 -4.31
C SER G 178 72.34 -12.89 -5.17
N ASP G 179 71.07 -12.77 -4.78
CA ASP G 179 69.95 -13.36 -5.54
C ASP G 179 69.90 -14.88 -5.49
N LEU G 180 70.90 -15.51 -4.88
CA LEU G 180 70.92 -16.97 -4.75
C LEU G 180 71.28 -17.36 -3.32
N TYR G 181 70.85 -18.54 -2.91
CA TYR G 181 71.04 -18.97 -1.53
C TYR G 181 72.25 -19.89 -1.39
N THR G 182 72.83 -19.87 -0.19
CA THR G 182 73.94 -20.76 0.15
C THR G 182 73.69 -21.38 1.51
N LEU G 183 73.92 -22.68 1.61
CA LEU G 183 73.70 -23.41 2.85
C LEU G 183 74.82 -24.43 3.01
N SER G 184 75.12 -24.80 4.25
CA SER G 184 76.12 -25.82 4.51
C SER G 184 75.81 -26.60 5.78
N SER G 185 76.33 -27.82 5.86
CA SER G 185 76.08 -28.68 7.00
C SER G 185 77.37 -29.37 7.44
N SER G 186 77.59 -29.43 8.76
CA SER G 186 78.74 -30.11 9.32
C SER G 186 78.29 -31.33 10.10
N VAL G 187 79.10 -32.39 10.06
CA VAL G 187 78.82 -33.61 10.79
C VAL G 187 80.09 -34.12 11.47
N THR G 188 79.93 -34.69 12.65
CA THR G 188 81.08 -35.12 13.44
C THR G 188 80.98 -36.58 13.86
N VAL G 189 82.10 -37.29 13.75
CA VAL G 189 82.19 -38.68 14.16
C VAL G 189 83.60 -38.96 14.68
N THR G 190 83.89 -40.22 15.00
CA THR G 190 85.21 -40.60 15.47
C THR G 190 86.11 -40.97 14.29
N SER G 191 87.42 -40.98 14.53
CA SER G 191 88.38 -41.30 13.48
C SER G 191 88.18 -42.73 12.98
N SER G 192 87.65 -43.59 13.84
CA SER G 192 87.42 -44.99 13.48
C SER G 192 86.17 -45.15 12.61
N THR G 193 85.43 -44.06 12.43
CA THR G 193 84.21 -44.09 11.63
C THR G 193 84.47 -43.63 10.20
N TRP G 194 85.48 -42.79 10.01
CA TRP G 194 85.79 -42.25 8.70
C TRP G 194 87.30 -42.22 8.48
N PRO G 195 87.76 -42.48 7.24
CA PRO G 195 86.95 -42.79 6.05
C PRO G 195 86.52 -44.25 5.94
N SER G 196 86.60 -45.00 7.04
CA SER G 196 86.19 -46.40 7.05
C SER G 196 84.73 -46.52 6.64
N GLN G 197 83.85 -45.88 7.40
CA GLN G 197 82.42 -45.88 7.10
C GLN G 197 82.11 -44.80 6.07
N SER G 198 81.49 -45.20 4.97
CA SER G 198 81.16 -44.28 3.90
C SER G 198 80.08 -43.29 4.33
N ILE G 199 80.37 -42.00 4.18
CA ILE G 199 79.41 -40.95 4.51
C ILE G 199 79.03 -40.15 3.27
N THR G 200 77.73 -40.00 3.04
CA THR G 200 77.23 -39.34 1.85
C THR G 200 76.33 -38.14 2.20
N CYS G 201 76.44 -37.09 1.39
CA CYS G 201 75.64 -35.89 1.57
C CYS G 201 74.43 -35.94 0.63
N ASN G 202 73.23 -35.86 1.20
CA ASN G 202 72.01 -35.94 0.42
C ASN G 202 71.24 -34.63 0.44
N VAL G 203 71.18 -33.96 -0.71
CA VAL G 203 70.50 -32.67 -0.82
C VAL G 203 69.40 -32.74 -1.88
N ALA G 204 68.21 -32.31 -1.50
CA ALA G 204 67.07 -32.30 -2.41
C ALA G 204 66.51 -30.89 -2.56
N HIS G 205 66.26 -30.48 -3.80
CA HIS G 205 65.69 -29.18 -4.09
C HIS G 205 64.38 -29.35 -4.84
N PRO G 206 63.28 -29.53 -4.11
CA PRO G 206 61.95 -29.78 -4.69
C PRO G 206 61.58 -28.81 -5.81
N ALA G 207 62.06 -27.57 -5.73
CA ALA G 207 61.74 -26.57 -6.73
C ALA G 207 62.17 -27.01 -8.13
N SER G 208 63.47 -27.24 -8.29
CA SER G 208 64.00 -27.69 -9.58
C SER G 208 63.85 -29.20 -9.75
N SER G 209 63.30 -29.85 -8.72
CA SER G 209 63.07 -31.29 -8.75
C SER G 209 64.36 -32.06 -8.99
N THR G 210 65.41 -31.67 -8.27
CA THR G 210 66.69 -32.37 -8.35
C THR G 210 67.07 -32.88 -6.96
N LYS G 211 67.78 -34.00 -6.93
CA LYS G 211 68.22 -34.59 -5.66
C LYS G 211 69.59 -35.24 -5.82
N VAL G 212 70.63 -34.41 -5.77
CA VAL G 212 71.99 -34.86 -5.95
C VAL G 212 72.52 -35.52 -4.68
N ASP G 213 73.53 -36.37 -4.84
CA ASP G 213 74.17 -37.02 -3.69
C ASP G 213 75.68 -37.10 -3.88
N LYS G 214 76.42 -36.52 -2.95
CA LYS G 214 77.87 -36.49 -3.02
C LYS G 214 78.52 -37.20 -1.82
N LYS G 215 79.32 -38.22 -2.10
CA LYS G 215 80.05 -38.91 -1.05
C LYS G 215 81.32 -38.14 -0.71
N ILE G 216 81.64 -38.10 0.58
CA ILE G 216 82.83 -37.38 1.03
C ILE G 216 84.08 -38.24 0.85
N GLU G 217 85.05 -37.70 0.12
CA GLU G 217 86.30 -38.41 -0.15
C GLU G 217 87.47 -37.71 0.53
N PRO G 218 88.37 -38.49 1.14
CA PRO G 218 89.57 -37.90 1.75
C PRO G 218 90.50 -37.29 0.72
N ARG G 219 91.69 -36.87 1.15
CA ARG G 219 92.64 -36.22 0.25
C ARG G 219 94.00 -36.92 0.31
N ASP H 1 55.64 9.66 16.11
CA ASP H 1 55.57 8.22 16.45
C ASP H 1 56.21 7.97 17.82
N ILE H 2 55.52 7.20 18.66
CA ILE H 2 56.04 6.86 19.97
C ILE H 2 57.11 5.78 19.85
N LEU H 3 58.21 5.97 20.55
CA LEU H 3 59.32 5.03 20.51
C LEU H 3 59.24 4.08 21.69
N MET H 4 59.41 2.79 21.43
CA MET H 4 59.36 1.78 22.46
C MET H 4 60.74 1.14 22.65
N THR H 5 61.45 1.58 23.70
CA THR H 5 62.76 1.05 24.00
C THR H 5 62.66 -0.12 24.97
N GLN H 6 62.84 -1.33 24.44
CA GLN H 6 62.70 -2.54 25.23
C GLN H 6 64.06 -3.11 25.63
N SER H 7 64.17 -3.52 26.89
CA SER H 7 65.44 -4.05 27.40
C SER H 7 65.18 -5.17 28.40
N PRO H 8 66.15 -6.10 28.53
CA PRO H 8 67.36 -6.17 27.71
C PRO H 8 67.10 -6.89 26.39
N SER H 9 67.98 -6.71 25.41
CA SER H 9 67.82 -7.34 24.11
C SER H 9 67.87 -8.86 24.23
N SER H 10 68.49 -9.35 25.30
CA SER H 10 68.57 -10.78 25.55
C SER H 10 69.03 -11.05 26.98
N MET H 11 68.75 -12.25 27.47
CA MET H 11 69.19 -12.65 28.80
C MET H 11 69.35 -14.17 28.87
N SER H 12 70.40 -14.61 29.55
CA SER H 12 70.65 -16.03 29.73
C SER H 12 70.25 -16.45 31.14
N VAL H 13 69.21 -17.27 31.24
CA VAL H 13 68.67 -17.66 32.54
C VAL H 13 68.33 -19.15 32.56
N SER H 14 67.87 -19.64 33.70
CA SER H 14 67.59 -21.06 33.87
C SER H 14 66.15 -21.29 34.32
N LEU H 15 65.74 -22.56 34.30
CA LEU H 15 64.40 -22.93 34.73
C LEU H 15 64.20 -22.61 36.21
N GLY H 16 63.03 -22.09 36.55
CA GLY H 16 62.72 -21.76 37.93
C GLY H 16 63.04 -20.32 38.28
N ASP H 17 63.76 -19.63 37.40
CA ASP H 17 64.17 -18.26 37.63
C ASP H 17 63.00 -17.30 37.52
N THR H 18 63.14 -16.14 38.18
CA THR H 18 62.15 -15.07 38.07
C THR H 18 62.78 -13.88 37.35
N VAL H 19 62.41 -13.70 36.08
CA VAL H 19 63.01 -12.66 35.25
C VAL H 19 62.02 -11.55 34.94
N SER H 20 62.55 -10.41 34.51
CA SER H 20 61.71 -9.25 34.19
C SER H 20 62.22 -8.52 32.96
N ILE H 21 61.31 -8.29 32.02
CA ILE H 21 61.60 -7.52 30.81
C ILE H 21 60.91 -6.16 30.93
N THR H 22 61.67 -5.08 30.76
CA THR H 22 61.13 -3.74 30.89
C THR H 22 60.91 -3.09 29.53
N CYS H 23 60.04 -2.09 29.50
CA CYS H 23 59.73 -1.35 28.30
C CYS H 23 59.60 0.12 28.66
N HIS H 24 60.28 0.99 27.92
CA HIS H 24 60.20 2.43 28.16
C HIS H 24 59.72 3.14 26.90
N ALA H 25 58.69 3.97 27.05
CA ALA H 25 58.13 4.70 25.92
C ALA H 25 58.56 6.16 25.97
N SER H 26 58.69 6.78 24.79
CA SER H 26 59.15 8.16 24.69
C SER H 26 58.13 9.16 25.25
N GLN H 27 56.99 8.64 25.73
CA GLN H 27 56.00 9.47 26.42
C GLN H 27 55.02 8.57 27.15
N GLY H 28 54.14 9.18 27.94
CA GLY H 28 53.14 8.42 28.68
C GLY H 28 52.18 7.71 27.74
N ILE H 29 51.84 6.47 28.09
CA ILE H 29 50.90 5.69 27.29
C ILE H 29 49.80 5.06 28.15
N SER H 30 49.69 5.54 29.38
CA SER H 30 48.65 5.10 30.32
C SER H 30 48.19 3.65 30.13
N SER H 31 49.09 2.72 30.39
CA SER H 31 48.79 1.29 30.38
C SER H 31 48.28 0.73 29.04
N ASN H 32 48.27 1.54 28.00
CA ASN H 32 47.87 1.06 26.68
C ASN H 32 49.01 0.30 26.03
N ILE H 33 49.38 -0.82 26.64
CA ILE H 33 50.51 -1.61 26.20
C ILE H 33 50.15 -3.10 26.23
N GLY H 34 50.69 -3.84 25.28
CA GLY H 34 50.49 -5.28 25.24
C GLY H 34 51.83 -5.98 25.20
N TRP H 35 51.85 -7.25 25.61
CA TRP H 35 53.07 -8.05 25.57
C TRP H 35 52.83 -9.28 24.71
N LEU H 36 53.84 -9.65 23.92
CA LEU H 36 53.70 -10.70 22.93
C LEU H 36 54.80 -11.74 23.05
N GLN H 37 54.47 -12.99 22.75
CA GLN H 37 55.44 -14.07 22.78
C GLN H 37 55.56 -14.73 21.41
N GLN H 38 56.80 -14.91 20.95
CA GLN H 38 57.06 -15.63 19.71
C GLN H 38 58.02 -16.78 19.97
N LYS H 39 57.50 -18.00 19.99
CA LYS H 39 58.33 -19.18 20.14
C LYS H 39 59.14 -19.41 18.87
N PRO H 40 60.35 -19.97 19.03
CA PRO H 40 61.27 -20.16 17.90
C PRO H 40 60.61 -20.83 16.69
N GLY H 41 60.69 -20.17 15.55
CA GLY H 41 60.13 -20.69 14.32
C GLY H 41 58.63 -20.87 14.37
N LYS H 42 57.96 -19.97 15.10
CA LYS H 42 56.50 -20.02 15.21
C LYS H 42 55.91 -18.62 15.18
N SER H 43 54.60 -18.53 15.29
CA SER H 43 53.91 -17.24 15.21
C SER H 43 53.82 -16.59 16.59
N PHE H 44 52.98 -15.57 16.70
CA PHE H 44 52.86 -14.80 17.93
C PHE H 44 51.67 -15.26 18.78
N MET H 45 51.83 -15.16 20.08
CA MET H 45 50.74 -15.40 21.03
C MET H 45 50.63 -14.20 21.96
N GLY H 46 49.42 -13.69 22.14
CA GLY H 46 49.19 -12.59 23.05
C GLY H 46 49.35 -13.03 24.49
N LEU H 47 49.99 -12.20 25.30
CA LEU H 47 50.20 -12.49 26.72
C LEU H 47 49.40 -11.55 27.61
N ILE H 48 49.61 -10.25 27.39
CA ILE H 48 49.02 -9.22 28.23
C ILE H 48 48.37 -8.14 27.38
N TYR H 49 47.28 -7.57 27.87
CA TYR H 49 46.70 -6.38 27.25
C TYR H 49 46.35 -5.33 28.32
N TYR H 50 46.31 -4.08 27.90
CA TYR H 50 46.06 -2.96 28.80
C TYR H 50 46.91 -3.03 30.07
N GLY H 51 48.20 -3.32 29.90
CA GLY H 51 49.15 -3.22 30.98
C GLY H 51 49.26 -4.44 31.89
N THR H 52 48.13 -4.90 32.41
CA THR H 52 48.14 -5.91 33.46
C THR H 52 47.20 -7.10 33.22
N ASN H 53 46.42 -7.07 32.14
CA ASN H 53 45.41 -8.10 31.93
C ASN H 53 45.91 -9.30 31.13
N LEU H 54 45.85 -10.47 31.75
CA LEU H 54 46.22 -11.72 31.10
C LEU H 54 45.26 -12.06 29.97
N VAL H 55 45.81 -12.42 28.82
CA VAL H 55 45.02 -12.93 27.72
C VAL H 55 44.48 -14.30 28.12
N ASP H 56 43.28 -14.63 27.67
CA ASP H 56 42.67 -15.92 27.99
C ASP H 56 43.59 -17.06 27.61
N GLY H 57 43.87 -17.96 28.55
CA GLY H 57 44.68 -19.13 28.29
C GLY H 57 46.12 -19.01 28.76
N VAL H 58 46.51 -17.81 29.18
CA VAL H 58 47.89 -17.58 29.60
C VAL H 58 48.07 -17.88 31.09
N PRO H 59 49.11 -18.68 31.42
CA PRO H 59 49.41 -19.03 32.82
C PRO H 59 49.63 -17.79 33.69
N SER H 60 49.38 -17.93 34.99
CA SER H 60 49.47 -16.79 35.91
C SER H 60 50.90 -16.45 36.30
N ARG H 61 51.86 -17.30 35.93
CA ARG H 61 53.26 -17.00 36.21
C ARG H 61 53.70 -15.77 35.41
N PHE H 62 52.95 -15.44 34.36
CA PHE H 62 53.14 -14.19 33.63
C PHE H 62 52.37 -13.06 34.31
N SER H 63 53.00 -11.90 34.42
CA SER H 63 52.33 -10.73 34.97
C SER H 63 52.93 -9.46 34.39
N GLY H 64 52.09 -8.43 34.26
CA GLY H 64 52.53 -7.16 33.73
C GLY H 64 52.25 -6.04 34.72
N SER H 65 53.09 -5.01 34.71
CA SER H 65 52.93 -3.89 35.62
C SER H 65 53.54 -2.62 35.02
N GLY H 66 53.36 -1.51 35.71
CA GLY H 66 53.93 -0.25 35.29
C GLY H 66 52.90 0.84 35.10
N SER H 67 53.37 2.03 34.78
CA SER H 67 52.51 3.17 34.52
C SER H 67 53.30 4.25 33.81
N GLY H 68 52.63 5.32 33.41
CA GLY H 68 53.28 6.40 32.70
C GLY H 68 53.98 5.90 31.46
N ALA H 69 55.30 5.87 31.49
CA ALA H 69 56.09 5.49 30.33
C ALA H 69 56.98 4.27 30.59
N ASP H 70 56.80 3.63 31.74
CA ASP H 70 57.66 2.50 32.12
C ASP H 70 56.85 1.29 32.55
N TYR H 71 57.10 0.15 31.90
CA TYR H 71 56.33 -1.05 32.13
C TYR H 71 57.22 -2.29 32.18
N SER H 72 56.68 -3.38 32.70
CA SER H 72 57.47 -4.60 32.86
C SER H 72 56.63 -5.86 32.70
N LEU H 73 57.19 -6.84 31.98
CA LEU H 73 56.65 -8.19 31.95
C LEU H 73 57.49 -9.03 32.90
N THR H 74 56.84 -9.82 33.74
CA THR H 74 57.54 -10.66 34.70
C THR H 74 57.10 -12.11 34.59
N ILE H 75 58.07 -13.01 34.60
CA ILE H 75 57.78 -14.44 34.52
C ILE H 75 58.37 -15.15 35.73
N SER H 76 57.50 -15.51 36.67
CA SER H 76 57.93 -16.20 37.88
C SER H 76 58.10 -17.70 37.61
N SER H 77 59.21 -18.25 38.07
CA SER H 77 59.48 -19.68 37.88
C SER H 77 59.44 -20.05 36.41
N LEU H 78 60.51 -19.70 35.68
CA LEU H 78 60.59 -19.95 34.25
C LEU H 78 60.34 -21.41 33.91
N ASP H 79 59.62 -21.63 32.81
CA ASP H 79 59.34 -22.97 32.32
C ASP H 79 60.14 -23.19 31.03
N SER H 80 60.26 -24.45 30.63
CA SER H 80 61.00 -24.79 29.42
C SER H 80 60.39 -24.14 28.18
N GLU H 81 59.08 -23.87 28.23
CA GLU H 81 58.39 -23.27 27.10
C GLU H 81 58.56 -21.75 27.06
N ASP H 82 59.03 -21.17 28.16
CA ASP H 82 59.12 -19.72 28.28
C ASP H 82 60.35 -19.15 27.57
N PHE H 83 61.25 -20.02 27.12
CA PHE H 83 62.41 -19.57 26.38
C PHE H 83 62.02 -19.23 24.94
N ALA H 84 61.86 -17.94 24.68
CA ALA H 84 61.40 -17.47 23.37
C ALA H 84 61.62 -15.98 23.26
N ASP H 85 61.05 -15.38 22.22
CA ASP H 85 61.14 -13.94 22.01
C ASP H 85 59.92 -13.23 22.61
N TYR H 86 60.15 -12.05 23.19
CA TYR H 86 59.07 -11.28 23.78
C TYR H 86 59.12 -9.84 23.26
N TYR H 87 57.96 -9.32 22.85
CA TYR H 87 57.87 -7.97 22.32
C TYR H 87 56.78 -7.19 23.04
N CYS H 88 57.02 -5.89 23.23
CA CYS H 88 55.99 -5.00 23.76
C CYS H 88 55.44 -4.15 22.62
N VAL H 89 54.16 -3.78 22.73
CA VAL H 89 53.52 -2.94 21.73
C VAL H 89 52.63 -1.90 22.43
N GLN H 90 52.73 -0.66 21.98
CA GLN H 90 51.89 0.41 22.52
C GLN H 90 50.78 0.72 21.52
N TYR H 91 49.57 0.97 22.04
CA TYR H 91 48.48 1.40 21.18
C TYR H 91 47.77 2.62 21.77
N ALA H 92 48.53 3.45 22.46
CA ALA H 92 48.05 4.74 22.93
C ALA H 92 47.79 5.66 21.75
N GLN H 93 48.66 5.58 20.74
CA GLN H 93 48.54 6.42 19.55
C GLN H 93 48.80 5.65 18.27
N LEU H 94 48.19 6.09 17.18
CA LEU H 94 48.54 5.62 15.85
C LEU H 94 49.75 6.41 15.35
N PRO H 95 50.70 5.73 14.70
CA PRO H 95 50.68 4.29 14.42
C PRO H 95 51.11 3.46 15.63
N TYR H 96 50.61 2.24 15.73
CA TYR H 96 51.08 1.31 16.76
C TYR H 96 52.57 1.06 16.53
N THR H 97 53.34 1.04 17.61
CA THR H 97 54.78 0.80 17.51
C THR H 97 55.20 -0.30 18.48
N PHE H 98 56.22 -1.07 18.08
CA PHE H 98 56.67 -2.22 18.85
C PHE H 98 58.03 -1.98 19.48
N GLY H 99 58.36 -2.82 20.47
CA GLY H 99 59.67 -2.80 21.06
C GLY H 99 60.64 -3.61 20.23
N GLY H 100 61.93 -3.46 20.51
CA GLY H 100 62.97 -4.14 19.74
C GLY H 100 62.96 -5.65 19.95
N GLY H 101 62.40 -6.09 21.06
CA GLY H 101 62.30 -7.51 21.36
C GLY H 101 63.27 -7.95 22.43
N THR H 102 63.05 -9.15 22.95
CA THR H 102 63.91 -9.73 23.98
C THR H 102 63.90 -11.24 23.85
N LYS H 103 65.09 -11.83 23.74
CA LYS H 103 65.20 -13.28 23.61
C LYS H 103 65.69 -13.91 24.92
N LEU H 104 64.87 -14.80 25.48
CA LEU H 104 65.26 -15.57 26.66
C LEU H 104 66.02 -16.82 26.23
N GLU H 105 67.27 -16.92 26.64
CA GLU H 105 68.13 -18.03 26.26
C GLU H 105 68.52 -18.88 27.47
N ILE H 106 68.81 -20.15 27.22
CA ILE H 106 69.18 -21.06 28.30
C ILE H 106 70.61 -20.81 28.75
N LYS H 107 70.82 -20.78 30.06
CA LYS H 107 72.15 -20.53 30.61
C LYS H 107 72.89 -21.84 30.87
N ARG H 108 74.15 -21.88 30.44
CA ARG H 108 74.99 -23.05 30.64
C ARG H 108 76.44 -22.66 30.86
N ALA H 109 77.28 -23.65 31.11
CA ALA H 109 78.70 -23.40 31.35
C ALA H 109 79.42 -23.06 30.05
N ASP H 110 80.38 -22.15 30.13
CA ASP H 110 81.14 -21.74 28.96
C ASP H 110 81.73 -22.95 28.25
N ALA H 111 81.93 -22.81 26.95
CA ALA H 111 82.46 -23.90 26.12
C ALA H 111 83.16 -23.30 24.90
N ALA H 112 84.38 -23.79 24.63
CA ALA H 112 85.14 -23.30 23.49
C ALA H 112 84.66 -23.94 22.19
N PRO H 113 84.80 -23.21 21.07
CA PRO H 113 84.40 -23.73 19.76
C PRO H 113 85.32 -24.82 19.23
N THR H 114 84.75 -25.78 18.50
CA THR H 114 85.54 -26.76 17.77
C THR H 114 85.72 -26.25 16.34
N VAL H 115 86.89 -25.68 16.06
CA VAL H 115 87.13 -25.02 14.79
C VAL H 115 87.66 -26.03 13.75
N SER H 116 87.13 -25.93 12.53
CA SER H 116 87.54 -26.80 11.44
C SER H 116 87.52 -26.02 10.14
N ILE H 117 88.57 -26.16 9.34
CA ILE H 117 88.66 -25.47 8.06
C ILE H 117 88.68 -26.47 6.90
N PHE H 118 88.08 -26.08 5.79
CA PHE H 118 87.93 -26.97 4.64
C PHE H 118 88.22 -26.25 3.32
N PRO H 119 89.30 -26.65 2.64
CA PRO H 119 89.64 -26.07 1.34
C PRO H 119 88.57 -26.36 0.30
N PRO H 120 88.62 -25.64 -0.83
CA PRO H 120 87.67 -25.85 -1.93
C PRO H 120 87.70 -27.27 -2.44
N SER H 121 86.56 -27.76 -2.92
CA SER H 121 86.47 -29.10 -3.48
C SER H 121 87.07 -29.11 -4.88
N SER H 122 87.45 -30.29 -5.35
CA SER H 122 87.94 -30.45 -6.71
C SER H 122 86.86 -30.02 -7.68
N GLU H 123 85.63 -30.44 -7.41
CA GLU H 123 84.50 -30.14 -8.28
C GLU H 123 84.33 -28.63 -8.49
N GLN H 124 84.28 -27.89 -7.39
CA GLN H 124 84.09 -26.45 -7.46
C GLN H 124 85.22 -25.77 -8.22
N LEU H 125 86.45 -26.22 -7.96
CA LEU H 125 87.63 -25.61 -8.58
C LEU H 125 87.59 -25.76 -10.10
N THR H 126 87.21 -26.93 -10.58
CA THR H 126 87.14 -27.17 -12.01
C THR H 126 85.98 -26.39 -12.65
N SER H 127 85.14 -25.77 -11.80
CA SER H 127 84.03 -24.96 -12.28
C SER H 127 84.43 -23.48 -12.37
N GLY H 128 85.45 -23.10 -11.61
CA GLY H 128 85.97 -21.74 -11.65
C GLY H 128 85.79 -20.96 -10.36
N GLY H 129 85.33 -21.64 -9.31
CA GLY H 129 85.12 -21.01 -8.02
C GLY H 129 85.96 -21.63 -6.94
N ALA H 130 86.06 -20.96 -5.79
CA ALA H 130 86.85 -21.46 -4.68
C ALA H 130 86.30 -20.98 -3.34
N SER H 131 85.66 -21.88 -2.60
CA SER H 131 85.11 -21.56 -1.30
C SER H 131 85.88 -22.27 -0.19
N VAL H 132 86.32 -21.49 0.80
CA VAL H 132 86.95 -22.05 1.98
C VAL H 132 85.98 -21.94 3.14
N VAL H 133 85.60 -23.08 3.71
CA VAL H 133 84.61 -23.11 4.79
C VAL H 133 85.30 -23.25 6.14
N CYS H 134 84.68 -22.65 7.16
CA CYS H 134 85.20 -22.70 8.53
C CYS H 134 84.06 -22.93 9.51
N PHE H 135 84.03 -24.10 10.12
CA PHE H 135 82.98 -24.45 11.08
C PHE H 135 83.45 -24.18 12.52
N LEU H 136 82.66 -23.40 13.25
CA LEU H 136 82.91 -23.16 14.67
C LEU H 136 81.75 -23.75 15.47
N ASN H 137 81.90 -24.99 15.89
CA ASN H 137 80.79 -25.76 16.44
C ASN H 137 80.74 -25.85 17.97
N ASN H 138 79.52 -25.84 18.50
CA ASN H 138 79.25 -26.12 19.91
C ASN H 138 80.05 -25.27 20.90
N PHE H 139 79.72 -23.99 20.98
CA PHE H 139 80.38 -23.09 21.92
C PHE H 139 79.35 -22.29 22.71
N TYR H 140 79.80 -21.71 23.82
CA TYR H 140 78.97 -20.85 24.65
C TYR H 140 79.86 -19.91 25.46
N PRO H 141 79.47 -18.64 25.58
CA PRO H 141 78.24 -18.00 25.09
C PRO H 141 78.22 -17.79 23.58
N LYS H 142 77.20 -17.10 23.10
CA LYS H 142 76.97 -16.91 21.67
C LYS H 142 77.90 -15.87 21.04
N ASP H 143 78.45 -14.98 21.87
CA ASP H 143 79.28 -13.89 21.37
C ASP H 143 80.62 -14.41 20.86
N ILE H 144 80.72 -14.55 19.54
CA ILE H 144 81.95 -15.04 18.91
C ILE H 144 82.34 -14.16 17.73
N ASN H 145 83.62 -14.15 17.40
CA ASN H 145 84.12 -13.37 16.28
C ASN H 145 85.08 -14.17 15.41
N VAL H 146 84.81 -14.20 14.11
CA VAL H 146 85.66 -14.92 13.17
C VAL H 146 86.44 -13.93 12.33
N LYS H 147 87.62 -14.34 11.87
CA LYS H 147 88.49 -13.46 11.09
C LYS H 147 89.27 -14.28 10.07
N TRP H 148 89.12 -13.95 8.80
CA TRP H 148 89.83 -14.64 7.73
C TRP H 148 91.15 -13.97 7.42
N LYS H 149 92.19 -14.78 7.18
CA LYS H 149 93.49 -14.28 6.80
C LYS H 149 94.05 -15.03 5.60
N ILE H 150 94.43 -14.29 4.57
CA ILE H 150 95.08 -14.87 3.40
C ILE H 150 96.54 -14.45 3.39
N ASP H 151 97.44 -15.43 3.50
CA ASP H 151 98.86 -15.14 3.60
C ASP H 151 99.14 -14.17 4.74
N GLY H 152 98.44 -14.37 5.86
CA GLY H 152 98.69 -13.61 7.07
C GLY H 152 97.93 -12.30 7.17
N SER H 153 97.42 -11.81 6.04
CA SER H 153 96.72 -10.53 6.03
C SER H 153 95.20 -10.71 6.01
N GLU H 154 94.52 -9.90 6.81
CA GLU H 154 93.08 -10.01 6.99
C GLU H 154 92.32 -9.84 5.68
N ARG H 155 91.19 -10.52 5.57
CA ARG H 155 90.34 -10.44 4.39
C ARG H 155 88.89 -10.31 4.82
N GLN H 156 88.18 -9.33 4.27
CA GLN H 156 86.82 -9.05 4.71
C GLN H 156 85.78 -9.25 3.59
N ASN H 157 86.18 -8.99 2.35
CA ASN H 157 85.26 -9.09 1.22
C ASN H 157 85.09 -10.54 0.77
N GLY H 158 83.84 -10.95 0.59
CA GLY H 158 83.53 -12.28 0.11
C GLY H 158 83.31 -13.30 1.22
N VAL H 159 82.87 -12.82 2.38
CA VAL H 159 82.66 -13.69 3.53
C VAL H 159 81.19 -13.76 3.93
N LEU H 160 80.65 -14.97 3.97
CA LEU H 160 79.26 -15.21 4.36
C LEU H 160 79.18 -16.01 5.65
N ASN H 161 78.58 -15.40 6.68
CA ASN H 161 78.45 -16.05 7.97
C ASN H 161 77.03 -16.55 8.21
N SER H 162 76.91 -17.64 8.96
CA SER H 162 75.61 -18.21 9.27
C SER H 162 75.65 -18.87 10.66
N TRP H 163 74.68 -18.50 11.49
CA TRP H 163 74.63 -18.98 12.87
C TRP H 163 73.41 -19.87 13.08
N THR H 164 73.54 -20.86 13.95
CA THR H 164 72.40 -21.68 14.35
C THR H 164 71.83 -21.14 15.64
N ASP H 165 70.57 -21.45 15.91
CA ASP H 165 69.95 -21.09 17.17
C ASP H 165 70.48 -22.01 18.25
N GLN H 166 70.28 -21.64 19.51
CA GLN H 166 70.74 -22.45 20.63
C GLN H 166 70.24 -23.87 20.48
N ASP H 167 71.17 -24.82 20.38
CA ASP H 167 70.82 -26.22 20.19
C ASP H 167 69.98 -26.74 21.36
N SER H 168 69.13 -27.72 21.08
CA SER H 168 68.13 -28.16 22.04
C SER H 168 68.70 -28.78 23.32
N LYS H 169 69.45 -29.87 23.18
CA LYS H 169 69.83 -30.67 24.34
C LYS H 169 71.25 -30.45 24.85
N ASP H 170 71.96 -29.47 24.30
CA ASP H 170 73.25 -29.07 24.85
C ASP H 170 73.36 -27.56 25.09
N SER H 171 72.43 -26.80 24.52
CA SER H 171 72.37 -25.36 24.76
C SER H 171 73.63 -24.62 24.28
N THR H 172 74.23 -25.13 23.20
CA THR H 172 75.39 -24.48 22.61
C THR H 172 75.02 -23.85 21.27
N TYR H 173 75.88 -22.97 20.78
CA TYR H 173 75.67 -22.34 19.49
C TYR H 173 76.75 -22.81 18.51
N SER H 174 76.44 -22.69 17.22
CA SER H 174 77.40 -23.02 16.18
C SER H 174 77.41 -21.93 15.13
N MET H 175 78.54 -21.79 14.44
CA MET H 175 78.68 -20.78 13.40
C MET H 175 79.36 -21.36 12.17
N SER H 176 79.06 -20.77 11.02
CA SER H 176 79.64 -21.22 9.76
C SER H 176 80.10 -20.03 8.94
N SER H 177 81.41 -19.91 8.76
CA SER H 177 81.97 -18.84 7.96
C SER H 177 82.51 -19.39 6.65
N THR H 178 82.20 -18.71 5.56
CA THR H 178 82.62 -19.16 4.24
C THR H 178 83.23 -18.01 3.44
N LEU H 179 84.49 -18.18 3.03
CA LEU H 179 85.16 -17.22 2.18
C LEU H 179 85.14 -17.70 0.74
N THR H 180 84.53 -16.93 -0.14
CA THR H 180 84.43 -17.32 -1.55
C THR H 180 85.30 -16.45 -2.44
N LEU H 181 86.16 -17.11 -3.22
CA LEU H 181 87.06 -16.43 -4.14
C LEU H 181 86.93 -17.05 -5.52
N THR H 182 87.45 -16.35 -6.53
CA THR H 182 87.52 -16.91 -7.88
C THR H 182 88.69 -17.88 -7.93
N LYS H 183 88.58 -18.90 -8.78
CA LYS H 183 89.66 -19.87 -8.93
C LYS H 183 91.00 -19.17 -9.11
N ASP H 184 91.03 -18.19 -10.01
CA ASP H 184 92.25 -17.44 -10.31
C ASP H 184 92.83 -16.79 -9.07
N GLU H 185 92.00 -16.07 -8.33
CA GLU H 185 92.45 -15.34 -7.14
C GLU H 185 92.89 -16.27 -6.02
N TYR H 186 92.21 -17.41 -5.91
CA TYR H 186 92.53 -18.40 -4.88
C TYR H 186 93.93 -18.99 -5.07
N GLU H 187 94.42 -18.97 -6.31
CA GLU H 187 95.71 -19.56 -6.63
C GLU H 187 96.85 -18.54 -6.56
N ARG H 188 96.53 -17.27 -6.37
CA ARG H 188 97.53 -16.24 -6.20
C ARG H 188 98.18 -16.34 -4.82
N HIS H 189 97.51 -17.02 -3.90
CA HIS H 189 97.98 -17.12 -2.53
C HIS H 189 98.16 -18.58 -2.10
N ASN H 190 98.79 -18.77 -0.95
CA ASN H 190 99.13 -20.12 -0.50
C ASN H 190 98.53 -20.47 0.86
N SER H 191 98.58 -19.54 1.81
CA SER H 191 98.10 -19.79 3.16
C SER H 191 96.69 -19.26 3.38
N TYR H 192 95.85 -20.07 4.02
CA TYR H 192 94.47 -19.67 4.34
C TYR H 192 94.13 -20.02 5.77
N THR H 193 93.61 -19.04 6.50
CA THR H 193 93.38 -19.18 7.94
C THR H 193 92.08 -18.53 8.39
N CYS H 194 91.47 -19.10 9.43
CA CYS H 194 90.36 -18.43 10.10
C CYS H 194 90.59 -18.43 11.61
N GLU H 195 90.49 -17.25 12.23
CA GLU H 195 90.74 -17.10 13.65
C GLU H 195 89.44 -16.88 14.41
N ALA H 196 89.20 -17.73 15.41
CA ALA H 196 88.01 -17.62 16.25
C ALA H 196 88.35 -16.93 17.57
N THR H 197 87.64 -15.86 17.88
CA THR H 197 87.86 -15.13 19.12
C THR H 197 86.66 -15.28 20.05
N HIS H 198 86.86 -16.01 21.15
CA HIS H 198 85.80 -16.27 22.10
C HIS H 198 86.26 -15.86 23.50
N LYS H 199 85.31 -15.57 24.39
CA LYS H 199 85.64 -15.18 25.75
C LYS H 199 86.34 -16.31 26.50
N THR H 200 86.15 -17.53 26.02
CA THR H 200 86.75 -18.70 26.67
C THR H 200 88.27 -18.58 26.72
N SER H 201 88.88 -18.30 25.57
CA SER H 201 90.33 -18.18 25.49
C SER H 201 90.75 -16.76 25.12
N THR H 202 91.76 -16.25 25.83
CA THR H 202 92.28 -14.92 25.55
C THR H 202 93.02 -14.90 24.22
N SER H 203 93.55 -16.05 23.82
CA SER H 203 94.22 -16.18 22.55
C SER H 203 93.25 -16.75 21.51
N PRO H 204 93.28 -16.20 20.28
CA PRO H 204 92.36 -16.64 19.23
C PRO H 204 92.68 -18.05 18.73
N ILE H 205 91.66 -18.90 18.68
CA ILE H 205 91.83 -20.25 18.17
C ILE H 205 92.01 -20.21 16.65
N VAL H 206 93.15 -20.69 16.18
CA VAL H 206 93.51 -20.56 14.77
C VAL H 206 93.50 -21.90 14.05
N LYS H 207 93.08 -21.89 12.79
CA LYS H 207 93.15 -23.08 11.95
C LYS H 207 93.50 -22.70 10.51
N SER H 208 94.58 -23.28 10.00
CA SER H 208 95.10 -22.94 8.69
C SER H 208 95.36 -24.16 7.82
N PHE H 209 95.58 -23.91 6.54
CA PHE H 209 96.04 -24.94 5.60
C PHE H 209 96.77 -24.24 4.47
N ASN H 210 97.53 -25.01 3.71
CA ASN H 210 98.30 -24.44 2.60
C ASN H 210 97.96 -25.10 1.27
N ARG H 211 97.56 -24.29 0.30
CA ARG H 211 97.32 -24.77 -1.05
C ARG H 211 98.64 -25.30 -1.62
N ASN H 212 98.55 -26.15 -2.63
CA ASN H 212 99.74 -26.78 -3.21
C ASN H 212 100.51 -27.54 -2.14
N GLU H 213 99.78 -28.19 -1.24
CA GLU H 213 100.40 -28.93 -0.14
C GLU H 213 99.34 -29.62 0.70
N CYS H 214 99.74 -30.70 1.37
CA CYS H 214 98.85 -31.44 2.25
C CYS H 214 99.64 -32.41 3.13
#